data_3GYX
#
_entry.id   3GYX
#
_cell.length_a   199.629
_cell.length_b   199.629
_cell.length_c   317.422
_cell.angle_alpha   90.00
_cell.angle_beta   90.00
_cell.angle_gamma   120.00
#
_symmetry.space_group_name_H-M   'P 31 2 1'
#
loop_
_entity.id
_entity.type
_entity.pdbx_description
1 polymer 'Adenylylsulfate Reductase'
2 polymer 'Adenylylsulfate Reductase'
3 non-polymer 'FLAVIN-ADENINE DINUCLEOTIDE'
4 non-polymer 'IRON/SULFUR CLUSTER'
5 water water
#
loop_
_entity_poly.entity_id
_entity_poly.type
_entity_poly.pdbx_seq_one_letter_code
_entity_poly.pdbx_strand_id
1 'polypeptide(L)'
;KIPSKETPRGVAIAEPIIVEHSVDLLMVGGGMGNCGAAFEAVRWADKYAPEAKILLVDKASLERSGAVAQGLSAINTYLG
DNNADDYVRMVRTDLMGLVREDLIYDLGRHVDDSVHLFEEWGLPVWIKDEHGHNLDGAQAKAAGKSLRNGDKPVRSGRWQ
IMINGESYKVIVAEAAKNALGQDRIIERIFIVKLLLDKNTPNRIAGAVGFNLRANEVHIFKANAMVVACGGAVNVYRPRS
VGEGMGRAWYPVWNAGSTYTMCAQVGAEMTMMENRFVPARFKDGYGPVGAWFLLFKAKATNCKGEDYCATNRAMLKPYEE
RGYAKGHVIPTCLRNHMMLREMREGRGPIYMDTKTALQTSFATMSPAQQKHLEAEAWEDFLDMCVGQANLWAATNCAPEE
RGSEIMPTEPYLLGSHSGCCGIWASGPDEAWVPEDYKVRAANGKVYNRMTTVEGLWTCADGVGASGHKFSSGSHAEGRIV
GKQMVRWYLDHKDFKPEFVETAEELKTLIYRPYYNYEKGKGASTCPVVNPEYISPKNFMMRLIKCTDEYGGGVGTYYNTS
KALLDTGFWLMEMLEEDSLKLAARDLHELLRCWENYHRLWTVRLHMQHIAFREESRYPGFYYRADFLGLDDSKWKCFVNS
KYDPAKKETKIFKKPYYQIIPD
;
A,C,E,G,I,K
2 'polypeptide(L)'
;PTYVDPSKCDGCKGGEKTACMYICPNDLMILDPEEMKAFNQEPEACWECYSCIKICPQGAITARPYADFAPMGGTCIPLR
GSEDIMWTIKFRNGSVKRFKFPIRTTPEGSIKPFEGKPEAGDLENELLFTETALTVPQVALGQKAQIADAETSQCWFDLP
CEGGNR
;
B,D,F,H,J,L
#
loop_
_chem_comp.id
_chem_comp.type
_chem_comp.name
_chem_comp.formula
FAD non-polymer 'FLAVIN-ADENINE DINUCLEOTIDE' 'C27 H33 N9 O15 P2'
SF4 non-polymer 'IRON/SULFUR CLUSTER' 'Fe4 S4'
#
# COMPACT_ATOMS: atom_id res chain seq x y z
N LYS A 1 -13.38 -11.70 -67.40
CA LYS A 1 -13.81 -12.29 -66.09
C LYS A 1 -12.59 -12.72 -65.28
N ILE A 2 -11.78 -13.61 -65.85
CA ILE A 2 -10.50 -14.02 -65.25
C ILE A 2 -9.61 -12.79 -65.02
N PRO A 3 -9.22 -12.55 -63.75
CA PRO A 3 -8.57 -11.30 -63.33
C PRO A 3 -7.33 -10.90 -64.12
N SER A 4 -6.54 -11.89 -64.54
CA SER A 4 -5.31 -11.62 -65.29
C SER A 4 -5.57 -10.99 -66.66
N LYS A 5 -6.80 -11.11 -67.14
CA LYS A 5 -7.23 -10.47 -68.40
C LYS A 5 -7.60 -9.00 -68.20
N GLU A 6 -7.99 -8.65 -66.98
CA GLU A 6 -8.43 -7.29 -66.66
C GLU A 6 -7.32 -6.25 -66.80
N THR A 7 -7.68 -5.09 -67.36
CA THR A 7 -6.76 -3.99 -67.64
C THR A 7 -6.20 -3.35 -66.35
N PRO A 8 -4.87 -3.11 -66.30
CA PRO A 8 -4.14 -2.66 -65.10
C PRO A 8 -4.59 -1.33 -64.47
N ARG A 9 -5.23 -0.45 -65.24
CA ARG A 9 -5.76 0.85 -64.76
C ARG A 9 -4.75 1.98 -64.46
N GLY A 10 -3.47 1.64 -64.34
CA GLY A 10 -2.40 2.64 -64.26
C GLY A 10 -2.00 3.08 -65.65
N VAL A 11 -0.84 3.73 -65.78
CA VAL A 11 -0.46 4.37 -67.04
C VAL A 11 -0.16 3.37 -68.18
N ALA A 12 0.78 2.45 -67.97
CA ALA A 12 1.12 1.44 -68.99
C ALA A 12 2.16 0.42 -68.54
N ILE A 13 3.38 0.92 -68.33
CA ILE A 13 4.58 0.11 -68.07
C ILE A 13 4.99 -0.84 -69.21
N ALA A 14 6.19 -0.57 -69.73
CA ALA A 14 6.85 -1.34 -70.78
C ALA A 14 8.34 -1.03 -70.65
N GLU A 15 9.17 -1.65 -71.49
CA GLU A 15 10.61 -1.37 -71.48
C GLU A 15 10.90 0.13 -71.52
N PRO A 16 11.60 0.63 -70.50
CA PRO A 16 11.89 2.05 -70.38
C PRO A 16 12.95 2.54 -71.36
N ILE A 17 13.00 3.86 -71.53
CA ILE A 17 13.86 4.51 -72.53
C ILE A 17 15.27 4.77 -72.03
N ILE A 18 15.40 5.31 -70.81
CA ILE A 18 16.68 5.79 -70.26
C ILE A 18 17.04 7.14 -70.86
N VAL A 19 16.88 8.20 -70.08
CA VAL A 19 17.24 9.55 -70.48
C VAL A 19 18.14 10.17 -69.42
N GLU A 20 19.34 10.57 -69.83
CA GLU A 20 20.33 11.11 -68.91
C GLU A 20 20.28 12.63 -68.81
N HIS A 21 20.82 13.14 -67.70
CA HIS A 21 20.90 14.56 -67.44
C HIS A 21 22.21 14.89 -66.76
N SER A 22 22.99 15.77 -67.38
CA SER A 22 24.14 16.37 -66.71
C SER A 22 23.71 17.74 -66.20
N VAL A 23 23.79 17.91 -64.89
CA VAL A 23 23.28 19.11 -64.24
C VAL A 23 24.28 19.54 -63.16
N ASP A 24 24.26 20.82 -62.79
CA ASP A 24 25.19 21.31 -61.78
C ASP A 24 24.55 21.25 -60.40
N LEU A 25 23.30 21.70 -60.34
CA LEU A 25 22.50 21.70 -59.11
C LEU A 25 21.21 20.93 -59.34
N LEU A 26 21.02 19.85 -58.58
CA LEU A 26 19.78 19.10 -58.62
C LEU A 26 18.99 19.34 -57.34
N MET A 27 17.66 19.37 -57.47
CA MET A 27 16.78 19.51 -56.32
C MET A 27 15.72 18.43 -56.38
N VAL A 28 15.76 17.52 -55.41
CA VAL A 28 14.82 16.42 -55.36
C VAL A 28 13.70 16.76 -54.39
N GLY A 29 12.48 16.88 -54.93
CA GLY A 29 11.33 17.32 -54.16
C GLY A 29 10.96 18.76 -54.47
N GLY A 30 9.69 19.10 -54.29
CA GLY A 30 9.22 20.45 -54.56
C GLY A 30 8.25 20.98 -53.53
N GLY A 31 8.43 20.55 -52.28
CA GLY A 31 7.59 21.01 -51.18
C GLY A 31 7.98 22.41 -50.73
N MET A 32 7.85 22.66 -49.43
CA MET A 32 8.23 23.93 -48.85
C MET A 32 9.74 24.10 -48.80
N GLY A 33 10.46 22.99 -48.65
CA GLY A 33 11.91 23.00 -48.56
C GLY A 33 12.59 23.46 -49.84
N ASN A 34 12.34 22.76 -50.93
CA ASN A 34 13.00 23.05 -52.20
C ASN A 34 12.47 24.30 -52.92
N CYS A 35 11.23 24.67 -52.66
CA CYS A 35 10.68 25.91 -53.20
C CYS A 35 11.35 27.13 -52.57
N GLY A 36 11.94 26.93 -51.39
CA GLY A 36 12.78 27.94 -50.78
C GLY A 36 14.17 27.87 -51.36
N ALA A 37 14.64 26.65 -51.62
CA ALA A 37 15.97 26.41 -52.17
C ALA A 37 16.13 26.98 -53.57
N ALA A 38 15.14 26.71 -54.42
CA ALA A 38 15.12 27.21 -55.80
C ALA A 38 15.10 28.72 -55.84
N PHE A 39 14.19 29.32 -55.09
CA PHE A 39 14.05 30.77 -55.00
C PHE A 39 15.40 31.45 -54.71
N GLU A 40 16.12 30.93 -53.72
CA GLU A 40 17.40 31.49 -53.32
C GLU A 40 18.50 31.21 -54.34
N ALA A 41 18.64 29.95 -54.75
CA ALA A 41 19.73 29.50 -55.62
C ALA A 41 19.81 30.27 -56.94
N VAL A 42 18.67 30.47 -57.59
CA VAL A 42 18.59 31.17 -58.86
C VAL A 42 19.24 32.56 -58.77
N ARG A 43 18.86 33.32 -57.75
CA ARG A 43 19.38 34.67 -57.54
C ARG A 43 20.91 34.70 -57.43
N TRP A 44 21.46 33.76 -56.67
CA TRP A 44 22.91 33.66 -56.51
C TRP A 44 23.60 33.17 -57.77
N ALA A 45 22.92 32.30 -58.52
CA ALA A 45 23.45 31.79 -59.77
C ALA A 45 23.38 32.83 -60.88
N ASP A 46 22.31 33.62 -60.90
CA ASP A 46 22.13 34.64 -61.94
C ASP A 46 23.25 35.68 -61.92
N LYS A 47 23.86 35.86 -60.74
CA LYS A 47 24.98 36.79 -60.57
C LYS A 47 26.34 36.09 -60.71
N TYR A 48 26.48 34.91 -60.10
CA TYR A 48 27.79 34.25 -59.97
C TYR A 48 28.02 33.00 -60.83
N ALA A 49 26.95 32.35 -61.26
CA ALA A 49 27.05 31.15 -62.09
C ALA A 49 25.87 31.02 -63.06
N PRO A 50 25.77 31.94 -64.04
CA PRO A 50 24.59 31.98 -64.91
C PRO A 50 24.57 30.83 -65.92
N GLU A 51 25.72 30.21 -66.13
CA GLU A 51 25.85 29.09 -67.05
C GLU A 51 25.50 27.76 -66.36
N ALA A 52 25.40 27.79 -65.03
CA ALA A 52 25.15 26.59 -64.23
C ALA A 52 23.74 26.04 -64.41
N LYS A 53 23.66 24.77 -64.78
CA LYS A 53 22.39 24.07 -64.96
C LYS A 53 21.77 23.69 -63.62
N ILE A 54 20.57 24.21 -63.37
CA ILE A 54 19.81 23.93 -62.15
C ILE A 54 18.54 23.16 -62.55
N LEU A 55 18.21 22.12 -61.79
CA LEU A 55 17.03 21.32 -62.08
C LEU A 55 16.28 20.91 -60.83
N LEU A 56 14.96 21.07 -60.85
CA LEU A 56 14.11 20.61 -59.76
C LEU A 56 13.19 19.49 -60.24
N VAL A 57 13.18 18.39 -59.49
CA VAL A 57 12.33 17.24 -59.81
C VAL A 57 11.32 16.96 -58.70
N ASP A 58 10.10 16.63 -59.11
CA ASP A 58 9.03 16.35 -58.16
C ASP A 58 8.21 15.13 -58.54
N LYS A 59 7.87 14.34 -57.53
CA LYS A 59 6.96 13.20 -57.65
C LYS A 59 5.61 13.62 -58.25
N ALA A 60 5.06 14.73 -57.78
CA ALA A 60 3.80 15.26 -58.28
C ALA A 60 4.05 16.53 -59.09
N SER A 61 3.04 17.38 -59.20
CA SER A 61 3.18 18.69 -59.83
C SER A 61 3.37 19.76 -58.77
N LEU A 62 4.31 20.66 -59.03
CA LEU A 62 4.76 21.66 -58.07
C LEU A 62 3.65 22.54 -57.47
N GLU A 63 2.60 22.78 -58.25
CA GLU A 63 1.48 23.63 -57.84
C GLU A 63 0.80 23.22 -56.53
N ARG A 64 0.71 21.91 -56.30
CA ARG A 64 -0.02 21.39 -55.13
C ARG A 64 0.73 20.31 -54.34
N SER A 65 1.92 19.94 -54.80
CA SER A 65 2.68 18.85 -54.18
C SER A 65 3.08 19.13 -52.74
N GLY A 66 3.06 18.10 -51.91
CA GLY A 66 3.54 18.20 -50.53
C GLY A 66 2.48 18.34 -49.47
N ALA A 67 2.92 18.56 -48.23
CA ALA A 67 2.06 18.66 -47.06
C ALA A 67 1.06 19.82 -47.10
N VAL A 68 1.40 20.89 -47.80
CA VAL A 68 0.58 22.09 -47.87
C VAL A 68 -0.42 22.01 -49.04
N ALA A 69 -0.71 20.78 -49.46
CA ALA A 69 -1.60 20.50 -50.60
C ALA A 69 -2.97 21.16 -50.53
N GLN A 70 -3.63 21.06 -49.38
CA GLN A 70 -4.94 21.68 -49.21
C GLN A 70 -4.83 23.01 -48.49
N GLY A 71 -3.60 23.44 -48.23
CA GLY A 71 -3.33 24.72 -47.60
C GLY A 71 -3.24 24.63 -46.10
N LEU A 72 -3.09 25.77 -45.44
CA LEU A 72 -3.03 25.82 -43.97
C LEU A 72 -3.82 27.02 -43.44
N SER A 73 -4.11 27.00 -42.14
CA SER A 73 -4.84 28.10 -41.50
C SER A 73 -3.90 28.95 -40.66
N ALA A 74 -2.68 28.47 -40.48
CA ALA A 74 -1.69 29.13 -39.63
C ALA A 74 -0.26 28.96 -40.12
N ILE A 75 0.56 29.96 -39.84
CA ILE A 75 2.01 29.83 -39.95
C ILE A 75 2.52 29.70 -38.51
N ASN A 76 3.19 28.59 -38.21
CA ASN A 76 3.51 28.27 -36.83
C ASN A 76 4.86 28.78 -36.34
N THR A 77 5.65 29.34 -37.24
CA THR A 77 6.90 29.97 -36.84
C THR A 77 7.00 31.40 -37.35
N TYR A 78 6.99 32.33 -36.40
CA TYR A 78 7.14 33.76 -36.67
C TYR A 78 7.55 34.42 -35.36
N LEU A 79 8.78 34.90 -35.30
CA LEU A 79 9.29 35.56 -34.10
C LEU A 79 8.65 36.93 -33.90
N GLY A 80 9.04 37.90 -34.74
CA GLY A 80 8.47 39.25 -34.74
C GLY A 80 8.20 39.85 -33.37
N ASP A 81 9.23 40.46 -32.78
CA ASP A 81 9.21 40.96 -31.39
C ASP A 81 9.79 39.94 -30.44
N ASN A 82 9.74 38.67 -30.82
CA ASN A 82 10.36 37.60 -30.06
C ASN A 82 11.82 37.43 -30.46
N ASN A 83 12.65 36.98 -29.52
CA ASN A 83 14.06 36.72 -29.80
C ASN A 83 14.32 35.22 -29.97
N ALA A 84 15.25 34.89 -30.86
CA ALA A 84 15.51 33.49 -31.25
C ALA A 84 16.08 32.63 -30.13
N ASP A 85 16.24 33.20 -28.94
CA ASP A 85 16.74 32.45 -27.80
C ASP A 85 15.61 31.72 -27.07
N ASP A 86 14.50 32.42 -26.87
CA ASP A 86 13.30 31.83 -26.30
C ASP A 86 12.63 30.89 -27.30
N TYR A 87 12.96 31.07 -28.58
CA TYR A 87 12.52 30.15 -29.63
C TYR A 87 13.21 28.81 -29.44
N VAL A 88 14.53 28.84 -29.24
CA VAL A 88 15.30 27.63 -28.96
C VAL A 88 14.84 26.99 -27.64
N ARG A 89 14.62 27.83 -26.62
CA ARG A 89 14.16 27.37 -25.31
C ARG A 89 12.83 26.62 -25.37
N MET A 90 11.89 27.11 -26.19
CA MET A 90 10.57 26.50 -26.30
C MET A 90 10.59 25.17 -27.06
N VAL A 91 11.39 25.12 -28.14
CA VAL A 91 11.52 23.90 -28.95
C VAL A 91 12.25 22.82 -28.16
N ARG A 92 13.15 23.23 -27.28
CA ARG A 92 13.88 22.30 -26.41
C ARG A 92 12.97 21.63 -25.39
N THR A 93 12.09 22.41 -24.76
CA THR A 93 11.16 21.88 -23.77
C THR A 93 10.20 20.89 -24.41
N ASP A 94 9.60 21.29 -25.52
CA ASP A 94 8.62 20.46 -26.25
C ASP A 94 9.21 19.13 -26.71
N LEU A 95 10.46 19.17 -27.20
CA LEU A 95 11.11 17.97 -27.71
C LEU A 95 12.04 17.29 -26.71
N MET A 96 11.71 17.45 -25.42
CA MET A 96 12.34 16.72 -24.30
C MET A 96 13.84 16.94 -24.13
N GLY A 97 14.31 18.15 -24.41
CA GLY A 97 15.68 18.54 -24.07
C GLY A 97 16.78 18.25 -25.08
N LEU A 98 16.63 17.19 -25.87
CA LEU A 98 17.70 16.76 -26.77
C LEU A 98 17.54 17.29 -28.20
N VAL A 99 18.04 18.51 -28.42
CA VAL A 99 17.97 19.18 -29.73
C VAL A 99 19.29 19.87 -30.13
N ARG A 100 19.50 20.01 -31.43
CA ARG A 100 20.62 20.79 -31.96
C ARG A 100 20.25 22.27 -31.96
N GLU A 101 20.64 22.95 -30.89
CA GLU A 101 20.24 24.33 -30.63
C GLU A 101 20.77 25.36 -31.64
N ASP A 102 21.93 25.07 -32.22
CA ASP A 102 22.51 25.92 -33.26
C ASP A 102 21.67 25.96 -34.53
N LEU A 103 21.11 24.80 -34.91
CA LEU A 103 20.25 24.71 -36.08
C LEU A 103 18.92 25.42 -35.84
N ILE A 104 18.44 25.37 -34.60
CA ILE A 104 17.17 26.02 -34.24
C ILE A 104 17.33 27.54 -34.21
N TYR A 105 18.42 28.01 -33.59
CA TYR A 105 18.72 29.44 -33.57
C TYR A 105 18.94 29.99 -34.99
N ASP A 106 19.76 29.29 -35.77
CA ASP A 106 20.03 29.65 -37.16
C ASP A 106 18.75 29.71 -37.98
N LEU A 107 17.81 28.81 -37.69
CA LEU A 107 16.51 28.79 -38.33
C LEU A 107 15.64 29.96 -37.87
N GLY A 108 15.89 30.44 -36.65
CA GLY A 108 15.16 31.57 -36.09
C GLY A 108 15.47 32.91 -36.72
N ARG A 109 16.76 33.21 -36.90
CA ARG A 109 17.17 34.50 -37.47
C ARG A 109 17.02 34.62 -38.99
N HIS A 110 16.43 33.61 -39.62
CA HIS A 110 16.15 33.63 -41.05
C HIS A 110 14.66 33.52 -41.39
N VAL A 111 13.88 32.99 -40.44
CA VAL A 111 12.50 32.55 -40.72
C VAL A 111 11.50 33.65 -41.08
N ASP A 112 11.50 34.76 -40.32
CA ASP A 112 10.55 35.85 -40.51
C ASP A 112 10.62 36.42 -41.92
N ASP A 113 11.83 36.47 -42.46
CA ASP A 113 12.09 37.02 -43.79
C ASP A 113 11.30 36.28 -44.88
N SER A 114 11.10 34.98 -44.69
CA SER A 114 10.29 34.19 -45.60
C SER A 114 8.81 34.56 -45.49
N VAL A 115 8.34 34.68 -44.25
CA VAL A 115 6.94 35.05 -43.99
C VAL A 115 6.62 36.41 -44.60
N HIS A 116 7.58 37.34 -44.49
CA HIS A 116 7.44 38.68 -45.08
C HIS A 116 7.37 38.61 -46.60
N LEU A 117 8.13 37.69 -47.19
CA LEU A 117 8.07 37.44 -48.62
C LEU A 117 6.71 36.88 -49.02
N PHE A 118 6.19 35.95 -48.21
CA PHE A 118 4.90 35.31 -48.49
C PHE A 118 3.78 36.33 -48.63
N GLU A 119 3.67 37.24 -47.67
CA GLU A 119 2.64 38.27 -47.70
C GLU A 119 2.75 39.06 -48.99
N GLU A 120 3.96 39.54 -49.27
CA GLU A 120 4.26 40.31 -50.48
C GLU A 120 3.84 39.58 -51.75
N TRP A 121 3.89 38.25 -51.72
CA TRP A 121 3.56 37.42 -52.88
C TRP A 121 2.06 37.24 -53.08
N GLY A 122 1.28 37.40 -52.01
CA GLY A 122 -0.18 37.38 -52.11
C GLY A 122 -0.90 36.62 -51.02
N LEU A 123 -0.16 36.12 -50.04
CA LEU A 123 -0.73 35.35 -48.94
C LEU A 123 -1.50 36.26 -47.98
N PRO A 124 -2.82 36.04 -47.85
CA PRO A 124 -3.64 36.85 -46.95
C PRO A 124 -3.34 36.57 -45.48
N VAL A 125 -2.73 37.55 -44.81
CA VAL A 125 -2.30 37.41 -43.42
C VAL A 125 -3.16 38.27 -42.48
N TRP A 126 -3.62 37.65 -41.40
CA TRP A 126 -4.50 38.28 -40.42
C TRP A 126 -3.75 39.30 -39.57
N ILE A 127 -4.39 40.43 -39.30
CA ILE A 127 -3.80 41.55 -38.55
C ILE A 127 -4.82 42.21 -37.61
N LYS A 128 -4.39 42.51 -36.38
CA LYS A 128 -5.20 43.22 -35.39
C LYS A 128 -5.46 44.67 -35.80
N ASP A 129 -6.71 45.11 -35.70
CA ASP A 129 -7.13 46.40 -36.28
C ASP A 129 -6.68 47.64 -35.51
N GLU A 130 -7.04 47.72 -34.23
CA GLU A 130 -6.80 48.89 -33.39
C GLU A 130 -7.50 48.71 -32.04
N HIS A 131 -8.68 48.07 -32.09
CA HIS A 131 -9.44 47.74 -30.89
C HIS A 131 -9.29 46.24 -30.58
N GLY A 132 -8.22 45.65 -31.10
CA GLY A 132 -7.88 44.25 -30.83
C GLY A 132 -8.78 43.23 -31.50
N HIS A 133 -9.52 43.65 -32.53
CA HIS A 133 -10.42 42.76 -33.27
C HIS A 133 -9.78 42.28 -34.58
N ASN A 134 -10.07 41.04 -34.95
CA ASN A 134 -9.43 40.38 -36.09
C ASN A 134 -9.82 40.91 -37.45
N LEU A 135 -8.83 41.15 -38.30
CA LEU A 135 -9.05 41.43 -39.71
C LEU A 135 -8.38 40.36 -40.56
N ASP A 136 -9.11 39.82 -41.54
CA ASP A 136 -8.55 38.84 -42.47
C ASP A 136 -7.68 39.52 -43.51
N GLY A 137 -6.81 38.75 -44.16
CA GLY A 137 -5.87 39.25 -45.15
C GLY A 137 -6.42 40.24 -46.16
N ALA A 138 -7.58 39.91 -46.75
CA ALA A 138 -8.19 40.77 -47.76
C ALA A 138 -8.54 42.16 -47.23
N GLN A 139 -9.13 42.20 -46.04
CA GLN A 139 -9.55 43.46 -45.42
C GLN A 139 -8.41 44.19 -44.70
N ALA A 140 -7.37 43.44 -44.30
CA ALA A 140 -6.16 44.05 -43.76
C ALA A 140 -5.43 44.85 -44.84
N LYS A 141 -5.43 44.32 -46.07
CA LYS A 141 -4.91 45.01 -47.24
C LYS A 141 -5.78 46.24 -47.54
N ALA A 142 -7.09 46.05 -47.46
CA ALA A 142 -8.07 47.11 -47.67
C ALA A 142 -7.89 48.26 -46.69
N ALA A 143 -7.63 47.90 -45.43
CA ALA A 143 -7.37 48.89 -44.39
C ALA A 143 -6.01 49.56 -44.55
N GLY A 144 -5.08 48.86 -45.20
CA GLY A 144 -3.72 49.37 -45.40
C GLY A 144 -2.78 48.93 -44.28
N LYS A 145 -3.08 47.79 -43.67
CA LYS A 145 -2.24 47.25 -42.62
C LYS A 145 -1.60 45.92 -43.04
N SER A 146 -0.31 45.75 -42.74
CA SER A 146 0.44 44.57 -43.15
C SER A 146 1.60 44.26 -42.20
N LEU A 147 2.17 43.06 -42.31
CA LEU A 147 3.36 42.70 -41.56
C LEU A 147 4.55 43.50 -42.07
N ARG A 148 4.52 43.81 -43.37
CA ARG A 148 5.49 44.69 -44.00
C ARG A 148 5.44 46.06 -43.34
N ASN A 149 4.24 46.44 -42.90
CA ASN A 149 4.01 47.70 -42.21
C ASN A 149 4.10 47.55 -40.68
N GLY A 150 4.58 46.39 -40.24
CA GLY A 150 4.71 46.07 -38.81
C GLY A 150 3.45 46.32 -38.02
N ASP A 151 2.41 45.52 -38.26
CA ASP A 151 1.09 45.78 -37.68
C ASP A 151 0.64 44.74 -36.65
N LYS A 152 1.54 43.84 -36.27
CA LYS A 152 1.25 42.77 -35.30
C LYS A 152 0.08 41.85 -35.70
N PRO A 153 0.39 40.57 -35.97
CA PRO A 153 -0.55 39.57 -36.48
C PRO A 153 -1.60 39.16 -35.45
N VAL A 154 -2.56 38.33 -35.86
CA VAL A 154 -3.61 37.83 -34.96
C VAL A 154 -3.06 36.94 -33.85
N ARG A 155 -2.37 35.86 -34.21
CA ARG A 155 -1.54 35.08 -33.28
C ARG A 155 -2.31 34.38 -32.14
N SER A 156 -2.31 33.04 -32.18
CA SER A 156 -3.00 32.24 -31.16
C SER A 156 -2.00 31.47 -30.30
N GLY A 157 -0.92 32.14 -29.93
CA GLY A 157 0.17 31.53 -29.17
C GLY A 157 1.43 32.26 -29.55
N ARG A 158 2.31 32.47 -28.57
CA ARG A 158 3.53 33.27 -28.76
C ARG A 158 4.15 33.22 -30.16
N TRP A 159 4.17 32.02 -30.75
CA TRP A 159 4.96 31.77 -31.96
C TRP A 159 4.20 31.64 -33.28
N GLN A 160 2.89 31.47 -33.23
CA GLN A 160 2.11 31.22 -34.45
C GLN A 160 1.32 32.44 -34.91
N ILE A 161 0.97 32.48 -36.19
CA ILE A 161 0.16 33.56 -36.76
C ILE A 161 -0.93 33.01 -37.68
N MET A 162 -2.09 33.67 -37.69
CA MET A 162 -3.24 33.21 -38.48
C MET A 162 -3.21 33.71 -39.92
N ILE A 163 -3.55 32.83 -40.85
CA ILE A 163 -3.58 33.14 -42.30
C ILE A 163 -4.77 32.52 -43.02
N ASN A 164 -5.16 33.14 -44.13
CA ASN A 164 -6.15 32.57 -45.05
C ASN A 164 -5.44 31.73 -46.10
N GLY A 165 -4.69 30.73 -45.64
CA GLY A 165 -3.74 30.03 -46.50
C GLY A 165 -4.23 28.79 -47.20
N GLU A 166 -5.35 28.88 -47.90
CA GLU A 166 -5.84 27.79 -48.75
C GLU A 166 -4.92 27.61 -49.95
N SER A 167 -4.45 28.73 -50.50
CA SER A 167 -3.59 28.74 -51.68
C SER A 167 -2.12 28.95 -51.32
N TYR A 168 -1.81 28.72 -50.05
CA TYR A 168 -0.45 28.82 -49.52
C TYR A 168 0.57 28.17 -50.47
N LYS A 169 0.43 26.87 -50.72
CA LYS A 169 1.41 26.14 -51.56
C LYS A 169 1.54 26.72 -52.96
N VAL A 170 0.41 26.99 -53.61
CA VAL A 170 0.41 27.51 -54.98
C VAL A 170 1.12 28.88 -55.07
N ILE A 171 0.96 29.70 -54.04
CA ILE A 171 1.66 30.98 -53.93
C ILE A 171 3.18 30.78 -53.87
N VAL A 172 3.63 29.81 -53.09
CA VAL A 172 5.04 29.50 -52.96
C VAL A 172 5.60 28.83 -54.22
N ALA A 173 4.88 27.84 -54.74
CA ALA A 173 5.26 27.13 -55.96
C ALA A 173 5.39 28.07 -57.14
N GLU A 174 4.61 29.15 -57.12
CA GLU A 174 4.63 30.18 -58.16
C GLU A 174 5.96 30.96 -58.17
N ALA A 175 6.40 31.36 -56.99
CA ALA A 175 7.66 32.08 -56.83
C ALA A 175 8.82 31.21 -57.29
N ALA A 176 8.77 29.92 -56.94
CA ALA A 176 9.79 28.97 -57.35
C ALA A 176 9.76 28.73 -58.85
N LYS A 177 8.56 28.74 -59.44
CA LYS A 177 8.40 28.55 -60.88
C LYS A 177 8.96 29.75 -61.65
N ASN A 178 8.53 30.95 -61.30
CA ASN A 178 8.96 32.17 -62.00
C ASN A 178 10.45 32.46 -61.89
N ALA A 179 11.07 31.93 -60.83
CA ALA A 179 12.52 31.99 -60.68
C ALA A 179 13.21 30.95 -61.56
N LEU A 180 12.61 29.76 -61.64
CA LEU A 180 13.20 28.66 -62.41
C LEU A 180 12.71 28.59 -63.86
N GLY A 181 11.40 28.57 -64.03
CA GLY A 181 10.79 28.43 -65.36
C GLY A 181 10.54 26.98 -65.70
N GLN A 182 9.54 26.73 -66.54
CA GLN A 182 9.21 25.39 -67.00
C GLN A 182 10.25 24.87 -67.99
N ASP A 183 11.50 24.85 -67.54
CA ASP A 183 12.64 24.34 -68.31
C ASP A 183 13.68 23.81 -67.34
N ARG A 184 13.60 24.27 -66.10
CA ARG A 184 14.45 23.80 -65.02
C ARG A 184 13.59 22.99 -64.04
N ILE A 185 12.30 22.91 -64.33
CA ILE A 185 11.38 22.12 -63.53
C ILE A 185 10.81 20.99 -64.38
N ILE A 186 11.14 19.76 -64.00
CA ILE A 186 10.47 18.60 -64.57
C ILE A 186 9.66 17.90 -63.47
N GLU A 187 8.36 17.82 -63.69
CA GLU A 187 7.42 17.28 -62.71
C GLU A 187 7.10 15.81 -63.01
N ARG A 188 6.32 15.20 -62.12
CA ARG A 188 5.80 13.84 -62.32
C ARG A 188 6.91 12.82 -62.60
N ILE A 189 7.95 12.89 -61.77
CA ILE A 189 9.10 12.00 -61.87
C ILE A 189 9.62 11.63 -60.48
N PHE A 190 9.57 10.33 -60.17
CA PHE A 190 9.90 9.83 -58.84
C PHE A 190 11.36 9.39 -58.77
N ILE A 191 12.10 9.95 -57.81
CA ILE A 191 13.50 9.59 -57.59
C ILE A 191 13.57 8.45 -56.58
N VAL A 192 14.43 7.47 -56.87
CA VAL A 192 14.49 6.26 -56.05
C VAL A 192 15.84 5.95 -55.37
N LYS A 193 16.96 6.35 -55.98
CA LYS A 193 18.27 5.83 -55.53
C LYS A 193 19.23 6.81 -54.84
N LEU A 194 19.76 7.79 -55.56
CA LEU A 194 20.93 8.58 -55.12
C LEU A 194 22.24 7.81 -55.30
N LEU A 195 23.09 8.29 -56.20
CA LEU A 195 24.37 7.65 -56.49
C LEU A 195 25.53 8.53 -56.01
N LEU A 196 26.59 7.89 -55.53
CA LEU A 196 27.77 8.61 -55.07
C LEU A 196 29.02 8.29 -55.90
N ASP A 197 30.01 9.18 -55.88
CA ASP A 197 31.11 9.17 -56.86
C ASP A 197 32.04 7.97 -56.84
N LYS A 198 32.30 7.45 -58.05
CA LYS A 198 33.23 6.35 -58.28
C LYS A 198 34.66 6.71 -57.89
N ASN A 199 35.01 7.99 -57.98
CA ASN A 199 36.38 8.45 -57.74
C ASN A 199 36.69 8.86 -56.28
N THR A 200 36.36 10.10 -55.92
CA THR A 200 36.60 10.56 -54.54
C THR A 200 35.66 9.87 -53.54
N PRO A 201 36.20 9.46 -52.37
CA PRO A 201 35.40 8.74 -51.37
C PRO A 201 34.36 9.64 -50.70
N ASN A 202 33.21 9.05 -50.37
CA ASN A 202 32.12 9.72 -49.64
C ASN A 202 31.57 10.99 -50.30
N ARG A 203 31.60 11.05 -51.62
CA ARG A 203 31.08 12.21 -52.33
C ARG A 203 29.92 11.84 -53.23
N ILE A 204 28.85 12.64 -53.15
CA ILE A 204 27.65 12.43 -53.96
C ILE A 204 27.92 12.69 -55.44
N ALA A 205 27.23 11.99 -56.32
CA ALA A 205 27.48 12.10 -57.76
C ALA A 205 26.23 12.15 -58.63
N GLY A 206 25.15 11.54 -58.17
CA GLY A 206 23.92 11.51 -58.97
C GLY A 206 22.67 11.01 -58.29
N ALA A 207 21.70 10.61 -59.11
CA ALA A 207 20.39 10.15 -58.65
C ALA A 207 19.63 9.46 -59.77
N VAL A 208 18.90 8.41 -59.42
CA VAL A 208 18.07 7.68 -60.39
C VAL A 208 16.59 7.78 -60.03
N GLY A 209 15.75 7.82 -61.05
CA GLY A 209 14.30 7.86 -60.87
C GLY A 209 13.57 7.41 -62.13
N PHE A 210 12.25 7.55 -62.12
CA PHE A 210 11.43 7.21 -63.29
C PHE A 210 10.24 8.15 -63.50
N ASN A 211 9.85 8.30 -64.76
CA ASN A 211 8.71 9.12 -65.16
C ASN A 211 7.41 8.40 -64.86
N LEU A 212 6.42 9.12 -64.34
CA LEU A 212 5.15 8.53 -63.94
C LEU A 212 4.09 8.62 -65.04
N ARG A 213 4.45 9.25 -66.16
CA ARG A 213 3.52 9.46 -67.27
C ARG A 213 3.97 8.77 -68.55
N ALA A 214 5.22 8.29 -68.56
CA ALA A 214 5.78 7.57 -69.70
C ALA A 214 6.92 6.69 -69.21
N ASN A 215 7.18 5.59 -69.92
CA ASN A 215 8.24 4.68 -69.53
C ASN A 215 9.63 5.21 -69.83
N GLU A 216 10.21 5.89 -68.85
CA GLU A 216 11.54 6.46 -68.95
C GLU A 216 12.27 6.31 -67.63
N VAL A 217 13.51 5.85 -67.70
CA VAL A 217 14.38 5.88 -66.51
C VAL A 217 15.25 7.12 -66.62
N HIS A 218 15.25 7.93 -65.57
CA HIS A 218 16.07 9.14 -65.55
C HIS A 218 17.33 8.97 -64.70
N ILE A 219 18.48 9.20 -65.34
CA ILE A 219 19.76 9.20 -64.65
C ILE A 219 20.26 10.63 -64.56
N PHE A 220 20.48 11.10 -63.34
CA PHE A 220 20.95 12.46 -63.13
C PHE A 220 22.37 12.48 -62.59
N LYS A 221 23.27 13.15 -63.31
CA LYS A 221 24.59 13.49 -62.78
C LYS A 221 24.51 14.88 -62.17
N ALA A 222 25.18 15.07 -61.03
CA ALA A 222 25.13 16.35 -60.32
C ALA A 222 26.37 16.64 -59.49
N ASN A 223 26.62 17.93 -59.26
CA ASN A 223 27.71 18.39 -58.43
C ASN A 223 27.25 18.51 -56.97
N ALA A 224 26.13 19.20 -56.78
CA ALA A 224 25.53 19.40 -55.47
C ALA A 224 24.00 19.28 -55.55
N MET A 225 23.39 18.68 -54.54
CA MET A 225 21.94 18.53 -54.54
C MET A 225 21.29 18.59 -53.15
N VAL A 226 20.02 19.02 -53.12
CA VAL A 226 19.16 18.86 -51.95
C VAL A 226 18.22 17.69 -52.14
N VAL A 227 18.06 16.89 -51.10
CA VAL A 227 17.00 15.91 -51.06
C VAL A 227 16.05 16.30 -49.92
N ALA A 228 14.92 16.91 -50.30
CA ALA A 228 13.89 17.29 -49.35
C ALA A 228 12.56 16.78 -49.88
N CYS A 229 12.16 15.60 -49.41
CA CYS A 229 10.97 14.93 -49.91
C CYS A 229 9.97 14.63 -48.81
N GLY A 230 10.03 15.40 -47.71
CA GLY A 230 9.10 15.23 -46.61
C GLY A 230 9.46 14.10 -45.66
N GLY A 231 8.56 13.81 -44.73
CA GLY A 231 8.76 12.78 -43.71
C GLY A 231 8.28 11.41 -44.13
N ALA A 232 7.86 10.61 -43.15
CA ALA A 232 7.39 9.25 -43.37
C ALA A 232 6.04 8.99 -42.70
N VAL A 233 5.01 8.75 -43.51
CA VAL A 233 3.70 8.34 -42.99
C VAL A 233 3.25 7.02 -43.62
N ASN A 234 2.27 6.37 -42.99
CA ASN A 234 1.82 5.00 -43.33
C ASN A 234 2.93 3.97 -43.20
N VAL A 235 3.77 4.18 -42.18
CA VAL A 235 4.79 3.24 -41.75
C VAL A 235 4.27 2.42 -40.57
N TYR A 236 3.23 2.93 -39.92
CA TYR A 236 2.50 2.22 -38.87
C TYR A 236 1.04 2.05 -39.27
N ARG A 237 0.40 0.99 -38.77
CA ARG A 237 -1.01 0.71 -39.08
C ARG A 237 -1.91 1.83 -38.54
N PRO A 238 -2.71 2.44 -39.41
CA PRO A 238 -3.64 3.51 -39.03
C PRO A 238 -4.86 3.03 -38.23
N ARG A 239 -5.69 3.96 -37.79
CA ARG A 239 -6.88 3.63 -36.99
C ARG A 239 -8.08 3.22 -37.84
N SER A 240 -8.03 3.58 -39.13
CA SER A 240 -9.01 3.13 -40.10
C SER A 240 -8.27 2.32 -41.15
N VAL A 241 -8.64 1.05 -41.32
CA VAL A 241 -7.89 0.12 -42.18
C VAL A 241 -8.53 -0.15 -43.55
N GLY A 242 -9.76 0.32 -43.75
CA GLY A 242 -10.45 0.19 -45.03
C GLY A 242 -9.99 1.25 -46.01
N GLU A 243 -10.93 2.09 -46.45
CA GLU A 243 -10.62 3.25 -47.30
C GLU A 243 -9.91 4.34 -46.50
N GLY A 244 -10.10 4.32 -45.19
CA GLY A 244 -9.53 5.33 -44.29
C GLY A 244 -8.01 5.30 -44.17
N MET A 245 -7.40 4.38 -44.92
CA MET A 245 -5.94 4.28 -45.04
C MET A 245 -5.35 5.57 -45.62
N GLY A 246 -6.19 6.30 -46.35
CA GLY A 246 -5.81 7.57 -46.96
C GLY A 246 -6.01 8.78 -46.07
N ARG A 247 -6.76 8.60 -44.98
CA ARG A 247 -7.01 9.69 -44.04
C ARG A 247 -6.05 9.58 -42.85
N ALA A 248 -4.82 10.00 -43.09
CA ALA A 248 -3.82 10.16 -42.03
C ALA A 248 -3.62 11.66 -41.82
N TRP A 249 -3.07 12.04 -40.67
CA TRP A 249 -2.85 13.45 -40.38
C TRP A 249 -1.86 14.09 -41.35
N TYR A 250 -0.64 13.55 -41.39
CA TYR A 250 0.39 13.99 -42.32
C TYR A 250 0.16 13.31 -43.68
N PRO A 251 0.55 13.96 -44.79
CA PRO A 251 0.21 13.48 -46.13
C PRO A 251 0.53 12.01 -46.38
N VAL A 252 -0.47 11.28 -46.84
CA VAL A 252 -0.39 9.83 -47.04
C VAL A 252 0.70 9.41 -48.04
N TRP A 253 1.16 10.35 -48.86
CA TRP A 253 2.15 10.07 -49.89
C TRP A 253 3.60 10.26 -49.46
N ASN A 254 3.80 10.66 -48.20
CA ASN A 254 5.15 10.71 -47.64
C ASN A 254 5.64 9.29 -47.33
N ALA A 255 6.58 8.84 -48.16
CA ALA A 255 7.04 7.45 -48.13
C ALA A 255 8.36 7.25 -47.39
N GLY A 256 8.84 8.30 -46.73
CA GLY A 256 10.13 8.24 -46.03
C GLY A 256 11.31 8.18 -46.97
N SER A 257 11.16 8.81 -48.14
CA SER A 257 12.18 8.83 -49.17
C SER A 257 13.41 9.60 -48.72
N THR A 258 13.23 10.87 -48.32
CA THR A 258 14.34 11.69 -47.82
C THR A 258 15.24 10.91 -46.89
N TYR A 259 14.62 10.22 -45.93
CA TYR A 259 15.36 9.49 -44.91
C TYR A 259 16.17 8.32 -45.48
N THR A 260 15.54 7.49 -46.31
CA THR A 260 16.24 6.33 -46.86
C THR A 260 17.21 6.67 -47.98
N MET A 261 16.80 7.56 -48.88
CA MET A 261 17.67 7.95 -49.99
C MET A 261 19.05 8.42 -49.55
N CYS A 262 19.11 9.12 -48.42
CA CYS A 262 20.36 9.61 -47.86
C CYS A 262 21.07 8.61 -46.94
N ALA A 263 20.29 7.94 -46.09
CA ALA A 263 20.84 6.92 -45.18
C ALA A 263 21.48 5.77 -45.97
N GLN A 264 20.79 5.38 -47.04
CA GLN A 264 21.23 4.36 -48.00
C GLN A 264 22.58 4.69 -48.65
N VAL A 265 22.91 5.97 -48.74
CA VAL A 265 24.11 6.43 -49.43
C VAL A 265 25.26 6.81 -48.50
N GLY A 266 25.03 6.75 -47.19
CA GLY A 266 26.10 6.92 -46.22
C GLY A 266 26.04 8.15 -45.34
N ALA A 267 25.02 8.99 -45.53
CA ALA A 267 24.83 10.16 -44.69
C ALA A 267 24.57 9.75 -43.25
N GLU A 268 25.09 10.54 -42.31
CA GLU A 268 24.89 10.26 -40.89
C GLU A 268 23.48 10.67 -40.49
N MET A 269 22.74 9.73 -39.91
CA MET A 269 21.35 9.95 -39.48
C MET A 269 21.31 10.34 -38.01
N THR A 270 20.26 11.06 -37.63
CA THR A 270 20.12 11.51 -36.23
C THR A 270 18.70 11.43 -35.70
N MET A 271 18.58 11.12 -34.41
CA MET A 271 17.31 11.17 -33.68
C MET A 271 16.15 10.37 -34.29
N MET A 272 16.48 9.35 -35.08
CA MET A 272 15.46 8.53 -35.74
C MET A 272 14.52 7.81 -34.75
N GLU A 273 14.94 7.73 -33.49
CA GLU A 273 14.11 7.17 -32.43
C GLU A 273 12.91 8.07 -32.13
N ASN A 274 13.05 9.36 -32.39
CA ASN A 274 11.97 10.30 -32.18
C ASN A 274 10.85 10.09 -33.20
N ARG A 275 9.62 10.19 -32.70
CA ARG A 275 8.44 10.12 -33.53
C ARG A 275 7.52 11.27 -33.12
N PHE A 276 6.36 11.34 -33.76
CA PHE A 276 5.36 12.32 -33.39
C PHE A 276 3.96 11.71 -33.52
N VAL A 277 3.26 11.63 -32.40
CA VAL A 277 1.87 11.20 -32.40
C VAL A 277 0.96 12.33 -31.90
N PRO A 278 0.30 13.02 -32.84
CA PRO A 278 -0.57 14.15 -32.53
C PRO A 278 -1.90 13.70 -31.94
N ALA A 279 -2.53 14.59 -31.16
CA ALA A 279 -3.86 14.34 -30.62
C ALA A 279 -4.84 15.21 -31.38
N ARG A 280 -5.63 14.58 -32.24
CA ARG A 280 -6.57 15.28 -33.12
C ARG A 280 -7.94 14.63 -33.06
N PHE A 281 -8.93 15.27 -33.68
CA PHE A 281 -10.29 14.73 -33.74
C PHE A 281 -10.32 13.31 -34.33
N LYS A 282 -11.18 12.47 -33.75
CA LYS A 282 -11.28 11.05 -34.09
C LYS A 282 -11.53 10.82 -35.59
N ASP A 283 -10.77 9.88 -36.17
CA ASP A 283 -10.93 9.41 -37.55
C ASP A 283 -10.56 10.40 -38.67
N GLY A 284 -10.94 11.66 -38.49
CA GLY A 284 -10.67 12.70 -39.49
C GLY A 284 -9.42 13.52 -39.23
N TYR A 285 -8.96 13.49 -37.97
CA TYR A 285 -7.72 14.13 -37.53
C TYR A 285 -7.63 15.66 -37.71
N GLY A 286 -8.77 16.32 -37.81
CA GLY A 286 -8.83 17.78 -37.93
C GLY A 286 -8.33 18.49 -36.68
N PRO A 287 -7.87 19.74 -36.83
CA PRO A 287 -7.34 20.50 -35.70
C PRO A 287 -8.41 20.82 -34.67
N VAL A 288 -8.01 20.79 -33.40
CA VAL A 288 -8.93 21.03 -32.28
C VAL A 288 -8.77 22.44 -31.72
N GLY A 289 -7.53 22.91 -31.67
CA GLY A 289 -7.14 24.18 -31.06
C GLY A 289 -8.13 25.34 -31.06
N ALA A 290 -8.64 25.68 -32.24
CA ALA A 290 -9.58 26.79 -32.38
C ALA A 290 -10.82 26.63 -31.51
N TRP A 291 -11.42 25.44 -31.54
CA TRP A 291 -12.62 25.13 -30.75
C TRP A 291 -12.36 25.24 -29.26
N PHE A 292 -11.12 24.99 -28.84
CA PHE A 292 -10.74 25.08 -27.44
C PHE A 292 -10.60 26.54 -26.97
N LEU A 293 -9.90 27.37 -27.73
CA LEU A 293 -9.58 28.71 -27.27
C LEU A 293 -10.59 29.79 -27.70
N LEU A 294 -11.25 29.58 -28.85
CA LEU A 294 -12.28 30.52 -29.31
C LEU A 294 -13.59 30.41 -28.53
N PHE A 295 -13.85 29.21 -27.98
CA PHE A 295 -15.13 28.95 -27.29
C PHE A 295 -14.96 28.36 -25.89
N LYS A 296 -13.72 28.03 -25.52
CA LYS A 296 -13.44 27.34 -24.25
C LYS A 296 -14.22 26.03 -24.13
N ALA A 297 -13.88 25.10 -25.02
CA ALA A 297 -14.39 23.73 -24.96
C ALA A 297 -13.24 22.81 -24.57
N LYS A 298 -13.45 22.01 -23.53
CA LYS A 298 -12.37 21.18 -22.97
C LYS A 298 -12.57 19.66 -23.16
N ALA A 299 -11.50 18.91 -22.94
CA ALA A 299 -11.53 17.46 -23.03
C ALA A 299 -11.97 16.84 -21.71
N THR A 300 -12.96 15.96 -21.80
CA THR A 300 -13.54 15.31 -20.63
C THR A 300 -13.67 13.83 -20.91
N ASN A 301 -13.38 13.00 -19.91
CA ASN A 301 -13.54 11.55 -20.05
C ASN A 301 -15.01 11.12 -19.86
N CYS A 302 -15.20 9.82 -19.58
CA CYS A 302 -16.53 9.24 -19.39
C CYS A 302 -17.24 9.77 -18.13
N LYS A 303 -16.44 10.23 -17.18
CA LYS A 303 -16.96 10.80 -15.93
C LYS A 303 -17.21 12.31 -16.02
N GLY A 304 -16.72 12.93 -17.10
CA GLY A 304 -16.87 14.36 -17.31
C GLY A 304 -15.81 15.19 -16.61
N GLU A 305 -14.78 14.51 -16.09
CA GLU A 305 -13.70 15.16 -15.36
C GLU A 305 -12.51 15.50 -16.26
N ASP A 306 -11.71 16.46 -15.81
CA ASP A 306 -10.52 16.89 -16.55
C ASP A 306 -9.33 15.99 -16.19
N TYR A 307 -9.03 15.04 -17.09
CA TYR A 307 -7.98 14.05 -16.87
C TYR A 307 -6.58 14.66 -16.69
N CYS A 308 -6.38 15.86 -17.22
CA CYS A 308 -5.13 16.59 -17.03
C CYS A 308 -4.93 16.93 -15.55
N ALA A 309 -6.00 17.39 -14.91
CA ALA A 309 -5.95 17.69 -13.48
C ALA A 309 -5.79 16.42 -12.65
N THR A 310 -6.59 15.39 -12.98
CA THR A 310 -6.61 14.13 -12.24
C THR A 310 -5.26 13.43 -12.29
N ASN A 311 -4.64 13.40 -13.47
CA ASN A 311 -3.39 12.68 -13.66
C ASN A 311 -2.14 13.56 -13.60
N ARG A 312 -2.21 14.68 -12.87
CA ARG A 312 -1.07 15.58 -12.69
C ARG A 312 0.15 14.86 -12.11
N ALA A 313 -0.10 13.95 -11.18
CA ALA A 313 0.95 13.21 -10.47
C ALA A 313 1.95 12.50 -11.39
N MET A 314 1.46 12.06 -12.55
CA MET A 314 2.28 11.40 -13.55
C MET A 314 3.45 12.25 -14.02
N LEU A 315 3.34 13.56 -13.84
CA LEU A 315 4.35 14.52 -14.31
C LEU A 315 5.41 14.83 -13.26
N LYS A 316 5.21 14.37 -12.03
CA LYS A 316 6.13 14.62 -10.93
C LYS A 316 7.60 14.29 -11.24
N PRO A 317 7.89 13.06 -11.72
CA PRO A 317 9.29 12.69 -11.96
C PRO A 317 9.95 13.56 -13.03
N TYR A 318 9.15 14.17 -13.89
CA TYR A 318 9.66 14.95 -15.00
C TYR A 318 9.90 16.41 -14.64
N GLU A 319 8.97 16.99 -13.86
CA GLU A 319 9.10 18.39 -13.44
C GLU A 319 10.18 18.59 -12.39
N GLU A 320 10.42 17.58 -11.57
CA GLU A 320 11.50 17.60 -10.58
C GLU A 320 12.85 17.58 -11.28
N ARG A 321 12.92 16.95 -12.44
CA ARG A 321 14.12 16.94 -13.27
C ARG A 321 14.15 18.12 -14.25
N GLY A 322 13.12 18.98 -14.17
CA GLY A 322 13.06 20.24 -14.91
C GLY A 322 12.52 20.16 -16.34
N TYR A 323 11.68 19.18 -16.61
CA TYR A 323 11.19 18.95 -17.97
C TYR A 323 9.82 19.56 -18.28
N ALA A 324 9.01 19.80 -17.26
CA ALA A 324 7.62 20.25 -17.47
C ALA A 324 7.16 21.44 -16.63
N LYS A 325 7.80 21.62 -15.47
CA LYS A 325 7.43 22.63 -14.45
C LYS A 325 6.43 23.75 -14.82
N GLY A 326 5.28 23.73 -14.14
CA GLY A 326 4.28 24.80 -14.22
C GLY A 326 3.57 24.93 -15.56
N HIS A 327 2.45 24.23 -15.71
CA HIS A 327 1.56 24.26 -16.90
C HIS A 327 2.19 24.62 -18.26
N VAL A 328 3.40 24.13 -18.49
CA VAL A 328 4.06 24.18 -19.79
C VAL A 328 4.55 22.76 -20.08
N ILE A 329 3.60 21.86 -20.32
CA ILE A 329 3.87 20.45 -20.51
C ILE A 329 4.23 20.19 -21.98
N PRO A 330 5.31 19.42 -22.24
CA PRO A 330 5.63 18.95 -23.59
C PRO A 330 4.46 18.19 -24.23
N THR A 331 4.28 18.33 -25.54
CA THR A 331 3.15 17.71 -26.24
C THR A 331 3.07 16.19 -25.98
N CYS A 332 4.22 15.55 -25.90
CA CYS A 332 4.28 14.10 -25.66
C CYS A 332 3.77 13.73 -24.27
N LEU A 333 4.10 14.56 -23.27
CA LEU A 333 3.62 14.33 -21.91
C LEU A 333 2.13 14.65 -21.78
N ARG A 334 1.61 15.48 -22.68
CA ARG A 334 0.20 15.82 -22.69
C ARG A 334 -0.66 14.61 -23.06
N ASN A 335 -0.20 13.84 -24.04
CA ASN A 335 -0.93 12.62 -24.43
C ASN A 335 -0.38 11.37 -23.74
N HIS A 336 0.45 11.60 -22.72
CA HIS A 336 0.88 10.56 -21.79
C HIS A 336 -0.13 10.45 -20.66
N MET A 337 -0.74 11.59 -20.33
CA MET A 337 -1.83 11.64 -19.36
C MET A 337 -3.14 11.20 -20.00
N MET A 338 -3.20 11.26 -21.32
CA MET A 338 -4.38 10.83 -22.06
C MET A 338 -4.45 9.31 -22.13
N LEU A 339 -3.30 8.68 -22.31
CA LEU A 339 -3.22 7.23 -22.50
C LEU A 339 -3.72 6.39 -21.32
N ARG A 340 -3.51 6.85 -20.10
CA ARG A 340 -3.98 6.09 -18.93
C ARG A 340 -5.50 6.10 -18.80
N GLU A 341 -6.13 7.19 -19.22
CA GLU A 341 -7.58 7.26 -19.32
C GLU A 341 -8.13 6.30 -20.37
N MET A 342 -7.31 6.03 -21.39
CA MET A 342 -7.71 5.15 -22.47
C MET A 342 -7.53 3.68 -22.10
N ARG A 343 -6.32 3.31 -21.70
CA ARG A 343 -6.00 1.90 -21.45
C ARG A 343 -6.75 1.31 -20.24
N GLU A 344 -7.19 2.17 -19.34
CA GLU A 344 -8.02 1.74 -18.22
C GLU A 344 -9.51 1.92 -18.54
N GLY A 345 -9.81 2.21 -19.80
CA GLY A 345 -11.18 2.16 -20.32
C GLY A 345 -12.14 3.26 -19.86
N ARG A 346 -11.60 4.38 -19.39
CA ARG A 346 -12.43 5.51 -19.00
C ARG A 346 -12.65 6.48 -20.17
N GLY A 347 -12.64 5.93 -21.38
CA GLY A 347 -12.95 6.68 -22.58
C GLY A 347 -14.45 6.73 -22.85
N PRO A 348 -14.87 7.44 -23.93
CA PRO A 348 -13.99 8.16 -24.86
C PRO A 348 -13.59 9.56 -24.38
N ILE A 349 -12.37 9.98 -24.74
CA ILE A 349 -11.89 11.35 -24.50
C ILE A 349 -12.71 12.30 -25.37
N TYR A 350 -13.50 13.14 -24.72
CA TYR A 350 -14.59 13.83 -25.41
C TYR A 350 -14.54 15.36 -25.27
N MET A 351 -14.70 16.02 -26.42
CA MET A 351 -14.83 17.47 -26.50
C MET A 351 -16.31 17.82 -26.51
N ASP A 352 -16.83 18.19 -25.36
CA ASP A 352 -18.22 18.65 -25.25
C ASP A 352 -18.35 20.05 -25.83
N THR A 353 -18.59 20.13 -27.14
CA THR A 353 -18.77 21.43 -27.82
C THR A 353 -20.21 21.92 -27.70
N LYS A 354 -21.13 20.99 -27.48
CA LYS A 354 -22.57 21.28 -27.33
C LYS A 354 -22.82 22.34 -26.25
N THR A 355 -22.44 22.03 -25.02
CA THR A 355 -22.70 22.92 -23.88
C THR A 355 -21.75 24.12 -23.85
N ALA A 356 -20.53 23.93 -24.35
CA ALA A 356 -19.53 25.00 -24.40
C ALA A 356 -19.90 26.11 -25.39
N LEU A 357 -20.63 25.75 -26.44
CA LEU A 357 -21.11 26.73 -27.41
C LEU A 357 -22.31 27.51 -26.90
N GLN A 358 -23.30 26.82 -26.34
CA GLN A 358 -24.51 27.48 -25.87
C GLN A 358 -24.25 28.48 -24.73
N THR A 359 -23.15 28.30 -24.00
CA THR A 359 -22.75 29.23 -22.94
C THR A 359 -22.03 30.45 -23.48
N SER A 360 -21.13 30.24 -24.45
CA SER A 360 -20.37 31.34 -25.03
C SER A 360 -21.20 32.19 -25.98
N PHE A 361 -22.23 31.61 -26.58
CA PHE A 361 -23.14 32.35 -27.47
C PHE A 361 -24.06 33.32 -26.70
N ALA A 362 -24.12 33.16 -25.38
CA ALA A 362 -24.89 34.06 -24.52
C ALA A 362 -24.19 35.40 -24.31
N THR A 363 -22.85 35.38 -24.26
CA THR A 363 -22.05 36.59 -24.06
C THR A 363 -21.53 37.21 -25.37
N MET A 364 -22.14 36.83 -26.50
CA MET A 364 -21.76 37.37 -27.80
C MET A 364 -22.98 37.80 -28.61
N SER A 365 -22.83 38.87 -29.38
CA SER A 365 -23.89 39.36 -30.25
C SER A 365 -24.03 38.46 -31.48
N PRO A 366 -25.23 38.42 -32.10
CA PRO A 366 -25.49 37.51 -33.23
C PRO A 366 -24.49 37.61 -34.39
N ALA A 367 -24.04 38.82 -34.71
CA ALA A 367 -23.08 39.02 -35.80
C ALA A 367 -21.65 38.68 -35.37
N GLN A 368 -21.34 38.93 -34.10
CA GLN A 368 -20.07 38.55 -33.49
C GLN A 368 -19.98 37.03 -33.36
N GLN A 369 -21.14 36.37 -33.43
CA GLN A 369 -21.26 34.91 -33.36
C GLN A 369 -20.95 34.24 -34.70
N LYS A 370 -21.40 34.85 -35.79
CA LYS A 370 -21.07 34.37 -37.14
C LYS A 370 -19.57 34.44 -37.41
N HIS A 371 -18.92 35.46 -36.85
CA HIS A 371 -17.50 35.68 -37.09
C HIS A 371 -16.60 34.65 -36.41
N LEU A 372 -16.89 34.32 -35.16
CA LEU A 372 -16.10 33.33 -34.42
C LEU A 372 -16.37 31.89 -34.87
N GLU A 373 -17.54 31.66 -35.46
CA GLU A 373 -17.87 30.37 -36.05
C GLU A 373 -17.17 30.19 -37.40
N ALA A 374 -17.04 31.29 -38.15
CA ALA A 374 -16.40 31.28 -39.47
C ALA A 374 -14.88 31.19 -39.38
N GLU A 375 -14.33 31.64 -38.25
CA GLU A 375 -12.90 31.47 -37.98
C GLU A 375 -12.63 30.00 -37.71
N ALA A 376 -13.48 29.39 -36.89
CA ALA A 376 -13.31 28.02 -36.42
C ALA A 376 -13.48 26.98 -37.55
N TRP A 377 -14.49 27.16 -38.39
CA TRP A 377 -14.71 26.27 -39.53
C TRP A 377 -13.59 26.37 -40.56
N GLU A 378 -13.01 27.56 -40.69
CA GLU A 378 -11.90 27.78 -41.62
C GLU A 378 -10.67 26.94 -41.28
N ASP A 379 -10.50 26.63 -39.99
CA ASP A 379 -9.45 25.70 -39.54
C ASP A 379 -9.55 24.34 -40.23
N PHE A 380 -10.76 23.96 -40.63
CA PHE A 380 -10.95 22.75 -41.43
C PHE A 380 -10.82 23.04 -42.92
N LEU A 381 -11.66 23.95 -43.42
CA LEU A 381 -11.72 24.24 -44.86
C LEU A 381 -10.40 24.71 -45.48
N ASP A 382 -9.54 25.32 -44.66
CA ASP A 382 -8.22 25.79 -45.10
C ASP A 382 -7.10 24.78 -44.86
N MET A 383 -7.34 23.83 -43.95
CA MET A 383 -6.27 22.98 -43.44
C MET A 383 -6.56 21.48 -43.58
N CYS A 384 -7.81 21.09 -43.37
CA CYS A 384 -8.17 19.67 -43.28
C CYS A 384 -9.65 19.46 -43.63
N VAL A 385 -9.93 19.36 -44.93
CA VAL A 385 -11.31 19.26 -45.42
C VAL A 385 -11.95 17.93 -45.05
N GLY A 386 -11.15 16.87 -45.00
CA GLY A 386 -11.63 15.54 -44.61
C GLY A 386 -12.44 15.50 -43.33
N GLN A 387 -12.03 16.31 -42.35
CA GLN A 387 -12.73 16.44 -41.08
C GLN A 387 -14.10 17.09 -41.25
N ALA A 388 -14.16 18.17 -42.02
CA ALA A 388 -15.42 18.85 -42.31
C ALA A 388 -16.41 17.92 -43.00
N ASN A 389 -15.89 17.04 -43.87
CA ASN A 389 -16.68 15.98 -44.49
C ASN A 389 -17.27 15.00 -43.48
N LEU A 390 -16.47 14.65 -42.46
CA LEU A 390 -16.90 13.73 -41.42
C LEU A 390 -18.02 14.33 -40.55
N TRP A 391 -17.89 15.61 -40.24
CA TRP A 391 -18.90 16.35 -39.48
C TRP A 391 -20.18 16.51 -40.30
N ALA A 392 -20.03 16.80 -41.58
CA ALA A 392 -21.16 16.82 -42.51
C ALA A 392 -21.85 15.45 -42.52
N ALA A 393 -21.05 14.39 -42.47
CA ALA A 393 -21.55 13.01 -42.51
C ALA A 393 -22.23 12.59 -41.21
N THR A 394 -21.61 12.91 -40.08
CA THR A 394 -22.08 12.44 -38.77
C THR A 394 -23.08 13.36 -38.07
N ASN A 395 -23.59 14.37 -38.79
CA ASN A 395 -24.48 15.40 -38.23
C ASN A 395 -23.87 16.10 -37.01
N CYS A 396 -22.57 16.36 -37.08
CA CYS A 396 -21.81 16.88 -35.95
C CYS A 396 -21.38 18.34 -36.12
N ALA A 397 -22.32 19.19 -36.52
CA ALA A 397 -22.15 20.63 -36.39
C ALA A 397 -22.03 20.90 -34.89
N PRO A 398 -20.96 21.62 -34.47
CA PRO A 398 -20.58 21.71 -33.05
C PRO A 398 -21.71 22.19 -32.15
N GLU A 399 -22.68 22.89 -32.72
CA GLU A 399 -23.85 23.38 -32.00
C GLU A 399 -24.62 22.27 -31.32
N GLU A 400 -24.78 21.14 -32.02
CA GLU A 400 -25.69 20.06 -31.57
C GLU A 400 -25.04 18.83 -30.93
N ARG A 401 -23.83 18.47 -31.35
CA ARG A 401 -23.10 17.37 -30.70
C ARG A 401 -21.59 17.50 -30.79
N GLY A 402 -20.91 17.10 -29.71
CA GLY A 402 -19.46 17.22 -29.62
C GLY A 402 -18.68 16.23 -30.48
N SER A 403 -17.41 16.02 -30.14
CA SER A 403 -16.53 15.14 -30.91
C SER A 403 -15.48 14.47 -30.03
N GLU A 404 -14.88 13.40 -30.55
CA GLU A 404 -13.91 12.61 -29.81
C GLU A 404 -12.47 12.98 -30.17
N ILE A 405 -11.59 12.93 -29.18
CA ILE A 405 -10.15 13.09 -29.38
C ILE A 405 -9.50 11.70 -29.33
N MET A 406 -8.49 11.51 -30.17
CA MET A 406 -7.74 10.27 -30.22
C MET A 406 -6.30 10.57 -30.64
N PRO A 407 -5.32 9.96 -29.97
CA PRO A 407 -3.95 10.08 -30.46
C PRO A 407 -3.75 9.20 -31.70
N THR A 408 -3.03 9.73 -32.68
CA THR A 408 -2.87 9.11 -33.98
C THR A 408 -1.76 8.05 -33.97
N GLU A 409 -1.72 7.22 -35.02
CA GLU A 409 -0.58 6.33 -35.25
C GLU A 409 0.68 7.16 -35.53
N PRO A 410 1.85 6.69 -35.07
CA PRO A 410 3.10 7.44 -35.19
C PRO A 410 3.41 7.95 -36.60
N TYR A 411 3.93 9.17 -36.67
CA TYR A 411 4.46 9.72 -37.91
C TYR A 411 5.91 10.11 -37.72
N LEU A 412 6.72 9.92 -38.75
CA LEU A 412 8.14 10.22 -38.68
C LEU A 412 8.47 11.48 -39.48
N LEU A 413 8.75 12.57 -38.76
CA LEU A 413 9.01 13.85 -39.40
C LEU A 413 9.97 14.70 -38.59
N GLY A 414 10.62 15.64 -39.26
CA GLY A 414 11.59 16.52 -38.64
C GLY A 414 11.20 17.98 -38.62
N SER A 415 10.31 18.38 -39.52
CA SER A 415 9.94 19.80 -39.64
C SER A 415 8.89 20.22 -38.63
N HIS A 416 7.91 19.35 -38.39
CA HIS A 416 6.83 19.65 -37.45
C HIS A 416 7.28 19.38 -36.02
N SER A 417 6.32 19.02 -35.16
CA SER A 417 6.56 18.83 -33.73
C SER A 417 7.39 17.57 -33.44
N GLY A 418 8.12 17.09 -34.44
CA GLY A 418 9.09 16.01 -34.28
C GLY A 418 10.49 16.50 -34.59
N CYS A 419 11.46 15.59 -34.65
CA CYS A 419 12.86 15.96 -34.88
C CYS A 419 13.75 14.83 -35.43
N CYS A 420 13.15 13.79 -35.99
CA CYS A 420 13.97 12.73 -36.60
C CYS A 420 14.42 13.11 -38.00
N GLY A 421 15.64 12.73 -38.34
CA GLY A 421 16.18 13.02 -39.67
C GLY A 421 17.67 12.80 -39.88
N ILE A 422 18.28 13.73 -40.60
CA ILE A 422 19.64 13.63 -41.07
C ILE A 422 20.53 14.63 -40.35
N TRP A 423 21.70 14.18 -39.90
CA TRP A 423 22.67 15.04 -39.26
C TRP A 423 23.19 16.08 -40.26
N ALA A 424 22.79 17.33 -40.04
CA ALA A 424 23.20 18.44 -40.91
C ALA A 424 24.38 19.18 -40.29
N SER A 425 24.84 20.23 -40.97
CA SER A 425 25.97 21.02 -40.49
C SER A 425 25.53 22.40 -40.03
N GLY A 426 26.15 22.85 -38.93
CA GLY A 426 25.97 24.21 -38.41
C GLY A 426 26.64 25.26 -39.28
N PRO A 427 26.30 26.54 -39.07
CA PRO A 427 26.66 27.64 -39.97
C PRO A 427 28.16 27.96 -40.04
N ASP A 428 28.90 27.65 -38.97
CA ASP A 428 30.32 28.04 -38.80
C ASP A 428 30.46 29.45 -38.23
N GLU A 429 30.27 29.54 -36.92
CA GLU A 429 30.42 30.76 -36.15
C GLU A 429 31.15 30.39 -34.86
N ALA A 430 31.49 31.38 -34.05
CA ALA A 430 32.08 31.12 -32.74
C ALA A 430 31.10 30.39 -31.84
N TRP A 431 29.83 30.75 -31.91
CA TRP A 431 28.79 30.19 -31.04
C TRP A 431 28.36 28.77 -31.41
N VAL A 432 28.88 28.26 -32.53
CA VAL A 432 28.64 26.87 -32.94
C VAL A 432 29.86 26.01 -32.58
N PRO A 433 29.64 24.91 -31.83
CA PRO A 433 30.71 23.97 -31.50
C PRO A 433 31.31 23.32 -32.74
N GLU A 434 32.52 22.75 -32.59
CA GLU A 434 33.21 22.13 -33.72
C GLU A 434 32.57 20.81 -34.16
N ASP A 435 32.01 20.07 -33.21
CA ASP A 435 31.33 18.81 -33.51
C ASP A 435 30.04 19.00 -34.30
N TYR A 436 29.50 20.22 -34.28
CA TYR A 436 28.29 20.57 -34.99
C TYR A 436 28.56 21.03 -36.43
N LYS A 437 29.84 21.07 -36.81
CA LYS A 437 30.24 21.48 -38.15
C LYS A 437 30.82 20.30 -38.92
N VAL A 438 30.39 20.15 -40.17
CA VAL A 438 30.84 19.04 -41.02
C VAL A 438 32.23 19.33 -41.60
N ARG A 439 32.33 20.41 -42.35
CA ARG A 439 33.56 20.79 -43.09
C ARG A 439 34.16 19.71 -44.01
N ALA A 440 34.17 20.02 -45.31
CA ALA A 440 34.47 19.06 -46.35
C ALA A 440 35.96 18.80 -46.54
N ALA A 441 36.29 17.97 -47.53
CA ALA A 441 37.67 17.67 -47.90
C ALA A 441 38.47 18.91 -48.28
N ASN A 442 37.77 19.97 -48.72
CA ASN A 442 38.41 21.25 -49.01
C ASN A 442 38.61 22.12 -47.76
N GLY A 443 38.12 21.64 -46.62
CA GLY A 443 38.36 22.31 -45.34
C GLY A 443 37.27 23.26 -44.88
N LYS A 444 36.59 23.90 -45.82
CA LYS A 444 35.51 24.84 -45.50
C LYS A 444 34.25 24.11 -45.04
N VAL A 445 33.43 24.81 -44.24
CA VAL A 445 32.15 24.26 -43.78
C VAL A 445 30.95 25.00 -44.39
N TYR A 446 30.10 24.23 -45.07
CA TYR A 446 28.90 24.73 -45.73
C TYR A 446 27.67 24.39 -44.89
N ASN A 447 26.78 25.36 -44.72
CA ASN A 447 25.62 25.20 -43.83
C ASN A 447 24.64 24.14 -44.30
N ARG A 448 24.16 23.33 -43.35
CA ARG A 448 23.13 22.31 -43.58
C ARG A 448 23.53 21.16 -44.50
N MET A 449 24.83 20.99 -44.74
CA MET A 449 25.34 19.88 -45.53
C MET A 449 25.42 18.61 -44.69
N THR A 450 25.10 17.48 -45.31
CA THR A 450 25.20 16.16 -44.69
C THR A 450 26.68 15.76 -44.58
N THR A 451 26.94 14.61 -43.93
CA THR A 451 28.30 14.09 -43.86
C THR A 451 28.77 13.49 -45.20
N VAL A 452 27.82 13.18 -46.08
CA VAL A 452 28.14 12.91 -47.49
C VAL A 452 28.47 14.24 -48.15
N GLU A 453 29.67 14.30 -48.73
CA GLU A 453 30.21 15.51 -49.31
C GLU A 453 29.42 15.94 -50.55
N GLY A 454 28.81 17.13 -50.47
CA GLY A 454 28.08 17.71 -51.59
C GLY A 454 26.58 17.47 -51.59
N LEU A 455 26.09 16.83 -50.54
CA LEU A 455 24.66 16.53 -50.42
C LEU A 455 24.02 17.34 -49.29
N TRP A 456 22.92 18.00 -49.62
CA TRP A 456 22.17 18.79 -48.66
C TRP A 456 20.78 18.22 -48.43
N THR A 457 20.19 18.65 -47.31
CA THR A 457 18.80 18.35 -47.02
C THR A 457 18.23 19.46 -46.13
N CYS A 458 16.91 19.58 -46.10
CA CYS A 458 16.24 20.60 -45.30
C CYS A 458 14.77 20.23 -45.07
N ALA A 459 14.23 20.68 -43.93
CA ALA A 459 12.78 20.63 -43.64
C ALA A 459 12.19 19.23 -43.72
N ASP A 460 12.11 18.56 -42.56
CA ASP A 460 11.80 17.12 -42.49
C ASP A 460 13.08 16.33 -42.75
N GLY A 461 13.97 16.92 -43.54
CA GLY A 461 15.26 16.31 -43.84
C GLY A 461 16.22 16.37 -42.68
N VAL A 462 16.48 17.57 -42.17
CA VAL A 462 17.41 17.73 -41.05
C VAL A 462 16.74 17.37 -39.72
N GLY A 463 17.40 16.52 -38.95
CA GLY A 463 16.88 16.07 -37.67
C GLY A 463 17.40 16.90 -36.51
N ALA A 464 16.93 16.55 -35.32
CA ALA A 464 17.32 17.20 -34.06
C ALA A 464 17.02 18.70 -34.02
N SER A 465 16.24 19.19 -34.99
CA SER A 465 15.89 20.61 -35.05
C SER A 465 14.46 20.82 -35.51
N GLY A 466 13.51 20.34 -34.70
CA GLY A 466 12.10 20.41 -35.02
C GLY A 466 11.49 21.79 -34.94
N HIS A 467 10.16 21.83 -35.05
CA HIS A 467 9.38 23.08 -34.99
C HIS A 467 9.83 24.12 -36.01
N LYS A 468 10.10 23.67 -37.23
CA LYS A 468 10.39 24.56 -38.35
C LYS A 468 9.10 25.05 -38.96
N PHE A 469 8.19 24.09 -39.19
CA PHE A 469 6.88 24.34 -39.80
C PHE A 469 6.99 24.96 -41.19
N SER A 470 5.89 25.47 -41.74
CA SER A 470 5.86 25.91 -43.15
C SER A 470 6.82 27.05 -43.47
N SER A 471 7.12 27.89 -42.48
CA SER A 471 8.03 29.02 -42.65
C SER A 471 9.49 28.62 -42.54
N GLY A 472 9.81 27.84 -41.51
CA GLY A 472 11.17 27.34 -41.29
C GLY A 472 11.61 26.42 -42.40
N SER A 473 10.67 25.66 -42.94
CA SER A 473 10.91 24.77 -44.07
C SER A 473 11.38 25.55 -45.30
N HIS A 474 10.74 26.69 -45.53
CA HIS A 474 11.10 27.59 -46.63
C HIS A 474 12.45 28.24 -46.35
N ALA A 475 12.60 28.74 -45.13
CA ALA A 475 13.83 29.43 -44.70
C ALA A 475 15.05 28.53 -44.80
N GLU A 476 14.89 27.27 -44.41
CA GLU A 476 15.96 26.29 -44.48
C GLU A 476 16.37 25.99 -45.92
N GLY A 477 15.39 25.96 -46.81
CA GLY A 477 15.64 25.79 -48.24
C GLY A 477 16.46 26.94 -48.79
N ARG A 478 16.10 28.16 -48.38
CA ARG A 478 16.85 29.36 -48.74
C ARG A 478 18.29 29.28 -48.28
N ILE A 479 18.50 28.87 -47.03
CA ILE A 479 19.84 28.64 -46.48
C ILE A 479 20.65 27.68 -47.36
N VAL A 480 20.03 26.56 -47.73
CA VAL A 480 20.69 25.55 -48.55
C VAL A 480 20.92 26.02 -49.98
N GLY A 481 19.88 26.62 -50.57
CA GLY A 481 19.93 27.16 -51.94
C GLY A 481 21.17 27.97 -52.25
N LYS A 482 21.56 28.82 -51.30
CA LYS A 482 22.79 29.61 -51.44
C LYS A 482 24.03 28.72 -51.35
N GLN A 483 24.08 27.87 -50.32
CA GLN A 483 25.23 26.99 -50.09
C GLN A 483 25.54 26.05 -51.25
N MET A 484 24.53 25.73 -52.05
CA MET A 484 24.71 24.86 -53.22
C MET A 484 25.41 25.60 -54.36
N VAL A 485 25.04 26.86 -54.55
CA VAL A 485 25.66 27.72 -55.56
C VAL A 485 27.09 28.05 -55.12
N ARG A 486 27.28 28.24 -53.82
CA ARG A 486 28.60 28.45 -53.24
C ARG A 486 29.47 27.21 -53.43
N TRP A 487 28.90 26.04 -53.16
CA TRP A 487 29.58 24.75 -53.31
C TRP A 487 30.05 24.54 -54.73
N TYR A 488 29.14 24.76 -55.68
CA TYR A 488 29.43 24.56 -57.09
C TYR A 488 30.63 25.37 -57.53
N LEU A 489 30.69 26.64 -57.13
CA LEU A 489 31.79 27.53 -57.52
C LEU A 489 33.14 27.14 -56.94
N ASP A 490 33.14 26.49 -55.78
CA ASP A 490 34.38 26.00 -55.17
C ASP A 490 34.77 24.63 -55.74
N HIS A 491 33.82 23.95 -56.38
CA HIS A 491 34.06 22.66 -57.02
C HIS A 491 33.65 22.68 -58.49
N LYS A 492 33.83 23.82 -59.14
CA LYS A 492 33.34 24.10 -60.50
C LYS A 492 33.70 23.06 -61.57
N ASP A 493 34.89 22.49 -61.46
CA ASP A 493 35.35 21.52 -62.45
C ASP A 493 35.35 20.12 -61.85
N PHE A 494 34.16 19.51 -61.76
CA PHE A 494 34.00 18.26 -61.04
C PHE A 494 33.95 16.99 -61.91
N LYS A 495 32.98 16.93 -62.82
CA LYS A 495 32.73 15.73 -63.63
C LYS A 495 32.47 14.46 -62.79
N PRO A 496 31.19 14.17 -62.48
CA PRO A 496 30.81 13.00 -61.70
C PRO A 496 30.80 11.70 -62.51
N GLU A 497 31.15 10.58 -61.87
CA GLU A 497 31.12 9.27 -62.51
C GLU A 497 30.56 8.19 -61.56
N PHE A 498 29.78 7.25 -62.11
CA PHE A 498 29.18 6.17 -61.32
C PHE A 498 29.90 4.84 -61.52
N VAL A 499 29.89 4.00 -60.48
CA VAL A 499 30.42 2.63 -60.59
C VAL A 499 29.49 1.75 -61.41
N GLU A 500 28.20 2.09 -61.42
CA GLU A 500 27.20 1.30 -62.13
C GLU A 500 26.85 1.92 -63.48
N THR A 501 26.60 1.06 -64.47
CA THR A 501 26.21 1.50 -65.82
C THR A 501 24.74 1.89 -65.88
N ALA A 502 24.35 2.55 -66.97
CA ALA A 502 22.98 2.98 -67.18
C ALA A 502 22.01 1.82 -67.35
N GLU A 503 22.49 0.70 -67.88
CA GLU A 503 21.69 -0.51 -68.04
C GLU A 503 21.44 -1.16 -66.68
N GLU A 504 22.48 -1.19 -65.86
CA GLU A 504 22.39 -1.75 -64.51
C GLU A 504 21.39 -0.99 -63.66
N LEU A 505 21.39 0.33 -63.80
CA LEU A 505 20.44 1.20 -63.10
C LEU A 505 19.02 0.96 -63.57
N LYS A 506 18.85 0.87 -64.90
CA LYS A 506 17.55 0.63 -65.51
C LYS A 506 16.92 -0.71 -65.11
N THR A 507 17.74 -1.77 -65.05
CA THR A 507 17.22 -3.10 -64.69
C THR A 507 16.91 -3.21 -63.20
N LEU A 508 17.44 -2.27 -62.41
CA LEU A 508 17.15 -2.17 -60.98
C LEU A 508 15.80 -1.50 -60.76
N ILE A 509 15.61 -0.35 -61.39
CA ILE A 509 14.38 0.44 -61.27
C ILE A 509 13.17 -0.37 -61.69
N TYR A 510 13.29 -1.05 -62.82
CA TYR A 510 12.18 -1.81 -63.38
C TYR A 510 12.15 -3.28 -62.99
N ARG A 511 12.97 -3.65 -62.00
CA ARG A 511 12.98 -5.04 -61.51
C ARG A 511 11.56 -5.56 -61.20
N PRO A 512 10.78 -4.83 -60.38
CA PRO A 512 9.40 -5.25 -60.13
C PRO A 512 8.55 -5.44 -61.38
N TYR A 513 8.83 -4.70 -62.46
CA TYR A 513 8.15 -4.93 -63.72
C TYR A 513 8.52 -6.29 -64.32
N TYR A 514 9.82 -6.60 -64.32
CA TYR A 514 10.31 -7.88 -64.83
C TYR A 514 9.83 -9.04 -63.97
N ASN A 515 9.80 -8.81 -62.65
CA ASN A 515 9.26 -9.77 -61.71
C ASN A 515 7.84 -10.17 -62.08
N TYR A 516 7.03 -9.17 -62.44
CA TYR A 516 5.65 -9.42 -62.82
C TYR A 516 5.56 -10.12 -64.17
N GLU A 517 6.33 -9.64 -65.13
CA GLU A 517 6.32 -10.19 -66.48
C GLU A 517 6.70 -11.67 -66.46
N LYS A 518 7.80 -11.98 -65.79
CA LYS A 518 8.36 -13.33 -65.78
C LYS A 518 7.53 -14.32 -64.95
N GLY A 519 6.74 -13.80 -64.02
CA GLY A 519 5.97 -14.64 -63.09
C GLY A 519 4.46 -14.63 -63.23
N LYS A 520 3.93 -13.76 -64.09
CA LYS A 520 2.48 -13.60 -64.19
C LYS A 520 1.75 -14.85 -64.71
N GLY A 521 2.45 -15.65 -65.51
CA GLY A 521 1.87 -16.85 -66.10
C GLY A 521 1.49 -17.92 -65.09
N ALA A 522 1.99 -17.79 -63.87
CA ALA A 522 1.84 -18.80 -62.83
C ALA A 522 0.43 -18.86 -62.25
N SER A 523 -0.31 -17.76 -62.34
CA SER A 523 -1.61 -17.64 -61.69
C SER A 523 -2.68 -17.02 -62.61
N THR A 524 -3.93 -17.41 -62.39
CA THR A 524 -5.07 -16.82 -63.11
C THR A 524 -5.45 -15.46 -62.55
N CYS A 525 -4.94 -15.14 -61.36
CA CYS A 525 -5.14 -13.85 -60.75
C CYS A 525 -3.79 -13.15 -60.53
N PRO A 526 -3.67 -11.87 -60.96
CA PRO A 526 -2.42 -11.11 -60.88
C PRO A 526 -1.96 -10.80 -59.45
N VAL A 527 -2.90 -10.77 -58.51
CA VAL A 527 -2.56 -10.44 -57.12
C VAL A 527 -2.11 -11.68 -56.34
N VAL A 528 -2.97 -12.71 -56.28
CA VAL A 528 -2.61 -13.97 -55.62
C VAL A 528 -1.73 -14.79 -56.54
N ASN A 529 -0.43 -14.70 -56.32
CA ASN A 529 0.58 -15.32 -57.17
C ASN A 529 1.82 -15.60 -56.31
N PRO A 530 2.33 -16.84 -56.34
CA PRO A 530 3.43 -17.21 -55.46
C PRO A 530 4.80 -16.67 -55.89
N GLU A 531 4.89 -16.18 -57.13
CA GLU A 531 6.17 -15.75 -57.71
C GLU A 531 6.67 -14.38 -57.25
N TYR A 532 5.73 -13.47 -56.97
CA TYR A 532 6.06 -12.11 -56.55
C TYR A 532 5.15 -11.65 -55.42
N ILE A 533 5.22 -10.36 -55.09
CA ILE A 533 4.35 -9.77 -54.08
C ILE A 533 3.79 -8.41 -54.50
N SER A 534 2.48 -8.23 -54.33
CA SER A 534 1.79 -6.96 -54.61
C SER A 534 2.33 -5.84 -53.70
N PRO A 535 2.44 -4.60 -54.23
CA PRO A 535 2.87 -3.48 -53.39
C PRO A 535 1.88 -3.15 -52.27
N LYS A 536 0.57 -3.32 -52.54
CA LYS A 536 -0.49 -3.12 -51.54
C LYS A 536 -0.40 -4.14 -50.41
N ASN A 537 0.03 -5.36 -50.73
CA ASN A 537 0.23 -6.40 -49.73
C ASN A 537 1.51 -6.22 -48.93
N PHE A 538 2.55 -5.73 -49.60
CA PHE A 538 3.81 -5.37 -48.94
C PHE A 538 3.53 -4.28 -47.94
N MET A 539 2.79 -3.26 -48.40
CA MET A 539 2.35 -2.12 -47.60
C MET A 539 1.71 -2.58 -46.30
N MET A 540 0.83 -3.57 -46.41
CA MET A 540 0.04 -4.09 -45.30
C MET A 540 0.86 -4.94 -44.33
N ARG A 541 1.66 -5.83 -44.89
CA ARG A 541 2.50 -6.72 -44.10
C ARG A 541 3.50 -5.94 -43.25
N LEU A 542 3.98 -4.83 -43.78
CA LEU A 542 4.90 -3.95 -43.06
C LEU A 542 4.22 -3.22 -41.91
N ILE A 543 3.19 -2.44 -42.22
CA ILE A 543 2.46 -1.66 -41.20
C ILE A 543 1.90 -2.52 -40.07
N LYS A 544 1.66 -3.80 -40.37
CA LYS A 544 1.24 -4.76 -39.36
C LYS A 544 2.40 -5.10 -38.42
N CYS A 545 3.54 -5.45 -39.01
CA CYS A 545 4.74 -5.78 -38.25
C CYS A 545 5.16 -4.62 -37.35
N THR A 546 5.10 -3.40 -37.89
CA THR A 546 5.48 -2.21 -37.15
C THR A 546 4.51 -1.93 -36.01
N ASP A 547 3.22 -2.08 -36.27
CA ASP A 547 2.18 -1.87 -35.26
C ASP A 547 2.40 -2.77 -34.05
N GLU A 548 2.70 -4.04 -34.31
CA GLU A 548 2.72 -5.06 -33.28
C GLU A 548 4.04 -5.17 -32.53
N TYR A 549 5.12 -4.70 -33.14
CA TYR A 549 6.44 -4.84 -32.55
C TYR A 549 7.23 -3.54 -32.44
N GLY A 550 6.76 -2.50 -33.12
CA GLY A 550 7.44 -1.20 -33.08
C GLY A 550 6.75 -0.15 -32.23
N GLY A 551 5.68 -0.55 -31.55
CA GLY A 551 4.95 0.35 -30.66
C GLY A 551 3.91 1.20 -31.37
N GLY A 552 3.08 0.58 -32.19
CA GLY A 552 1.99 1.26 -32.89
C GLY A 552 0.80 1.50 -31.99
N VAL A 553 -0.36 1.79 -32.59
CA VAL A 553 -1.59 2.02 -31.83
C VAL A 553 -2.09 0.77 -31.11
N GLY A 554 -2.06 -0.37 -31.78
CA GLY A 554 -2.61 -1.62 -31.24
C GLY A 554 -2.03 -2.03 -29.90
N THR A 555 -0.81 -1.60 -29.64
CA THR A 555 -0.08 -1.98 -28.44
C THR A 555 0.08 -0.79 -27.47
N TYR A 556 -0.79 0.20 -27.65
CA TYR A 556 -0.76 1.46 -26.87
C TYR A 556 0.63 2.12 -26.83
N TYR A 557 1.26 2.17 -28.01
CA TYR A 557 2.57 2.79 -28.22
C TYR A 557 3.69 2.14 -27.41
N ASN A 558 3.56 0.83 -27.19
CA ASN A 558 4.47 0.12 -26.29
C ASN A 558 5.41 -0.86 -26.99
N THR A 559 6.69 -0.80 -26.61
CA THR A 559 7.70 -1.68 -27.19
C THR A 559 8.78 -2.05 -26.16
N SER A 560 9.64 -3.00 -26.53
CA SER A 560 10.73 -3.45 -25.67
C SER A 560 11.79 -4.07 -26.56
N LYS A 561 12.92 -4.47 -25.98
CA LYS A 561 13.99 -5.17 -26.72
C LYS A 561 13.48 -6.48 -27.33
N ALA A 562 12.66 -7.21 -26.58
CA ALA A 562 12.11 -8.49 -27.03
C ALA A 562 11.14 -8.30 -28.20
N LEU A 563 10.22 -7.36 -28.05
CA LEU A 563 9.24 -7.06 -29.10
C LEU A 563 9.91 -6.59 -30.38
N LEU A 564 10.91 -5.71 -30.24
CA LEU A 564 11.67 -5.20 -31.37
C LEU A 564 12.42 -6.29 -32.11
N ASP A 565 13.06 -7.19 -31.35
CA ASP A 565 13.78 -8.34 -31.92
C ASP A 565 12.91 -9.21 -32.80
N THR A 566 11.68 -9.47 -32.37
CA THR A 566 10.71 -10.21 -33.17
C THR A 566 10.40 -9.41 -34.42
N GLY A 567 10.18 -8.11 -34.24
CA GLY A 567 9.99 -7.18 -35.35
C GLY A 567 11.08 -7.35 -36.39
N PHE A 568 12.33 -7.21 -35.96
CA PHE A 568 13.50 -7.32 -36.85
C PHE A 568 13.58 -8.63 -37.64
N TRP A 569 13.21 -9.74 -36.98
CA TRP A 569 13.21 -11.07 -37.60
C TRP A 569 12.28 -11.15 -38.80
N LEU A 570 11.10 -10.55 -38.67
CA LEU A 570 10.12 -10.45 -39.77
C LEU A 570 10.57 -9.41 -40.79
N MET A 571 11.13 -8.33 -40.28
CA MET A 571 11.60 -7.19 -41.08
C MET A 571 12.57 -7.62 -42.17
N GLU A 572 13.45 -8.57 -41.85
CA GLU A 572 14.50 -8.97 -42.79
C GLU A 572 14.13 -10.20 -43.63
N MET A 573 12.92 -10.73 -43.44
CA MET A 573 12.31 -11.63 -44.41
C MET A 573 11.57 -10.75 -45.42
N LEU A 574 11.03 -9.65 -44.91
CA LEU A 574 10.37 -8.65 -45.74
C LEU A 574 11.37 -7.91 -46.63
N GLU A 575 12.58 -7.68 -46.11
CA GLU A 575 13.67 -7.07 -46.87
C GLU A 575 14.02 -7.95 -48.07
N GLU A 576 14.15 -9.24 -47.80
CA GLU A 576 14.38 -10.26 -48.83
C GLU A 576 13.24 -10.30 -49.84
N ASP A 577 12.01 -10.33 -49.33
CA ASP A 577 10.83 -10.40 -50.19
C ASP A 577 10.63 -9.20 -51.10
N SER A 578 11.20 -8.05 -50.72
CA SER A 578 11.11 -6.83 -51.51
C SER A 578 11.76 -6.98 -52.90
N LEU A 579 12.71 -7.91 -52.98
CA LEU A 579 13.37 -8.24 -54.25
C LEU A 579 12.39 -8.86 -55.23
N LYS A 580 11.29 -9.38 -54.72
CA LYS A 580 10.27 -10.02 -55.54
C LYS A 580 8.97 -9.21 -55.57
N LEU A 581 9.06 -7.89 -55.44
CA LEU A 581 7.91 -7.00 -55.65
C LEU A 581 7.47 -6.99 -57.12
N ALA A 582 6.21 -6.65 -57.39
CA ALA A 582 5.70 -6.67 -58.78
C ALA A 582 4.87 -5.45 -59.16
N ALA A 583 5.00 -5.04 -60.42
CA ALA A 583 4.28 -3.87 -60.92
C ALA A 583 3.56 -4.18 -62.23
N ARG A 584 2.24 -3.99 -62.23
CA ARG A 584 1.42 -4.20 -63.42
C ARG A 584 1.40 -2.94 -64.28
N ASP A 585 1.51 -1.79 -63.63
CA ASP A 585 1.46 -0.49 -64.30
C ASP A 585 2.43 0.48 -63.64
N LEU A 586 2.52 1.71 -64.17
CA LEU A 586 3.45 2.69 -63.63
C LEU A 586 3.10 3.15 -62.22
N HIS A 587 1.81 3.26 -61.94
CA HIS A 587 1.34 3.64 -60.60
C HIS A 587 1.73 2.58 -59.56
N GLU A 588 1.77 1.32 -59.97
CA GLU A 588 2.20 0.24 -59.09
C GLU A 588 3.71 0.24 -58.86
N LEU A 589 4.47 0.61 -59.89
CA LEU A 589 5.91 0.77 -59.78
C LEU A 589 6.27 1.90 -58.82
N LEU A 590 5.41 2.92 -58.77
CA LEU A 590 5.56 4.03 -57.84
C LEU A 590 5.41 3.55 -56.39
N ARG A 591 4.32 2.80 -56.14
CA ARG A 591 4.04 2.19 -54.83
C ARG A 591 5.12 1.19 -54.41
N CYS A 592 5.60 0.40 -55.36
CA CYS A 592 6.69 -0.55 -55.16
C CYS A 592 7.94 0.09 -54.55
N TRP A 593 8.31 1.27 -55.05
CA TRP A 593 9.51 1.95 -54.56
C TRP A 593 9.26 2.78 -53.32
N GLU A 594 8.03 3.26 -53.18
CA GLU A 594 7.63 4.03 -52.01
C GLU A 594 7.59 3.14 -50.76
N ASN A 595 7.05 1.94 -50.91
CA ASN A 595 6.98 0.99 -49.81
C ASN A 595 8.36 0.45 -49.43
N TYR A 596 9.26 0.41 -50.40
CA TYR A 596 10.65 0.06 -50.10
C TYR A 596 11.35 1.15 -49.29
N HIS A 597 11.06 2.41 -49.61
CA HIS A 597 11.52 3.53 -48.80
C HIS A 597 10.86 3.47 -47.42
N ARG A 598 9.59 3.06 -47.39
CA ARG A 598 8.87 2.96 -46.13
C ARG A 598 9.47 1.91 -45.18
N LEU A 599 10.01 0.83 -45.75
CA LEU A 599 10.63 -0.23 -44.94
C LEU A 599 11.91 0.28 -44.29
N TRP A 600 12.86 0.72 -45.12
CA TRP A 600 14.19 1.13 -44.70
C TRP A 600 14.14 2.17 -43.56
N THR A 601 13.20 3.12 -43.65
CA THR A 601 13.03 4.17 -42.63
C THR A 601 12.46 3.64 -41.32
N VAL A 602 11.27 3.03 -41.38
CA VAL A 602 10.60 2.53 -40.19
C VAL A 602 11.47 1.51 -39.45
N ARG A 603 12.31 0.79 -40.19
CA ARG A 603 13.26 -0.14 -39.61
C ARG A 603 14.35 0.63 -38.88
N LEU A 604 14.87 1.67 -39.53
CA LEU A 604 15.91 2.52 -38.93
C LEU A 604 15.39 3.21 -37.67
N HIS A 605 14.14 3.66 -37.73
CA HIS A 605 13.46 4.25 -36.58
C HIS A 605 13.41 3.28 -35.39
N MET A 606 13.20 2.01 -35.69
CA MET A 606 13.15 0.97 -34.66
C MET A 606 14.55 0.61 -34.12
N GLN A 607 15.54 0.59 -35.02
CA GLN A 607 16.92 0.32 -34.65
C GLN A 607 17.45 1.39 -33.70
N HIS A 608 16.93 2.61 -33.86
CA HIS A 608 17.26 3.71 -32.99
C HIS A 608 16.60 3.58 -31.61
N ILE A 609 15.29 3.29 -31.58
CA ILE A 609 14.60 3.09 -30.29
C ILE A 609 15.10 1.84 -29.55
N ALA A 610 15.55 0.83 -30.31
CA ALA A 610 16.17 -0.36 -29.73
C ALA A 610 17.46 -0.01 -29.02
N PHE A 611 18.21 0.92 -29.59
CA PHE A 611 19.50 1.35 -29.03
C PHE A 611 19.32 2.20 -27.77
N ARG A 612 18.50 3.24 -27.87
CA ARG A 612 18.29 4.16 -26.74
C ARG A 612 17.55 3.45 -25.62
N GLU A 613 18.27 3.21 -24.51
CA GLU A 613 17.75 2.44 -23.37
C GLU A 613 17.07 3.28 -22.30
N GLU A 614 16.15 4.14 -22.75
CA GLU A 614 15.27 4.92 -21.89
C GLU A 614 14.00 5.23 -22.70
N SER A 615 12.97 5.71 -22.02
CA SER A 615 11.76 6.15 -22.72
C SER A 615 11.73 7.68 -22.77
N ARG A 616 12.51 8.24 -23.69
CA ARG A 616 12.72 9.70 -23.82
C ARG A 616 11.44 10.47 -24.16
N TYR A 617 10.53 9.82 -24.87
CA TYR A 617 9.30 10.46 -25.31
C TYR A 617 8.04 9.74 -24.78
N PRO A 618 7.81 9.80 -23.44
CA PRO A 618 6.65 9.11 -22.89
C PRO A 618 5.35 9.73 -23.39
N GLY A 619 4.44 8.88 -23.88
CA GLY A 619 3.21 9.33 -24.50
C GLY A 619 3.31 9.25 -26.00
N PHE A 620 4.54 9.15 -26.50
CA PHE A 620 4.79 8.93 -27.92
C PHE A 620 5.15 7.46 -28.15
N TYR A 621 6.07 6.96 -27.33
CA TYR A 621 6.38 5.53 -27.25
C TYR A 621 7.07 5.22 -25.93
N TYR A 622 6.85 4.01 -25.44
CA TYR A 622 7.47 3.56 -24.19
C TYR A 622 8.37 2.35 -24.44
N ARG A 623 9.54 2.34 -23.81
CA ARG A 623 10.31 1.12 -23.67
C ARG A 623 9.86 0.45 -22.37
N ALA A 624 9.15 -0.66 -22.48
CA ALA A 624 8.64 -1.40 -21.32
C ALA A 624 9.76 -1.85 -20.40
N ASP A 625 10.91 -2.18 -21.00
CA ASP A 625 12.09 -2.63 -20.27
C ASP A 625 13.00 -1.47 -19.79
N PHE A 626 12.70 -0.24 -20.22
CA PHE A 626 13.40 0.95 -19.75
C PHE A 626 12.42 2.12 -19.65
N LEU A 627 11.54 2.04 -18.65
CA LEU A 627 10.33 2.85 -18.57
C LEU A 627 10.59 4.35 -18.41
N GLY A 628 11.59 4.72 -17.60
CA GLY A 628 11.86 6.12 -17.30
C GLY A 628 13.01 6.71 -18.09
N LEU A 629 13.09 8.04 -18.13
CA LEU A 629 14.23 8.69 -18.78
C LEU A 629 15.48 8.73 -17.90
N ASP A 630 16.63 8.83 -18.54
CA ASP A 630 17.92 8.70 -17.89
C ASP A 630 18.94 9.68 -18.46
N ASP A 631 19.17 10.77 -17.73
CA ASP A 631 20.13 11.80 -18.14
C ASP A 631 21.57 11.41 -17.81
N SER A 632 21.75 10.28 -17.13
CA SER A 632 23.07 9.79 -16.79
C SER A 632 23.77 9.24 -18.03
N LYS A 633 23.15 8.25 -18.65
CA LYS A 633 23.76 7.51 -19.76
C LYS A 633 23.28 7.95 -21.14
N TRP A 634 22.17 8.68 -21.19
CA TRP A 634 21.49 8.95 -22.46
C TRP A 634 21.16 10.43 -22.73
N LYS A 635 21.89 11.33 -22.09
CA LYS A 635 21.79 12.76 -22.39
C LYS A 635 22.69 13.04 -23.60
N CYS A 636 22.12 12.87 -24.79
CA CYS A 636 22.86 12.95 -26.05
C CYS A 636 21.96 12.58 -27.22
N PHE A 637 22.48 12.81 -28.43
CA PHE A 637 21.80 12.34 -29.63
C PHE A 637 22.20 10.89 -29.88
N VAL A 638 21.39 10.18 -30.66
CA VAL A 638 21.73 8.85 -31.13
C VAL A 638 21.80 8.92 -32.65
N ASN A 639 23.00 8.69 -33.17
CA ASN A 639 23.25 8.77 -34.60
C ASN A 639 23.57 7.40 -35.18
N SER A 640 23.42 7.27 -36.49
CA SER A 640 23.82 6.06 -37.20
C SER A 640 24.39 6.40 -38.57
N LYS A 641 25.28 5.55 -39.04
CA LYS A 641 25.85 5.66 -40.39
C LYS A 641 25.82 4.30 -41.05
N TYR A 642 25.19 4.22 -42.21
CA TYR A 642 25.10 2.98 -42.98
C TYR A 642 26.32 2.83 -43.88
N ASP A 643 26.85 1.61 -43.93
CA ASP A 643 27.99 1.30 -44.79
C ASP A 643 27.50 0.58 -46.05
N PRO A 644 27.56 1.25 -47.22
CA PRO A 644 27.07 0.68 -48.48
C PRO A 644 27.84 -0.57 -48.92
N ALA A 645 29.17 -0.51 -48.84
CA ALA A 645 30.05 -1.60 -49.24
C ALA A 645 29.90 -2.84 -48.37
N LYS A 646 29.64 -2.63 -47.08
CA LYS A 646 29.61 -3.73 -46.11
C LYS A 646 28.18 -4.05 -45.64
N LYS A 647 27.20 -3.32 -46.17
CA LYS A 647 25.77 -3.46 -45.81
C LYS A 647 25.56 -3.61 -44.30
N GLU A 648 26.13 -2.68 -43.56
CA GLU A 648 26.12 -2.69 -42.10
C GLU A 648 25.78 -1.29 -41.58
N THR A 649 24.95 -1.24 -40.55
CA THR A 649 24.62 0.02 -39.90
C THR A 649 25.33 0.12 -38.56
N LYS A 650 25.83 1.31 -38.23
CA LYS A 650 26.53 1.51 -36.98
C LYS A 650 25.82 2.58 -36.17
N ILE A 651 25.16 2.17 -35.09
CA ILE A 651 24.41 3.09 -34.23
C ILE A 651 25.26 3.47 -33.01
N PHE A 652 25.42 4.77 -32.79
CA PHE A 652 26.32 5.30 -31.77
C PHE A 652 25.74 6.53 -31.08
N LYS A 653 26.29 6.88 -29.92
CA LYS A 653 25.90 8.10 -29.22
C LYS A 653 26.64 9.31 -29.79
N LYS A 654 25.96 10.46 -29.81
CA LYS A 654 26.57 11.70 -30.27
C LYS A 654 26.27 12.80 -29.26
N PRO A 655 27.32 13.43 -28.70
CA PRO A 655 27.21 14.39 -27.60
C PRO A 655 26.34 15.59 -27.92
N TYR A 656 25.62 16.08 -26.92
CA TYR A 656 24.76 17.25 -27.06
C TYR A 656 25.40 18.46 -26.37
N TYR A 657 25.51 19.56 -27.10
CA TYR A 657 26.06 20.80 -26.56
C TYR A 657 24.92 21.76 -26.20
N GLN A 658 24.86 22.17 -24.94
CA GLN A 658 23.91 23.20 -24.53
C GLN A 658 24.47 24.57 -24.90
N ILE A 659 23.64 25.37 -25.55
CA ILE A 659 24.07 26.68 -26.05
C ILE A 659 23.27 27.83 -25.42
N ILE A 660 21.94 27.75 -25.50
CA ILE A 660 21.05 28.73 -24.88
C ILE A 660 20.78 28.31 -23.43
N PRO A 661 21.03 29.22 -22.47
CA PRO A 661 20.90 28.92 -21.03
C PRO A 661 19.47 28.62 -20.56
N ASP A 662 19.30 28.54 -19.23
CA ASP A 662 18.02 28.20 -18.59
C ASP A 662 17.60 26.75 -18.86
N PRO B 1 -12.49 9.73 -50.19
CA PRO B 1 -12.13 9.44 -51.57
C PRO B 1 -12.96 10.25 -52.55
N THR B 2 -12.46 10.37 -53.77
CA THR B 2 -13.08 11.18 -54.80
C THR B 2 -13.57 10.32 -55.96
N TYR B 3 -14.67 10.74 -56.58
CA TYR B 3 -15.22 10.07 -57.75
C TYR B 3 -15.64 11.11 -58.78
N VAL B 4 -15.75 10.68 -60.02
CA VAL B 4 -16.09 11.57 -61.12
C VAL B 4 -17.52 11.33 -61.59
N ASP B 5 -18.25 12.43 -61.80
CA ASP B 5 -19.58 12.39 -62.36
C ASP B 5 -19.43 12.22 -63.88
N PRO B 6 -19.82 11.04 -64.42
CA PRO B 6 -19.61 10.77 -65.85
C PRO B 6 -20.42 11.70 -66.76
N SER B 7 -21.56 12.17 -66.28
CA SER B 7 -22.41 13.07 -67.05
C SER B 7 -21.84 14.49 -67.14
N LYS B 8 -20.96 14.83 -66.20
CA LYS B 8 -20.31 16.16 -66.17
C LYS B 8 -18.93 16.17 -66.83
N CYS B 9 -18.19 15.07 -66.69
CA CYS B 9 -16.82 14.94 -67.19
C CYS B 9 -16.74 14.85 -68.71
N ASP B 10 -15.87 15.67 -69.30
CA ASP B 10 -15.65 15.68 -70.76
C ASP B 10 -14.23 15.23 -71.15
N GLY B 11 -13.42 14.93 -70.14
CA GLY B 11 -12.07 14.43 -70.34
C GLY B 11 -11.05 15.48 -70.71
N CYS B 12 -11.40 16.75 -70.49
CA CYS B 12 -10.59 17.91 -70.89
C CYS B 12 -10.21 17.86 -72.37
N LYS B 13 -11.16 18.21 -73.24
CA LYS B 13 -10.96 18.13 -74.71
C LYS B 13 -9.89 19.09 -75.22
N GLY B 14 -9.98 20.36 -74.82
CA GLY B 14 -9.00 21.38 -75.17
C GLY B 14 -7.92 21.55 -74.12
N GLY B 15 -6.86 22.29 -74.47
CA GLY B 15 -5.72 22.56 -73.58
C GLY B 15 -5.18 21.30 -72.92
N GLU B 16 -4.50 20.46 -73.72
CA GLU B 16 -4.22 19.05 -73.39
C GLU B 16 -3.52 18.73 -72.05
N LYS B 17 -3.91 19.44 -71.00
CA LYS B 17 -3.67 19.01 -69.63
C LYS B 17 -4.97 18.45 -69.05
N THR B 18 -4.89 17.24 -68.49
CA THR B 18 -6.01 16.64 -67.78
C THR B 18 -5.95 17.13 -66.34
N ALA B 19 -6.66 18.23 -66.09
CA ALA B 19 -6.55 18.97 -64.82
C ALA B 19 -6.43 18.09 -63.57
N CYS B 20 -7.35 17.13 -63.43
CA CYS B 20 -7.36 16.23 -62.30
C CYS B 20 -6.10 15.36 -62.27
N MET B 21 -5.81 14.70 -63.38
CA MET B 21 -4.66 13.79 -63.49
C MET B 21 -3.34 14.54 -63.29
N TYR B 22 -3.26 15.76 -63.81
CA TYR B 22 -2.09 16.61 -63.65
C TYR B 22 -1.84 16.96 -62.18
N ILE B 23 -2.88 17.37 -61.47
CA ILE B 23 -2.73 18.00 -60.16
C ILE B 23 -2.51 17.04 -58.96
N CYS B 24 -3.16 15.88 -58.99
CA CYS B 24 -3.16 14.97 -57.84
C CYS B 24 -1.77 14.68 -57.26
N PRO B 25 -1.53 15.09 -56.00
CA PRO B 25 -0.23 14.89 -55.35
C PRO B 25 0.14 13.41 -55.18
N ASN B 26 -0.85 12.52 -55.26
CA ASN B 26 -0.63 11.11 -55.01
C ASN B 26 -0.84 10.21 -56.24
N ASP B 27 -0.97 10.84 -57.40
CA ASP B 27 -1.03 10.13 -58.70
C ASP B 27 -2.25 9.21 -58.79
N LEU B 28 -3.39 9.68 -58.28
CA LEU B 28 -4.59 8.84 -58.17
C LEU B 28 -5.58 9.05 -59.30
N MET B 29 -5.64 10.28 -59.82
CA MET B 29 -6.53 10.61 -60.92
C MET B 29 -5.91 10.21 -62.24
N ILE B 30 -6.69 9.48 -63.03
CA ILE B 30 -6.24 9.01 -64.34
C ILE B 30 -7.41 8.95 -65.32
N LEU B 31 -7.14 9.30 -66.58
CA LEU B 31 -8.15 9.39 -67.62
C LEU B 31 -8.23 8.09 -68.43
N ASP B 32 -9.45 7.61 -68.64
CA ASP B 32 -9.73 6.58 -69.65
C ASP B 32 -9.81 7.31 -70.98
N PRO B 33 -8.82 7.07 -71.87
CA PRO B 33 -8.69 7.83 -73.12
C PRO B 33 -9.80 7.55 -74.14
N GLU B 34 -10.31 6.31 -74.17
CA GLU B 34 -11.37 5.95 -75.10
C GLU B 34 -12.69 6.59 -74.67
N GLU B 35 -13.05 6.37 -73.41
CA GLU B 35 -14.31 6.88 -72.87
C GLU B 35 -14.31 8.40 -72.62
N MET B 36 -13.12 8.99 -72.59
CA MET B 36 -12.92 10.41 -72.23
C MET B 36 -13.57 10.76 -70.87
N LYS B 37 -13.44 9.83 -69.93
CA LYS B 37 -13.89 9.99 -68.55
C LYS B 37 -12.72 9.65 -67.63
N ALA B 38 -12.65 10.32 -66.48
CA ALA B 38 -11.58 10.07 -65.52
C ALA B 38 -12.10 9.34 -64.29
N PHE B 39 -11.17 8.82 -63.49
CA PHE B 39 -11.50 8.16 -62.22
C PHE B 39 -10.33 8.17 -61.23
N ASN B 40 -10.61 7.81 -59.99
CA ASN B 40 -9.59 7.65 -58.96
C ASN B 40 -9.16 6.18 -58.93
N GLN B 41 -7.91 5.93 -59.30
CA GLN B 41 -7.43 4.55 -59.49
C GLN B 41 -7.11 3.82 -58.18
N GLU B 42 -6.95 4.56 -57.09
CA GLU B 42 -6.62 3.97 -55.81
C GLU B 42 -7.22 4.81 -54.67
N PRO B 43 -8.54 4.65 -54.44
CA PRO B 43 -9.30 5.53 -53.56
C PRO B 43 -8.86 5.48 -52.10
N GLU B 44 -8.25 4.37 -51.68
CA GLU B 44 -7.80 4.19 -50.30
C GLU B 44 -6.45 4.85 -50.04
N ALA B 45 -5.92 5.53 -51.05
CA ALA B 45 -4.70 6.31 -50.93
C ALA B 45 -5.01 7.79 -51.09
N CYS B 46 -6.30 8.12 -51.05
CA CYS B 46 -6.77 9.50 -51.17
C CYS B 46 -6.71 10.23 -49.84
N TRP B 47 -5.94 11.31 -49.81
CA TRP B 47 -5.77 12.14 -48.61
C TRP B 47 -6.91 13.15 -48.49
N GLU B 48 -7.82 13.11 -49.48
CA GLU B 48 -9.00 13.98 -49.55
C GLU B 48 -8.60 15.46 -49.41
N CYS B 49 -7.63 15.88 -50.23
CA CYS B 49 -7.05 17.21 -50.16
C CYS B 49 -7.79 18.24 -51.04
N TYR B 50 -8.75 17.77 -51.83
CA TYR B 50 -9.57 18.61 -52.71
C TYR B 50 -8.85 19.29 -53.88
N SER B 51 -7.54 19.02 -54.03
CA SER B 51 -6.76 19.57 -55.14
C SER B 51 -7.42 19.34 -56.50
N CYS B 52 -7.85 18.11 -56.75
CA CYS B 52 -8.51 17.75 -58.01
C CYS B 52 -9.95 18.29 -58.09
N ILE B 53 -10.61 18.34 -56.94
CA ILE B 53 -11.98 18.85 -56.85
C ILE B 53 -12.04 20.33 -57.20
N LYS B 54 -11.02 21.08 -56.76
CA LYS B 54 -10.90 22.50 -57.06
C LYS B 54 -10.54 22.77 -58.52
N ILE B 55 -9.57 22.03 -59.04
CA ILE B 55 -9.04 22.29 -60.38
C ILE B 55 -9.96 21.87 -61.53
N CYS B 56 -10.89 20.96 -61.27
CA CYS B 56 -11.78 20.45 -62.33
C CYS B 56 -12.64 21.55 -62.94
N PRO B 57 -12.46 21.80 -64.26
CA PRO B 57 -13.20 22.82 -65.00
C PRO B 57 -14.70 22.54 -65.01
N GLN B 58 -15.08 21.29 -65.28
CA GLN B 58 -16.48 20.91 -65.34
C GLN B 58 -17.12 20.79 -63.95
N GLY B 59 -16.28 20.60 -62.94
CA GLY B 59 -16.76 20.39 -61.57
C GLY B 59 -17.35 19.00 -61.40
N ALA B 60 -16.83 18.05 -62.18
CA ALA B 60 -17.32 16.68 -62.20
C ALA B 60 -16.93 15.86 -60.96
N ILE B 61 -15.89 16.30 -60.25
CA ILE B 61 -15.38 15.55 -59.11
C ILE B 61 -16.01 16.00 -57.80
N THR B 62 -16.63 15.06 -57.10
CA THR B 62 -17.11 15.28 -55.74
C THR B 62 -16.39 14.30 -54.82
N ALA B 63 -16.52 14.50 -53.51
CA ALA B 63 -15.89 13.62 -52.55
C ALA B 63 -16.92 12.84 -51.73
N ARG B 64 -16.87 11.51 -51.83
CA ARG B 64 -17.60 10.66 -50.91
C ARG B 64 -16.71 10.36 -49.71
N PRO B 65 -17.08 10.87 -48.52
CA PRO B 65 -16.32 10.66 -47.30
C PRO B 65 -16.05 9.17 -47.03
N TYR B 66 -14.81 8.87 -46.64
CA TYR B 66 -14.34 7.51 -46.36
C TYR B 66 -15.45 6.58 -45.87
N ALA B 67 -15.77 5.59 -46.68
CA ALA B 67 -16.92 4.71 -46.45
C ALA B 67 -16.80 3.82 -45.21
N ASP B 68 -15.58 3.50 -44.82
CA ASP B 68 -15.33 2.58 -43.70
C ASP B 68 -15.37 3.25 -42.32
N PHE B 69 -15.79 4.52 -42.27
CA PHE B 69 -16.09 5.18 -41.00
C PHE B 69 -17.07 6.35 -41.10
N ALA B 70 -17.22 6.92 -42.30
CA ALA B 70 -18.13 8.04 -42.49
C ALA B 70 -19.46 7.60 -43.09
N PRO B 71 -20.58 7.88 -42.38
CA PRO B 71 -21.93 7.65 -42.89
C PRO B 71 -22.26 8.48 -44.12
N MET B 72 -23.35 8.13 -44.80
CA MET B 72 -23.73 8.76 -46.07
C MET B 72 -24.51 10.06 -45.89
N GLY B 73 -24.61 10.84 -46.96
CA GLY B 73 -25.42 12.07 -46.97
C GLY B 73 -24.64 13.37 -46.87
N GLY B 74 -23.49 13.35 -46.20
CA GLY B 74 -22.68 14.54 -45.97
C GLY B 74 -21.66 14.78 -47.06
N THR B 75 -21.44 16.06 -47.39
CA THR B 75 -20.49 16.46 -48.45
C THR B 75 -20.03 17.93 -48.32
N CYS B 76 -18.80 18.21 -48.73
CA CYS B 76 -18.30 19.58 -48.83
C CYS B 76 -18.01 19.94 -50.30
N ILE B 77 -18.57 21.06 -50.76
CA ILE B 77 -18.33 21.50 -52.12
C ILE B 77 -17.70 22.90 -52.19
N PRO B 78 -16.45 22.99 -52.66
CA PRO B 78 -15.80 24.28 -52.87
C PRO B 78 -16.14 24.89 -54.22
N LEU B 79 -15.93 26.20 -54.34
CA LEU B 79 -15.93 26.89 -55.62
C LEU B 79 -14.84 27.96 -55.56
N ARG B 80 -13.62 27.55 -55.90
CA ARG B 80 -12.43 28.37 -55.74
C ARG B 80 -12.27 29.34 -56.90
N GLY B 81 -12.44 30.63 -56.60
CA GLY B 81 -12.29 31.69 -57.59
C GLY B 81 -10.86 32.19 -57.69
N SER B 82 -10.69 33.33 -58.36
CA SER B 82 -9.37 33.93 -58.60
C SER B 82 -8.77 34.52 -57.32
N GLU B 83 -9.60 35.09 -56.46
CA GLU B 83 -9.12 35.73 -55.23
C GLU B 83 -9.82 35.27 -53.93
N ASP B 84 -10.83 34.41 -54.07
CA ASP B 84 -11.62 33.91 -52.93
C ASP B 84 -12.12 32.47 -53.12
N ILE B 85 -12.59 31.87 -52.03
CA ILE B 85 -13.14 30.52 -52.05
C ILE B 85 -14.50 30.47 -51.35
N MET B 86 -15.47 29.80 -51.97
CA MET B 86 -16.77 29.58 -51.35
C MET B 86 -16.96 28.11 -51.03
N TRP B 87 -17.27 27.81 -49.77
CA TRP B 87 -17.56 26.45 -49.35
C TRP B 87 -19.04 26.31 -49.04
N THR B 88 -19.63 25.19 -49.47
CA THR B 88 -20.97 24.82 -49.01
C THR B 88 -20.98 23.42 -48.41
N ILE B 89 -21.29 23.34 -47.12
CA ILE B 89 -21.30 22.09 -46.37
C ILE B 89 -22.72 21.55 -46.29
N LYS B 90 -22.97 20.44 -46.98
CA LYS B 90 -24.28 19.78 -46.94
C LYS B 90 -24.26 18.62 -45.94
N PHE B 91 -25.13 18.69 -44.93
CA PHE B 91 -25.18 17.69 -43.85
C PHE B 91 -26.05 16.49 -44.18
N ARG B 92 -25.91 15.43 -43.38
CA ARG B 92 -26.68 14.20 -43.52
C ARG B 92 -28.17 14.42 -43.30
N ASN B 93 -28.51 15.29 -42.35
CA ASN B 93 -29.90 15.61 -42.02
C ASN B 93 -30.56 16.65 -42.93
N GLY B 94 -29.78 17.27 -43.82
CA GLY B 94 -30.31 18.26 -44.75
C GLY B 94 -29.84 19.69 -44.51
N SER B 95 -29.24 19.93 -43.34
CA SER B 95 -28.69 21.25 -42.99
C SER B 95 -27.67 21.74 -44.02
N VAL B 96 -27.60 23.06 -44.19
CA VAL B 96 -26.59 23.67 -45.08
C VAL B 96 -25.97 24.89 -44.41
N LYS B 97 -24.63 24.89 -44.34
CA LYS B 97 -23.86 26.06 -43.91
C LYS B 97 -22.95 26.49 -45.06
N ARG B 98 -22.86 27.80 -45.29
CA ARG B 98 -21.99 28.34 -46.35
C ARG B 98 -20.92 29.26 -45.76
N PHE B 99 -19.77 29.33 -46.44
CA PHE B 99 -18.65 30.18 -46.02
C PHE B 99 -17.96 30.84 -47.21
N LYS B 100 -17.24 31.93 -46.94
CA LYS B 100 -16.42 32.60 -47.94
C LYS B 100 -15.11 33.08 -47.32
N PHE B 101 -13.99 32.70 -47.92
CA PHE B 101 -12.67 33.09 -47.41
C PHE B 101 -11.79 33.70 -48.50
N PRO B 102 -10.84 34.56 -48.11
CA PRO B 102 -9.82 35.02 -49.05
C PRO B 102 -8.80 33.91 -49.32
N ILE B 103 -8.28 33.85 -50.54
CA ILE B 103 -7.21 32.90 -50.84
C ILE B 103 -5.92 33.58 -51.28
N ARG B 104 -6.05 34.74 -51.92
CA ARG B 104 -4.91 35.49 -52.46
C ARG B 104 -5.26 36.96 -52.70
N THR B 105 -4.31 37.83 -52.36
CA THR B 105 -4.49 39.29 -52.56
C THR B 105 -4.01 39.74 -53.94
N THR B 106 -2.93 39.14 -54.44
CA THR B 106 -2.35 39.48 -55.74
C THR B 106 -2.90 38.57 -56.85
N PRO B 107 -2.91 39.06 -58.11
CA PRO B 107 -3.41 38.26 -59.24
C PRO B 107 -2.56 37.02 -59.50
N GLU B 108 -3.19 35.97 -60.03
CA GLU B 108 -2.53 34.70 -60.29
C GLU B 108 -1.45 34.85 -61.37
N GLY B 109 -0.27 34.29 -61.10
CA GLY B 109 0.83 34.29 -62.06
C GLY B 109 1.60 35.58 -62.18
N SER B 110 1.60 36.40 -61.13
CA SER B 110 2.15 37.75 -61.21
C SER B 110 3.42 38.00 -60.38
N ILE B 111 3.79 37.03 -59.54
CA ILE B 111 4.95 37.20 -58.64
C ILE B 111 6.27 37.37 -59.40
N LYS B 112 6.90 38.52 -59.23
CA LYS B 112 8.26 38.76 -59.71
C LYS B 112 9.18 38.61 -58.51
N PRO B 113 9.83 37.44 -58.38
CA PRO B 113 10.53 37.08 -57.14
C PRO B 113 11.68 38.02 -56.79
N PHE B 114 12.33 38.61 -57.79
CA PHE B 114 13.54 39.40 -57.58
C PHE B 114 13.39 40.91 -57.81
N GLU B 115 12.42 41.29 -58.66
CA GLU B 115 12.20 42.70 -59.00
C GLU B 115 12.19 43.58 -57.77
N GLY B 116 13.11 44.54 -57.75
CA GLY B 116 13.23 45.50 -56.66
C GLY B 116 14.19 45.08 -55.56
N LYS B 117 14.34 43.77 -55.39
CA LYS B 117 15.15 43.21 -54.29
C LYS B 117 16.66 43.36 -54.53
N PRO B 118 17.45 43.36 -53.45
CA PRO B 118 18.91 43.46 -53.55
C PRO B 118 19.51 42.34 -54.41
N GLU B 119 20.69 42.59 -54.97
CA GLU B 119 21.43 41.56 -55.70
C GLU B 119 22.24 40.69 -54.74
N ALA B 120 22.66 39.52 -55.22
CA ALA B 120 23.45 38.60 -54.42
C ALA B 120 24.71 39.27 -53.87
N GLY B 121 24.94 39.09 -52.57
CA GLY B 121 26.05 39.75 -51.88
C GLY B 121 27.27 38.86 -51.73
N ASP B 122 27.61 38.54 -50.48
CA ASP B 122 28.81 37.78 -50.17
C ASP B 122 28.55 36.28 -50.13
N LEU B 123 29.28 35.54 -50.97
CA LEU B 123 29.17 34.09 -51.04
C LEU B 123 29.72 33.40 -49.79
N GLU B 124 30.33 34.17 -48.90
CA GLU B 124 31.07 33.58 -47.79
C GLU B 124 30.48 33.80 -46.40
N ASN B 125 29.54 34.74 -46.27
CA ASN B 125 28.81 34.91 -45.03
C ASN B 125 27.46 34.18 -45.05
N GLU B 126 26.72 34.24 -43.96
CA GLU B 126 25.45 33.53 -43.84
C GLU B 126 24.22 34.34 -44.28
N LEU B 127 24.46 35.50 -44.87
CA LEU B 127 23.37 36.37 -45.34
C LEU B 127 22.70 35.86 -46.60
N LEU B 128 21.38 35.72 -46.54
CA LEU B 128 20.58 35.52 -47.74
C LEU B 128 20.55 36.85 -48.49
N PHE B 129 20.17 36.82 -49.76
CA PHE B 129 20.27 38.01 -50.61
C PHE B 129 19.39 39.19 -50.16
N THR B 130 18.28 38.89 -49.49
CA THR B 130 17.34 39.90 -48.99
C THR B 130 17.66 40.43 -47.60
N GLU B 131 18.70 39.86 -46.98
CA GLU B 131 19.09 40.24 -45.63
C GLU B 131 20.28 41.18 -45.63
N THR B 132 20.52 41.85 -44.49
CA THR B 132 21.66 42.76 -44.34
C THR B 132 22.44 42.50 -43.05
N ALA B 133 21.73 42.07 -42.01
CA ALA B 133 22.34 41.66 -40.74
C ALA B 133 21.59 40.47 -40.12
N LEU B 134 22.26 39.75 -39.22
CA LEU B 134 21.67 38.61 -38.53
C LEU B 134 21.99 38.63 -37.03
N THR B 135 21.05 38.14 -36.23
CA THR B 135 21.21 38.10 -34.77
C THR B 135 22.25 37.06 -34.34
N VAL B 136 22.88 37.31 -33.20
CA VAL B 136 23.82 36.39 -32.58
C VAL B 136 23.30 36.08 -31.18
N PRO B 137 23.35 34.80 -30.75
CA PRO B 137 22.79 34.39 -29.46
C PRO B 137 23.13 35.34 -28.31
N GLN B 138 22.12 35.70 -27.51
CA GLN B 138 22.29 36.55 -26.33
C GLN B 138 23.51 36.12 -25.52
N VAL B 139 23.43 34.92 -24.95
CA VAL B 139 24.55 34.28 -24.26
C VAL B 139 24.74 32.91 -24.92
N ALA B 140 25.98 32.62 -25.34
CA ALA B 140 26.28 31.36 -26.03
C ALA B 140 27.24 30.50 -25.23
N LEU B 141 26.85 29.25 -25.00
CA LEU B 141 27.65 28.31 -24.21
C LEU B 141 28.20 27.20 -25.09
N GLY B 142 29.24 26.52 -24.60
CA GLY B 142 29.81 25.36 -25.31
C GLY B 142 29.92 24.17 -24.38
N GLN B 143 28.86 23.91 -23.61
CA GLN B 143 28.87 22.86 -22.60
C GLN B 143 28.53 21.49 -23.17
N LYS B 144 29.54 20.63 -23.28
CA LYS B 144 29.35 19.25 -23.71
C LYS B 144 28.57 18.47 -22.64
N ALA B 145 27.73 17.54 -23.09
CA ALA B 145 26.87 16.77 -22.19
C ALA B 145 27.66 15.81 -21.31
N GLN B 146 28.51 14.99 -21.95
CA GLN B 146 29.30 13.96 -21.26
C GLN B 146 28.45 12.82 -20.67
N ILE B 147 28.75 11.60 -21.09
CA ILE B 147 28.00 10.43 -20.63
C ILE B 147 28.89 9.41 -19.91
N ALA B 148 28.38 8.91 -18.78
CA ALA B 148 29.15 8.05 -17.85
C ALA B 148 29.74 6.78 -18.47
N ASP B 149 28.98 6.14 -19.36
CA ASP B 149 29.43 4.98 -20.15
C ASP B 149 29.58 3.68 -19.34
N ALA B 150 30.33 3.74 -18.25
CA ALA B 150 30.59 2.58 -17.40
C ALA B 150 29.31 1.95 -16.86
N GLU B 151 29.20 0.63 -17.01
CA GLU B 151 28.00 -0.12 -16.60
C GLU B 151 27.89 -0.30 -15.08
N THR B 152 28.92 0.10 -14.34
CA THR B 152 28.92 0.01 -12.88
C THR B 152 29.20 1.33 -12.20
N SER B 153 28.59 1.51 -11.03
CA SER B 153 29.00 2.53 -10.08
C SER B 153 29.84 1.85 -9.01
N GLN B 154 30.16 0.57 -9.24
CA GLN B 154 30.89 -0.26 -8.29
C GLN B 154 32.35 0.13 -8.18
N CYS B 155 32.90 -0.04 -6.97
CA CYS B 155 34.27 0.33 -6.67
C CYS B 155 34.78 -0.53 -5.51
N TRP B 156 35.91 -1.21 -5.74
CA TRP B 156 36.39 -2.23 -4.79
C TRP B 156 37.82 -2.00 -4.32
N PHE B 157 38.18 -0.74 -4.05
CA PHE B 157 39.57 -0.39 -3.75
C PHE B 157 39.86 0.21 -2.38
N ASP B 158 38.87 0.89 -1.79
CA ASP B 158 39.04 1.76 -0.61
C ASP B 158 39.19 3.22 -1.02
N LEU B 159 39.78 3.42 -2.20
CA LEU B 159 40.01 4.76 -2.73
C LEU B 159 39.20 4.98 -4.03
N PRO B 160 38.38 6.06 -4.06
CA PRO B 160 37.29 6.45 -4.96
C PRO B 160 37.12 5.82 -6.35
N CYS B 161 38.16 5.20 -6.92
CA CYS B 161 38.13 4.65 -8.30
C CYS B 161 37.98 5.75 -9.36
N GLU B 162 38.78 6.81 -9.23
CA GLU B 162 38.61 8.00 -10.06
C GLU B 162 39.72 8.15 -11.10
N GLY B 163 40.98 8.21 -10.64
CA GLY B 163 42.12 8.42 -11.53
C GLY B 163 42.60 7.13 -12.19
N GLY B 164 41.67 6.44 -12.84
CA GLY B 164 41.91 5.13 -13.47
C GLY B 164 42.99 5.14 -14.55
N ASN B 165 44.24 5.18 -14.11
CA ASN B 165 45.41 5.22 -14.99
C ASN B 165 45.59 3.94 -15.82
N ARG B 166 45.24 2.79 -15.24
CA ARG B 166 45.28 1.52 -15.97
C ARG B 166 43.89 0.90 -16.09
N LYS C 1 -48.05 32.28 38.40
CA LYS C 1 -47.81 30.86 37.99
C LYS C 1 -47.60 30.76 36.48
N ILE C 2 -48.57 31.27 35.71
CA ILE C 2 -48.51 31.21 34.25
C ILE C 2 -47.38 32.12 33.72
N PRO C 3 -46.47 31.58 32.89
CA PRO C 3 -45.21 32.27 32.60
C PRO C 3 -45.34 33.58 31.79
N SER C 4 -46.48 33.80 31.14
CA SER C 4 -46.68 35.05 30.39
C SER C 4 -47.05 36.22 31.29
N LYS C 5 -47.12 35.96 32.58
CA LYS C 5 -47.36 36.99 33.59
C LYS C 5 -46.09 37.32 34.39
N GLU C 6 -44.99 36.65 34.08
CA GLU C 6 -43.71 36.93 34.71
C GLU C 6 -43.22 38.30 34.24
N THR C 7 -42.54 39.02 35.14
CA THR C 7 -41.94 40.32 34.79
C THR C 7 -40.66 40.11 33.97
N PRO C 8 -40.60 40.69 32.76
CA PRO C 8 -39.54 40.57 31.77
C PRO C 8 -38.07 40.63 32.25
N ARG C 9 -37.84 41.11 33.47
CA ARG C 9 -36.50 41.15 34.11
C ARG C 9 -35.39 41.97 33.40
N GLY C 10 -35.66 42.45 32.19
CA GLY C 10 -34.81 43.44 31.55
C GLY C 10 -35.26 44.83 31.97
N VAL C 11 -34.97 45.84 31.16
CA VAL C 11 -35.33 47.20 31.52
C VAL C 11 -36.84 47.44 31.45
N ALA C 12 -37.39 47.57 30.25
CA ALA C 12 -38.82 47.88 30.12
C ALA C 12 -39.37 47.52 28.77
N ILE C 13 -38.94 48.29 27.76
CA ILE C 13 -39.47 48.25 26.39
C ILE C 13 -40.92 48.73 26.30
N ALA C 14 -41.08 49.90 25.71
CA ALA C 14 -42.37 50.51 25.42
C ALA C 14 -42.12 51.46 24.26
N GLU C 15 -43.18 51.97 23.65
CA GLU C 15 -43.08 52.84 22.48
C GLU C 15 -41.94 53.85 22.65
N PRO C 16 -40.90 53.78 21.80
CA PRO C 16 -39.67 54.55 21.91
C PRO C 16 -39.80 56.07 21.67
N ILE C 17 -38.66 56.75 21.64
CA ILE C 17 -38.61 58.22 21.68
C ILE C 17 -38.22 58.86 20.34
N ILE C 18 -37.13 58.38 19.72
CA ILE C 18 -36.49 59.03 18.56
C ILE C 18 -35.80 60.34 18.96
N VAL C 19 -34.49 60.28 19.09
CA VAL C 19 -33.65 61.44 19.37
C VAL C 19 -32.60 61.55 18.27
N GLU C 20 -32.48 62.73 17.68
CA GLU C 20 -31.62 62.92 16.52
C GLU C 20 -30.31 63.59 16.85
N HIS C 21 -29.26 63.19 16.13
CA HIS C 21 -27.95 63.83 16.24
C HIS C 21 -27.41 64.08 14.85
N SER C 22 -27.04 65.32 14.58
CA SER C 22 -26.28 65.66 13.38
C SER C 22 -24.88 66.13 13.81
N VAL C 23 -23.89 65.36 13.40
CA VAL C 23 -22.54 65.53 13.88
C VAL C 23 -21.55 65.47 12.70
N ASP C 24 -20.31 65.90 12.90
CA ASP C 24 -19.31 65.93 11.83
C ASP C 24 -18.53 64.62 11.75
N LEU C 25 -17.90 64.22 12.84
CA LEU C 25 -17.17 62.95 12.93
C LEU C 25 -17.87 62.03 13.91
N LEU C 26 -18.29 60.85 13.43
CA LEU C 26 -18.90 59.85 14.31
C LEU C 26 -18.01 58.63 14.49
N MET C 27 -17.93 58.16 15.73
CA MET C 27 -17.12 56.99 16.06
C MET C 27 -17.96 55.92 16.75
N VAL C 28 -18.25 54.85 16.00
CA VAL C 28 -19.07 53.75 16.49
C VAL C 28 -18.18 52.64 17.07
N GLY C 29 -18.28 52.47 18.40
CA GLY C 29 -17.41 51.54 19.12
C GLY C 29 -16.54 52.31 20.11
N GLY C 30 -16.13 51.63 21.18
CA GLY C 30 -15.31 52.27 22.21
C GLY C 30 -14.20 51.40 22.75
N GLY C 31 -13.64 50.55 21.89
CA GLY C 31 -12.58 49.64 22.29
C GLY C 31 -11.22 50.27 22.15
N MET C 32 -10.20 49.42 21.99
CA MET C 32 -8.82 49.85 21.77
C MET C 32 -8.71 50.71 20.50
N GLY C 33 -9.39 50.28 19.44
CA GLY C 33 -9.38 50.98 18.16
C GLY C 33 -9.86 52.41 18.25
N ASN C 34 -11.14 52.58 18.56
CA ASN C 34 -11.76 53.91 18.62
C ASN C 34 -11.24 54.83 19.72
N CYS C 35 -10.70 54.25 20.79
CA CYS C 35 -9.98 55.03 21.79
C CYS C 35 -8.78 55.74 21.16
N GLY C 36 -8.04 54.99 20.34
CA GLY C 36 -6.96 55.54 19.55
C GLY C 36 -7.47 56.57 18.56
N ALA C 37 -8.55 56.23 17.87
CA ALA C 37 -9.18 57.15 16.92
C ALA C 37 -9.55 58.49 17.55
N ALA C 38 -10.23 58.43 18.70
CA ALA C 38 -10.68 59.63 19.41
C ALA C 38 -9.52 60.47 19.94
N PHE C 39 -8.50 59.80 20.49
CA PHE C 39 -7.30 60.45 21.01
C PHE C 39 -6.61 61.32 19.97
N GLU C 40 -6.39 60.75 18.79
CA GLU C 40 -5.74 61.48 17.69
C GLU C 40 -6.65 62.57 17.13
N ALA C 41 -7.89 62.19 16.80
CA ALA C 41 -8.82 63.09 16.14
C ALA C 41 -8.97 64.43 16.85
N VAL C 42 -9.06 64.40 18.18
CA VAL C 42 -9.24 65.62 18.96
C VAL C 42 -8.11 66.61 18.69
N ARG C 43 -6.86 66.13 18.74
CA ARG C 43 -5.69 66.97 18.53
C ARG C 43 -5.72 67.67 17.18
N TRP C 44 -5.89 66.90 16.11
CA TRP C 44 -5.95 67.45 14.76
C TRP C 44 -7.16 68.36 14.56
N ALA C 45 -8.28 67.99 15.16
CA ALA C 45 -9.49 68.81 15.14
C ALA C 45 -9.27 70.12 15.86
N ASP C 46 -8.57 70.08 16.99
CA ASP C 46 -8.36 71.28 17.81
C ASP C 46 -7.72 72.45 17.07
N LYS C 47 -6.70 72.17 16.25
CA LYS C 47 -6.04 73.23 15.50
C LYS C 47 -6.76 73.60 14.20
N TYR C 48 -7.07 72.59 13.38
CA TYR C 48 -7.54 72.80 12.02
C TYR C 48 -9.06 72.85 11.85
N ALA C 49 -9.80 72.30 12.81
CA ALA C 49 -11.26 72.28 12.74
C ALA C 49 -11.91 72.37 14.12
N PRO C 50 -11.82 73.54 14.77
CA PRO C 50 -12.38 73.68 16.11
C PRO C 50 -13.92 73.62 16.12
N GLU C 51 -14.52 73.94 14.98
CA GLU C 51 -15.98 73.93 14.85
C GLU C 51 -16.53 72.49 14.70
N ALA C 52 -15.65 71.57 14.29
CA ALA C 52 -16.04 70.19 14.04
C ALA C 52 -16.55 69.50 15.29
N LYS C 53 -17.71 68.88 15.18
CA LYS C 53 -18.34 68.21 16.30
C LYS C 53 -18.07 66.71 16.21
N ILE C 54 -17.34 66.20 17.21
CA ILE C 54 -16.98 64.78 17.30
C ILE C 54 -17.83 64.09 18.35
N LEU C 55 -18.33 62.90 18.03
CA LEU C 55 -19.12 62.10 18.96
C LEU C 55 -18.73 60.63 18.91
N LEU C 56 -18.60 60.02 20.09
CA LEU C 56 -18.27 58.60 20.21
C LEU C 56 -19.40 57.84 20.91
N VAL C 57 -19.82 56.72 20.32
CA VAL C 57 -20.85 55.87 20.92
C VAL C 57 -20.34 54.47 21.28
N ASP C 58 -20.85 53.92 22.38
CA ASP C 58 -20.49 52.58 22.85
C ASP C 58 -21.69 51.87 23.46
N LYS C 59 -21.81 50.56 23.23
CA LYS C 59 -22.95 49.80 23.73
C LYS C 59 -22.88 49.55 25.24
N ALA C 60 -21.69 49.70 25.81
CA ALA C 60 -21.47 49.54 27.25
C ALA C 60 -20.80 50.78 27.82
N SER C 61 -20.04 50.60 28.90
CA SER C 61 -19.29 51.70 29.49
C SER C 61 -17.84 51.67 29.03
N LEU C 62 -17.34 52.83 28.62
CA LEU C 62 -16.01 52.99 28.04
C LEU C 62 -14.90 52.47 28.94
N GLU C 63 -15.01 52.75 30.23
CA GLU C 63 -14.05 52.36 31.27
C GLU C 63 -13.64 50.87 31.22
N ARG C 64 -14.56 49.99 30.81
CA ARG C 64 -14.33 48.54 30.84
C ARG C 64 -14.79 47.78 29.59
N SER C 65 -15.30 48.50 28.58
CA SER C 65 -15.85 47.83 27.40
C SER C 65 -14.81 47.12 26.53
N GLY C 66 -15.25 46.08 25.83
CA GLY C 66 -14.40 45.36 24.87
C GLY C 66 -13.54 44.24 25.46
N ALA C 67 -12.56 43.83 24.66
CA ALA C 67 -11.72 42.66 24.95
C ALA C 67 -10.78 42.80 26.14
N VAL C 68 -10.45 44.03 26.50
CA VAL C 68 -9.50 44.27 27.59
C VAL C 68 -10.21 44.48 28.95
N ALA C 69 -11.43 43.93 29.06
CA ALA C 69 -12.27 44.08 30.24
C ALA C 69 -11.68 43.43 31.50
N GLN C 70 -11.03 42.28 31.32
CA GLN C 70 -10.32 41.63 32.42
C GLN C 70 -8.97 42.31 32.59
N GLY C 71 -8.53 42.94 31.50
CA GLY C 71 -7.17 43.43 31.36
C GLY C 71 -6.41 42.47 30.47
N LEU C 72 -5.11 42.72 30.29
CA LEU C 72 -4.24 41.83 29.53
C LEU C 72 -2.90 41.68 30.25
N SER C 73 -2.30 40.50 30.18
CA SER C 73 -1.03 40.25 30.85
C SER C 73 0.20 40.59 29.99
N ALA C 74 -0.04 40.89 28.71
CA ALA C 74 1.03 41.23 27.78
C ALA C 74 0.55 42.11 26.62
N ILE C 75 1.45 42.93 26.09
CA ILE C 75 1.20 43.65 24.84
C ILE C 75 1.94 42.90 23.73
N ASN C 76 1.18 42.36 22.78
CA ASN C 76 1.73 41.45 21.78
C ASN C 76 2.42 42.09 20.56
N THR C 77 2.27 43.40 20.40
CA THR C 77 2.99 44.09 19.32
C THR C 77 3.85 45.24 19.85
N TYR C 78 5.14 44.97 19.96
CA TYR C 78 6.14 45.98 20.30
C TYR C 78 7.45 45.64 19.59
N LEU C 79 7.81 46.46 18.61
CA LEU C 79 8.97 46.22 17.75
C LEU C 79 10.29 46.56 18.43
N GLY C 80 10.47 47.83 18.78
CA GLY C 80 11.70 48.30 19.40
C GLY C 80 12.90 48.10 18.50
N ASP C 81 13.71 47.08 18.81
CA ASP C 81 14.96 46.82 18.09
C ASP C 81 14.77 46.30 16.67
N ASN C 82 13.88 45.33 16.49
CA ASN C 82 13.62 44.81 15.14
C ASN C 82 12.74 45.72 14.28
N ASN C 83 12.79 45.49 12.97
CA ASN C 83 12.14 46.34 11.99
C ASN C 83 10.75 45.85 11.58
N ALA C 84 9.96 46.75 11.01
CA ALA C 84 8.61 46.43 10.55
C ALA C 84 8.59 45.43 9.39
N ASP C 85 9.72 45.27 8.71
CA ASP C 85 9.86 44.26 7.65
C ASP C 85 9.82 42.86 8.26
N ASP C 86 10.57 42.67 9.33
CA ASP C 86 10.60 41.41 10.07
C ASP C 86 9.20 41.09 10.61
N TYR C 87 8.51 42.14 11.05
CA TYR C 87 7.15 42.04 11.56
C TYR C 87 6.23 41.45 10.50
N VAL C 88 6.24 42.03 9.31
CA VAL C 88 5.43 41.55 8.19
C VAL C 88 5.77 40.08 7.86
N ARG C 89 7.06 39.76 7.89
CA ARG C 89 7.53 38.41 7.58
C ARG C 89 6.93 37.31 8.47
N MET C 90 6.78 37.59 9.76
CA MET C 90 6.24 36.59 10.70
C MET C 90 4.70 36.49 10.65
N VAL C 91 4.03 37.62 10.44
CA VAL C 91 2.58 37.65 10.29
C VAL C 91 2.19 36.89 9.02
N ARG C 92 2.90 37.16 7.93
CA ARG C 92 2.70 36.45 6.66
C ARG C 92 2.91 34.95 6.85
N THR C 93 4.00 34.58 7.52
CA THR C 93 4.30 33.18 7.84
C THR C 93 3.14 32.56 8.62
N ASP C 94 2.67 33.27 9.63
CA ASP C 94 1.66 32.74 10.54
C ASP C 94 0.28 32.61 9.93
N LEU C 95 -0.09 33.56 9.08
CA LEU C 95 -1.41 33.56 8.45
C LEU C 95 -1.40 32.94 7.05
N MET C 96 -0.48 32.00 6.83
CA MET C 96 -0.41 31.17 5.63
C MET C 96 -0.16 31.92 4.30
N GLY C 97 0.49 33.08 4.39
CA GLY C 97 0.98 33.80 3.22
C GLY C 97 0.02 34.69 2.47
N LEU C 98 -1.19 34.87 2.98
CA LEU C 98 -2.16 35.74 2.34
C LEU C 98 -2.49 36.93 3.23
N VAL C 99 -1.71 37.99 3.08
CA VAL C 99 -1.86 39.22 3.87
C VAL C 99 -1.68 40.48 3.03
N ARG C 100 -2.30 41.57 3.49
CA ARG C 100 -2.04 42.91 2.99
C ARG C 100 -0.81 43.44 3.71
N GLU C 101 0.34 43.31 3.05
CA GLU C 101 1.63 43.58 3.67
C GLU C 101 1.88 45.07 3.96
N ASP C 102 1.23 45.93 3.19
CA ASP C 102 1.29 47.38 3.41
C ASP C 102 0.58 47.80 4.71
N LEU C 103 -0.53 47.13 5.02
CA LEU C 103 -1.27 47.42 6.24
C LEU C 103 -0.53 46.96 7.48
N ILE C 104 0.15 45.81 7.38
CA ILE C 104 0.97 45.28 8.46
C ILE C 104 2.22 46.13 8.67
N TYR C 105 2.81 46.62 7.57
CA TYR C 105 3.99 47.47 7.67
C TYR C 105 3.67 48.82 8.27
N ASP C 106 2.70 49.52 7.68
CA ASP C 106 2.26 50.82 8.15
C ASP C 106 1.93 50.75 9.63
N LEU C 107 1.20 49.71 10.03
CA LEU C 107 0.88 49.47 11.43
C LEU C 107 2.15 49.33 12.28
N GLY C 108 3.17 48.67 11.71
CA GLY C 108 4.45 48.48 12.40
C GLY C 108 5.17 49.76 12.76
N ARG C 109 5.26 50.69 11.81
CA ARG C 109 5.96 51.97 12.02
C ARG C 109 5.25 52.94 12.97
N HIS C 110 4.04 52.59 13.39
CA HIS C 110 3.28 53.42 14.32
C HIS C 110 3.16 52.80 15.71
N VAL C 111 3.08 51.47 15.75
CA VAL C 111 2.67 50.73 16.95
C VAL C 111 3.41 51.10 18.23
N ASP C 112 4.73 51.30 18.14
CA ASP C 112 5.55 51.55 19.32
C ASP C 112 5.26 52.87 20.01
N ASP C 113 4.75 53.84 19.25
CA ASP C 113 4.40 55.14 19.81
C ASP C 113 3.23 55.05 20.79
N SER C 114 2.32 54.11 20.54
CA SER C 114 1.18 53.88 21.42
C SER C 114 1.60 53.26 22.74
N VAL C 115 2.52 52.30 22.68
CA VAL C 115 3.03 51.65 23.89
C VAL C 115 3.74 52.65 24.81
N HIS C 116 4.50 53.57 24.22
CA HIS C 116 5.15 54.64 24.98
C HIS C 116 4.13 55.53 25.68
N LEU C 117 3.03 55.81 24.99
CA LEU C 117 1.93 56.58 25.56
C LEU C 117 1.26 55.82 26.71
N PHE C 118 1.05 54.52 26.52
CA PHE C 118 0.43 53.67 27.55
C PHE C 118 1.22 53.70 28.86
N GLU C 119 2.54 53.56 28.75
CA GLU C 119 3.43 53.58 29.91
C GLU C 119 3.43 54.94 30.61
N GLU C 120 3.44 56.00 29.81
CA GLU C 120 3.41 57.36 30.32
C GLU C 120 2.09 57.65 31.04
N TRP C 121 1.00 57.12 30.52
CA TRP C 121 -0.34 57.32 31.10
C TRP C 121 -0.50 56.63 32.46
N GLY C 122 0.24 55.55 32.69
CA GLY C 122 0.24 54.88 33.98
C GLY C 122 0.13 53.37 33.94
N LEU C 123 0.33 52.78 32.76
CA LEU C 123 0.30 51.33 32.63
C LEU C 123 1.63 50.73 33.07
N PRO C 124 1.60 49.87 34.11
CA PRO C 124 2.81 49.20 34.57
C PRO C 124 3.40 48.30 33.49
N VAL C 125 4.61 48.63 33.04
CA VAL C 125 5.32 47.85 32.03
C VAL C 125 6.57 47.24 32.68
N TRP C 126 6.77 45.95 32.45
CA TRP C 126 7.92 45.24 33.01
C TRP C 126 9.22 45.67 32.34
N ILE C 127 10.26 45.87 33.14
CA ILE C 127 11.58 46.23 32.63
C ILE C 127 12.66 45.37 33.31
N LYS C 128 13.69 44.99 32.54
CA LYS C 128 14.84 44.26 33.06
C LYS C 128 15.78 45.17 33.86
N ASP C 129 16.41 44.63 34.91
CA ASP C 129 17.44 45.37 35.64
C ASP C 129 18.82 45.18 35.01
N GLU C 130 19.87 45.68 35.68
CA GLU C 130 21.24 45.56 35.20
C GLU C 130 21.73 44.11 35.19
N HIS C 131 21.36 43.37 36.25
CA HIS C 131 21.73 41.95 36.38
C HIS C 131 21.06 41.05 35.34
N GLY C 132 19.74 41.19 35.19
CA GLY C 132 18.97 40.40 34.23
C GLY C 132 17.75 39.73 34.84
N HIS C 133 17.18 40.35 35.87
CA HIS C 133 15.97 39.86 36.53
C HIS C 133 14.76 40.71 36.18
N ASN C 134 13.57 40.14 36.35
CA ASN C 134 12.32 40.82 36.03
C ASN C 134 11.87 41.77 37.12
N LEU C 135 11.48 42.98 36.72
CA LEU C 135 10.87 43.94 37.63
C LEU C 135 9.49 44.32 37.12
N ASP C 136 8.51 44.35 38.02
CA ASP C 136 7.15 44.77 37.65
C ASP C 136 7.12 46.27 37.32
N GLY C 137 5.97 46.76 36.88
CA GLY C 137 5.82 48.15 36.45
C GLY C 137 6.01 49.19 37.54
N ALA C 138 5.52 48.90 38.74
CA ALA C 138 5.62 49.84 39.85
C ALA C 138 7.03 49.92 40.43
N GLN C 139 7.73 48.79 40.44
CA GLN C 139 9.07 48.71 41.00
C GLN C 139 10.18 49.07 40.01
N ALA C 140 9.88 49.00 38.71
CA ALA C 140 10.82 49.45 37.69
C ALA C 140 10.82 50.97 37.61
N LYS C 141 9.64 51.56 37.69
CA LYS C 141 9.48 53.02 37.71
C LYS C 141 10.16 53.60 38.97
N ALA C 142 9.96 52.94 40.11
CA ALA C 142 10.59 53.34 41.37
C ALA C 142 12.11 53.15 41.35
N ALA C 143 12.59 52.32 40.42
CA ALA C 143 14.02 52.13 40.21
C ALA C 143 14.57 53.07 39.11
N GLY C 144 13.70 53.93 38.59
CA GLY C 144 14.07 54.91 37.57
C GLY C 144 14.21 54.35 36.17
N LYS C 145 13.65 53.16 35.95
CA LYS C 145 13.67 52.51 34.64
C LYS C 145 12.33 52.63 33.93
N SER C 146 12.38 52.80 32.61
CA SER C 146 11.17 52.86 31.77
C SER C 146 11.50 52.66 30.29
N LEU C 147 10.48 52.35 29.49
CA LEU C 147 10.63 52.23 28.04
C LEU C 147 11.03 53.55 27.38
N ARG C 148 10.51 54.66 27.92
CA ARG C 148 10.82 55.99 27.41
C ARG C 148 12.28 56.34 27.68
N ASN C 149 12.77 55.90 28.84
CA ASN C 149 14.19 55.97 29.17
C ASN C 149 15.00 54.96 28.34
N GLY C 150 14.30 54.06 27.64
CA GLY C 150 14.94 53.03 26.81
C GLY C 150 15.67 51.99 27.63
N ASP C 151 14.91 51.16 28.36
CA ASP C 151 15.49 50.29 29.38
C ASP C 151 15.27 48.79 29.20
N LYS C 152 14.75 48.40 28.04
CA LYS C 152 14.55 46.99 27.66
C LYS C 152 13.46 46.25 28.45
N PRO C 153 12.35 45.90 27.77
CA PRO C 153 11.23 45.22 28.39
C PRO C 153 11.52 43.75 28.67
N VAL C 154 10.67 43.12 29.48
CA VAL C 154 10.71 41.68 29.67
C VAL C 154 9.87 41.03 28.57
N ARG C 155 10.56 40.36 27.64
CA ARG C 155 9.90 39.67 26.55
C ARG C 155 9.75 38.20 26.89
N SER C 156 8.67 37.59 26.44
CA SER C 156 8.54 36.14 26.50
C SER C 156 8.89 35.58 25.13
N GLY C 157 8.31 36.18 24.09
CA GLY C 157 8.69 35.91 22.71
C GLY C 157 9.28 37.16 22.06
N ARG C 158 9.62 37.05 20.77
CA ARG C 158 10.29 38.12 20.03
C ARG C 158 9.51 39.44 19.99
N TRP C 159 8.21 39.36 19.75
CA TRP C 159 7.41 40.54 19.43
C TRP C 159 6.57 41.12 20.58
N GLN C 160 6.48 40.40 21.69
CA GLN C 160 5.63 40.80 22.81
C GLN C 160 6.42 41.34 24.00
N ILE C 161 5.73 42.00 24.93
CA ILE C 161 6.32 42.53 26.16
C ILE C 161 5.40 42.28 27.37
N MET C 162 5.98 42.11 28.56
CA MET C 162 5.18 41.86 29.77
C MET C 162 4.66 43.12 30.42
N ILE C 163 3.40 43.10 30.86
CA ILE C 163 2.77 44.21 31.58
C ILE C 163 1.88 43.72 32.73
N ASN C 164 1.67 44.59 33.72
CA ASN C 164 0.62 44.39 34.72
C ASN C 164 -0.60 45.16 34.24
N GLY C 165 -1.46 44.49 33.49
CA GLY C 165 -2.52 45.18 32.77
C GLY C 165 -3.93 44.88 33.18
N GLU C 166 -4.17 44.71 34.48
CA GLU C 166 -5.53 44.59 34.99
C GLU C 166 -6.33 45.86 34.64
N SER C 167 -5.73 47.01 34.91
CA SER C 167 -6.33 48.31 34.62
C SER C 167 -5.88 48.86 33.26
N TYR C 168 -5.65 47.96 32.31
CA TYR C 168 -5.16 48.35 30.98
C TYR C 168 -6.20 49.12 30.17
N LYS C 169 -7.43 48.61 30.10
CA LYS C 169 -8.51 49.28 29.37
C LYS C 169 -8.90 50.62 29.97
N VAL C 170 -9.01 50.67 31.30
CA VAL C 170 -9.46 51.88 31.99
C VAL C 170 -8.49 53.06 31.81
N ILE C 171 -7.19 52.76 31.80
CA ILE C 171 -6.16 53.76 31.50
C ILE C 171 -6.36 54.30 30.08
N VAL C 172 -6.37 53.41 29.09
CA VAL C 172 -6.59 53.80 27.70
C VAL C 172 -7.88 54.61 27.53
N ALA C 173 -8.96 54.14 28.16
CA ALA C 173 -10.27 54.78 28.08
C ALA C 173 -10.27 56.16 28.73
N GLU C 174 -9.41 56.35 29.72
CA GLU C 174 -9.29 57.62 30.44
C GLU C 174 -8.73 58.71 29.54
N ALA C 175 -7.65 58.37 28.82
CA ALA C 175 -7.05 59.27 27.86
C ALA C 175 -8.04 59.67 26.78
N ALA C 176 -8.97 58.77 26.46
CA ALA C 176 -10.03 59.04 25.49
C ALA C 176 -11.09 60.00 26.03
N LYS C 177 -11.43 59.86 27.32
CA LYS C 177 -12.36 60.77 27.98
C LYS C 177 -11.72 62.14 28.21
N ASN C 178 -10.50 62.15 28.73
CA ASN C 178 -9.77 63.39 29.01
C ASN C 178 -9.42 64.17 27.73
N ALA C 179 -9.59 63.53 26.58
CA ALA C 179 -9.44 64.19 25.28
C ALA C 179 -10.78 64.64 24.71
N LEU C 180 -11.78 63.77 24.76
CA LEU C 180 -13.11 64.07 24.24
C LEU C 180 -13.96 64.91 25.19
N GLY C 181 -13.89 64.60 26.49
CA GLY C 181 -14.82 65.15 27.47
C GLY C 181 -16.10 64.35 27.44
N GLN C 182 -16.63 64.05 28.62
CA GLN C 182 -17.86 63.23 28.74
C GLN C 182 -19.09 63.85 28.06
N ASP C 183 -18.96 65.08 27.58
CA ASP C 183 -20.03 65.72 26.80
C ASP C 183 -20.03 65.31 25.32
N ARG C 184 -18.94 64.69 24.87
CA ARG C 184 -18.86 64.18 23.50
C ARG C 184 -18.82 62.66 23.48
N ILE C 185 -19.14 62.06 24.64
CA ILE C 185 -19.27 60.62 24.80
C ILE C 185 -20.70 60.28 25.19
N ILE C 186 -21.32 59.39 24.42
CA ILE C 186 -22.62 58.83 24.78
C ILE C 186 -22.53 57.28 24.77
N GLU C 187 -22.63 56.69 25.96
CA GLU C 187 -22.49 55.25 26.13
C GLU C 187 -23.84 54.57 26.38
N ARG C 188 -23.82 53.24 26.53
CA ARG C 188 -25.04 52.41 26.64
C ARG C 188 -26.01 52.58 25.46
N ILE C 189 -25.44 52.78 24.27
CA ILE C 189 -26.26 52.98 23.07
C ILE C 189 -25.73 52.10 21.91
N PHE C 190 -26.51 51.07 21.57
CA PHE C 190 -26.10 50.02 20.63
C PHE C 190 -26.53 50.37 19.22
N ILE C 191 -25.55 50.43 18.30
CA ILE C 191 -25.82 50.78 16.92
C ILE C 191 -26.17 49.54 16.09
N VAL C 192 -27.25 49.63 15.31
CA VAL C 192 -27.79 48.50 14.56
C VAL C 192 -27.45 48.56 13.06
N LYS C 193 -27.79 49.68 12.43
CA LYS C 193 -27.74 49.84 10.98
C LYS C 193 -26.95 51.09 10.59
N LEU C 194 -26.11 50.97 9.55
CA LEU C 194 -25.47 52.14 8.93
C LEU C 194 -26.30 52.57 7.72
N LEU C 195 -26.24 53.85 7.37
CA LEU C 195 -27.09 54.41 6.33
C LEU C 195 -26.35 55.14 5.22
N LEU C 196 -26.64 54.77 3.97
CA LEU C 196 -26.10 55.47 2.80
C LEU C 196 -26.76 56.84 2.61
N ASP C 197 -26.05 57.73 1.91
CA ASP C 197 -26.63 59.01 1.51
C ASP C 197 -27.57 58.79 0.33
N LYS C 198 -28.60 59.65 0.23
CA LYS C 198 -29.63 59.47 -0.79
C LYS C 198 -29.34 60.29 -2.06
N ASN C 199 -28.29 61.11 -2.02
CA ASN C 199 -27.92 61.93 -3.16
C ASN C 199 -26.61 61.46 -3.80
N THR C 200 -25.55 61.42 -3.00
CA THR C 200 -24.25 60.95 -3.46
C THR C 200 -24.17 59.43 -3.32
N PRO C 201 -24.00 58.72 -4.46
CA PRO C 201 -23.88 57.24 -4.45
C PRO C 201 -22.60 56.78 -3.76
N ASN C 202 -22.71 55.66 -3.03
CA ASN C 202 -21.60 55.04 -2.29
C ASN C 202 -20.98 55.96 -1.21
N ARG C 203 -21.80 56.84 -0.66
CA ARG C 203 -21.36 57.80 0.35
C ARG C 203 -22.11 57.55 1.66
N ILE C 204 -21.35 57.43 2.75
CA ILE C 204 -21.92 57.18 4.07
C ILE C 204 -22.58 58.45 4.61
N ALA C 205 -23.73 58.30 5.25
CA ALA C 205 -24.48 59.45 5.77
C ALA C 205 -24.74 59.38 7.28
N GLY C 206 -24.97 58.18 7.80
CA GLY C 206 -25.28 58.03 9.21
C GLY C 206 -25.47 56.62 9.73
N ALA C 207 -26.06 56.53 10.92
CA ALA C 207 -26.27 55.28 11.63
C ALA C 207 -27.45 55.35 12.60
N VAL C 208 -28.20 54.26 12.69
CA VAL C 208 -29.28 54.14 13.69
C VAL C 208 -28.99 53.10 14.75
N GLY C 209 -29.34 53.43 15.99
CA GLY C 209 -29.25 52.50 17.10
C GLY C 209 -30.25 52.82 18.20
N PHE C 210 -30.23 52.03 19.27
CA PHE C 210 -31.12 52.27 20.38
C PHE C 210 -30.41 52.35 21.73
N ASN C 211 -31.05 53.01 22.68
CA ASN C 211 -30.54 53.14 24.04
C ASN C 211 -30.94 51.93 24.90
N LEU C 212 -29.96 51.41 25.63
CA LEU C 212 -30.12 50.19 26.43
C LEU C 212 -30.72 50.45 27.81
N ARG C 213 -30.83 51.72 28.18
CA ARG C 213 -31.32 52.09 29.51
C ARG C 213 -32.69 52.74 29.49
N ALA C 214 -33.10 53.23 28.32
CA ALA C 214 -34.39 53.87 28.14
C ALA C 214 -34.85 53.71 26.70
N ASN C 215 -36.17 53.69 26.49
CA ASN C 215 -36.74 53.46 25.16
C ASN C 215 -36.56 54.63 24.21
N GLU C 216 -35.40 54.65 23.53
CA GLU C 216 -35.05 55.74 22.61
C GLU C 216 -34.28 55.22 21.40
N VAL C 217 -34.77 55.55 20.20
CA VAL C 217 -34.05 55.25 18.96
C VAL C 217 -33.21 56.46 18.58
N HIS C 218 -31.89 56.26 18.52
CA HIS C 218 -30.95 57.33 18.22
C HIS C 218 -30.55 57.32 16.74
N ILE C 219 -31.02 58.31 15.98
CA ILE C 219 -30.56 58.53 14.61
C ILE C 219 -29.31 59.42 14.64
N PHE C 220 -28.29 59.03 13.87
CA PHE C 220 -27.05 59.80 13.78
C PHE C 220 -26.73 60.18 12.34
N LYS C 221 -26.62 61.47 12.05
CA LYS C 221 -26.10 61.95 10.76
C LYS C 221 -24.66 62.38 10.93
N ALA C 222 -23.79 61.93 10.02
CA ALA C 222 -22.35 62.18 10.14
C ALA C 222 -21.66 62.39 8.80
N ASN C 223 -20.52 63.07 8.83
CA ASN C 223 -19.71 63.31 7.64
C ASN C 223 -18.73 62.15 7.46
N ALA C 224 -17.81 62.02 8.40
CA ALA C 224 -16.89 60.88 8.46
C ALA C 224 -17.24 60.01 9.66
N MET C 225 -17.08 58.69 9.51
CA MET C 225 -17.29 57.80 10.66
C MET C 225 -16.40 56.54 10.70
N VAL C 226 -16.07 56.12 11.92
CA VAL C 226 -15.37 54.85 12.19
C VAL C 226 -16.35 53.83 12.70
N VAL C 227 -16.22 52.58 12.24
CA VAL C 227 -16.95 51.48 12.84
C VAL C 227 -15.94 50.44 13.37
N ALA C 228 -15.70 50.47 14.68
CA ALA C 228 -14.82 49.52 15.33
C ALA C 228 -15.53 48.86 16.51
N CYS C 229 -16.35 47.86 16.20
CA CYS C 229 -17.19 47.19 17.19
C CYS C 229 -16.76 45.74 17.41
N GLY C 230 -15.48 45.46 17.19
CA GLY C 230 -14.92 44.14 17.42
C GLY C 230 -15.25 43.09 16.37
N GLY C 231 -14.88 41.85 16.66
CA GLY C 231 -15.09 40.73 15.74
C GLY C 231 -16.39 39.99 15.97
N ALA C 232 -16.35 38.67 15.85
CA ALA C 232 -17.53 37.82 15.99
C ALA C 232 -17.22 36.56 16.80
N VAL C 233 -17.92 36.41 17.92
CA VAL C 233 -17.82 35.22 18.76
C VAL C 233 -19.22 34.68 19.10
N ASN C 234 -19.28 33.40 19.46
CA ASN C 234 -20.54 32.67 19.56
C ASN C 234 -21.33 32.69 18.24
N VAL C 235 -20.60 32.43 17.16
CA VAL C 235 -21.17 32.20 15.84
C VAL C 235 -21.19 30.69 15.58
N TYR C 236 -20.37 29.97 16.33
CA TYR C 236 -20.33 28.52 16.32
C TYR C 236 -20.68 27.99 17.70
N ARG C 237 -21.15 26.74 17.77
CA ARG C 237 -21.47 26.08 19.04
C ARG C 237 -20.19 25.85 19.85
N PRO C 238 -20.16 26.29 21.13
CA PRO C 238 -19.00 26.11 22.00
C PRO C 238 -18.89 24.70 22.58
N ARG C 239 -17.90 24.48 23.44
CA ARG C 239 -17.70 23.17 24.06
C ARG C 239 -18.47 23.01 25.37
N SER C 240 -19.07 24.10 25.83
CA SER C 240 -19.97 24.09 26.97
C SER C 240 -21.26 24.81 26.55
N VAL C 241 -22.36 24.09 26.54
CA VAL C 241 -23.63 24.62 26.04
C VAL C 241 -24.59 25.07 27.15
N GLY C 242 -24.21 24.83 28.39
CA GLY C 242 -25.00 25.25 29.55
C GLY C 242 -24.73 26.70 29.89
N GLU C 243 -24.27 26.93 31.11
CA GLU C 243 -23.82 28.27 31.51
C GLU C 243 -22.51 28.63 30.82
N GLY C 244 -21.70 27.60 30.54
CA GLY C 244 -20.42 27.78 29.86
C GLY C 244 -20.54 28.37 28.47
N MET C 245 -21.77 28.69 28.09
CA MET C 245 -22.09 29.43 26.87
C MET C 245 -21.45 30.82 26.94
N GLY C 246 -21.21 31.29 28.16
CA GLY C 246 -20.58 32.58 28.42
C GLY C 246 -19.07 32.49 28.49
N ARG C 247 -18.54 31.28 28.64
CA ARG C 247 -17.09 31.08 28.75
C ARG C 247 -16.44 30.75 27.41
N ALA C 248 -16.43 31.73 26.51
CA ALA C 248 -15.65 31.66 25.26
C ALA C 248 -14.33 32.39 25.47
N TRP C 249 -13.36 32.16 24.57
CA TRP C 249 -12.06 32.81 24.68
C TRP C 249 -12.15 34.30 24.39
N TYR C 250 -12.69 34.63 23.21
CA TYR C 250 -12.91 36.02 22.79
C TYR C 250 -14.24 36.49 23.41
N PRO C 251 -14.39 37.83 23.60
CA PRO C 251 -15.54 38.40 24.32
C PRO C 251 -16.89 37.87 23.85
N VAL C 252 -17.63 37.25 24.77
CA VAL C 252 -18.90 36.60 24.48
C VAL C 252 -19.99 37.61 24.05
N TRP C 253 -19.60 38.88 23.96
CA TRP C 253 -20.51 39.95 23.54
C TRP C 253 -20.17 40.54 22.17
N ASN C 254 -19.28 39.90 21.43
CA ASN C 254 -19.00 40.34 20.06
C ASN C 254 -20.00 39.74 19.10
N ALA C 255 -20.80 40.60 18.49
CA ALA C 255 -21.94 40.17 17.68
C ALA C 255 -21.61 40.08 16.19
N GLY C 256 -20.40 40.49 15.82
CA GLY C 256 -20.04 40.61 14.40
C GLY C 256 -20.67 41.84 13.78
N SER C 257 -20.82 42.88 14.61
CA SER C 257 -21.46 44.12 14.20
C SER C 257 -20.64 44.82 13.12
N THR C 258 -19.37 45.09 13.43
CA THR C 258 -18.44 45.71 12.47
C THR C 258 -18.60 45.15 11.06
N TYR C 259 -18.57 43.82 10.95
CA TYR C 259 -18.56 43.16 9.65
C TYR C 259 -19.86 43.31 8.90
N THR C 260 -20.98 43.15 9.60
CA THR C 260 -22.28 43.18 8.96
C THR C 260 -22.87 44.58 8.82
N MET C 261 -22.48 45.49 9.71
CA MET C 261 -22.89 46.89 9.59
C MET C 261 -22.26 47.51 8.34
N CYS C 262 -21.04 47.07 8.03
CA CYS C 262 -20.29 47.57 6.87
C CYS C 262 -20.53 46.78 5.59
N ALA C 263 -20.64 45.46 5.69
CA ALA C 263 -20.95 44.62 4.53
C ALA C 263 -22.32 45.01 3.96
N GLN C 264 -23.26 45.20 4.87
CA GLN C 264 -24.65 45.56 4.55
C GLN C 264 -24.73 46.85 3.76
N VAL C 265 -23.75 47.73 3.98
CA VAL C 265 -23.78 49.08 3.42
C VAL C 265 -23.02 49.17 2.09
N GLY C 266 -22.38 48.07 1.69
CA GLY C 266 -21.75 47.98 0.38
C GLY C 266 -20.24 47.95 0.40
N ALA C 267 -19.64 48.11 1.59
CA ALA C 267 -18.19 48.08 1.77
C ALA C 267 -17.59 46.73 1.37
N GLU C 268 -16.41 46.78 0.76
CA GLU C 268 -15.76 45.56 0.26
C GLU C 268 -15.17 44.75 1.42
N MET C 269 -15.63 43.51 1.54
CA MET C 269 -15.16 42.60 2.57
C MET C 269 -14.01 41.77 2.03
N THR C 270 -13.00 41.54 2.88
CA THR C 270 -11.83 40.75 2.50
C THR C 270 -11.53 39.63 3.48
N MET C 271 -11.18 38.47 2.93
CA MET C 271 -10.71 37.30 3.70
C MET C 271 -11.68 36.78 4.76
N MET C 272 -12.98 36.91 4.52
CA MET C 272 -13.99 36.45 5.46
C MET C 272 -13.92 34.94 5.72
N GLU C 273 -13.22 34.21 4.84
CA GLU C 273 -13.02 32.77 5.00
C GLU C 273 -12.03 32.44 6.13
N ASN C 274 -11.23 33.43 6.53
CA ASN C 274 -10.26 33.24 7.60
C ASN C 274 -10.96 33.18 8.96
N ARG C 275 -10.60 32.17 9.75
CA ARG C 275 -11.06 32.04 11.13
C ARG C 275 -9.85 31.97 12.06
N PHE C 276 -10.11 31.92 13.36
CA PHE C 276 -9.07 31.68 14.34
C PHE C 276 -9.57 30.76 15.43
N VAL C 277 -8.97 29.57 15.51
CA VAL C 277 -9.25 28.66 16.60
C VAL C 277 -7.98 28.41 17.43
N PRO C 278 -7.88 29.09 18.58
CA PRO C 278 -6.77 28.96 19.51
C PRO C 278 -6.81 27.65 20.29
N ALA C 279 -5.65 27.21 20.76
CA ALA C 279 -5.57 26.09 21.68
C ALA C 279 -5.24 26.61 23.07
N ARG C 280 -6.21 26.51 23.98
CA ARG C 280 -6.03 26.93 25.36
C ARG C 280 -6.38 25.78 26.28
N PHE C 281 -6.26 26.00 27.58
CA PHE C 281 -6.71 25.01 28.57
C PHE C 281 -8.20 24.71 28.36
N LYS C 282 -8.63 23.52 28.79
CA LYS C 282 -9.98 23.08 28.50
C LYS C 282 -11.02 23.80 29.36
N ASP C 283 -12.12 24.20 28.69
CA ASP C 283 -13.31 24.77 29.33
C ASP C 283 -13.16 26.22 29.82
N GLY C 284 -12.10 26.50 30.57
CA GLY C 284 -11.80 27.86 31.03
C GLY C 284 -11.15 28.72 29.96
N TYR C 285 -10.53 28.06 28.99
CA TYR C 285 -9.83 28.71 27.86
C TYR C 285 -8.73 29.70 28.27
N GLY C 286 -8.06 29.40 29.38
CA GLY C 286 -6.93 30.20 29.86
C GLY C 286 -5.66 30.00 29.06
N PRO C 287 -4.77 31.02 29.05
CA PRO C 287 -3.51 30.97 28.31
C PRO C 287 -2.55 29.92 28.83
N VAL C 288 -2.00 29.12 27.92
CA VAL C 288 -1.03 28.08 28.27
C VAL C 288 0.39 28.62 28.32
N GLY C 289 0.59 29.81 27.75
CA GLY C 289 1.90 30.43 27.58
C GLY C 289 2.89 30.35 28.73
N ALA C 290 2.60 31.10 29.80
CA ALA C 290 3.51 31.23 30.94
C ALA C 290 4.01 29.88 31.48
N TRP C 291 3.08 28.95 31.71
CA TRP C 291 3.39 27.66 32.32
C TRP C 291 4.37 26.82 31.51
N PHE C 292 4.39 27.04 30.20
CA PHE C 292 5.27 26.32 29.30
C PHE C 292 6.73 26.75 29.40
N LEU C 293 6.99 28.07 29.37
CA LEU C 293 8.38 28.54 29.36
C LEU C 293 9.01 28.70 30.73
N LEU C 294 8.18 28.93 31.75
CA LEU C 294 8.70 29.14 33.11
C LEU C 294 9.16 27.85 33.77
N PHE C 295 8.36 26.79 33.63
CA PHE C 295 8.63 25.53 34.31
C PHE C 295 8.79 24.35 33.35
N LYS C 296 8.98 24.67 32.06
CA LYS C 296 9.17 23.67 30.99
C LYS C 296 8.20 22.49 31.04
N ALA C 297 6.92 22.79 31.20
CA ALA C 297 5.86 21.81 31.05
C ALA C 297 5.69 21.50 29.57
N LYS C 298 5.10 20.35 29.27
CA LYS C 298 4.92 19.93 27.88
C LYS C 298 3.63 19.17 27.64
N ALA C 299 2.98 19.49 26.52
CA ALA C 299 1.74 18.85 26.14
C ALA C 299 2.02 17.50 25.52
N THR C 300 1.74 16.44 26.29
CA THR C 300 1.85 15.08 25.80
C THR C 300 0.47 14.55 25.46
N ASN C 301 0.40 13.34 24.89
CA ASN C 301 -0.88 12.65 24.72
C ASN C 301 -1.00 11.49 25.72
N CYS C 302 -1.89 10.54 25.43
CA CYS C 302 -2.16 9.42 26.34
C CYS C 302 -1.04 8.38 26.38
N LYS C 303 -0.27 8.30 25.30
CA LYS C 303 0.92 7.44 25.26
C LYS C 303 2.10 8.11 25.96
N GLY C 304 1.96 9.42 26.23
CA GLY C 304 2.98 10.20 26.94
C GLY C 304 4.01 10.86 26.04
N GLU C 305 3.74 10.85 24.74
CA GLU C 305 4.69 11.34 23.74
C GLU C 305 4.40 12.77 23.25
N ASP C 306 5.45 13.45 22.82
CA ASP C 306 5.36 14.77 22.19
C ASP C 306 4.79 14.61 20.78
N TYR C 307 3.51 14.91 20.63
CA TYR C 307 2.79 14.70 19.37
C TYR C 307 3.31 15.52 18.19
N CYS C 308 4.04 16.60 18.48
CA CYS C 308 4.67 17.41 17.43
C CYS C 308 5.82 16.69 16.73
N ALA C 309 6.57 15.90 17.50
CA ALA C 309 7.64 15.07 16.98
C ALA C 309 7.07 13.84 16.28
N THR C 310 5.99 13.31 16.84
CA THR C 310 5.30 12.13 16.32
C THR C 310 4.63 12.41 14.97
N ASN C 311 4.03 13.59 14.85
CA ASN C 311 3.28 13.96 13.64
C ASN C 311 4.00 14.93 12.70
N ARG C 312 5.33 15.05 12.89
CA ARG C 312 6.19 15.84 12.01
C ARG C 312 5.86 15.69 10.52
N ALA C 313 5.71 14.43 10.09
CA ALA C 313 5.46 14.08 8.69
C ALA C 313 4.33 14.87 8.03
N MET C 314 3.36 15.30 8.83
CA MET C 314 2.21 16.06 8.33
C MET C 314 2.60 17.41 7.75
N LEU C 315 3.68 17.98 8.28
CA LEU C 315 4.18 19.29 7.86
C LEU C 315 4.91 19.24 6.52
N LYS C 316 5.36 18.05 6.13
CA LYS C 316 6.18 17.88 4.91
C LYS C 316 5.66 18.65 3.69
N PRO C 317 4.42 18.38 3.23
CA PRO C 317 3.94 19.04 2.01
C PRO C 317 3.85 20.56 2.14
N TYR C 318 3.91 21.06 3.37
CA TYR C 318 3.81 22.49 3.65
C TYR C 318 5.17 23.16 3.77
N GLU C 319 6.10 22.48 4.44
CA GLU C 319 7.46 23.02 4.59
C GLU C 319 8.28 22.85 3.31
N GLU C 320 7.85 21.94 2.45
CA GLU C 320 8.45 21.79 1.12
C GLU C 320 7.99 22.87 0.16
N ARG C 321 6.80 23.43 0.39
CA ARG C 321 6.31 24.58 -0.37
C ARG C 321 6.70 25.90 0.30
N GLY C 322 7.51 25.80 1.35
CA GLY C 322 8.04 26.96 2.07
C GLY C 322 7.02 27.73 2.89
N TYR C 323 6.25 27.01 3.71
CA TYR C 323 5.29 27.63 4.63
C TYR C 323 5.70 27.48 6.09
N ALA C 324 6.58 26.53 6.35
CA ALA C 324 7.19 26.34 7.66
C ALA C 324 8.69 26.10 7.52
N LYS C 325 9.45 26.53 8.52
CA LYS C 325 10.89 26.31 8.53
C LYS C 325 11.43 26.09 9.95
N GLY C 326 11.79 24.85 10.26
CA GLY C 326 12.36 24.47 11.55
C GLY C 326 11.41 24.64 12.72
N HIS C 327 11.84 25.43 13.71
CA HIS C 327 11.04 25.71 14.90
C HIS C 327 9.86 26.65 14.62
N VAL C 328 9.77 27.15 13.40
CA VAL C 328 8.68 28.06 13.02
C VAL C 328 7.57 27.30 12.28
N ILE C 329 6.45 27.11 12.97
CA ILE C 329 5.25 26.53 12.37
C ILE C 329 4.10 27.52 12.61
N PRO C 330 3.36 27.88 11.54
CA PRO C 330 2.19 28.75 11.71
C PRO C 330 1.15 28.10 12.62
N THR C 331 0.52 28.91 13.47
CA THR C 331 -0.38 28.45 14.53
C THR C 331 -1.42 27.42 14.08
N CYS C 332 -1.93 27.57 12.85
CA CYS C 332 -2.93 26.64 12.34
C CYS C 332 -2.37 25.23 12.14
N LEU C 333 -1.20 25.14 11.50
CA LEU C 333 -0.55 23.86 11.24
C LEU C 333 -0.13 23.17 12.53
N ARG C 334 -0.01 23.94 13.61
CA ARG C 334 0.39 23.41 14.89
C ARG C 334 -0.72 22.57 15.53
N ASN C 335 -1.96 23.03 15.45
CA ASN C 335 -3.10 22.23 15.93
C ASN C 335 -3.77 21.41 14.82
N HIS C 336 -3.22 21.51 13.61
CA HIS C 336 -3.48 20.55 12.54
C HIS C 336 -2.88 19.21 12.95
N MET C 337 -1.70 19.26 13.56
CA MET C 337 -1.04 18.09 14.11
C MET C 337 -1.80 17.57 15.32
N MET C 338 -2.19 18.49 16.21
CA MET C 338 -2.91 18.14 17.44
C MET C 338 -4.23 17.44 17.12
N LEU C 339 -4.89 17.89 16.05
CA LEU C 339 -6.19 17.36 15.62
C LEU C 339 -6.19 15.87 15.28
N ARG C 340 -5.06 15.35 14.79
CA ARG C 340 -4.93 13.92 14.51
C ARG C 340 -5.03 13.12 15.81
N GLU C 341 -4.18 13.46 16.77
CA GLU C 341 -4.18 12.87 18.11
C GLU C 341 -5.59 12.81 18.72
N MET C 342 -6.39 13.83 18.45
CA MET C 342 -7.76 13.90 18.95
C MET C 342 -8.71 13.01 18.15
N ARG C 343 -8.81 13.25 16.85
CA ARG C 343 -9.75 12.51 16.01
C ARG C 343 -9.42 11.01 15.90
N GLU C 344 -8.17 10.66 16.24
CA GLU C 344 -7.74 9.27 16.21
C GLU C 344 -7.81 8.59 17.58
N GLY C 345 -8.27 9.33 18.59
CA GLY C 345 -8.58 8.78 19.91
C GLY C 345 -7.43 8.68 20.91
N ARG C 346 -6.30 9.32 20.59
CA ARG C 346 -5.14 9.27 21.47
C ARG C 346 -5.09 10.45 22.48
N GLY C 347 -6.24 11.08 22.70
CA GLY C 347 -6.38 12.11 23.73
C GLY C 347 -6.47 11.50 25.11
N PRO C 348 -6.56 12.33 26.16
CA PRO C 348 -6.62 13.78 26.12
C PRO C 348 -5.23 14.43 26.09
N ILE C 349 -5.15 15.64 25.54
CA ILE C 349 -3.89 16.37 25.46
C ILE C 349 -3.65 17.10 26.77
N TYR C 350 -2.64 16.65 27.50
CA TYR C 350 -2.46 16.99 28.90
C TYR C 350 -1.11 17.65 29.18
N MET C 351 -1.15 18.77 29.90
CA MET C 351 0.05 19.46 30.38
C MET C 351 0.40 18.98 31.79
N ASP C 352 1.30 18.01 31.89
CA ASP C 352 1.72 17.51 33.21
C ASP C 352 2.57 18.57 33.93
N THR C 353 1.89 19.45 34.65
CA THR C 353 2.54 20.52 35.41
C THR C 353 3.01 20.02 36.77
N LYS C 354 2.44 18.91 37.23
CA LYS C 354 2.82 18.28 38.49
C LYS C 354 4.32 18.00 38.53
N THR C 355 4.79 17.24 37.54
CA THR C 355 6.18 16.81 37.46
C THR C 355 7.11 17.93 37.01
N ALA C 356 6.62 18.77 36.10
CA ALA C 356 7.41 19.88 35.56
C ALA C 356 7.72 20.95 36.60
N LEU C 357 6.79 21.16 37.54
CA LEU C 357 6.99 22.12 38.60
C LEU C 357 7.96 21.63 39.67
N GLN C 358 7.90 20.34 40.00
CA GLN C 358 8.74 19.79 41.06
C GLN C 358 10.21 19.65 40.66
N THR C 359 10.48 19.51 39.36
CA THR C 359 11.86 19.46 38.87
C THR C 359 12.51 20.84 38.83
N SER C 360 11.76 21.83 38.33
CA SER C 360 12.26 23.19 38.24
C SER C 360 12.31 23.89 39.61
N PHE C 361 11.31 23.62 40.45
CA PHE C 361 11.27 24.14 41.82
C PHE C 361 12.47 23.70 42.65
N ALA C 362 12.93 22.48 42.41
CA ALA C 362 14.07 21.89 43.13
C ALA C 362 15.39 22.61 42.88
N THR C 363 15.40 23.55 41.93
CA THR C 363 16.60 24.30 41.57
C THR C 363 16.48 25.81 41.88
N MET C 364 15.57 26.16 42.80
CA MET C 364 15.31 27.56 43.16
C MET C 364 15.04 27.72 44.67
N SER C 365 15.22 28.94 45.17
CA SER C 365 14.98 29.25 46.60
C SER C 365 13.47 29.37 46.92
N PRO C 366 13.10 29.29 48.22
CA PRO C 366 11.70 29.46 48.64
C PRO C 366 11.04 30.76 48.13
N ALA C 367 11.81 31.85 48.10
CA ALA C 367 11.33 33.12 47.56
C ALA C 367 11.24 33.11 46.04
N GLN C 368 12.18 32.39 45.40
CA GLN C 368 12.20 32.23 43.95
C GLN C 368 11.07 31.33 43.48
N GLN C 369 10.63 30.43 44.36
CA GLN C 369 9.41 29.62 44.16
C GLN C 369 8.17 30.51 44.09
N LYS C 370 8.01 31.39 45.07
CA LYS C 370 6.87 32.31 45.15
C LYS C 370 6.83 33.28 43.96
N HIS C 371 8.01 33.73 43.54
CA HIS C 371 8.14 34.74 42.50
C HIS C 371 7.66 34.24 41.14
N LEU C 372 8.13 33.06 40.75
CA LEU C 372 7.80 32.48 39.44
C LEU C 372 6.37 31.93 39.37
N GLU C 373 5.86 31.45 40.51
CA GLU C 373 4.48 30.96 40.60
C GLU C 373 3.48 32.11 40.50
N ALA C 374 3.84 33.25 41.09
CA ALA C 374 2.98 34.43 41.09
C ALA C 374 2.91 35.11 39.72
N GLU C 375 3.95 34.92 38.92
CA GLU C 375 3.99 35.45 37.56
C GLU C 375 3.00 34.73 36.65
N ALA C 376 2.97 33.41 36.77
CA ALA C 376 2.13 32.56 35.92
C ALA C 376 0.66 32.61 36.31
N TRP C 377 0.40 32.79 37.61
CA TRP C 377 -0.97 32.98 38.10
C TRP C 377 -1.52 34.34 37.67
N GLU C 378 -0.63 35.31 37.51
CA GLU C 378 -0.98 36.64 37.01
C GLU C 378 -1.41 36.59 35.55
N ASP C 379 -0.96 35.56 34.85
CA ASP C 379 -1.35 35.35 33.46
C ASP C 379 -2.84 35.03 33.33
N PHE C 380 -3.44 34.61 34.44
CA PHE C 380 -4.89 34.41 34.53
C PHE C 380 -5.55 35.61 35.19
N LEU C 381 -5.07 35.97 36.37
CA LEU C 381 -5.65 37.04 37.19
C LEU C 381 -5.62 38.42 36.53
N ASP C 382 -4.90 38.54 35.42
CA ASP C 382 -4.82 39.78 34.67
C ASP C 382 -5.59 39.79 33.34
N MET C 383 -5.78 38.62 32.72
CA MET C 383 -6.51 38.56 31.45
C MET C 383 -7.56 37.44 31.30
N CYS C 384 -7.60 36.52 32.27
CA CYS C 384 -8.56 35.41 32.21
C CYS C 384 -8.86 34.84 33.60
N VAL C 385 -9.73 35.49 34.35
CA VAL C 385 -10.07 35.06 35.71
C VAL C 385 -10.84 33.74 35.68
N GLY C 386 -11.64 33.55 34.63
CA GLY C 386 -12.41 32.32 34.44
C GLY C 386 -11.59 31.05 34.63
N GLN C 387 -10.39 31.04 34.09
CA GLN C 387 -9.48 29.89 34.23
C GLN C 387 -9.06 29.66 35.67
N ALA C 388 -8.80 30.75 36.40
CA ALA C 388 -8.43 30.66 37.82
C ALA C 388 -9.58 30.11 38.66
N ASN C 389 -10.81 30.51 38.33
CA ASN C 389 -12.01 29.96 38.96
C ASN C 389 -12.13 28.46 38.74
N LEU C 390 -11.81 28.00 37.54
CA LEU C 390 -11.92 26.61 37.18
C LEU C 390 -10.93 25.74 37.95
N TRP C 391 -9.71 26.24 38.09
CA TRP C 391 -8.66 25.53 38.82
C TRP C 391 -8.99 25.45 40.31
N ALA C 392 -9.51 26.54 40.86
CA ALA C 392 -9.97 26.59 42.24
C ALA C 392 -11.10 25.58 42.48
N ALA C 393 -11.97 25.45 41.49
CA ALA C 393 -13.15 24.59 41.57
C ALA C 393 -12.84 23.11 41.32
N THR C 394 -11.73 22.82 40.65
CA THR C 394 -11.33 21.44 40.35
C THR C 394 -10.12 21.00 41.17
N ASN C 395 -9.70 21.87 42.10
CA ASN C 395 -8.51 21.64 42.95
C ASN C 395 -7.21 21.48 42.18
N CYS C 396 -7.26 21.77 40.87
CA CYS C 396 -6.10 21.65 39.98
C CYS C 396 -5.11 22.79 40.17
N ALA C 397 -4.58 22.93 41.39
CA ALA C 397 -3.39 23.74 41.61
C ALA C 397 -2.25 23.07 40.83
N PRO C 398 -1.50 23.87 40.07
CA PRO C 398 -0.50 23.31 39.15
C PRO C 398 0.48 22.35 39.83
N GLU C 399 0.77 22.61 41.10
CA GLU C 399 1.67 21.77 41.89
C GLU C 399 1.09 20.38 42.13
N GLU C 400 -0.22 20.28 42.33
CA GLU C 400 -0.86 18.99 42.65
C GLU C 400 -1.49 18.22 41.48
N ARG C 401 -1.89 18.92 40.42
CA ARG C 401 -2.22 18.26 39.13
C ARG C 401 -2.25 19.20 37.93
N GLY C 402 -2.01 18.65 36.74
CA GLY C 402 -2.01 19.41 35.50
C GLY C 402 -3.39 19.57 34.89
N SER C 403 -3.44 20.15 33.70
CA SER C 403 -4.71 20.49 33.04
C SER C 403 -4.72 20.10 31.56
N GLU C 404 -5.91 19.77 31.06
CA GLU C 404 -6.09 19.42 29.64
C GLU C 404 -6.12 20.66 28.74
N ILE C 405 -5.58 20.51 27.53
CA ILE C 405 -5.63 21.55 26.50
C ILE C 405 -6.64 21.14 25.42
N MET C 406 -7.27 22.12 24.80
CA MET C 406 -8.27 21.89 23.75
C MET C 406 -8.32 23.05 22.76
N PRO C 407 -8.58 22.76 21.48
CA PRO C 407 -8.87 23.85 20.55
C PRO C 407 -10.32 24.29 20.70
N THR C 408 -10.53 25.60 20.74
CA THR C 408 -11.84 26.18 20.98
C THR C 408 -12.67 26.16 19.72
N GLU C 409 -13.92 26.60 19.81
CA GLU C 409 -14.76 26.80 18.64
C GLU C 409 -14.20 27.98 17.82
N PRO C 410 -14.36 27.94 16.48
CA PRO C 410 -13.83 29.01 15.63
C PRO C 410 -14.43 30.39 15.93
N TYR C 411 -13.55 31.39 15.98
CA TYR C 411 -13.95 32.79 16.13
C TYR C 411 -13.58 33.57 14.86
N LEU C 412 -14.17 34.73 14.69
CA LEU C 412 -13.90 35.57 13.53
C LEU C 412 -13.39 36.92 13.98
N LEU C 413 -12.16 37.24 13.56
CA LEU C 413 -11.50 38.47 13.99
C LEU C 413 -10.41 38.89 13.02
N GLY C 414 -9.97 40.13 13.15
CA GLY C 414 -8.89 40.67 12.33
C GLY C 414 -7.71 41.21 13.11
N SER C 415 -7.85 41.31 14.43
CA SER C 415 -6.81 41.92 15.26
C SER C 415 -5.88 40.89 15.91
N HIS C 416 -6.39 39.73 16.26
CA HIS C 416 -5.55 38.67 16.83
C HIS C 416 -4.95 37.83 15.70
N SER C 417 -4.64 36.57 15.96
CA SER C 417 -3.98 35.71 14.96
C SER C 417 -4.93 35.18 13.87
N GLY C 418 -5.73 36.10 13.35
CA GLY C 418 -6.61 35.87 12.22
C GLY C 418 -6.70 37.16 11.44
N CYS C 419 -7.29 37.12 10.25
CA CYS C 419 -7.27 38.29 9.37
C CYS C 419 -8.51 38.43 8.49
N CYS C 420 -9.69 38.30 9.09
CA CYS C 420 -10.90 38.56 8.32
C CYS C 420 -11.47 39.91 8.71
N GLY C 421 -12.05 40.60 7.72
CA GLY C 421 -12.67 41.89 7.94
C GLY C 421 -13.00 42.68 6.68
N ILE C 422 -12.66 43.96 6.70
CA ILE C 422 -13.04 44.90 5.67
C ILE C 422 -11.80 45.37 4.89
N TRP C 423 -11.93 45.42 3.56
CA TRP C 423 -10.89 45.96 2.69
C TRP C 423 -10.69 47.45 2.98
N ALA C 424 -9.53 47.77 3.54
CA ALA C 424 -9.20 49.13 3.91
C ALA C 424 -8.10 49.70 3.00
N SER C 425 -8.01 51.02 2.92
CA SER C 425 -7.02 51.67 2.07
C SER C 425 -5.60 51.56 2.63
N GLY C 426 -4.63 51.62 1.72
CA GLY C 426 -3.22 51.72 2.09
C GLY C 426 -2.86 53.17 2.40
N PRO C 427 -1.63 53.41 2.89
CA PRO C 427 -1.16 54.72 3.39
C PRO C 427 -1.11 55.87 2.36
N ASP C 428 -1.13 55.55 1.06
CA ASP C 428 -0.96 56.57 0.00
C ASP C 428 0.49 57.09 -0.04
N GLU C 429 1.39 56.19 -0.42
CA GLU C 429 2.80 56.49 -0.57
C GLU C 429 3.35 55.61 -1.68
N ALA C 430 4.51 56.01 -2.21
CA ALA C 430 5.12 55.36 -3.37
C ALA C 430 5.22 53.84 -3.25
N TRP C 431 5.59 53.35 -2.07
CA TRP C 431 5.88 51.93 -1.84
C TRP C 431 4.63 51.04 -1.77
N VAL C 432 3.45 51.66 -1.81
CA VAL C 432 2.18 50.94 -1.77
C VAL C 432 1.61 50.82 -3.17
N PRO C 433 1.23 49.59 -3.60
CA PRO C 433 0.59 49.40 -4.90
C PRO C 433 -0.70 50.21 -5.01
N GLU C 434 -1.02 50.67 -6.23
CA GLU C 434 -2.24 51.41 -6.49
C GLU C 434 -3.51 50.63 -6.10
N ASP C 435 -3.53 49.34 -6.44
CA ASP C 435 -4.67 48.48 -6.17
C ASP C 435 -4.89 48.17 -4.68
N TYR C 436 -3.97 48.65 -3.84
CA TYR C 436 -4.07 48.48 -2.41
C TYR C 436 -4.57 49.77 -1.74
N LYS C 437 -4.72 50.82 -2.54
CA LYS C 437 -5.23 52.11 -2.07
C LYS C 437 -6.66 52.32 -2.58
N VAL C 438 -7.49 53.01 -1.80
CA VAL C 438 -8.88 53.23 -2.17
C VAL C 438 -9.08 54.33 -3.24
N ARG C 439 -8.64 55.55 -2.94
CA ARG C 439 -8.75 56.67 -3.88
C ARG C 439 -10.22 57.11 -4.09
N ALA C 440 -10.63 58.13 -3.33
CA ALA C 440 -12.00 58.62 -3.36
C ALA C 440 -12.30 59.47 -4.60
N ALA C 441 -13.56 59.89 -4.76
CA ALA C 441 -13.99 60.69 -5.90
C ALA C 441 -13.40 62.11 -5.93
N ASN C 442 -12.83 62.55 -4.81
CA ASN C 442 -12.15 63.85 -4.75
C ASN C 442 -10.72 63.80 -5.28
N GLY C 443 -10.27 62.61 -5.68
CA GLY C 443 -8.96 62.42 -6.29
C GLY C 443 -7.92 61.87 -5.33
N LYS C 444 -7.96 62.34 -4.08
CA LYS C 444 -6.98 61.95 -3.07
C LYS C 444 -7.41 60.71 -2.29
N VAL C 445 -6.43 60.01 -1.71
CA VAL C 445 -6.66 58.74 -1.02
C VAL C 445 -6.32 58.81 0.48
N TYR C 446 -7.30 58.42 1.29
CA TYR C 446 -7.19 58.46 2.76
C TYR C 446 -6.91 57.07 3.31
N ASN C 447 -5.88 56.94 4.12
CA ASN C 447 -5.47 55.66 4.69
C ASN C 447 -6.58 55.04 5.53
N ARG C 448 -6.69 53.71 5.46
CA ARG C 448 -7.61 52.92 6.28
C ARG C 448 -9.09 53.06 5.96
N MET C 449 -9.41 53.81 4.91
CA MET C 449 -10.80 53.99 4.47
C MET C 449 -11.31 52.77 3.71
N THR C 450 -12.60 52.47 3.88
CA THR C 450 -13.25 51.39 3.16
C THR C 450 -13.63 51.87 1.77
N THR C 451 -14.13 50.95 0.93
CA THR C 451 -14.59 51.28 -0.42
C THR C 451 -15.80 52.21 -0.41
N VAL C 452 -16.27 52.57 0.78
CA VAL C 452 -17.42 53.47 0.94
C VAL C 452 -16.95 54.85 1.36
N GLU C 453 -17.20 55.80 0.47
CA GLU C 453 -16.89 57.21 0.70
C GLU C 453 -17.33 57.65 2.09
N GLY C 454 -16.36 58.05 2.91
CA GLY C 454 -16.65 58.57 4.24
C GLY C 454 -16.66 57.56 5.38
N LEU C 455 -16.59 56.27 5.03
CA LEU C 455 -16.64 55.19 6.04
C LEU C 455 -15.26 54.58 6.34
N TRP C 456 -14.92 54.56 7.62
CA TRP C 456 -13.67 53.99 8.09
C TRP C 456 -13.87 52.81 9.03
N THR C 457 -12.85 51.96 9.09
CA THR C 457 -12.76 50.93 10.11
C THR C 457 -11.30 50.80 10.55
N CYS C 458 -11.09 50.28 11.75
CA CYS C 458 -9.75 50.07 12.29
C CYS C 458 -9.84 48.97 13.34
N ALA C 459 -8.74 48.25 13.54
CA ALA C 459 -8.60 47.26 14.60
C ALA C 459 -9.70 46.22 14.59
N ASP C 460 -9.35 44.97 14.24
CA ASP C 460 -10.33 43.88 14.27
C ASP C 460 -11.39 44.06 13.17
N GLY C 461 -11.37 45.22 12.53
CA GLY C 461 -12.30 45.54 11.45
C GLY C 461 -11.66 45.45 10.08
N VAL C 462 -10.40 45.88 9.98
CA VAL C 462 -9.68 45.78 8.71
C VAL C 462 -9.10 44.38 8.52
N GLY C 463 -9.51 43.72 7.45
CA GLY C 463 -9.14 42.33 7.20
C GLY C 463 -7.78 42.19 6.56
N ALA C 464 -7.34 40.93 6.45
CA ALA C 464 -6.09 40.57 5.76
C ALA C 464 -4.84 41.26 6.33
N SER C 465 -4.90 41.69 7.58
CA SER C 465 -3.74 42.25 8.26
C SER C 465 -3.84 41.99 9.77
N GLY C 466 -3.66 40.73 10.14
CA GLY C 466 -3.78 40.29 11.52
C GLY C 466 -2.59 40.64 12.39
N HIS C 467 -2.61 40.11 13.62
CA HIS C 467 -1.55 40.35 14.61
C HIS C 467 -1.37 41.83 14.94
N LYS C 468 -2.48 42.56 14.95
CA LYS C 468 -2.49 43.95 15.40
C LYS C 468 -2.36 43.98 16.92
N PHE C 469 -3.23 43.22 17.60
CA PHE C 469 -3.29 43.14 19.05
C PHE C 469 -3.65 44.49 19.70
N SER C 470 -3.71 44.50 21.04
CA SER C 470 -4.16 45.68 21.78
C SER C 470 -3.46 46.95 21.34
N SER C 471 -2.12 46.93 21.39
CA SER C 471 -1.27 48.06 21.02
C SER C 471 -1.45 48.46 19.57
N GLY C 472 -1.47 47.47 18.68
CA GLY C 472 -1.60 47.70 17.25
C GLY C 472 -2.96 48.23 16.85
N SER C 473 -4.00 47.77 17.56
CA SER C 473 -5.36 48.24 17.35
C SER C 473 -5.46 49.72 17.67
N HIS C 474 -4.92 50.10 18.82
CA HIS C 474 -4.85 51.49 19.27
C HIS C 474 -4.18 52.38 18.21
N ALA C 475 -3.03 51.92 17.72
CA ALA C 475 -2.27 52.64 16.71
C ALA C 475 -3.08 52.83 15.43
N GLU C 476 -3.78 51.78 15.00
CA GLU C 476 -4.60 51.85 13.79
C GLU C 476 -5.73 52.87 13.95
N GLY C 477 -6.30 52.94 15.16
CA GLY C 477 -7.33 53.90 15.47
C GLY C 477 -6.85 55.31 15.18
N ARG C 478 -5.69 55.64 15.73
CA ARG C 478 -5.09 56.95 15.58
C ARG C 478 -4.94 57.36 14.12
N ILE C 479 -4.57 56.41 13.27
CA ILE C 479 -4.44 56.67 11.83
C ILE C 479 -5.78 57.11 11.25
N VAL C 480 -6.83 56.40 11.63
CA VAL C 480 -8.20 56.74 11.22
C VAL C 480 -8.58 58.11 11.76
N GLY C 481 -8.23 58.36 13.01
CA GLY C 481 -8.50 59.64 13.67
C GLY C 481 -8.09 60.82 12.81
N LYS C 482 -6.82 60.87 12.44
CA LYS C 482 -6.28 61.93 11.61
C LYS C 482 -7.03 62.02 10.28
N GLN C 483 -7.21 60.87 9.63
CA GLN C 483 -7.81 60.81 8.29
C GLN C 483 -9.21 61.40 8.24
N MET C 484 -9.97 61.25 9.33
CA MET C 484 -11.34 61.73 9.39
C MET C 484 -11.44 63.26 9.46
N VAL C 485 -10.58 63.87 10.26
CA VAL C 485 -10.48 65.33 10.33
C VAL C 485 -10.06 65.86 8.95
N ARG C 486 -9.05 65.22 8.38
CA ARG C 486 -8.59 65.49 7.02
C ARG C 486 -9.73 65.31 6.01
N TRP C 487 -10.55 64.29 6.21
CA TRP C 487 -11.73 64.05 5.37
C TRP C 487 -12.77 65.16 5.52
N TYR C 488 -13.03 65.55 6.77
CA TYR C 488 -14.04 66.56 7.08
C TYR C 488 -13.73 67.86 6.34
N LEU C 489 -12.49 68.32 6.46
CA LEU C 489 -12.07 69.59 5.87
C LEU C 489 -12.10 69.58 4.35
N ASP C 490 -12.02 68.38 3.76
CA ASP C 490 -12.12 68.22 2.32
C ASP C 490 -13.55 68.10 1.82
N HIS C 491 -14.50 67.94 2.74
CA HIS C 491 -15.92 67.78 2.38
C HIS C 491 -16.87 68.58 3.27
N LYS C 492 -16.39 69.72 3.78
CA LYS C 492 -17.17 70.57 4.71
C LYS C 492 -18.62 70.82 4.33
N ASP C 493 -18.90 70.91 3.03
CA ASP C 493 -20.25 71.25 2.54
C ASP C 493 -21.13 70.02 2.30
N PHE C 494 -21.01 69.00 3.14
CA PHE C 494 -21.65 67.71 2.87
C PHE C 494 -23.20 67.72 2.93
N LYS C 495 -23.76 67.93 4.12
CA LYS C 495 -25.23 67.98 4.31
C LYS C 495 -25.93 66.65 3.94
N PRO C 496 -25.90 65.66 4.87
CA PRO C 496 -26.32 64.28 4.59
C PRO C 496 -27.83 64.08 4.59
N GLU C 497 -28.29 63.10 3.81
CA GLU C 497 -29.72 62.74 3.74
C GLU C 497 -29.91 61.23 3.70
N PHE C 498 -31.10 60.79 4.11
CA PHE C 498 -31.46 59.37 4.05
C PHE C 498 -32.60 59.15 3.08
N VAL C 499 -32.64 57.97 2.48
CA VAL C 499 -33.81 57.54 1.70
C VAL C 499 -35.01 57.30 2.62
N GLU C 500 -34.74 56.79 3.83
CA GLU C 500 -35.79 56.50 4.81
C GLU C 500 -36.16 57.73 5.63
N THR C 501 -37.37 57.70 6.20
CA THR C 501 -37.82 58.74 7.12
C THR C 501 -37.52 58.31 8.55
N ALA C 502 -37.36 59.29 9.44
CA ALA C 502 -37.02 59.03 10.85
C ALA C 502 -37.99 58.05 11.52
N GLU C 503 -39.26 58.09 11.11
CA GLU C 503 -40.30 57.22 11.65
C GLU C 503 -40.15 55.78 11.15
N GLU C 504 -39.77 55.65 9.88
CA GLU C 504 -39.54 54.34 9.26
C GLU C 504 -38.33 53.62 9.86
N LEU C 505 -37.31 54.38 10.23
CA LEU C 505 -36.13 53.83 10.90
C LEU C 505 -36.50 53.28 12.27
N LYS C 506 -37.18 54.10 13.07
CA LYS C 506 -37.66 53.71 14.39
C LYS C 506 -38.53 52.46 14.33
N THR C 507 -39.48 52.42 13.40
CA THR C 507 -40.41 51.31 13.26
C THR C 507 -39.72 50.03 12.75
N LEU C 508 -38.50 50.19 12.26
CA LEU C 508 -37.67 49.08 11.80
C LEU C 508 -36.88 48.48 12.96
N ILE C 509 -36.30 49.34 13.80
CA ILE C 509 -35.47 48.89 14.92
C ILE C 509 -36.31 48.22 16.01
N TYR C 510 -37.50 48.78 16.27
CA TYR C 510 -38.38 48.22 17.30
C TYR C 510 -39.36 47.19 16.75
N ARG C 511 -39.02 46.57 15.62
CA ARG C 511 -39.84 45.50 15.06
C ARG C 511 -40.02 44.33 16.06
N PRO C 512 -38.91 43.83 16.65
CA PRO C 512 -39.06 42.77 17.64
C PRO C 512 -40.09 43.08 18.74
N TYR C 513 -40.17 44.34 19.15
CA TYR C 513 -41.12 44.79 20.17
C TYR C 513 -42.56 44.67 19.69
N TYR C 514 -42.81 45.02 18.42
CA TYR C 514 -44.15 44.92 17.84
C TYR C 514 -44.51 43.48 17.54
N ASN C 515 -43.53 42.69 17.11
CA ASN C 515 -43.70 41.26 16.90
C ASN C 515 -44.19 40.59 18.17
N TYR C 516 -43.58 40.95 19.30
CA TYR C 516 -43.98 40.41 20.59
C TYR C 516 -45.36 40.88 21.02
N GLU C 517 -45.55 42.20 20.99
CA GLU C 517 -46.77 42.81 21.51
C GLU C 517 -48.03 42.29 20.79
N LYS C 518 -47.94 42.08 19.49
CA LYS C 518 -49.07 41.57 18.72
C LYS C 518 -49.18 40.03 18.70
N GLY C 519 -48.12 39.36 19.16
CA GLY C 519 -48.05 37.90 19.10
C GLY C 519 -48.20 37.17 20.43
N LYS C 520 -48.01 37.90 21.53
CA LYS C 520 -48.05 37.32 22.88
C LYS C 520 -49.39 36.68 23.24
N GLY C 521 -50.45 37.07 22.54
CA GLY C 521 -51.79 36.55 22.80
C GLY C 521 -52.00 35.12 22.33
N ALA C 522 -51.07 34.60 21.53
CA ALA C 522 -51.21 33.27 20.94
C ALA C 522 -50.95 32.15 21.94
N SER C 523 -50.18 32.46 22.97
CA SER C 523 -49.71 31.44 23.91
C SER C 523 -49.73 31.94 25.35
N THR C 524 -49.72 30.99 26.29
CA THR C 524 -49.60 31.30 27.72
C THR C 524 -48.13 31.38 28.13
N CYS C 525 -47.25 31.02 27.20
CA CYS C 525 -45.81 31.09 27.41
C CYS C 525 -45.20 32.11 26.43
N PRO C 526 -44.34 33.01 26.93
CA PRO C 526 -43.75 34.05 26.08
C PRO C 526 -42.72 33.49 25.09
N VAL C 527 -42.20 32.30 25.39
CA VAL C 527 -41.19 31.65 24.55
C VAL C 527 -41.81 30.70 23.52
N VAL C 528 -42.50 29.66 24.00
CA VAL C 528 -43.15 28.70 23.09
C VAL C 528 -44.41 29.34 22.48
N ASN C 529 -44.27 29.83 21.26
CA ASN C 529 -45.27 30.65 20.60
C ASN C 529 -45.04 30.65 19.07
N PRO C 530 -46.10 30.37 18.29
CA PRO C 530 -45.96 30.23 16.83
C PRO C 530 -45.69 31.54 16.07
N GLU C 531 -46.12 32.67 16.64
CA GLU C 531 -46.10 33.95 15.93
C GLU C 531 -44.70 34.52 15.72
N TYR C 532 -43.78 34.21 16.64
CA TYR C 532 -42.43 34.76 16.62
C TYR C 532 -41.38 33.76 17.13
N ILE C 533 -40.18 34.25 17.41
CA ILE C 533 -39.08 33.42 17.90
C ILE C 533 -38.16 34.23 18.83
N SER C 534 -37.92 33.71 20.03
CA SER C 534 -37.05 34.37 21.01
C SER C 534 -35.60 34.43 20.53
N PRO C 535 -34.82 35.42 21.02
CA PRO C 535 -33.42 35.54 20.59
C PRO C 535 -32.57 34.34 21.04
N LYS C 536 -32.83 33.87 22.27
CA LYS C 536 -32.12 32.71 22.83
C LYS C 536 -32.24 31.47 21.94
N ASN C 537 -33.40 31.30 21.32
CA ASN C 537 -33.64 30.18 20.42
C ASN C 537 -33.09 30.43 19.02
N PHE C 538 -33.17 31.68 18.57
CA PHE C 538 -32.65 32.05 17.28
C PHE C 538 -31.15 31.79 17.23
N MET C 539 -30.44 32.27 18.24
CA MET C 539 -29.00 32.05 18.33
C MET C 539 -28.70 30.56 18.39
N MET C 540 -29.40 29.87 19.30
CA MET C 540 -29.24 28.44 19.49
C MET C 540 -29.37 27.66 18.19
N ARG C 541 -30.37 28.03 17.39
CA ARG C 541 -30.63 27.41 16.09
C ARG C 541 -29.51 27.71 15.10
N LEU C 542 -28.98 28.93 15.14
CA LEU C 542 -27.89 29.37 14.27
C LEU C 542 -26.61 28.58 14.52
N ILE C 543 -26.12 28.60 15.75
CA ILE C 543 -24.87 27.93 16.12
C ILE C 543 -24.90 26.42 15.90
N LYS C 544 -26.08 25.82 16.03
CA LYS C 544 -26.29 24.40 15.77
C LYS C 544 -26.14 24.11 14.27
N CYS C 545 -26.58 25.06 13.46
CA CYS C 545 -26.48 24.97 12.00
C CYS C 545 -25.05 25.19 11.52
N THR C 546 -24.41 26.24 12.04
CA THR C 546 -23.03 26.57 11.66
C THR C 546 -22.04 25.53 12.16
N ASP C 547 -22.31 24.93 13.32
CA ASP C 547 -21.44 23.87 13.85
C ASP C 547 -21.37 22.67 12.91
N GLU C 548 -22.53 22.29 12.37
CA GLU C 548 -22.61 21.09 11.55
C GLU C 548 -22.21 21.30 10.09
N TYR C 549 -22.60 22.44 9.52
CA TYR C 549 -22.38 22.70 8.10
C TYR C 549 -21.35 23.79 7.77
N GLY C 550 -20.82 24.42 8.80
CA GLY C 550 -19.78 25.45 8.62
C GLY C 550 -18.45 25.03 9.20
N GLY C 551 -18.33 23.74 9.52
CA GLY C 551 -17.09 23.18 10.05
C GLY C 551 -16.77 23.62 11.48
N GLY C 552 -17.70 23.35 12.39
CA GLY C 552 -17.51 23.68 13.81
C GLY C 552 -16.78 22.58 14.53
N VAL C 553 -16.87 22.56 15.86
CA VAL C 553 -16.17 21.54 16.66
C VAL C 553 -16.73 20.13 16.47
N GLY C 554 -18.06 20.03 16.37
CA GLY C 554 -18.75 18.75 16.32
C GLY C 554 -18.39 17.90 15.12
N THR C 555 -17.90 18.56 14.08
CA THR C 555 -17.57 17.91 12.83
C THR C 555 -16.04 17.83 12.65
N TYR C 556 -15.31 18.20 13.70
CA TYR C 556 -13.84 18.28 13.72
C TYR C 556 -13.27 19.33 12.76
N TYR C 557 -13.97 20.46 12.65
CA TYR C 557 -13.58 21.60 11.82
C TYR C 557 -13.64 21.26 10.33
N ASN C 558 -14.52 20.32 9.98
CA ASN C 558 -14.56 19.79 8.63
C ASN C 558 -15.80 20.22 7.87
N THR C 559 -15.60 20.70 6.65
CA THR C 559 -16.70 21.11 5.79
C THR C 559 -16.38 20.82 4.31
N SER C 560 -17.41 20.92 3.46
CA SER C 560 -17.27 20.70 2.03
C SER C 560 -18.36 21.44 1.29
N LYS C 561 -18.24 21.55 -0.03
CA LYS C 561 -19.24 22.19 -0.87
C LYS C 561 -20.64 21.62 -0.61
N ALA C 562 -20.71 20.32 -0.36
CA ALA C 562 -21.97 19.63 -0.05
C ALA C 562 -22.53 20.06 1.30
N LEU C 563 -21.72 19.92 2.34
CA LEU C 563 -22.08 20.34 3.69
C LEU C 563 -22.56 21.78 3.76
N LEU C 564 -21.76 22.68 3.19
CA LEU C 564 -22.06 24.11 3.16
C LEU C 564 -23.39 24.45 2.50
N ASP C 565 -23.70 23.76 1.41
CA ASP C 565 -24.95 23.98 0.66
C ASP C 565 -26.18 23.68 1.50
N THR C 566 -26.09 22.66 2.36
CA THR C 566 -27.17 22.32 3.30
C THR C 566 -27.29 23.42 4.34
N GLY C 567 -26.16 23.99 4.73
CA GLY C 567 -26.13 25.12 5.66
C GLY C 567 -26.83 26.35 5.09
N PHE C 568 -26.47 26.72 3.86
CA PHE C 568 -27.03 27.91 3.20
C PHE C 568 -28.55 27.82 3.00
N TRP C 569 -29.05 26.60 2.80
CA TRP C 569 -30.48 26.33 2.69
C TRP C 569 -31.17 26.58 4.03
N LEU C 570 -30.57 26.06 5.09
CA LEU C 570 -31.07 26.23 6.46
C LEU C 570 -31.00 27.68 6.92
N MET C 571 -30.04 28.43 6.37
CA MET C 571 -29.81 29.82 6.78
C MET C 571 -30.75 30.83 6.15
N GLU C 572 -31.18 30.59 4.91
CA GLU C 572 -32.09 31.54 4.26
C GLU C 572 -33.54 31.38 4.75
N MET C 573 -33.84 30.20 5.30
CA MET C 573 -35.07 29.98 6.05
C MET C 573 -34.99 30.63 7.43
N LEU C 574 -33.77 30.70 7.96
CA LEU C 574 -33.50 31.40 9.20
C LEU C 574 -33.51 32.92 8.99
N GLU C 575 -33.20 33.34 7.77
CA GLU C 575 -33.29 34.75 7.40
C GLU C 575 -34.74 35.21 7.36
N GLU C 576 -35.58 34.42 6.69
CA GLU C 576 -37.01 34.69 6.60
C GLU C 576 -37.62 34.77 8.00
N ASP C 577 -37.17 33.87 8.88
CA ASP C 577 -37.63 33.80 10.27
C ASP C 577 -37.06 34.89 11.18
N SER C 578 -35.97 35.53 10.76
CA SER C 578 -35.34 36.59 11.54
C SER C 578 -36.27 37.80 11.64
N LEU C 579 -37.04 38.03 10.58
CA LEU C 579 -38.06 39.09 10.55
C LEU C 579 -39.05 38.94 11.71
N LYS C 580 -39.16 37.73 12.24
CA LYS C 580 -40.10 37.44 13.32
C LYS C 580 -39.40 37.27 14.68
N LEU C 581 -38.30 37.98 14.88
CA LEU C 581 -37.65 38.03 16.19
C LEU C 581 -38.45 38.89 17.14
N ALA C 582 -38.55 38.47 18.40
CA ALA C 582 -39.37 39.17 19.39
C ALA C 582 -38.57 39.57 20.63
N ALA C 583 -38.87 40.75 21.17
CA ALA C 583 -38.22 41.24 22.39
C ALA C 583 -39.23 41.63 23.47
N ARG C 584 -39.04 41.09 24.67
CA ARG C 584 -39.91 41.37 25.80
C ARG C 584 -39.42 42.56 26.62
N ASP C 585 -38.12 42.87 26.48
CA ASP C 585 -37.47 43.97 27.19
C ASP C 585 -36.27 44.47 26.39
N LEU C 586 -35.67 45.56 26.85
CA LEU C 586 -34.53 46.17 26.15
C LEU C 586 -33.31 45.25 25.99
N HIS C 587 -33.04 44.44 27.00
CA HIS C 587 -31.94 43.49 26.94
C HIS C 587 -32.19 42.43 25.86
N GLU C 588 -33.44 42.00 25.75
CA GLU C 588 -33.84 41.08 24.67
C GLU C 588 -33.74 41.72 23.29
N LEU C 589 -34.05 43.01 23.21
CA LEU C 589 -33.91 43.76 21.95
C LEU C 589 -32.45 43.85 21.52
N LEU C 590 -31.56 44.07 22.49
CA LEU C 590 -30.12 44.05 22.23
C LEU C 590 -29.71 42.71 21.64
N ARG C 591 -30.18 41.62 22.27
CA ARG C 591 -29.89 40.25 21.82
C ARG C 591 -30.49 39.95 20.46
N CYS C 592 -31.68 40.51 20.20
CA CYS C 592 -32.35 40.37 18.90
C CYS C 592 -31.51 40.92 17.75
N TRP C 593 -30.94 42.11 17.95
CA TRP C 593 -30.12 42.76 16.93
C TRP C 593 -28.68 42.27 16.89
N GLU C 594 -28.19 41.80 18.04
CA GLU C 594 -26.86 41.19 18.10
C GLU C 594 -26.82 39.88 17.31
N ASN C 595 -27.79 39.02 17.56
CA ASN C 595 -27.87 37.71 16.90
C ASN C 595 -28.20 37.77 15.42
N TYR C 596 -28.81 38.87 14.97
CA TYR C 596 -28.99 39.10 13.54
C TYR C 596 -27.65 39.44 12.90
N HIS C 597 -26.87 40.31 13.55
CA HIS C 597 -25.53 40.62 13.08
C HIS C 597 -24.69 39.35 12.95
N ARG C 598 -24.87 38.43 13.91
CA ARG C 598 -24.17 37.15 13.90
C ARG C 598 -24.50 36.32 12.65
N LEU C 599 -25.78 36.23 12.30
CA LEU C 599 -26.23 35.47 11.13
C LEU C 599 -25.46 35.90 9.88
N TRP C 600 -25.53 37.20 9.57
CA TRP C 600 -24.84 37.78 8.42
C TRP C 600 -23.37 37.38 8.36
N THR C 601 -22.62 37.70 9.41
CA THR C 601 -21.17 37.48 9.45
C THR C 601 -20.81 36.03 9.14
N VAL C 602 -21.33 35.11 9.95
CA VAL C 602 -20.96 33.70 9.83
C VAL C 602 -21.38 33.10 8.48
N ARG C 603 -22.51 33.55 7.95
CA ARG C 603 -22.95 33.13 6.62
C ARG C 603 -21.94 33.57 5.56
N LEU C 604 -21.45 34.80 5.70
CA LEU C 604 -20.45 35.35 4.78
C LEU C 604 -19.13 34.58 4.93
N HIS C 605 -18.71 34.37 6.18
CA HIS C 605 -17.55 33.53 6.49
C HIS C 605 -17.67 32.19 5.76
N MET C 606 -18.88 31.66 5.69
CA MET C 606 -19.13 30.39 5.01
C MET C 606 -19.20 30.56 3.49
N GLN C 607 -19.71 31.70 3.04
CA GLN C 607 -19.79 32.00 1.61
C GLN C 607 -18.41 32.13 1.00
N HIS C 608 -17.49 32.68 1.80
CA HIS C 608 -16.09 32.83 1.40
C HIS C 608 -15.35 31.49 1.33
N ILE C 609 -15.61 30.58 2.28
CA ILE C 609 -14.95 29.27 2.28
C ILE C 609 -15.48 28.35 1.19
N ALA C 610 -16.75 28.55 0.81
CA ALA C 610 -17.37 27.79 -0.28
C ALA C 610 -16.76 28.19 -1.62
N PHE C 611 -16.37 29.45 -1.72
CA PHE C 611 -15.70 30.01 -2.90
C PHE C 611 -14.27 29.49 -3.00
N ARG C 612 -13.47 29.76 -1.96
CA ARG C 612 -12.07 29.34 -1.93
C ARG C 612 -11.95 27.82 -1.98
N GLU C 613 -11.58 27.30 -3.15
CA GLU C 613 -11.49 25.86 -3.38
C GLU C 613 -10.14 25.28 -3.00
N GLU C 614 -9.73 25.56 -1.76
CA GLU C 614 -8.52 25.01 -1.16
C GLU C 614 -8.65 25.08 0.36
N SER C 615 -7.77 24.37 1.07
CA SER C 615 -7.73 24.44 2.53
C SER C 615 -6.51 25.24 2.97
N ARG C 616 -6.66 26.56 2.99
CA ARG C 616 -5.58 27.51 3.29
C ARG C 616 -5.17 27.51 4.75
N TYR C 617 -6.09 27.15 5.64
CA TYR C 617 -5.79 27.09 7.07
C TYR C 617 -6.10 25.73 7.69
N PRO C 618 -5.34 24.68 7.30
CA PRO C 618 -5.56 23.37 7.91
C PRO C 618 -5.24 23.42 9.41
N GLY C 619 -6.14 22.86 10.21
CA GLY C 619 -6.05 22.96 11.66
C GLY C 619 -7.12 23.89 12.18
N PHE C 620 -7.40 24.93 11.39
CA PHE C 620 -8.50 25.84 11.67
C PHE C 620 -9.78 25.34 11.01
N TYR C 621 -9.73 25.10 9.69
CA TYR C 621 -10.79 24.41 8.97
C TYR C 621 -10.27 23.66 7.75
N TYR C 622 -11.02 22.64 7.32
CA TYR C 622 -10.65 21.83 6.17
C TYR C 622 -11.79 21.77 5.16
N ARG C 623 -11.46 21.93 3.87
CA ARG C 623 -12.38 21.61 2.78
C ARG C 623 -12.18 20.14 2.41
N ALA C 624 -13.16 19.30 2.73
CA ALA C 624 -13.08 17.86 2.43
C ALA C 624 -12.85 17.59 0.94
N ASP C 625 -13.45 18.42 0.10
CA ASP C 625 -13.37 18.30 -1.35
C ASP C 625 -12.12 18.96 -1.95
N PHE C 626 -11.43 19.77 -1.15
CA PHE C 626 -10.17 20.42 -1.57
C PHE C 626 -9.19 20.47 -0.40
N LEU C 627 -8.63 19.31 -0.05
CA LEU C 627 -7.87 19.13 1.19
C LEU C 627 -6.52 19.86 1.23
N GLY C 628 -5.88 19.97 0.07
CA GLY C 628 -4.57 20.63 -0.01
C GLY C 628 -4.69 22.08 -0.40
N LEU C 629 -3.61 22.84 -0.19
CA LEU C 629 -3.57 24.24 -0.62
C LEU C 629 -3.03 24.37 -2.04
N ASP C 630 -3.51 25.39 -2.74
CA ASP C 630 -3.22 25.60 -4.16
C ASP C 630 -2.75 27.05 -4.37
N ASP C 631 -1.53 27.20 -4.88
CA ASP C 631 -0.97 28.54 -5.12
C ASP C 631 -1.12 29.00 -6.57
N SER C 632 -1.29 28.07 -7.49
CA SER C 632 -1.46 28.40 -8.91
C SER C 632 -2.80 29.08 -9.15
N LYS C 633 -3.81 28.70 -8.36
CA LYS C 633 -5.17 29.21 -8.53
C LYS C 633 -5.61 30.17 -7.42
N TRP C 634 -5.16 29.92 -6.19
CA TRP C 634 -5.69 30.62 -5.02
C TRP C 634 -4.68 31.44 -4.21
N LYS C 635 -3.58 31.84 -4.85
CA LYS C 635 -2.61 32.75 -4.21
C LYS C 635 -3.09 34.20 -4.36
N CYS C 636 -4.13 34.51 -3.59
CA CYS C 636 -4.85 35.78 -3.70
C CYS C 636 -5.82 35.95 -2.53
N PHE C 637 -6.42 37.13 -2.46
CA PHE C 637 -7.47 37.38 -1.48
C PHE C 637 -8.81 36.99 -2.07
N VAL C 638 -9.71 36.48 -1.23
CA VAL C 638 -11.10 36.33 -1.62
C VAL C 638 -11.87 37.55 -1.09
N ASN C 639 -12.44 38.32 -2.00
CA ASN C 639 -13.20 39.51 -1.65
C ASN C 639 -14.68 39.40 -1.98
N SER C 640 -15.50 40.18 -1.28
CA SER C 640 -16.93 40.25 -1.57
C SER C 640 -17.45 41.68 -1.47
N LYS C 641 -18.49 41.97 -2.25
CA LYS C 641 -19.20 43.23 -2.16
C LYS C 641 -20.70 42.95 -2.23
N TYR C 642 -21.42 43.39 -1.21
CA TYR C 642 -22.86 43.21 -1.16
C TYR C 642 -23.60 44.36 -1.84
N ASP C 643 -24.57 44.01 -2.67
CA ASP C 643 -25.40 44.98 -3.39
C ASP C 643 -26.74 45.16 -2.68
N PRO C 644 -26.94 46.31 -2.02
CA PRO C 644 -28.14 46.57 -1.22
C PRO C 644 -29.40 46.60 -2.08
N ALA C 645 -29.28 47.17 -3.27
CA ALA C 645 -30.38 47.31 -4.21
C ALA C 645 -30.85 45.98 -4.79
N LYS C 646 -29.94 45.02 -4.91
CA LYS C 646 -30.23 43.72 -5.53
C LYS C 646 -30.29 42.55 -4.53
N LYS C 647 -29.84 42.81 -3.29
CA LYS C 647 -29.74 41.77 -2.26
C LYS C 647 -28.81 40.62 -2.66
N GLU C 648 -27.72 40.96 -3.36
CA GLU C 648 -26.78 39.95 -3.85
C GLU C 648 -25.35 40.21 -3.44
N THR C 649 -24.63 39.14 -3.10
CA THR C 649 -23.22 39.22 -2.74
C THR C 649 -22.33 38.58 -3.81
N LYS C 650 -21.64 39.43 -4.56
CA LYS C 650 -20.69 38.96 -5.57
C LYS C 650 -19.36 38.64 -4.90
N ILE C 651 -18.91 37.40 -5.06
CA ILE C 651 -17.64 36.97 -4.49
C ILE C 651 -16.62 36.78 -5.61
N PHE C 652 -15.48 37.45 -5.49
CA PHE C 652 -14.46 37.47 -6.54
C PHE C 652 -13.05 37.35 -5.97
N LYS C 653 -12.10 36.97 -6.83
CA LYS C 653 -10.70 36.92 -6.43
C LYS C 653 -10.07 38.31 -6.49
N LYS C 654 -9.16 38.58 -5.55
CA LYS C 654 -8.48 39.86 -5.48
C LYS C 654 -6.98 39.63 -5.53
N PRO C 655 -6.25 40.43 -6.34
CA PRO C 655 -4.81 40.27 -6.50
C PRO C 655 -4.00 40.54 -5.24
N TYR C 656 -3.01 39.69 -4.98
CA TYR C 656 -2.06 39.88 -3.89
C TYR C 656 -0.72 40.37 -4.43
N TYR C 657 -0.20 41.44 -3.82
CA TYR C 657 1.14 41.94 -4.15
C TYR C 657 2.10 41.60 -3.03
N GLN C 658 3.26 41.03 -3.38
CA GLN C 658 4.33 40.85 -2.42
C GLN C 658 5.13 42.14 -2.35
N ILE C 659 5.38 42.62 -1.13
CA ILE C 659 6.09 43.88 -0.91
C ILE C 659 7.38 43.64 -0.10
N ILE C 660 7.29 42.75 0.91
CA ILE C 660 8.45 42.33 1.69
C ILE C 660 9.07 41.05 1.07
N PRO C 661 10.39 41.07 0.80
CA PRO C 661 11.13 39.94 0.19
C PRO C 661 11.12 38.64 1.00
N ASP C 662 11.63 37.57 0.38
CA ASP C 662 11.64 36.20 0.93
C ASP C 662 10.25 35.59 0.94
N PRO D 1 -20.47 32.34 36.53
CA PRO D 1 -21.14 33.64 36.45
C PRO D 1 -21.34 34.28 37.82
N THR D 2 -21.90 35.50 37.82
CA THR D 2 -22.00 36.32 39.02
C THR D 2 -23.37 36.25 39.69
N TYR D 3 -23.39 36.47 41.01
CA TYR D 3 -24.63 36.55 41.79
C TYR D 3 -24.47 37.59 42.90
N VAL D 4 -25.58 38.20 43.29
CA VAL D 4 -25.52 39.22 44.33
C VAL D 4 -25.91 38.62 45.69
N ASP D 5 -25.15 39.01 46.72
CA ASP D 5 -25.43 38.62 48.11
C ASP D 5 -26.38 39.64 48.72
N PRO D 6 -27.66 39.26 48.92
CA PRO D 6 -28.67 40.19 49.42
C PRO D 6 -28.32 40.82 50.78
N SER D 7 -27.61 40.08 51.63
CA SER D 7 -27.22 40.60 52.94
C SER D 7 -26.13 41.67 52.84
N LYS D 8 -25.43 41.74 51.71
CA LYS D 8 -24.33 42.70 51.51
C LYS D 8 -24.69 43.87 50.59
N CYS D 9 -25.70 43.69 49.75
CA CYS D 9 -26.09 44.70 48.76
C CYS D 9 -27.08 45.72 49.32
N ASP D 10 -26.79 46.99 49.12
CA ASP D 10 -27.70 48.06 49.50
C ASP D 10 -28.31 48.72 48.26
N GLY D 11 -28.02 48.16 47.10
CA GLY D 11 -28.54 48.65 45.84
C GLY D 11 -27.89 49.95 45.39
N CYS D 12 -26.73 50.28 45.98
CA CYS D 12 -26.05 51.57 45.79
C CYS D 12 -26.99 52.75 46.11
N LYS D 13 -27.78 52.59 47.18
CA LYS D 13 -28.95 53.46 47.44
C LYS D 13 -28.68 54.97 47.34
N GLY D 14 -27.61 55.42 47.98
CA GLY D 14 -27.26 56.84 48.00
C GLY D 14 -26.44 57.25 46.79
N GLY D 15 -25.64 56.34 46.28
CA GLY D 15 -24.66 56.59 45.22
C GLY D 15 -25.17 57.27 43.95
N GLU D 16 -24.23 57.81 43.18
CA GLU D 16 -24.52 58.56 41.95
C GLU D 16 -25.18 57.67 40.89
N LYS D 17 -24.68 56.44 40.76
CA LYS D 17 -25.20 55.45 39.80
C LYS D 17 -25.15 54.04 40.38
N THR D 18 -25.94 53.14 39.81
CA THR D 18 -25.92 51.72 40.17
C THR D 18 -24.64 51.10 39.61
N ALA D 19 -23.62 51.01 40.46
CA ALA D 19 -22.25 50.68 40.05
C ALA D 19 -22.11 49.49 39.09
N CYS D 20 -22.68 48.34 39.45
CA CYS D 20 -22.54 47.11 38.66
C CYS D 20 -23.30 47.15 37.34
N MET D 21 -24.51 47.69 37.39
CA MET D 21 -25.38 47.83 36.21
C MET D 21 -24.75 48.73 35.14
N TYR D 22 -24.01 49.74 35.59
CA TYR D 22 -23.35 50.71 34.73
C TYR D 22 -22.14 50.11 34.02
N ILE D 23 -21.45 49.19 34.68
CA ILE D 23 -20.14 48.71 34.22
C ILE D 23 -20.13 47.47 33.32
N CYS D 24 -21.13 46.58 33.47
CA CYS D 24 -21.13 45.29 32.75
C CYS D 24 -21.11 45.42 31.23
N PRO D 25 -20.02 44.94 30.59
CA PRO D 25 -19.85 45.06 29.14
C PRO D 25 -20.93 44.33 28.33
N ASN D 26 -21.61 43.37 28.96
CA ASN D 26 -22.65 42.58 28.29
C ASN D 26 -24.07 42.85 28.81
N ASP D 27 -24.24 43.94 29.56
CA ASP D 27 -25.57 44.41 30.01
C ASP D 27 -26.34 43.37 30.85
N LEU D 28 -25.62 42.67 31.71
CA LEU D 28 -26.19 41.56 32.47
C LEU D 28 -26.65 41.97 33.86
N MET D 29 -25.95 42.92 34.46
CA MET D 29 -26.31 43.42 35.79
C MET D 29 -27.48 44.38 35.71
N ILE D 30 -28.47 44.14 36.58
CA ILE D 30 -29.71 44.93 36.62
C ILE D 30 -30.19 45.05 38.07
N LEU D 31 -30.79 46.20 38.39
CA LEU D 31 -31.29 46.48 39.74
C LEU D 31 -32.79 46.28 39.84
N ASP D 32 -33.22 45.61 40.91
CA ASP D 32 -34.63 45.55 41.30
C ASP D 32 -34.93 46.79 42.14
N PRO D 33 -35.55 47.82 41.52
CA PRO D 33 -35.69 49.17 42.10
C PRO D 33 -36.48 49.22 43.41
N GLU D 34 -37.57 48.46 43.50
CA GLU D 34 -38.42 48.49 44.69
C GLU D 34 -37.97 47.51 45.79
N GLU D 35 -37.04 46.62 45.45
CA GLU D 35 -36.40 45.75 46.45
C GLU D 35 -35.00 46.27 46.84
N MET D 36 -34.46 47.16 46.02
CA MET D 36 -33.13 47.73 46.21
C MET D 36 -32.02 46.68 46.30
N LYS D 37 -32.08 45.73 45.37
CA LYS D 37 -31.12 44.63 45.26
C LYS D 37 -30.82 44.44 43.78
N ALA D 38 -29.58 44.07 43.47
CA ALA D 38 -29.18 43.81 42.10
C ALA D 38 -29.18 42.32 41.79
N PHE D 39 -29.10 41.99 40.50
CA PHE D 39 -28.89 40.60 40.05
C PHE D 39 -28.36 40.51 38.61
N ASN D 40 -27.96 39.30 38.21
CA ASN D 40 -27.50 39.02 36.86
C ASN D 40 -28.62 38.36 36.08
N GLN D 41 -29.16 39.08 35.09
CA GLN D 41 -30.37 38.66 34.37
C GLN D 41 -30.16 37.56 33.33
N GLU D 42 -28.94 37.43 32.80
CA GLU D 42 -28.65 36.43 31.79
C GLU D 42 -27.32 35.71 32.09
N PRO D 43 -27.30 34.87 33.15
CA PRO D 43 -26.07 34.26 33.67
C PRO D 43 -25.25 33.45 32.66
N GLU D 44 -25.91 32.87 31.66
CA GLU D 44 -25.22 32.07 30.64
C GLU D 44 -24.55 32.92 29.55
N ALA D 45 -24.58 34.23 29.72
CA ALA D 45 -23.89 35.16 28.84
C ALA D 45 -22.84 35.95 29.60
N CYS D 46 -22.53 35.49 30.81
CA CYS D 46 -21.50 36.09 31.65
C CYS D 46 -20.13 35.59 31.24
N TRP D 47 -19.26 36.54 30.89
CA TRP D 47 -17.90 36.21 30.43
C TRP D 47 -16.96 36.03 31.62
N GLU D 48 -17.49 36.30 32.81
CA GLU D 48 -16.75 36.18 34.07
C GLU D 48 -15.50 37.07 34.04
N CYS D 49 -15.73 38.34 33.69
CA CYS D 49 -14.67 39.33 33.53
C CYS D 49 -14.40 40.10 34.81
N TYR D 50 -15.19 39.84 35.84
CA TYR D 50 -15.02 40.43 37.18
C TYR D 50 -15.15 41.96 37.26
N SER D 51 -15.69 42.59 36.21
CA SER D 51 -15.87 44.05 36.19
C SER D 51 -16.85 44.52 37.27
N CYS D 52 -18.03 43.90 37.31
CA CYS D 52 -19.04 44.20 38.32
C CYS D 52 -18.51 43.90 39.72
N ILE D 53 -17.79 42.79 39.85
CA ILE D 53 -17.23 42.34 41.13
C ILE D 53 -16.25 43.36 41.72
N LYS D 54 -15.33 43.86 40.91
CA LYS D 54 -14.31 44.81 41.35
C LYS D 54 -14.90 46.18 41.69
N ILE D 55 -15.99 46.56 41.01
CA ILE D 55 -16.56 47.90 41.15
C ILE D 55 -17.58 48.04 42.29
N CYS D 56 -18.10 46.92 42.80
CA CYS D 56 -19.15 46.97 43.81
C CYS D 56 -18.66 47.60 45.10
N PRO D 57 -19.29 48.72 45.51
CA PRO D 57 -18.90 49.50 46.69
C PRO D 57 -18.80 48.69 47.98
N GLN D 58 -19.45 47.53 48.02
CA GLN D 58 -19.35 46.63 49.18
C GLN D 58 -19.32 45.15 48.84
N GLY D 59 -18.52 44.80 47.82
CA GLY D 59 -18.26 43.40 47.43
C GLY D 59 -19.43 42.47 47.64
N ALA D 60 -20.60 42.87 47.11
CA ALA D 60 -21.82 42.08 47.22
C ALA D 60 -21.84 41.01 46.15
N ILE D 61 -20.96 41.15 45.16
CA ILE D 61 -20.93 40.27 44.00
C ILE D 61 -19.74 39.31 44.05
N THR D 62 -20.04 38.02 44.00
CA THR D 62 -19.03 36.97 43.86
C THR D 62 -19.39 36.13 42.63
N ALA D 63 -18.41 35.39 42.12
CA ALA D 63 -18.65 34.47 41.01
C ALA D 63 -18.83 33.04 41.49
N ARG D 64 -19.93 32.41 41.07
CA ARG D 64 -20.02 30.96 41.10
C ARG D 64 -19.53 30.47 39.74
N PRO D 65 -18.38 29.74 39.72
CA PRO D 65 -17.86 29.21 38.47
C PRO D 65 -18.88 28.36 37.71
N TYR D 66 -18.95 28.56 36.40
CA TYR D 66 -19.90 27.92 35.48
C TYR D 66 -20.37 26.53 35.93
N ALA D 67 -21.68 26.43 36.18
CA ALA D 67 -22.28 25.26 36.82
C ALA D 67 -22.20 23.97 36.00
N ASP D 68 -22.11 24.11 34.68
CA ASP D 68 -22.13 22.96 33.79
C ASP D 68 -20.75 22.38 33.47
N PHE D 69 -19.72 22.88 34.11
CA PHE D 69 -18.41 22.22 34.11
C PHE D 69 -17.58 22.41 35.37
N ALA D 70 -17.75 23.54 36.06
CA ALA D 70 -17.01 23.78 37.29
C ALA D 70 -17.74 23.18 38.50
N PRO D 71 -17.04 22.31 39.26
CA PRO D 71 -17.56 21.80 40.53
C PRO D 71 -17.67 22.89 41.60
N MET D 72 -18.43 22.61 42.66
CA MET D 72 -18.66 23.56 43.75
C MET D 72 -17.45 23.69 44.65
N GLY D 73 -17.40 24.77 45.44
CA GLY D 73 -16.42 24.89 46.51
C GLY D 73 -15.35 25.96 46.40
N GLY D 74 -14.88 26.23 45.18
CA GLY D 74 -13.77 27.16 44.98
C GLY D 74 -14.10 28.41 44.19
N THR D 75 -13.41 29.51 44.52
CA THR D 75 -13.57 30.82 43.86
C THR D 75 -12.40 31.80 44.11
N CYS D 76 -12.36 32.87 43.32
CA CYS D 76 -11.39 33.96 43.49
C CYS D 76 -12.09 35.25 43.91
N ILE D 77 -11.50 35.94 44.88
CA ILE D 77 -12.01 37.25 45.32
C ILE D 77 -10.96 38.34 45.10
N PRO D 78 -11.31 39.40 44.36
CA PRO D 78 -10.42 40.54 44.21
C PRO D 78 -10.66 41.66 45.23
N LEU D 79 -9.61 42.41 45.53
CA LEU D 79 -9.72 43.66 46.26
C LEU D 79 -8.85 44.67 45.51
N ARG D 80 -9.52 45.58 44.81
CA ARG D 80 -8.85 46.50 43.90
C ARG D 80 -8.67 47.89 44.51
N GLY D 81 -7.42 48.26 44.74
CA GLY D 81 -7.06 49.59 45.24
C GLY D 81 -6.82 50.57 44.11
N SER D 82 -6.11 51.64 44.42
CA SER D 82 -5.83 52.69 43.43
C SER D 82 -4.59 52.39 42.60
N GLU D 83 -3.57 51.82 43.24
CA GLU D 83 -2.29 51.54 42.59
C GLU D 83 -1.97 50.03 42.41
N ASP D 84 -2.69 49.17 43.12
CA ASP D 84 -2.49 47.71 43.01
C ASP D 84 -3.78 46.88 43.19
N ILE D 85 -3.66 45.55 43.10
CA ILE D 85 -4.79 44.64 43.30
C ILE D 85 -4.38 43.44 44.15
N MET D 86 -5.30 43.00 45.01
CA MET D 86 -5.09 41.82 45.85
C MET D 86 -6.06 40.73 45.47
N TRP D 87 -5.52 39.57 45.12
CA TRP D 87 -6.32 38.42 44.77
C TRP D 87 -6.18 37.36 45.83
N THR D 88 -7.31 36.87 46.32
CA THR D 88 -7.31 35.73 47.24
C THR D 88 -8.11 34.58 46.63
N ILE D 89 -7.43 33.44 46.48
CA ILE D 89 -8.00 32.27 45.81
C ILE D 89 -8.21 31.13 46.80
N LYS D 90 -9.47 30.78 47.02
CA LYS D 90 -9.85 29.68 47.90
C LYS D 90 -10.25 28.47 47.05
N PHE D 91 -9.60 27.33 47.29
CA PHE D 91 -9.85 26.12 46.51
C PHE D 91 -11.01 25.31 47.08
N ARG D 92 -11.48 24.35 46.28
CA ARG D 92 -12.55 23.42 46.69
C ARG D 92 -12.18 22.70 47.99
N ASN D 93 -10.91 22.33 48.13
CA ASN D 93 -10.42 21.60 49.30
C ASN D 93 -10.04 22.48 50.50
N GLY D 94 -10.38 23.77 50.42
CA GLY D 94 -10.22 24.68 51.56
C GLY D 94 -8.89 25.41 51.66
N SER D 95 -7.92 25.01 50.83
CA SER D 95 -6.62 25.68 50.80
C SER D 95 -6.73 27.05 50.15
N VAL D 96 -5.85 27.97 50.55
CA VAL D 96 -5.90 29.35 50.07
C VAL D 96 -4.56 29.79 49.47
N LYS D 97 -4.64 30.65 48.46
CA LYS D 97 -3.47 31.31 47.89
C LYS D 97 -3.76 32.80 47.77
N ARG D 98 -2.76 33.62 48.07
CA ARG D 98 -2.92 35.07 47.97
C ARG D 98 -1.91 35.71 47.02
N PHE D 99 -2.34 36.73 46.28
CA PHE D 99 -1.48 37.42 45.33
C PHE D 99 -1.61 38.95 45.38
N LYS D 100 -0.57 39.63 44.88
CA LYS D 100 -0.52 41.09 44.87
C LYS D 100 0.17 41.60 43.62
N PHE D 101 -0.56 42.36 42.80
CA PHE D 101 0.01 42.93 41.58
C PHE D 101 -0.30 44.41 41.48
N PRO D 102 0.68 45.21 41.01
CA PRO D 102 0.43 46.62 40.68
C PRO D 102 -0.56 46.74 39.52
N ILE D 103 -1.41 47.77 39.56
CA ILE D 103 -2.37 48.00 38.47
C ILE D 103 -2.16 49.32 37.75
N ARG D 104 -1.63 50.31 38.47
CA ARG D 104 -1.42 51.64 37.89
C ARG D 104 -0.30 52.40 38.61
N THR D 105 0.55 53.05 37.81
CA THR D 105 1.71 53.79 38.34
C THR D 105 1.46 55.30 38.48
N THR D 106 0.31 55.77 38.00
CA THR D 106 -0.08 57.17 38.13
C THR D 106 -1.41 57.30 38.86
N PRO D 107 -1.66 58.46 39.50
CA PRO D 107 -2.97 58.70 40.12
C PRO D 107 -4.13 58.64 39.12
N GLU D 108 -5.32 58.33 39.63
CA GLU D 108 -6.50 58.12 38.80
C GLU D 108 -7.11 59.42 38.26
N GLY D 109 -7.50 59.41 36.99
CA GLY D 109 -8.12 60.57 36.35
C GLY D 109 -7.13 61.65 35.97
N SER D 110 -5.85 61.33 36.05
CA SER D 110 -4.77 62.33 35.96
C SER D 110 -4.05 62.40 34.61
N ILE D 111 -4.49 61.61 33.64
CA ILE D 111 -3.85 61.59 32.31
C ILE D 111 -4.05 62.92 31.59
N LYS D 112 -2.93 63.58 31.27
CA LYS D 112 -2.97 64.79 30.46
C LYS D 112 -2.62 64.42 29.02
N PRO D 113 -3.65 64.26 28.16
CA PRO D 113 -3.47 63.63 26.85
C PRO D 113 -2.64 64.45 25.86
N PHE D 114 -2.50 65.75 26.10
CA PHE D 114 -1.87 66.64 25.12
C PHE D 114 -0.73 67.52 25.67
N GLU D 115 -0.62 67.64 26.99
CA GLU D 115 0.40 68.48 27.60
C GLU D 115 1.82 67.97 27.35
N GLY D 116 2.71 68.90 26.98
CA GLY D 116 4.11 68.61 26.71
C GLY D 116 4.37 68.06 25.32
N LYS D 117 3.29 67.78 24.59
CA LYS D 117 3.37 67.12 23.30
C LYS D 117 3.25 68.13 22.14
N PRO D 118 3.98 67.88 21.03
CA PRO D 118 3.89 68.76 19.85
C PRO D 118 2.46 68.86 19.33
N GLU D 119 2.11 69.99 18.74
CA GLU D 119 0.78 70.14 18.15
C GLU D 119 0.72 69.67 16.69
N ALA D 120 -0.49 69.44 16.20
CA ALA D 120 -0.73 68.85 14.88
C ALA D 120 0.12 69.43 13.76
N GLY D 121 0.72 68.57 12.95
CA GLY D 121 1.56 68.99 11.84
C GLY D 121 0.83 69.05 10.51
N ASP D 122 1.38 68.37 9.51
CA ASP D 122 0.83 68.37 8.16
C ASP D 122 -0.28 67.35 8.01
N LEU D 123 -1.44 67.80 7.54
CA LEU D 123 -2.60 66.94 7.29
C LEU D 123 -2.42 66.04 6.07
N GLU D 124 -1.39 66.32 5.27
CA GLU D 124 -1.22 65.65 3.98
C GLU D 124 -0.19 64.52 3.97
N ASN D 125 0.46 64.30 5.12
CA ASN D 125 1.35 63.15 5.27
C ASN D 125 0.78 62.11 6.25
N GLU D 126 1.61 61.13 6.62
CA GLU D 126 1.17 60.02 7.46
C GLU D 126 1.67 60.14 8.90
N LEU D 127 2.13 61.33 9.27
CA LEU D 127 2.65 61.56 10.62
C LEU D 127 1.53 61.86 11.62
N LEU D 128 1.44 61.03 12.66
CA LEU D 128 0.60 61.33 13.82
C LEU D 128 1.30 62.43 14.61
N PHE D 129 0.52 63.28 15.29
CA PHE D 129 1.05 64.51 15.89
C PHE D 129 2.29 64.33 16.78
N THR D 130 2.36 63.20 17.47
CA THR D 130 3.50 62.88 18.35
C THR D 130 4.75 62.52 17.56
N GLU D 131 4.55 61.89 16.41
CA GLU D 131 5.64 61.40 15.57
C GLU D 131 6.30 62.53 14.78
N THR D 132 7.58 62.36 14.46
CA THR D 132 8.33 63.34 13.67
C THR D 132 8.84 62.76 12.35
N ALA D 133 9.24 61.49 12.37
CA ALA D 133 9.71 60.80 11.17
C ALA D 133 9.33 59.32 11.15
N LEU D 134 8.90 58.84 9.99
CA LEU D 134 8.47 57.44 9.83
C LEU D 134 9.45 56.62 9.01
N THR D 135 9.43 55.29 9.21
CA THR D 135 10.23 54.37 8.41
C THR D 135 9.51 53.93 7.13
N VAL D 136 10.28 53.46 6.16
CA VAL D 136 9.77 53.03 4.85
C VAL D 136 10.53 51.73 4.50
N PRO D 137 9.83 50.71 3.92
CA PRO D 137 10.42 49.37 3.78
C PRO D 137 11.80 49.38 3.13
N GLN D 138 12.72 48.58 3.66
CA GLN D 138 14.09 48.59 3.16
C GLN D 138 14.24 48.01 1.75
N VAL D 139 13.39 47.04 1.43
CA VAL D 139 13.17 46.61 0.04
C VAL D 139 11.67 46.47 -0.16
N ALA D 140 11.13 47.24 -1.11
CA ALA D 140 9.69 47.23 -1.38
C ALA D 140 9.39 46.86 -2.83
N LEU D 141 9.06 45.60 -3.05
CA LEU D 141 8.68 45.12 -4.38
C LEU D 141 7.22 45.49 -4.69
N GLY D 142 6.79 45.18 -5.91
CA GLY D 142 5.40 45.45 -6.30
C GLY D 142 4.93 44.47 -7.36
N GLN D 143 5.13 43.18 -7.09
CA GLN D 143 4.81 42.14 -8.06
C GLN D 143 3.47 41.45 -7.79
N LYS D 144 2.61 41.44 -8.80
CA LYS D 144 1.28 40.87 -8.73
C LYS D 144 1.32 39.34 -8.64
N ALA D 145 0.24 38.75 -8.11
CA ALA D 145 0.15 37.32 -7.85
C ALA D 145 0.08 36.47 -9.13
N GLN D 146 -0.59 37.00 -10.16
CA GLN D 146 -0.79 36.29 -11.43
C GLN D 146 -1.58 34.98 -11.23
N ILE D 147 -2.88 35.12 -10.96
CA ILE D 147 -3.75 33.95 -10.77
C ILE D 147 -4.03 33.27 -12.11
N ALA D 148 -3.80 31.96 -12.16
CA ALA D 148 -3.88 31.17 -13.40
C ALA D 148 -5.13 31.48 -14.23
N ASP D 149 -6.30 31.33 -13.60
CA ASP D 149 -7.60 31.65 -14.21
C ASP D 149 -7.73 31.32 -15.71
N ALA D 150 -7.13 30.19 -16.11
CA ALA D 150 -7.29 29.64 -17.44
C ALA D 150 -8.11 28.35 -17.32
N GLU D 151 -8.83 28.25 -16.19
CA GLU D 151 -9.58 27.06 -15.76
C GLU D 151 -8.73 25.78 -15.79
N THR D 152 -8.67 25.14 -16.96
CA THR D 152 -7.91 23.91 -17.14
C THR D 152 -6.51 24.17 -17.70
N SER D 153 -5.60 23.22 -17.46
CA SER D 153 -4.25 23.30 -18.02
C SER D 153 -4.13 22.40 -19.26
N GLN D 154 -5.15 22.45 -20.11
CA GLN D 154 -5.15 21.72 -21.37
C GLN D 154 -4.69 22.61 -22.51
N CYS D 155 -4.10 22.01 -23.53
CA CYS D 155 -3.60 22.74 -24.68
C CYS D 155 -3.66 21.87 -25.92
N TRP D 156 -4.27 22.40 -26.97
CA TRP D 156 -4.45 21.66 -28.22
C TRP D 156 -3.84 22.40 -29.41
N PHE D 157 -2.51 22.56 -29.39
CA PHE D 157 -1.85 23.36 -30.41
C PHE D 157 -0.47 22.88 -30.89
N ASP D 158 0.14 21.94 -30.15
CA ASP D 158 1.55 21.55 -30.36
C ASP D 158 2.50 22.64 -29.88
N LEU D 159 1.93 23.79 -29.51
CA LEU D 159 2.68 24.99 -29.17
C LEU D 159 2.18 25.62 -27.85
N PRO D 160 3.11 25.90 -26.92
CA PRO D 160 2.98 26.35 -25.53
C PRO D 160 1.65 26.93 -24.99
N CYS D 161 0.82 27.52 -25.85
CA CYS D 161 -0.54 27.96 -25.46
C CYS D 161 -0.58 29.13 -24.47
N GLU D 162 0.10 30.24 -24.76
CA GLU D 162 -0.01 31.42 -23.89
C GLU D 162 0.11 32.80 -24.55
N GLY D 163 1.18 33.03 -25.30
CA GLY D 163 1.50 34.36 -25.83
C GLY D 163 0.49 34.97 -26.79
N GLY D 164 -0.55 34.21 -27.13
CA GLY D 164 -1.52 34.61 -28.15
C GLY D 164 -2.47 35.72 -27.75
N ASN D 165 -3.44 35.99 -28.63
CA ASN D 165 -4.40 37.07 -28.44
C ASN D 165 -5.62 36.97 -29.35
N ARG D 166 -6.40 35.90 -29.20
CA ARG D 166 -7.65 35.73 -29.96
C ARG D 166 -8.71 34.91 -29.23
N LYS E 1 48.23 -38.19 31.44
CA LYS E 1 46.83 -37.93 31.00
C LYS E 1 46.26 -36.64 31.59
N ILE E 2 46.46 -36.43 32.89
CA ILE E 2 45.96 -35.22 33.58
C ILE E 2 46.51 -33.95 32.93
N PRO E 3 45.61 -33.07 32.47
CA PRO E 3 46.02 -31.86 31.73
C PRO E 3 46.81 -30.84 32.55
N SER E 4 46.72 -30.91 33.88
CA SER E 4 47.49 -30.02 34.75
C SER E 4 48.90 -30.54 34.99
N LYS E 5 49.16 -31.77 34.55
CA LYS E 5 50.51 -32.31 34.58
C LYS E 5 51.14 -32.24 33.19
N GLU E 6 50.90 -31.13 32.49
CA GLU E 6 51.39 -30.96 31.12
C GLU E 6 52.29 -29.73 30.99
N THR E 7 53.20 -29.80 30.02
CA THR E 7 54.11 -28.70 29.72
C THR E 7 53.31 -27.57 29.06
N PRO E 8 53.32 -26.37 29.67
CA PRO E 8 52.51 -25.23 29.22
C PRO E 8 52.79 -24.73 27.79
N ARG E 9 53.70 -25.40 27.08
CA ARG E 9 54.01 -25.14 25.65
C ARG E 9 54.39 -23.71 25.24
N GLY E 10 54.30 -22.78 26.19
CA GLY E 10 54.80 -21.42 25.99
C GLY E 10 56.29 -21.35 26.32
N VAL E 11 56.79 -20.16 26.61
CA VAL E 11 58.23 -19.98 26.84
C VAL E 11 58.67 -20.54 28.19
N ALA E 12 58.17 -19.97 29.28
CA ALA E 12 58.55 -20.43 30.62
C ALA E 12 57.62 -19.94 31.73
N ILE E 13 57.82 -18.69 32.14
CA ILE E 13 57.16 -18.07 33.30
C ILE E 13 57.62 -18.61 34.68
N ALA E 14 58.24 -17.73 35.44
CA ALA E 14 58.67 -17.97 36.82
C ALA E 14 58.46 -16.68 37.60
N GLU E 15 59.29 -16.45 38.62
CA GLU E 15 59.30 -15.16 39.31
C GLU E 15 60.25 -14.22 38.57
N PRO E 16 59.73 -13.08 38.08
CA PRO E 16 60.48 -12.16 37.22
C PRO E 16 61.68 -11.48 37.87
N ILE E 17 62.49 -10.83 37.04
CA ILE E 17 63.77 -10.25 37.45
C ILE E 17 63.69 -8.78 37.93
N ILE E 18 62.84 -7.99 37.28
CA ILE E 18 62.83 -6.51 37.40
C ILE E 18 64.07 -5.90 36.75
N VAL E 19 63.86 -5.15 35.68
CA VAL E 19 64.95 -4.45 34.98
C VAL E 19 64.53 -3.03 34.66
N GLU E 20 65.24 -2.06 35.25
CA GLU E 20 64.90 -0.65 35.12
C GLU E 20 65.70 0.01 34.00
N HIS E 21 65.04 0.87 33.25
CA HIS E 21 65.67 1.63 32.17
C HIS E 21 65.30 3.10 32.29
N SER E 22 66.30 3.98 32.19
CA SER E 22 66.06 5.41 32.12
C SER E 22 66.53 5.93 30.76
N VAL E 23 65.62 6.62 30.07
CA VAL E 23 65.86 7.07 28.70
C VAL E 23 65.23 8.44 28.48
N ASP E 24 65.82 9.23 27.58
CA ASP E 24 65.31 10.56 27.28
C ASP E 24 64.15 10.49 26.29
N LEU E 25 64.30 9.64 25.28
CA LEU E 25 63.26 9.43 24.28
C LEU E 25 62.91 7.95 24.17
N LEU E 26 61.66 7.59 24.46
CA LEU E 26 61.20 6.20 24.37
C LEU E 26 60.15 6.03 23.27
N MET E 27 60.34 5.01 22.43
CA MET E 27 59.41 4.73 21.35
C MET E 27 58.74 3.37 21.52
N VAL E 28 57.51 3.38 22.01
CA VAL E 28 56.74 2.16 22.24
C VAL E 28 56.02 1.74 20.96
N GLY E 29 56.41 0.59 20.42
CA GLY E 29 55.94 0.11 19.12
C GLY E 29 57.05 0.15 18.09
N GLY E 30 56.93 -0.67 17.05
CA GLY E 30 57.98 -0.77 16.03
C GLY E 30 57.48 -0.94 14.61
N GLY E 31 56.30 -0.38 14.32
CA GLY E 31 55.68 -0.51 13.01
C GLY E 31 56.10 0.59 12.04
N MET E 32 55.17 0.99 11.18
CA MET E 32 55.41 2.05 10.20
C MET E 32 55.61 3.42 10.87
N GLY E 33 54.86 3.67 11.93
CA GLY E 33 54.91 4.93 12.66
C GLY E 33 56.25 5.19 13.33
N ASN E 34 56.59 4.36 14.31
CA ASN E 34 57.83 4.54 15.07
C ASN E 34 59.12 4.33 14.29
N CYS E 35 59.02 3.69 13.12
CA CYS E 35 60.16 3.56 12.22
C CYS E 35 60.54 4.89 11.60
N GLY E 36 59.52 5.69 11.26
CA GLY E 36 59.72 7.05 10.77
C GLY E 36 60.19 7.97 11.89
N ALA E 37 59.68 7.71 13.09
CA ALA E 37 60.08 8.44 14.29
C ALA E 37 61.55 8.20 14.64
N ALA E 38 61.96 6.93 14.62
CA ALA E 38 63.35 6.56 14.86
C ALA E 38 64.29 7.20 13.83
N PHE E 39 63.89 7.16 12.57
CA PHE E 39 64.66 7.72 11.46
C PHE E 39 64.89 9.24 11.60
N GLU E 40 63.81 9.98 11.85
CA GLU E 40 63.89 11.44 11.95
C GLU E 40 64.49 11.91 13.28
N ALA E 41 64.16 11.24 14.37
CA ALA E 41 64.62 11.66 15.69
C ALA E 41 66.13 11.51 15.86
N VAL E 42 66.70 10.43 15.32
CA VAL E 42 68.14 10.19 15.41
C VAL E 42 68.93 11.32 14.75
N ARG E 43 68.53 11.70 13.53
CA ARG E 43 69.17 12.79 12.79
C ARG E 43 69.16 14.11 13.56
N TRP E 44 68.00 14.45 14.14
CA TRP E 44 67.85 15.68 14.89
C TRP E 44 68.62 15.64 16.22
N ALA E 45 68.63 14.48 16.87
CA ALA E 45 69.37 14.28 18.12
C ALA E 45 70.88 14.37 17.90
N ASP E 46 71.37 13.67 16.88
CA ASP E 46 72.80 13.63 16.56
C ASP E 46 73.47 15.00 16.64
N LYS E 47 72.92 15.98 15.94
CA LYS E 47 73.52 17.32 15.85
C LYS E 47 72.78 18.43 16.62
N TYR E 48 72.13 18.07 17.72
CA TYR E 48 71.50 19.04 18.63
C TYR E 48 71.40 18.52 20.05
N ALA E 49 71.42 17.19 20.20
CA ALA E 49 71.40 16.53 21.51
C ALA E 49 72.16 15.20 21.47
N PRO E 50 73.49 15.24 21.23
CA PRO E 50 74.30 14.02 21.16
C PRO E 50 74.35 13.25 22.47
N GLU E 51 73.98 13.91 23.57
CA GLU E 51 73.98 13.29 24.90
C GLU E 51 72.71 12.48 25.17
N ALA E 52 71.68 12.70 24.36
CA ALA E 52 70.34 12.14 24.58
C ALA E 52 70.24 10.64 24.29
N LYS E 53 69.71 9.91 25.26
CA LYS E 53 69.41 8.49 25.10
C LYS E 53 68.11 8.31 24.31
N ILE E 54 68.16 7.45 23.28
CA ILE E 54 66.96 7.07 22.53
C ILE E 54 66.83 5.55 22.55
N LEU E 55 65.64 5.05 22.93
CA LEU E 55 65.36 3.63 22.98
C LEU E 55 63.98 3.28 22.42
N LEU E 56 63.94 2.29 21.53
CA LEU E 56 62.69 1.82 20.94
C LEU E 56 62.37 0.40 21.43
N VAL E 57 61.11 0.17 21.79
CA VAL E 57 60.65 -1.16 22.20
C VAL E 57 59.59 -1.73 21.25
N ASP E 58 59.59 -3.05 21.10
CA ASP E 58 58.62 -3.75 20.27
C ASP E 58 58.33 -5.14 20.82
N LYS E 59 57.06 -5.54 20.80
CA LYS E 59 56.66 -6.84 21.35
C LYS E 59 57.08 -8.00 20.43
N ALA E 60 57.23 -7.71 19.14
CA ALA E 60 57.70 -8.70 18.17
C ALA E 60 59.16 -8.40 17.85
N SER E 61 59.61 -8.82 16.67
CA SER E 61 60.91 -8.42 16.14
C SER E 61 60.71 -7.43 14.98
N LEU E 62 61.47 -6.34 15.03
CA LEU E 62 61.29 -5.20 14.15
C LEU E 62 61.21 -5.57 12.66
N GLU E 63 62.00 -6.55 12.26
CA GLU E 63 62.14 -6.98 10.87
C GLU E 63 60.82 -7.19 10.11
N ARG E 64 59.85 -7.85 10.77
CA ARG E 64 58.59 -8.20 10.12
C ARG E 64 57.36 -7.80 10.94
N SER E 65 57.56 -7.03 12.00
CA SER E 65 56.47 -6.67 12.92
C SER E 65 55.40 -5.75 12.32
N GLY E 66 54.20 -5.80 12.91
CA GLY E 66 53.12 -4.89 12.55
C GLY E 66 52.28 -5.32 11.36
N ALA E 67 51.49 -4.37 10.85
CA ALA E 67 50.51 -4.62 9.79
C ALA E 67 51.11 -5.00 8.43
N VAL E 68 52.37 -4.65 8.20
CA VAL E 68 53.01 -4.87 6.90
C VAL E 68 53.86 -6.16 6.86
N ALA E 69 53.51 -7.11 7.72
CA ALA E 69 54.26 -8.36 7.89
C ALA E 69 54.50 -9.12 6.59
N GLN E 70 53.44 -9.37 5.84
CA GLN E 70 53.57 -10.05 4.56
C GLN E 70 53.89 -9.08 3.43
N GLY E 71 53.78 -7.78 3.71
CA GLY E 71 54.04 -6.74 2.72
C GLY E 71 52.77 -6.13 2.16
N LEU E 72 52.91 -5.32 1.12
CA LEU E 72 51.77 -4.68 0.46
C LEU E 72 51.93 -4.70 -1.06
N SER E 73 50.84 -4.51 -1.79
CA SER E 73 50.89 -4.45 -3.25
C SER E 73 50.85 -3.01 -3.77
N ALA E 74 50.61 -2.07 -2.86
CA ALA E 74 50.48 -0.65 -3.21
C ALA E 74 50.76 0.28 -2.03
N ILE E 75 51.09 1.52 -2.34
CA ILE E 75 51.12 2.59 -1.33
C ILE E 75 49.91 3.48 -1.62
N ASN E 76 49.05 3.62 -0.62
CA ASN E 76 47.77 4.30 -0.82
C ASN E 76 47.76 5.82 -0.61
N THR E 77 48.87 6.36 -0.10
CA THR E 77 49.04 7.82 -0.05
C THR E 77 50.30 8.27 -0.76
N TYR E 78 50.11 8.80 -1.96
CA TYR E 78 51.15 9.49 -2.71
C TYR E 78 50.49 10.58 -3.55
N LEU E 79 50.91 11.82 -3.34
CA LEU E 79 50.28 12.96 -3.98
C LEU E 79 50.69 13.17 -5.45
N GLY E 80 52.00 13.27 -5.70
CA GLY E 80 52.52 13.51 -7.05
C GLY E 80 52.16 14.88 -7.60
N ASP E 81 51.32 14.90 -8.64
CA ASP E 81 50.85 16.16 -9.22
C ASP E 81 49.70 16.77 -8.44
N ASN E 82 48.99 15.93 -7.67
CA ASN E 82 47.84 16.37 -6.88
C ASN E 82 48.24 17.27 -5.73
N ASN E 83 47.35 18.18 -5.37
CA ASN E 83 47.54 19.09 -4.25
C ASN E 83 46.96 18.52 -2.95
N ALA E 84 47.56 18.90 -1.83
CA ALA E 84 47.15 18.40 -0.51
C ALA E 84 45.77 18.89 -0.06
N ASP E 85 45.24 19.90 -0.76
CA ASP E 85 43.89 20.40 -0.48
C ASP E 85 42.83 19.40 -0.90
N ASP E 86 43.00 18.81 -2.09
CA ASP E 86 42.08 17.83 -2.63
C ASP E 86 42.17 16.49 -1.89
N TYR E 87 43.34 16.23 -1.32
CA TYR E 87 43.58 15.08 -0.47
C TYR E 87 42.61 15.10 0.72
N VAL E 88 42.61 16.21 1.47
CA VAL E 88 41.66 16.39 2.55
C VAL E 88 40.22 16.30 2.04
N ARG E 89 39.98 16.88 0.87
CA ARG E 89 38.65 16.83 0.25
C ARG E 89 38.13 15.41 0.02
N MET E 90 39.01 14.50 -0.42
CA MET E 90 38.58 13.11 -0.65
C MET E 90 38.44 12.31 0.64
N VAL E 91 39.37 12.51 1.58
CA VAL E 91 39.32 11.85 2.89
C VAL E 91 38.05 12.24 3.63
N ARG E 92 37.72 13.53 3.59
CA ARG E 92 36.50 14.06 4.21
C ARG E 92 35.25 13.41 3.62
N THR E 93 35.19 13.32 2.30
CA THR E 93 34.06 12.72 1.60
C THR E 93 33.88 11.25 1.99
N ASP E 94 34.99 10.54 2.14
CA ASP E 94 34.97 9.12 2.49
C ASP E 94 34.59 8.85 3.94
N LEU E 95 35.09 9.65 4.87
CA LEU E 95 34.84 9.44 6.31
C LEU E 95 33.64 10.25 6.84
N MET E 96 32.68 10.51 5.95
CA MET E 96 31.38 11.11 6.29
C MET E 96 31.39 12.56 6.80
N GLY E 97 32.41 13.32 6.41
CA GLY E 97 32.46 14.76 6.65
C GLY E 97 32.81 15.20 8.06
N LEU E 98 33.38 14.30 8.85
CA LEU E 98 33.79 14.60 10.22
C LEU E 98 35.24 14.21 10.50
N VAL E 99 36.16 15.08 10.06
CA VAL E 99 37.59 14.82 10.19
C VAL E 99 38.36 16.05 10.69
N ARG E 100 39.56 15.81 11.21
CA ARG E 100 40.50 16.88 11.56
C ARG E 100 41.31 17.27 10.33
N GLU E 101 40.84 18.32 9.66
CA GLU E 101 41.33 18.71 8.34
C GLU E 101 42.77 19.19 8.37
N ASP E 102 43.20 19.72 9.52
CA ASP E 102 44.58 20.15 9.73
C ASP E 102 45.57 18.98 9.71
N LEU E 103 45.25 17.93 10.47
CA LEU E 103 46.11 16.75 10.62
C LEU E 103 46.28 15.99 9.30
N ILE E 104 45.21 15.99 8.49
CA ILE E 104 45.21 15.36 7.18
C ILE E 104 46.06 16.15 6.19
N TYR E 105 45.85 17.47 6.13
CA TYR E 105 46.63 18.34 5.25
C TYR E 105 48.12 18.31 5.62
N ASP E 106 48.41 18.52 6.90
CA ASP E 106 49.79 18.48 7.42
C ASP E 106 50.49 17.18 7.01
N LEU E 107 49.74 16.08 7.07
CA LEU E 107 50.20 14.77 6.62
C LEU E 107 50.42 14.75 5.11
N GLY E 108 49.55 15.43 4.37
CA GLY E 108 49.58 15.43 2.90
C GLY E 108 50.79 16.07 2.26
N ARG E 109 51.36 17.08 2.93
CA ARG E 109 52.54 17.78 2.39
C ARG E 109 53.87 17.23 2.91
N HIS E 110 53.80 16.20 3.75
CA HIS E 110 55.00 15.54 4.27
C HIS E 110 55.19 14.13 3.70
N VAL E 111 54.11 13.58 3.14
CA VAL E 111 54.05 12.17 2.77
C VAL E 111 54.94 11.77 1.58
N ASP E 112 54.88 12.55 0.50
CA ASP E 112 55.64 12.27 -0.72
C ASP E 112 57.13 12.08 -0.46
N ASP E 113 57.70 12.92 0.40
CA ASP E 113 59.12 12.88 0.73
C ASP E 113 59.52 11.53 1.32
N SER E 114 58.61 10.92 2.07
CA SER E 114 58.85 9.64 2.71
C SER E 114 58.79 8.48 1.73
N VAL E 115 57.91 8.60 0.72
CA VAL E 115 57.82 7.62 -0.37
C VAL E 115 59.11 7.61 -1.20
N HIS E 116 59.65 8.80 -1.43
CA HIS E 116 60.90 8.96 -2.19
C HIS E 116 62.10 8.34 -1.46
N LEU E 117 62.03 8.30 -0.13
CA LEU E 117 63.04 7.63 0.69
C LEU E 117 62.95 6.11 0.55
N PHE E 118 61.72 5.60 0.45
CA PHE E 118 61.48 4.16 0.30
C PHE E 118 62.10 3.60 -0.99
N GLU E 119 61.83 4.27 -2.11
CA GLU E 119 62.38 3.84 -3.41
C GLU E 119 63.91 3.85 -3.36
N GLU E 120 64.46 4.92 -2.80
CA GLU E 120 65.89 5.09 -2.63
C GLU E 120 66.50 3.97 -1.77
N TRP E 121 65.76 3.56 -0.75
CA TRP E 121 66.20 2.49 0.15
C TRP E 121 66.18 1.09 -0.49
N GLY E 122 65.39 0.94 -1.55
CA GLY E 122 65.35 -0.32 -2.29
C GLY E 122 63.98 -0.90 -2.56
N LEU E 123 62.92 -0.15 -2.24
CA LEU E 123 61.55 -0.57 -2.52
C LEU E 123 61.24 -0.42 -4.00
N PRO E 124 60.86 -1.52 -4.67
CA PRO E 124 60.48 -1.46 -6.07
C PRO E 124 59.15 -0.72 -6.25
N VAL E 125 59.18 0.35 -7.04
CA VAL E 125 57.98 1.10 -7.39
C VAL E 125 57.76 1.00 -8.89
N TRP E 126 56.51 0.83 -9.29
CA TRP E 126 56.14 0.67 -10.69
C TRP E 126 56.15 2.00 -11.43
N ILE E 127 56.73 2.00 -12.63
CA ILE E 127 56.83 3.21 -13.47
C ILE E 127 56.35 2.94 -14.90
N LYS E 128 55.53 3.87 -15.43
CA LYS E 128 55.04 3.80 -16.82
C LYS E 128 56.17 4.12 -17.81
N ASP E 129 56.20 3.38 -18.92
CA ASP E 129 57.19 3.63 -19.96
C ASP E 129 56.75 4.71 -20.94
N GLU E 130 57.38 4.75 -22.12
CA GLU E 130 57.09 5.76 -23.14
C GLU E 130 55.72 5.59 -23.79
N HIS E 131 55.36 4.35 -24.12
CA HIS E 131 54.08 4.03 -24.76
C HIS E 131 52.90 4.16 -23.79
N GLY E 132 53.00 3.50 -22.64
CA GLY E 132 51.93 3.49 -21.64
C GLY E 132 51.75 2.12 -21.00
N HIS E 133 52.83 1.35 -20.97
CA HIS E 133 52.84 0.03 -20.35
C HIS E 133 53.44 0.11 -18.96
N ASN E 134 53.17 -0.90 -18.15
CA ASN E 134 53.62 -0.93 -16.76
C ASN E 134 54.95 -1.68 -16.63
N LEU E 135 55.90 -1.05 -15.94
CA LEU E 135 57.19 -1.66 -15.64
C LEU E 135 57.28 -1.97 -14.16
N ASP E 136 57.72 -3.17 -13.81
CA ASP E 136 57.93 -3.50 -12.40
C ASP E 136 59.15 -2.78 -11.86
N GLY E 137 59.25 -2.68 -10.54
CA GLY E 137 60.31 -1.92 -9.88
C GLY E 137 61.71 -2.24 -10.32
N ALA E 138 62.04 -3.53 -10.40
CA ALA E 138 63.37 -3.99 -10.78
C ALA E 138 63.72 -3.61 -12.23
N GLN E 139 62.73 -3.73 -13.12
CA GLN E 139 62.95 -3.49 -14.54
C GLN E 139 62.78 -2.03 -14.95
N ALA E 140 62.11 -1.25 -14.11
CA ALA E 140 62.01 0.20 -14.31
C ALA E 140 63.35 0.86 -13.98
N LYS E 141 63.95 0.43 -12.87
CA LYS E 141 65.28 0.89 -12.46
C LYS E 141 66.35 0.46 -13.46
N ALA E 142 66.22 -0.77 -13.97
CA ALA E 142 67.15 -1.34 -14.94
C ALA E 142 67.18 -0.54 -16.25
N ALA E 143 66.02 -0.05 -16.66
CA ALA E 143 65.88 0.77 -17.87
C ALA E 143 66.18 2.26 -17.62
N GLY E 144 66.50 2.59 -16.37
CA GLY E 144 66.93 3.94 -15.99
C GLY E 144 65.82 4.93 -15.67
N LYS E 145 64.66 4.43 -15.26
CA LYS E 145 63.52 5.28 -14.94
C LYS E 145 63.19 5.22 -13.45
N SER E 146 62.92 6.37 -12.84
CA SER E 146 62.71 6.47 -11.40
C SER E 146 61.62 7.48 -11.04
N LEU E 147 61.01 7.27 -9.87
CA LEU E 147 59.98 8.16 -9.35
C LEU E 147 60.60 9.50 -8.92
N ARG E 148 61.71 9.42 -8.19
CA ARG E 148 62.52 10.60 -7.85
C ARG E 148 63.48 10.93 -9.00
N ASN E 149 62.88 11.13 -10.18
CA ASN E 149 63.58 11.43 -11.42
C ASN E 149 62.60 12.07 -12.40
N GLY E 150 61.34 12.15 -11.99
CA GLY E 150 60.30 12.84 -12.75
C GLY E 150 59.37 11.93 -13.52
N ASP E 151 59.57 10.62 -13.41
CA ASP E 151 58.75 9.66 -14.12
C ASP E 151 57.42 9.37 -13.41
N LYS E 152 56.44 8.92 -14.18
CA LYS E 152 55.10 8.63 -13.68
C LYS E 152 55.03 7.28 -12.99
N PRO E 153 54.21 7.17 -11.92
CA PRO E 153 53.91 5.86 -11.33
C PRO E 153 52.74 5.18 -12.06
N VAL E 154 52.43 3.95 -11.69
CA VAL E 154 51.34 3.22 -12.34
C VAL E 154 49.96 3.74 -11.93
N ARG E 155 49.64 3.70 -10.63
CA ARG E 155 48.40 4.29 -10.09
C ARG E 155 47.09 3.60 -10.51
N SER E 156 46.59 2.71 -9.67
CA SER E 156 45.30 2.05 -9.90
C SER E 156 44.11 3.01 -9.71
N GLY E 157 44.27 3.96 -8.79
CA GLY E 157 43.37 5.10 -8.64
C GLY E 157 44.20 6.37 -8.60
N ARG E 158 43.58 7.50 -8.20
CA ARG E 158 44.29 8.78 -8.18
C ARG E 158 45.36 8.90 -7.08
N TRP E 159 45.07 8.36 -5.90
CA TRP E 159 45.88 8.61 -4.71
C TRP E 159 46.89 7.50 -4.39
N GLN E 160 46.79 6.39 -5.10
CA GLN E 160 47.61 5.21 -4.81
C GLN E 160 48.62 4.92 -5.92
N ILE E 161 49.73 4.28 -5.56
CA ILE E 161 50.76 3.85 -6.52
C ILE E 161 51.05 2.36 -6.38
N MET E 162 51.38 1.71 -7.49
CA MET E 162 51.67 0.27 -7.48
C MET E 162 53.13 0.00 -7.11
N ILE E 163 53.33 -0.99 -6.25
CA ILE E 163 54.68 -1.39 -5.81
C ILE E 163 54.84 -2.92 -5.75
N ASN E 164 56.09 -3.39 -5.81
CA ASN E 164 56.41 -4.77 -5.50
C ASN E 164 56.90 -4.82 -4.06
N GLY E 165 55.95 -4.77 -3.13
CA GLY E 165 56.30 -4.51 -1.74
C GLY E 165 56.23 -5.65 -0.77
N GLU E 166 56.68 -6.83 -1.20
CA GLU E 166 56.79 -7.98 -0.30
C GLU E 166 57.74 -7.66 0.87
N SER E 167 58.82 -6.93 0.55
CA SER E 167 59.84 -6.62 1.54
C SER E 167 59.73 -5.19 2.08
N TYR E 168 58.58 -4.56 1.85
CA TYR E 168 58.28 -3.20 2.34
C TYR E 168 58.75 -2.97 3.78
N LYS E 169 58.31 -3.84 4.70
CA LYS E 169 58.63 -3.72 6.12
C LYS E 169 60.12 -3.88 6.40
N VAL E 170 60.73 -4.93 5.88
CA VAL E 170 62.15 -5.22 6.16
C VAL E 170 63.09 -4.08 5.72
N ILE E 171 62.71 -3.39 4.64
CA ILE E 171 63.42 -2.21 4.15
C ILE E 171 63.30 -1.04 5.15
N VAL E 172 62.07 -0.74 5.56
CA VAL E 172 61.81 0.31 6.55
C VAL E 172 62.48 0.00 7.89
N ALA E 173 62.30 -1.24 8.36
CA ALA E 173 62.89 -1.71 9.61
C ALA E 173 64.42 -1.64 9.59
N GLU E 174 64.99 -1.83 8.40
CA GLU E 174 66.44 -1.74 8.20
C GLU E 174 66.94 -0.31 8.33
N ALA E 175 66.28 0.62 7.64
CA ALA E 175 66.58 2.05 7.75
C ALA E 175 66.45 2.53 9.19
N ALA E 176 65.50 1.96 9.93
CA ALA E 176 65.30 2.30 11.33
C ALA E 176 66.38 1.72 12.23
N LYS E 177 66.89 0.54 11.86
CA LYS E 177 67.97 -0.10 12.61
C LYS E 177 69.31 0.58 12.32
N ASN E 178 69.55 0.85 11.04
CA ASN E 178 70.77 1.52 10.59
C ASN E 178 70.90 2.95 11.10
N ALA E 179 69.76 3.62 11.30
CA ALA E 179 69.72 4.94 11.91
C ALA E 179 69.98 4.85 13.41
N LEU E 180 69.17 4.02 14.09
CA LEU E 180 69.16 3.96 15.55
C LEU E 180 70.40 3.26 16.12
N GLY E 181 70.79 2.14 15.51
CA GLY E 181 71.86 1.31 16.06
C GLY E 181 71.26 0.33 17.05
N GLN E 182 71.52 -0.96 16.82
CA GLN E 182 70.83 -2.07 17.54
C GLN E 182 70.96 -2.08 19.07
N ASP E 183 71.94 -1.35 19.61
CA ASP E 183 72.06 -1.18 21.06
C ASP E 183 70.95 -0.31 21.64
N ARG E 184 70.10 0.21 20.76
CA ARG E 184 69.01 1.11 21.13
C ARG E 184 67.67 0.59 20.59
N ILE E 185 67.65 -0.70 20.24
CA ILE E 185 66.43 -1.44 19.91
C ILE E 185 66.38 -2.69 20.77
N ILE E 186 65.34 -2.82 21.58
CA ILE E 186 65.09 -4.10 22.24
C ILE E 186 63.74 -4.67 21.82
N GLU E 187 63.80 -5.85 21.20
CA GLU E 187 62.65 -6.55 20.65
C GLU E 187 62.01 -7.48 21.69
N ARG E 188 60.94 -8.17 21.29
CA ARG E 188 60.26 -9.19 22.13
C ARG E 188 59.87 -8.70 23.54
N ILE E 189 59.43 -7.44 23.62
CA ILE E 189 59.07 -6.86 24.90
C ILE E 189 57.72 -6.11 24.79
N PHE E 190 56.71 -6.67 25.47
CA PHE E 190 55.36 -6.12 25.41
C PHE E 190 55.15 -5.07 26.48
N ILE E 191 54.65 -3.91 26.07
CA ILE E 191 54.38 -2.80 26.99
C ILE E 191 52.91 -2.86 27.44
N VAL E 192 52.69 -2.70 28.74
CA VAL E 192 51.38 -2.92 29.35
C VAL E 192 50.71 -1.62 29.82
N LYS E 193 51.43 -0.88 30.67
CA LYS E 193 50.88 0.27 31.39
C LYS E 193 51.71 1.52 31.09
N LEU E 194 51.03 2.66 30.94
CA LEU E 194 51.71 3.95 30.92
C LEU E 194 51.60 4.58 32.30
N LEU E 195 52.57 5.42 32.65
CA LEU E 195 52.67 5.98 34.00
C LEU E 195 52.76 7.51 34.02
N LEU E 196 52.00 8.11 34.94
CA LEU E 196 52.03 9.56 35.16
C LEU E 196 53.15 9.96 36.11
N ASP E 197 53.45 11.25 36.15
CA ASP E 197 54.40 11.82 37.11
C ASP E 197 53.72 12.01 38.47
N LYS E 198 54.46 11.72 39.54
CA LYS E 198 53.93 11.84 40.90
C LYS E 198 53.74 13.29 41.33
N ASN E 199 54.52 14.19 40.72
CA ASN E 199 54.55 15.59 41.11
C ASN E 199 53.69 16.46 40.19
N THR E 200 54.24 16.85 39.04
CA THR E 200 53.55 17.71 38.08
C THR E 200 52.39 16.98 37.41
N PRO E 201 51.18 17.59 37.46
CA PRO E 201 49.95 16.95 36.95
C PRO E 201 49.94 16.82 35.43
N ASN E 202 49.32 15.73 34.94
CA ASN E 202 49.15 15.44 33.51
C ASN E 202 50.46 15.43 32.74
N ARG E 203 51.46 14.76 33.30
CA ARG E 203 52.78 14.66 32.68
C ARG E 203 53.21 13.20 32.64
N ILE E 204 53.63 12.73 31.47
CA ILE E 204 54.10 11.35 31.30
C ILE E 204 55.48 11.17 31.97
N ALA E 205 55.65 10.03 32.65
CA ALA E 205 56.88 9.74 33.36
C ALA E 205 57.58 8.50 32.84
N GLY E 206 56.80 7.49 32.46
CA GLY E 206 57.35 6.26 31.90
C GLY E 206 56.34 5.20 31.53
N ALA E 207 56.82 3.95 31.44
CA ALA E 207 56.00 2.82 31.02
C ALA E 207 56.44 1.54 31.72
N VAL E 208 55.57 0.52 31.70
CA VAL E 208 55.89 -0.78 32.27
C VAL E 208 55.64 -1.87 31.24
N GLY E 209 56.47 -2.91 31.26
CA GLY E 209 56.32 -4.03 30.36
C GLY E 209 56.94 -5.31 30.87
N PHE E 210 56.98 -6.32 30.00
CA PHE E 210 57.64 -7.59 30.32
C PHE E 210 58.26 -8.22 29.07
N ASN E 211 59.21 -9.13 29.30
CA ASN E 211 59.95 -9.80 28.24
C ASN E 211 59.29 -11.12 27.85
N LEU E 212 59.18 -11.33 26.53
CA LEU E 212 58.56 -12.54 25.98
C LEU E 212 59.53 -13.72 25.88
N ARG E 213 60.81 -13.48 26.18
CA ARG E 213 61.85 -14.51 26.05
C ARG E 213 62.52 -14.88 27.37
N ALA E 214 62.28 -14.07 28.41
CA ALA E 214 62.74 -14.35 29.77
C ALA E 214 61.85 -13.63 30.77
N ASN E 215 61.88 -14.06 32.02
CA ASN E 215 61.07 -13.42 33.05
C ASN E 215 61.67 -12.11 33.54
N GLU E 216 61.35 -11.04 32.82
CA GLU E 216 61.92 -9.71 33.07
C GLU E 216 60.87 -8.61 32.98
N VAL E 217 60.58 -7.96 34.11
CA VAL E 217 59.69 -6.81 34.12
C VAL E 217 60.47 -5.52 33.85
N HIS E 218 60.29 -4.96 32.65
CA HIS E 218 60.95 -3.73 32.26
C HIS E 218 60.18 -2.49 32.70
N ILE E 219 60.82 -1.67 33.54
CA ILE E 219 60.26 -0.38 33.94
C ILE E 219 61.05 0.73 33.24
N PHE E 220 60.35 1.59 32.52
CA PHE E 220 60.98 2.66 31.78
C PHE E 220 60.67 4.03 32.37
N LYS E 221 61.70 4.86 32.53
CA LYS E 221 61.54 6.26 32.89
C LYS E 221 61.98 7.11 31.70
N ALA E 222 61.06 7.93 31.19
CA ALA E 222 61.31 8.69 29.96
C ALA E 222 60.87 10.15 30.04
N ASN E 223 61.35 10.93 29.07
CA ASN E 223 61.04 12.36 29.01
C ASN E 223 59.99 12.67 27.94
N ALA E 224 60.24 12.23 26.72
CA ALA E 224 59.28 12.35 25.62
C ALA E 224 59.11 11.01 24.91
N MET E 225 57.88 10.50 24.87
CA MET E 225 57.65 9.18 24.30
C MET E 225 56.51 9.10 23.28
N VAL E 226 56.62 8.14 22.36
CA VAL E 226 55.53 7.77 21.46
C VAL E 226 54.99 6.39 21.78
N VAL E 227 53.67 6.25 21.62
CA VAL E 227 53.03 4.96 21.65
C VAL E 227 52.31 4.82 20.30
N ALA E 228 52.88 3.99 19.43
CA ALA E 228 52.27 3.68 18.14
C ALA E 228 52.24 2.16 17.97
N CYS E 229 51.21 1.55 18.54
CA CYS E 229 51.12 0.09 18.64
C CYS E 229 50.03 -0.52 17.76
N GLY E 230 49.64 0.21 16.71
CA GLY E 230 48.62 -0.27 15.80
C GLY E 230 47.21 -0.17 16.36
N GLY E 231 46.25 -0.65 15.58
CA GLY E 231 44.82 -0.55 15.92
C GLY E 231 44.31 -1.68 16.80
N ALA E 232 43.05 -2.03 16.59
CA ALA E 232 42.37 -3.05 17.39
C ALA E 232 41.58 -4.03 16.54
N VAL E 233 41.99 -5.31 16.57
CA VAL E 233 41.24 -6.38 15.92
C VAL E 233 40.88 -7.47 16.93
N ASN E 234 40.04 -8.42 16.50
CA ASN E 234 39.48 -9.46 17.37
C ASN E 234 38.80 -8.85 18.60
N VAL E 235 38.18 -7.70 18.40
CA VAL E 235 37.30 -7.10 19.41
C VAL E 235 35.85 -7.46 19.07
N TYR E 236 35.64 -7.94 17.85
CA TYR E 236 34.36 -8.51 17.43
C TYR E 236 34.56 -9.92 16.87
N ARG E 237 33.60 -10.79 17.16
CA ARG E 237 33.57 -12.17 16.68
C ARG E 237 33.61 -12.24 15.14
N PRO E 238 34.69 -12.82 14.57
CA PRO E 238 34.86 -12.94 13.12
C PRO E 238 33.93 -13.99 12.49
N ARG E 239 33.94 -14.07 11.16
CA ARG E 239 33.02 -14.94 10.42
C ARG E 239 33.47 -16.39 10.40
N SER E 240 34.67 -16.64 10.93
CA SER E 240 35.16 -17.98 11.19
C SER E 240 35.62 -18.01 12.63
N VAL E 241 35.07 -18.92 13.43
CA VAL E 241 35.35 -18.95 14.86
C VAL E 241 36.29 -20.08 15.31
N GLY E 242 36.60 -20.99 14.39
CA GLY E 242 37.54 -22.07 14.68
C GLY E 242 38.97 -21.61 14.53
N GLU E 243 39.74 -22.34 13.71
CA GLU E 243 41.10 -21.94 13.39
C GLU E 243 41.13 -20.62 12.62
N GLY E 244 40.06 -20.36 11.88
CA GLY E 244 39.92 -19.17 11.04
C GLY E 244 39.71 -17.87 11.81
N MET E 245 39.78 -17.96 13.13
CA MET E 245 39.78 -16.78 13.97
C MET E 245 41.12 -16.07 13.87
N GLY E 246 42.07 -16.70 13.17
CA GLY E 246 43.36 -16.11 12.88
C GLY E 246 43.31 -15.28 11.62
N ARG E 247 42.29 -15.52 10.80
CA ARG E 247 42.12 -14.77 9.55
C ARG E 247 41.20 -13.56 9.72
N ALA E 248 41.78 -12.45 10.14
CA ALA E 248 41.10 -11.16 10.12
C ALA E 248 41.72 -10.36 8.98
N TRP E 249 40.98 -9.38 8.45
CA TRP E 249 41.54 -8.54 7.38
C TRP E 249 42.73 -7.72 7.87
N TYR E 250 42.57 -7.08 9.02
CA TYR E 250 43.65 -6.35 9.68
C TYR E 250 44.39 -7.33 10.63
N PRO E 251 45.70 -7.12 10.87
CA PRO E 251 46.49 -8.12 11.60
C PRO E 251 45.91 -8.53 12.95
N VAL E 252 45.83 -9.84 13.16
CA VAL E 252 45.19 -10.45 14.33
C VAL E 252 45.88 -10.11 15.67
N TRP E 253 47.11 -9.63 15.62
CA TRP E 253 47.86 -9.29 16.83
C TRP E 253 47.60 -7.88 17.36
N ASN E 254 46.84 -7.09 16.61
CA ASN E 254 46.43 -5.76 17.06
C ASN E 254 45.39 -5.87 18.17
N ALA E 255 45.79 -5.51 19.39
CA ALA E 255 44.96 -5.68 20.59
C ALA E 255 44.40 -4.36 21.11
N GLY E 256 44.51 -3.31 20.30
CA GLY E 256 44.07 -1.97 20.70
C GLY E 256 44.91 -1.39 21.82
N SER E 257 46.19 -1.75 21.84
CA SER E 257 47.14 -1.33 22.86
C SER E 257 47.39 0.18 22.87
N THR E 258 47.28 0.81 21.71
CA THR E 258 47.51 2.26 21.61
C THR E 258 46.42 3.04 22.34
N TYR E 259 45.15 2.73 22.03
CA TYR E 259 44.03 3.50 22.56
C TYR E 259 43.87 3.35 24.07
N THR E 260 44.02 2.12 24.56
CA THR E 260 43.81 1.84 25.97
C THR E 260 44.94 2.37 26.87
N MET E 261 46.20 2.16 26.46
CA MET E 261 47.36 2.60 27.24
C MET E 261 47.36 4.11 27.48
N CYS E 262 46.93 4.86 26.47
CA CYS E 262 46.87 6.32 26.54
C CYS E 262 45.61 6.83 27.23
N ALA E 263 44.46 6.23 26.92
CA ALA E 263 43.18 6.62 27.51
C ALA E 263 43.16 6.45 29.03
N GLN E 264 43.89 5.45 29.52
CA GLN E 264 44.02 5.16 30.96
C GLN E 264 44.89 6.18 31.67
N VAL E 265 45.82 6.77 30.92
CA VAL E 265 46.78 7.72 31.47
C VAL E 265 46.18 9.14 31.50
N GLY E 266 45.04 9.32 30.84
CA GLY E 266 44.27 10.56 30.92
C GLY E 266 44.13 11.31 29.61
N ALA E 267 44.73 10.78 28.55
CA ALA E 267 44.72 11.44 27.24
C ALA E 267 43.32 11.50 26.64
N GLU E 268 43.03 12.61 25.97
CA GLU E 268 41.75 12.81 25.32
C GLU E 268 41.67 11.91 24.08
N MET E 269 40.55 11.20 23.98
CA MET E 269 40.27 10.31 22.84
C MET E 269 39.26 10.98 21.92
N THR E 270 39.34 10.65 20.63
CA THR E 270 38.48 11.28 19.64
C THR E 270 37.97 10.29 18.62
N MET E 271 36.71 10.45 18.22
CA MET E 271 36.12 9.66 17.15
C MET E 271 36.15 8.15 17.37
N MET E 272 36.09 7.71 18.62
CA MET E 272 36.15 6.30 18.95
C MET E 272 34.94 5.50 18.47
N GLU E 273 33.86 6.21 18.14
CA GLU E 273 32.65 5.60 17.59
C GLU E 273 32.81 5.20 16.13
N ASN E 274 34.00 5.42 15.58
CA ASN E 274 34.29 5.03 14.20
C ASN E 274 34.93 3.65 14.13
N ARG E 275 34.47 2.89 13.15
CA ARG E 275 34.99 1.56 12.88
C ARG E 275 35.25 1.43 11.39
N PHE E 276 36.04 0.44 11.02
CA PHE E 276 36.22 0.09 9.62
C PHE E 276 35.77 -1.34 9.36
N VAL E 277 34.73 -1.47 8.53
CA VAL E 277 34.32 -2.78 8.05
C VAL E 277 34.46 -2.85 6.52
N PRO E 278 35.57 -3.44 6.07
CA PRO E 278 35.90 -3.66 4.66
C PRO E 278 34.93 -4.59 3.97
N ALA E 279 35.03 -4.68 2.65
CA ALA E 279 34.35 -5.70 1.87
C ALA E 279 35.40 -6.44 1.07
N ARG E 280 35.60 -7.72 1.39
CA ARG E 280 36.64 -8.53 0.76
C ARG E 280 36.08 -9.88 0.32
N PHE E 281 36.93 -10.70 -0.30
CA PHE E 281 36.55 -12.07 -0.65
C PHE E 281 36.27 -12.86 0.63
N LYS E 282 35.32 -13.78 0.54
CA LYS E 282 34.79 -14.47 1.72
C LYS E 282 35.84 -15.35 2.41
N ASP E 283 35.82 -15.29 3.74
CA ASP E 283 36.62 -16.15 4.63
C ASP E 283 38.10 -15.82 4.70
N GLY E 284 38.74 -15.63 3.55
CA GLY E 284 40.17 -15.29 3.48
C GLY E 284 40.44 -13.79 3.57
N TYR E 285 39.40 -12.99 3.33
CA TYR E 285 39.45 -11.52 3.34
C TYR E 285 40.55 -10.92 2.45
N GLY E 286 40.60 -11.37 1.20
CA GLY E 286 41.59 -10.88 0.24
C GLY E 286 41.09 -9.66 -0.51
N PRO E 287 42.01 -8.81 -1.00
CA PRO E 287 41.64 -7.63 -1.78
C PRO E 287 40.91 -7.99 -3.08
N VAL E 288 39.81 -7.28 -3.33
CA VAL E 288 39.09 -7.39 -4.59
C VAL E 288 39.82 -6.49 -5.60
N GLY E 289 39.24 -5.33 -5.90
CA GLY E 289 39.88 -4.27 -6.72
C GLY E 289 40.60 -4.68 -7.99
N ALA E 290 41.75 -5.33 -7.81
CA ALA E 290 42.60 -5.82 -8.90
C ALA E 290 41.82 -6.61 -9.96
N TRP E 291 40.85 -7.39 -9.52
CA TRP E 291 40.05 -8.22 -10.43
C TRP E 291 38.92 -7.43 -11.09
N PHE E 292 38.41 -6.42 -10.38
CA PHE E 292 37.40 -5.53 -10.95
C PHE E 292 38.00 -4.55 -11.96
N LEU E 293 39.22 -4.10 -11.68
CA LEU E 293 39.87 -3.07 -12.50
C LEU E 293 40.38 -3.63 -13.82
N LEU E 294 41.19 -4.68 -13.73
CA LEU E 294 41.91 -5.23 -14.88
C LEU E 294 41.00 -5.99 -15.85
N PHE E 295 40.07 -6.76 -15.29
CA PHE E 295 39.21 -7.64 -16.09
C PHE E 295 37.74 -7.21 -16.14
N LYS E 296 37.45 -6.01 -15.64
CA LYS E 296 36.09 -5.45 -15.60
C LYS E 296 35.08 -6.39 -14.90
N ALA E 297 35.55 -7.09 -13.87
CA ALA E 297 34.73 -8.08 -13.17
C ALA E 297 33.77 -7.41 -12.19
N LYS E 298 32.48 -7.50 -12.48
CA LYS E 298 31.43 -6.90 -11.66
C LYS E 298 30.98 -7.86 -10.55
N ALA E 299 30.65 -7.32 -9.38
CA ALA E 299 30.04 -8.10 -8.31
C ALA E 299 28.52 -8.05 -8.44
N THR E 300 27.86 -9.18 -8.16
CA THR E 300 26.43 -9.30 -8.41
C THR E 300 25.70 -10.22 -7.42
N ASN E 301 24.40 -10.02 -7.25
CA ASN E 301 23.60 -10.86 -6.35
C ASN E 301 23.09 -12.15 -7.01
N CYS E 302 22.27 -12.91 -6.28
CA CYS E 302 21.77 -14.20 -6.76
C CYS E 302 20.93 -14.10 -8.03
N LYS E 303 20.15 -13.02 -8.14
CA LYS E 303 19.33 -12.77 -9.33
C LYS E 303 20.16 -12.27 -10.51
N GLY E 304 21.44 -12.03 -10.26
CA GLY E 304 22.37 -11.62 -11.31
C GLY E 304 22.47 -10.12 -11.54
N GLU E 305 21.69 -9.35 -10.79
CA GLU E 305 21.63 -7.90 -10.99
C GLU E 305 22.70 -7.11 -10.21
N ASP E 306 23.01 -5.92 -10.71
CA ASP E 306 23.96 -5.02 -10.06
C ASP E 306 23.23 -4.28 -8.92
N TYR E 307 23.42 -4.77 -7.70
CA TYR E 307 22.71 -4.24 -6.53
C TYR E 307 22.95 -2.76 -6.30
N CYS E 308 24.11 -2.26 -6.75
CA CYS E 308 24.46 -0.84 -6.64
C CYS E 308 23.55 0.04 -7.48
N ALA E 309 23.17 -0.46 -8.65
CA ALA E 309 22.19 0.21 -9.50
C ALA E 309 20.79 0.07 -8.91
N THR E 310 20.46 -1.14 -8.44
CA THR E 310 19.13 -1.43 -7.88
C THR E 310 18.86 -0.65 -6.60
N ASN E 311 19.82 -0.67 -5.68
CA ASN E 311 19.66 0.00 -4.39
C ASN E 311 20.22 1.43 -4.38
N ARG E 312 20.08 2.11 -5.53
CA ARG E 312 20.57 3.48 -5.68
C ARG E 312 19.66 4.48 -4.96
N ALA E 313 18.40 4.10 -4.79
CA ALA E 313 17.41 4.94 -4.11
C ALA E 313 17.67 5.09 -2.61
N MET E 314 18.54 4.24 -2.07
CA MET E 314 18.94 4.30 -0.66
C MET E 314 19.85 5.50 -0.40
N LEU E 315 20.69 5.84 -1.38
CA LEU E 315 21.69 6.89 -1.24
C LEU E 315 21.13 8.31 -1.35
N LYS E 316 19.91 8.42 -1.89
CA LYS E 316 19.27 9.72 -2.17
C LYS E 316 19.37 10.77 -1.05
N PRO E 317 18.88 10.47 0.18
CA PRO E 317 18.90 11.51 1.22
C PRO E 317 20.30 11.86 1.71
N TYR E 318 21.27 10.99 1.45
CA TYR E 318 22.66 11.24 1.84
C TYR E 318 23.35 12.19 0.86
N GLU E 319 23.16 11.96 -0.43
CA GLU E 319 23.73 12.84 -1.46
C GLU E 319 23.00 14.19 -1.55
N GLU E 320 21.74 14.22 -1.14
CA GLU E 320 20.98 15.47 -1.06
C GLU E 320 21.50 16.39 0.05
N ARG E 321 21.96 15.78 1.15
CA ARG E 321 22.64 16.52 2.22
C ARG E 321 24.13 16.70 1.87
N GLY E 322 24.46 16.37 0.62
CA GLY E 322 25.80 16.59 0.06
C GLY E 322 26.87 15.64 0.55
N TYR E 323 26.55 14.34 0.59
CA TYR E 323 27.49 13.34 1.10
C TYR E 323 28.00 12.32 0.06
N ALA E 324 27.33 12.26 -1.08
CA ALA E 324 27.74 11.35 -2.16
C ALA E 324 28.02 12.06 -3.48
N LYS E 325 26.97 12.24 -4.29
CA LYS E 325 27.07 12.83 -5.64
C LYS E 325 27.75 11.93 -6.69
N GLY E 326 26.95 11.40 -7.62
CA GLY E 326 27.44 10.69 -8.80
C GLY E 326 28.07 9.34 -8.56
N HIS E 327 29.38 9.24 -8.86
CA HIS E 327 30.12 7.98 -8.73
C HIS E 327 31.03 7.93 -7.50
N VAL E 328 31.33 9.09 -6.91
CA VAL E 328 32.01 9.15 -5.62
C VAL E 328 31.05 8.83 -4.49
N ILE E 329 31.22 7.67 -3.88
CA ILE E 329 30.37 7.21 -2.78
C ILE E 329 31.27 6.67 -1.64
N PRO E 330 31.08 7.21 -0.42
CA PRO E 330 31.81 6.78 0.78
C PRO E 330 31.75 5.27 1.01
N THR E 331 32.87 4.68 1.44
CA THR E 331 33.00 3.23 1.59
C THR E 331 31.86 2.58 2.39
N CYS E 332 31.41 3.23 3.45
CA CYS E 332 30.35 2.70 4.30
C CYS E 332 29.00 2.67 3.59
N LEU E 333 28.64 3.78 2.94
CA LEU E 333 27.38 3.87 2.20
C LEU E 333 27.35 2.85 1.07
N ARG E 334 28.53 2.45 0.63
CA ARG E 334 28.67 1.48 -0.45
C ARG E 334 28.20 0.11 0.02
N ASN E 335 28.74 -0.37 1.13
CA ASN E 335 28.29 -1.65 1.70
C ASN E 335 27.00 -1.55 2.54
N HIS E 336 26.40 -0.35 2.56
CA HIS E 336 25.05 -0.14 3.12
C HIS E 336 23.99 -0.61 2.13
N MET E 337 24.28 -0.48 0.84
CA MET E 337 23.42 -1.03 -0.22
C MET E 337 23.56 -2.54 -0.26
N MET E 338 24.78 -3.02 0.01
CA MET E 338 25.08 -4.44 0.04
C MET E 338 24.35 -5.16 1.19
N LEU E 339 24.35 -4.53 2.36
CA LEU E 339 23.67 -5.08 3.55
C LEU E 339 22.19 -5.37 3.32
N ARG E 340 21.53 -4.50 2.55
CA ARG E 340 20.13 -4.72 2.17
C ARG E 340 19.98 -6.08 1.50
N GLU E 341 20.81 -6.35 0.51
CA GLU E 341 20.77 -7.59 -0.25
C GLU E 341 20.99 -8.81 0.64
N MET E 342 21.81 -8.63 1.68
CA MET E 342 22.16 -9.72 2.56
C MET E 342 21.04 -10.05 3.55
N ARG E 343 20.55 -9.04 4.26
CA ARG E 343 19.53 -9.24 5.28
C ARG E 343 18.16 -9.57 4.67
N GLU E 344 18.05 -9.51 3.35
CA GLU E 344 16.80 -9.77 2.66
C GLU E 344 16.78 -11.15 1.99
N GLY E 345 17.96 -11.73 1.78
CA GLY E 345 18.08 -13.10 1.31
C GLY E 345 18.41 -13.27 -0.15
N ARG E 346 18.75 -12.18 -0.83
CA ARG E 346 19.09 -12.22 -2.25
C ARG E 346 20.59 -12.45 -2.49
N GLY E 347 21.29 -12.91 -1.47
CA GLY E 347 22.69 -13.33 -1.59
C GLY E 347 22.80 -14.72 -2.21
N PRO E 348 24.04 -15.21 -2.41
CA PRO E 348 25.33 -14.57 -2.08
C PRO E 348 25.72 -13.47 -3.05
N ILE E 349 26.60 -12.58 -2.60
CA ILE E 349 27.19 -11.56 -3.45
C ILE E 349 28.44 -12.16 -4.11
N TYR E 350 28.41 -12.24 -5.43
CA TYR E 350 29.32 -13.11 -6.17
C TYR E 350 30.02 -12.40 -7.32
N MET E 351 31.35 -12.34 -7.24
CA MET E 351 32.17 -11.88 -8.35
C MET E 351 32.34 -13.02 -9.35
N ASP E 352 31.63 -12.96 -10.46
CA ASP E 352 31.77 -13.94 -11.53
C ASP E 352 33.00 -13.62 -12.39
N THR E 353 34.15 -14.09 -11.93
CA THR E 353 35.41 -13.87 -12.64
C THR E 353 35.52 -14.76 -13.89
N LYS E 354 34.94 -15.95 -13.81
CA LYS E 354 34.88 -16.90 -14.94
C LYS E 354 34.48 -16.22 -16.26
N THR E 355 33.31 -15.57 -16.28
CA THR E 355 32.78 -14.96 -17.50
C THR E 355 33.46 -13.64 -17.85
N ALA E 356 33.81 -12.86 -16.82
CA ALA E 356 34.47 -11.57 -17.02
C ALA E 356 35.88 -11.73 -17.59
N LEU E 357 36.57 -12.80 -17.18
CA LEU E 357 37.92 -13.09 -17.67
C LEU E 357 37.94 -13.66 -19.08
N GLN E 358 36.95 -14.47 -19.42
CA GLN E 358 36.90 -15.06 -20.77
C GLN E 358 36.48 -14.05 -21.83
N THR E 359 35.73 -13.01 -21.42
CA THR E 359 35.41 -11.91 -22.33
C THR E 359 36.62 -11.00 -22.56
N SER E 360 37.38 -10.73 -21.51
CA SER E 360 38.55 -9.85 -21.59
C SER E 360 39.79 -10.55 -22.15
N PHE E 361 39.82 -11.88 -22.07
CA PHE E 361 40.95 -12.67 -22.60
C PHE E 361 40.96 -12.78 -24.12
N ALA E 362 40.00 -12.12 -24.77
CA ALA E 362 39.91 -12.10 -26.22
C ALA E 362 40.78 -10.99 -26.84
N THR E 363 41.92 -10.72 -26.21
CA THR E 363 42.88 -9.73 -26.69
C THR E 363 44.34 -10.19 -26.50
N MET E 364 45.25 -9.53 -27.21
CA MET E 364 46.73 -9.67 -27.07
C MET E 364 47.23 -10.89 -26.26
N SER E 365 47.04 -12.07 -26.83
CA SER E 365 47.27 -13.37 -26.15
C SER E 365 48.32 -13.40 -25.03
N PRO E 366 49.61 -13.16 -25.36
CA PRO E 366 50.63 -13.21 -24.29
C PRO E 366 50.64 -11.97 -23.38
N ALA E 367 50.42 -10.80 -23.97
CA ALA E 367 50.45 -9.52 -23.26
C ALA E 367 49.28 -9.35 -22.30
N GLN E 368 48.09 -9.74 -22.75
CA GLN E 368 46.90 -9.74 -21.90
C GLN E 368 47.07 -10.76 -20.79
N GLN E 369 47.02 -12.04 -21.15
CA GLN E 369 46.89 -13.13 -20.18
C GLN E 369 48.03 -13.20 -19.17
N LYS E 370 49.20 -13.69 -19.58
CA LYS E 370 50.30 -13.92 -18.64
C LYS E 370 50.69 -12.73 -17.77
N HIS E 371 50.66 -11.52 -18.35
CA HIS E 371 51.10 -10.33 -17.64
C HIS E 371 50.10 -9.82 -16.58
N LEU E 372 48.88 -9.53 -17.01
CA LEU E 372 47.84 -9.03 -16.11
C LEU E 372 47.47 -10.03 -15.02
N GLU E 373 47.41 -11.31 -15.39
CA GLU E 373 47.14 -12.40 -14.44
C GLU E 373 48.13 -12.39 -13.28
N ALA E 374 49.41 -12.14 -13.59
CA ALA E 374 50.46 -12.07 -12.58
C ALA E 374 50.26 -10.85 -11.67
N GLU E 375 49.85 -9.73 -12.27
CA GLU E 375 49.58 -8.49 -11.53
C GLU E 375 48.46 -8.71 -10.50
N ALA E 376 47.38 -9.33 -10.95
CA ALA E 376 46.23 -9.63 -10.11
C ALA E 376 46.56 -10.67 -9.04
N TRP E 377 47.46 -11.60 -9.36
CA TRP E 377 47.88 -12.61 -8.38
C TRP E 377 48.89 -12.07 -7.37
N GLU E 378 49.72 -11.11 -7.79
CA GLU E 378 50.66 -10.48 -6.85
C GLU E 378 49.92 -9.62 -5.83
N ASP E 379 48.71 -9.19 -6.18
CA ASP E 379 47.85 -8.45 -5.27
C ASP E 379 47.55 -9.26 -4.01
N PHE E 380 47.52 -10.59 -4.15
CA PHE E 380 47.46 -11.49 -3.01
C PHE E 380 48.84 -11.79 -2.44
N LEU E 381 49.70 -12.44 -3.24
CA LEU E 381 51.01 -12.90 -2.78
C LEU E 381 51.83 -11.84 -2.04
N ASP E 382 51.60 -10.56 -2.35
CA ASP E 382 52.30 -9.47 -1.70
C ASP E 382 51.68 -8.99 -0.38
N MET E 383 50.35 -8.82 -0.35
CA MET E 383 49.70 -8.32 0.87
C MET E 383 48.75 -9.28 1.62
N CYS E 384 48.34 -10.36 0.97
CA CYS E 384 47.39 -11.32 1.56
C CYS E 384 47.54 -12.73 0.96
N VAL E 385 48.37 -13.55 1.59
CA VAL E 385 48.65 -14.89 1.07
C VAL E 385 47.55 -15.88 1.48
N GLY E 386 46.84 -15.55 2.56
CA GLY E 386 45.73 -16.37 3.05
C GLY E 386 44.63 -16.62 2.02
N GLN E 387 44.38 -15.61 1.18
CA GLN E 387 43.39 -15.72 0.11
C GLN E 387 43.90 -16.58 -1.04
N ALA E 388 45.21 -16.57 -1.26
CA ALA E 388 45.83 -17.42 -2.26
C ALA E 388 45.74 -18.89 -1.86
N ASN E 389 45.93 -19.14 -0.55
CA ASN E 389 45.77 -20.47 0.03
C ASN E 389 44.36 -21.04 -0.15
N LEU E 390 43.35 -20.25 0.19
CA LEU E 390 41.95 -20.68 0.09
C LEU E 390 41.54 -20.96 -1.35
N TRP E 391 41.95 -20.11 -2.28
CA TRP E 391 41.65 -20.27 -3.70
C TRP E 391 42.29 -21.53 -4.28
N ALA E 392 43.44 -21.91 -3.71
CA ALA E 392 44.10 -23.16 -4.06
C ALA E 392 43.32 -24.32 -3.43
N ALA E 393 42.86 -24.10 -2.21
CA ALA E 393 42.10 -25.10 -1.46
C ALA E 393 40.73 -25.38 -2.06
N THR E 394 40.11 -24.35 -2.64
CA THR E 394 38.75 -24.47 -3.15
C THR E 394 38.68 -24.70 -4.66
N ASN E 395 39.82 -24.66 -5.33
CA ASN E 395 39.89 -24.68 -6.80
C ASN E 395 39.18 -23.50 -7.44
N CYS E 396 39.19 -22.36 -6.75
CA CYS E 396 38.57 -21.15 -7.25
C CYS E 396 39.60 -20.23 -7.87
N ALA E 397 40.28 -20.75 -8.89
CA ALA E 397 41.12 -19.94 -9.75
C ALA E 397 40.18 -19.08 -10.60
N PRO E 398 40.54 -17.80 -10.83
CA PRO E 398 39.70 -16.82 -11.53
C PRO E 398 38.91 -17.38 -12.72
N GLU E 399 39.60 -18.06 -13.63
CA GLU E 399 38.94 -18.84 -14.68
C GLU E 399 38.46 -20.16 -14.09
N GLU E 400 37.25 -20.58 -14.49
CA GLU E 400 36.46 -21.63 -13.79
C GLU E 400 36.30 -21.38 -12.29
N ARG E 401 35.08 -20.97 -11.90
CA ARG E 401 34.71 -20.60 -10.52
C ARG E 401 35.15 -19.18 -10.11
N GLY E 402 34.18 -18.32 -9.85
CA GLY E 402 34.43 -17.01 -9.25
C GLY E 402 34.50 -17.11 -7.73
N SER E 403 34.39 -15.96 -7.05
CA SER E 403 34.43 -15.93 -5.59
C SER E 403 33.35 -15.03 -4.99
N GLU E 404 33.10 -15.21 -3.70
CA GLU E 404 32.08 -14.45 -2.97
C GLU E 404 32.68 -13.30 -2.15
N ILE E 405 31.99 -12.16 -2.18
CA ILE E 405 32.36 -11.00 -1.35
C ILE E 405 31.56 -11.03 -0.04
N MET E 406 32.20 -10.64 1.05
CA MET E 406 31.55 -10.57 2.35
C MET E 406 32.13 -9.45 3.21
N PRO E 407 31.26 -8.59 3.78
CA PRO E 407 31.73 -7.58 4.72
C PRO E 407 32.20 -8.25 5.99
N THR E 408 33.32 -7.79 6.53
CA THR E 408 33.96 -8.43 7.67
C THR E 408 33.46 -7.87 9.01
N GLU E 409 33.93 -8.49 10.10
CA GLU E 409 33.68 -7.97 11.44
C GLU E 409 34.37 -6.60 11.58
N PRO E 410 33.78 -5.69 12.39
CA PRO E 410 34.32 -4.34 12.57
C PRO E 410 35.75 -4.32 13.12
N TYR E 411 36.58 -3.46 12.53
CA TYR E 411 37.93 -3.21 13.01
C TYR E 411 38.05 -1.78 13.53
N LEU E 412 38.97 -1.57 14.45
CA LEU E 412 39.18 -0.26 15.05
C LEU E 412 40.57 0.27 14.74
N LEU E 413 40.64 1.25 13.84
CA LEU E 413 41.92 1.79 13.40
C LEU E 413 41.84 3.27 13.06
N GLY E 414 43.01 3.90 12.99
CA GLY E 414 43.10 5.33 12.68
C GLY E 414 43.82 5.66 11.38
N SER E 415 44.69 4.76 10.93
CA SER E 415 45.52 5.01 9.74
C SER E 415 44.87 4.63 8.41
N HIS E 416 43.98 3.65 8.42
CA HIS E 416 43.33 3.18 7.19
C HIS E 416 42.06 4.00 6.91
N SER E 417 41.08 3.39 6.24
CA SER E 417 39.82 4.06 5.91
C SER E 417 38.91 4.24 7.14
N GLY E 418 39.54 4.37 8.31
CA GLY E 418 38.87 4.67 9.57
C GLY E 418 39.72 5.64 10.39
N CYS E 419 39.15 6.19 11.45
CA CYS E 419 39.83 7.25 12.19
C CYS E 419 39.48 7.32 13.68
N CYS E 420 39.41 6.17 14.35
CA CYS E 420 39.24 6.19 15.79
C CYS E 420 40.60 6.23 16.46
N GLY E 421 40.70 7.01 17.55
CA GLY E 421 41.96 7.13 18.26
C GLY E 421 42.08 8.28 19.24
N ILE E 422 43.31 8.79 19.34
CA ILE E 422 43.67 9.80 20.32
C ILE E 422 43.70 11.20 19.69
N TRP E 423 43.25 12.19 20.45
CA TRP E 423 43.28 13.59 20.06
C TRP E 423 44.72 14.11 20.13
N ALA E 424 45.22 14.58 18.99
CA ALA E 424 46.60 15.02 18.89
C ALA E 424 46.71 16.40 18.26
N SER E 425 47.62 17.22 18.78
CA SER E 425 47.79 18.61 18.36
C SER E 425 48.09 18.78 16.87
N GLY E 426 47.73 19.95 16.35
CA GLY E 426 48.09 20.35 15.00
C GLY E 426 49.52 20.88 14.93
N PRO E 427 49.91 21.41 13.75
CA PRO E 427 51.28 21.80 13.48
C PRO E 427 51.67 23.25 13.80
N ASP E 428 51.16 23.79 14.91
CA ASP E 428 51.56 25.12 15.41
C ASP E 428 51.73 26.19 14.33
N GLU E 429 50.71 26.35 13.49
CA GLU E 429 50.73 27.36 12.43
C GLU E 429 49.44 28.18 12.36
N ALA E 430 49.55 29.38 11.83
CA ALA E 430 48.49 30.39 11.85
C ALA E 430 47.17 29.93 11.20
N TRP E 431 47.26 29.02 10.23
CA TRP E 431 46.09 28.52 9.51
C TRP E 431 45.37 27.39 10.25
N VAL E 432 45.96 26.95 11.36
CA VAL E 432 45.36 25.92 12.21
C VAL E 432 44.63 26.60 13.37
N PRO E 433 43.33 26.30 13.57
CA PRO E 433 42.56 26.85 14.69
C PRO E 433 43.16 26.51 16.06
N GLU E 434 42.91 27.36 17.05
CA GLU E 434 43.47 27.18 18.40
C GLU E 434 43.03 25.90 19.11
N ASP E 435 41.76 25.54 18.95
CA ASP E 435 41.19 24.32 19.54
C ASP E 435 41.84 23.05 19.00
N TYR E 436 42.41 23.17 17.80
CA TYR E 436 43.10 22.08 17.12
C TYR E 436 44.57 21.93 17.58
N LYS E 437 45.00 22.83 18.48
CA LYS E 437 46.34 22.77 19.08
C LYS E 437 46.23 22.32 20.54
N VAL E 438 47.35 21.96 21.14
CA VAL E 438 47.39 21.57 22.56
C VAL E 438 48.06 22.64 23.43
N ARG E 439 49.30 22.97 23.09
CA ARG E 439 50.17 23.91 23.84
C ARG E 439 50.44 23.57 25.32
N ALA E 440 51.70 23.31 25.62
CA ALA E 440 52.13 22.80 26.93
C ALA E 440 52.16 23.87 28.03
N ALA E 441 52.73 23.50 29.17
CA ALA E 441 52.89 24.41 30.30
C ALA E 441 53.89 25.52 29.96
N ASN E 442 54.88 25.19 29.13
CA ASN E 442 55.86 26.18 28.65
C ASN E 442 55.29 27.16 27.62
N GLY E 443 54.02 26.96 27.25
CA GLY E 443 53.33 27.84 26.32
C GLY E 443 53.52 27.46 24.86
N LYS E 444 54.44 26.54 24.60
CA LYS E 444 54.74 26.08 23.25
C LYS E 444 53.83 24.92 22.82
N VAL E 445 53.38 24.97 21.57
CA VAL E 445 52.56 23.89 21.00
C VAL E 445 53.40 22.95 20.14
N TYR E 446 53.42 21.68 20.54
CA TYR E 446 54.18 20.63 19.87
C TYR E 446 53.26 19.78 19.00
N ASN E 447 53.68 19.57 17.75
CA ASN E 447 52.91 18.83 16.75
C ASN E 447 52.66 17.37 17.14
N ARG E 448 51.42 16.92 16.95
CA ARG E 448 51.00 15.53 17.16
C ARG E 448 51.04 15.05 18.62
N MET E 449 51.19 15.98 19.56
CA MET E 449 51.21 15.63 20.97
C MET E 449 49.79 15.41 21.51
N THR E 450 49.65 14.41 22.37
CA THR E 450 48.39 14.15 23.07
C THR E 450 48.24 15.15 24.21
N THR E 451 47.03 15.28 24.74
CA THR E 451 46.74 16.23 25.81
C THR E 451 47.65 16.00 27.02
N VAL E 452 48.06 14.75 27.22
CA VAL E 452 49.04 14.40 28.25
C VAL E 452 50.42 14.95 27.86
N GLU E 453 51.02 15.68 28.79
CA GLU E 453 52.29 16.36 28.61
C GLU E 453 53.43 15.38 28.36
N GLY E 454 54.02 15.43 27.18
CA GLY E 454 55.17 14.59 26.84
C GLY E 454 54.86 13.33 26.04
N LEU E 455 53.60 12.92 26.04
CA LEU E 455 53.17 11.73 25.30
C LEU E 455 52.75 12.06 23.86
N TRP E 456 53.36 11.35 22.92
CA TRP E 456 53.01 11.46 21.50
C TRP E 456 52.39 10.17 20.98
N THR E 457 51.88 10.22 19.76
CA THR E 457 51.34 9.05 19.07
C THR E 457 51.22 9.38 17.57
N CYS E 458 51.14 8.35 16.73
CA CYS E 458 51.01 8.55 15.28
C CYS E 458 50.39 7.35 14.55
N ALA E 459 50.04 7.56 13.28
CA ALA E 459 49.43 6.55 12.43
C ALA E 459 48.07 6.09 12.97
N ASP E 460 48.00 4.83 13.42
CA ASP E 460 46.82 4.30 14.10
C ASP E 460 46.57 5.05 15.41
N GLY E 461 47.62 5.70 15.90
CA GLY E 461 47.57 6.43 17.17
C GLY E 461 46.63 7.62 17.18
N VAL E 462 46.77 8.50 16.18
CA VAL E 462 45.92 9.68 16.12
C VAL E 462 44.63 9.41 15.35
N GLY E 463 43.50 9.75 15.97
CA GLY E 463 42.21 9.56 15.36
C GLY E 463 41.76 10.79 14.58
N ALA E 464 40.51 10.75 14.14
CA ALA E 464 39.87 11.86 13.43
C ALA E 464 40.53 12.24 12.11
N SER E 465 41.59 11.53 11.73
CA SER E 465 42.35 11.88 10.54
C SER E 465 42.80 10.65 9.73
N GLY E 466 41.84 9.87 9.26
CA GLY E 466 42.12 8.62 8.57
C GLY E 466 42.75 8.76 7.19
N HIS E 467 42.83 7.62 6.49
CA HIS E 467 43.41 7.55 5.15
C HIS E 467 44.89 7.90 5.10
N LYS E 468 45.60 7.62 6.19
CA LYS E 468 47.03 7.87 6.26
C LYS E 468 47.76 6.81 5.45
N PHE E 469 47.45 5.55 5.74
CA PHE E 469 48.06 4.39 5.09
C PHE E 469 49.55 4.26 5.44
N SER E 470 50.24 3.31 4.80
CA SER E 470 51.61 2.97 5.13
C SER E 470 52.59 4.15 5.12
N SER E 471 52.58 4.90 4.02
CA SER E 471 53.47 6.04 3.82
C SER E 471 53.17 7.18 4.78
N GLY E 472 51.88 7.51 4.91
CA GLY E 472 51.41 8.54 5.83
C GLY E 472 51.80 8.23 7.26
N SER E 473 51.66 6.97 7.64
CA SER E 473 52.09 6.49 8.95
C SER E 473 53.58 6.79 9.22
N HIS E 474 54.41 6.60 8.19
CA HIS E 474 55.84 6.85 8.29
C HIS E 474 56.11 8.34 8.37
N ALA E 475 55.54 9.09 7.43
CA ALA E 475 55.70 10.55 7.36
C ALA E 475 55.19 11.24 8.63
N GLU E 476 54.09 10.74 9.18
CA GLU E 476 53.56 11.27 10.43
C GLU E 476 54.42 10.84 11.61
N GLY E 477 55.03 9.66 11.49
CA GLY E 477 55.97 9.17 12.50
C GLY E 477 57.19 10.08 12.55
N ARG E 478 57.63 10.52 11.38
CA ARG E 478 58.77 11.44 11.25
C ARG E 478 58.50 12.78 11.96
N ILE E 479 57.30 13.32 11.76
CA ILE E 479 56.88 14.57 12.40
C ILE E 479 57.09 14.50 13.93
N VAL E 480 56.60 13.41 14.52
CA VAL E 480 56.74 13.15 15.95
C VAL E 480 58.20 13.08 16.40
N GLY E 481 59.05 12.51 15.54
CA GLY E 481 60.48 12.35 15.81
C GLY E 481 61.18 13.65 16.15
N LYS E 482 60.96 14.67 15.32
CA LYS E 482 61.52 16.00 15.54
C LYS E 482 61.00 16.61 16.85
N GLN E 483 59.69 16.55 17.05
CA GLN E 483 59.05 17.13 18.22
C GLN E 483 59.57 16.59 19.55
N MET E 484 59.93 15.31 19.58
CA MET E 484 60.42 14.67 20.79
C MET E 484 61.81 15.16 21.17
N VAL E 485 62.68 15.30 20.18
CA VAL E 485 64.01 15.87 20.37
C VAL E 485 63.88 17.31 20.86
N ARG E 486 63.04 18.08 20.17
CA ARG E 486 62.71 19.44 20.56
C ARG E 486 62.20 19.50 22.01
N TRP E 487 61.21 18.66 22.34
CA TRP E 487 60.69 18.56 23.70
C TRP E 487 61.81 18.35 24.71
N TYR E 488 62.69 17.38 24.43
CA TYR E 488 63.77 17.03 25.34
C TYR E 488 64.63 18.24 25.66
N LEU E 489 64.93 19.05 24.63
CA LEU E 489 65.75 20.24 24.81
C LEU E 489 65.04 21.30 25.67
N ASP E 490 63.73 21.44 25.44
CA ASP E 490 62.91 22.40 26.18
C ASP E 490 62.56 21.93 27.59
N HIS E 491 62.88 20.67 27.90
CA HIS E 491 62.58 20.09 29.20
C HIS E 491 63.73 19.22 29.75
N LYS E 492 64.96 19.71 29.62
CA LYS E 492 66.14 18.95 30.02
C LYS E 492 66.18 18.60 31.51
N ASP E 493 65.58 19.44 32.34
CA ASP E 493 65.40 19.14 33.76
C ASP E 493 64.02 18.52 33.95
N PHE E 494 63.99 17.27 34.41
CA PHE E 494 62.71 16.59 34.66
C PHE E 494 62.63 15.74 35.92
N LYS E 495 63.51 14.74 36.01
CA LYS E 495 63.43 13.66 37.02
C LYS E 495 62.03 12.97 37.00
N PRO E 496 61.94 11.81 36.31
CA PRO E 496 60.67 11.09 36.28
C PRO E 496 60.40 10.41 37.63
N GLU E 497 59.18 10.56 38.13
CA GLU E 497 58.83 10.05 39.44
C GLU E 497 57.48 9.32 39.41
N PHE E 498 57.44 8.10 39.93
CA PHE E 498 56.18 7.33 40.00
C PHE E 498 55.58 7.39 41.40
N VAL E 499 54.26 7.27 41.46
CA VAL E 499 53.54 7.20 42.74
C VAL E 499 53.59 5.77 43.31
N GLU E 500 53.56 4.80 42.40
CA GLU E 500 53.65 3.37 42.74
C GLU E 500 55.11 2.92 42.68
N THR E 501 55.49 2.07 43.63
CA THR E 501 56.91 1.75 43.85
C THR E 501 57.55 0.88 42.76
N ALA E 502 58.84 0.61 42.94
CA ALA E 502 59.66 -0.13 41.96
C ALA E 502 59.11 -1.52 41.63
N GLU E 503 58.69 -2.25 42.66
CA GLU E 503 58.22 -3.62 42.48
C GLU E 503 56.72 -3.77 42.79
N GLU E 504 56.05 -2.63 42.97
CA GLU E 504 54.59 -2.55 43.03
C GLU E 504 54.03 -2.86 41.64
N LEU E 505 54.77 -2.44 40.62
CA LEU E 505 54.41 -2.66 39.22
C LEU E 505 54.71 -4.08 38.79
N LYS E 506 55.81 -4.64 39.30
CA LYS E 506 56.16 -6.04 39.05
C LYS E 506 55.06 -6.95 39.59
N THR E 507 54.63 -6.69 40.82
CA THR E 507 53.59 -7.48 41.47
C THR E 507 52.19 -7.20 40.89
N LEU E 508 52.09 -6.19 40.03
CA LEU E 508 50.85 -5.90 39.29
C LEU E 508 50.85 -6.58 37.93
N ILE E 509 51.96 -6.48 37.20
CA ILE E 509 52.08 -7.05 35.86
C ILE E 509 52.02 -8.59 35.86
N TYR E 510 52.62 -9.20 36.88
CA TYR E 510 52.59 -10.65 37.03
C TYR E 510 51.43 -11.14 37.90
N ARG E 511 50.34 -10.36 37.92
CA ARG E 511 49.10 -10.75 38.59
C ARG E 511 48.58 -12.10 38.06
N PRO E 512 48.39 -12.23 36.72
CA PRO E 512 47.92 -13.51 36.17
C PRO E 512 48.82 -14.71 36.51
N TYR E 513 50.10 -14.46 36.76
CA TYR E 513 51.01 -15.53 37.17
C TYR E 513 50.69 -16.05 38.57
N TYR E 514 50.55 -15.14 39.52
CA TYR E 514 50.22 -15.52 40.90
C TYR E 514 48.82 -16.12 40.98
N ASN E 515 47.91 -15.58 40.18
CA ASN E 515 46.53 -16.08 40.09
C ASN E 515 46.47 -17.56 39.75
N TYR E 516 47.26 -17.96 38.75
CA TYR E 516 47.33 -19.35 38.34
C TYR E 516 47.93 -20.23 39.44
N GLU E 517 49.05 -19.78 40.01
CA GLU E 517 49.78 -20.53 41.02
C GLU E 517 48.99 -20.68 42.32
N LYS E 518 48.33 -19.59 42.71
CA LYS E 518 47.50 -19.54 43.92
C LYS E 518 46.23 -20.37 43.75
N GLY E 519 45.78 -20.55 42.50
CA GLY E 519 44.49 -21.17 42.23
C GLY E 519 44.44 -22.51 41.53
N LYS E 520 45.55 -22.93 40.90
CA LYS E 520 45.55 -24.13 40.04
C LYS E 520 45.20 -25.46 40.72
N GLY E 521 45.30 -25.50 42.05
CA GLY E 521 45.04 -26.71 42.81
C GLY E 521 43.57 -27.06 42.98
N ALA E 522 42.68 -26.20 42.50
CA ALA E 522 41.24 -26.43 42.61
C ALA E 522 40.73 -27.45 41.59
N SER E 523 41.51 -27.64 40.52
CA SER E 523 41.09 -28.48 39.40
C SER E 523 42.23 -29.38 38.90
N THR E 524 41.87 -30.40 38.14
CA THR E 524 42.85 -31.30 37.52
C THR E 524 43.22 -30.82 36.12
N CYS E 525 42.50 -29.81 35.62
CA CYS E 525 42.87 -29.18 34.36
C CYS E 525 42.91 -27.66 34.49
N PRO E 526 43.82 -27.00 33.76
CA PRO E 526 44.06 -25.56 33.93
C PRO E 526 42.97 -24.67 33.32
N VAL E 527 42.30 -25.14 32.26
CA VAL E 527 41.30 -24.32 31.56
C VAL E 527 39.99 -24.21 32.36
N VAL E 528 39.49 -25.33 32.86
CA VAL E 528 38.25 -25.37 33.62
C VAL E 528 38.55 -25.33 35.12
N ASN E 529 38.68 -24.12 35.65
CA ASN E 529 39.04 -23.88 37.05
C ASN E 529 38.31 -22.65 37.57
N PRO E 530 37.62 -22.78 38.72
CA PRO E 530 36.76 -21.69 39.20
C PRO E 530 37.52 -20.47 39.75
N GLU E 531 38.79 -20.65 40.13
CA GLU E 531 39.58 -19.59 40.78
C GLU E 531 40.03 -18.51 39.80
N TYR E 532 40.16 -18.88 38.53
CA TYR E 532 40.69 -17.96 37.53
C TYR E 532 40.03 -18.10 36.15
N ILE E 533 40.47 -17.29 35.19
CA ILE E 533 39.96 -17.36 33.81
C ILE E 533 41.09 -17.39 32.79
N SER E 534 41.01 -18.34 31.87
CA SER E 534 41.93 -18.44 30.74
C SER E 534 41.78 -17.22 29.84
N PRO E 535 42.90 -16.72 29.28
CA PRO E 535 42.83 -15.63 28.29
C PRO E 535 42.03 -16.02 27.04
N LYS E 536 42.12 -17.28 26.63
CA LYS E 536 41.33 -17.80 25.50
C LYS E 536 39.83 -17.65 25.77
N ASN E 537 39.40 -17.98 26.97
CA ASN E 537 37.99 -17.86 27.37
C ASN E 537 37.57 -16.42 27.62
N PHE E 538 38.49 -15.60 28.12
CA PHE E 538 38.26 -14.18 28.30
C PHE E 538 37.88 -13.54 26.95
N MET E 539 38.71 -13.76 25.93
CA MET E 539 38.51 -13.18 24.61
C MET E 539 37.20 -13.65 24.00
N MET E 540 36.92 -14.94 24.13
CA MET E 540 35.73 -15.55 23.56
C MET E 540 34.45 -14.99 24.17
N ARG E 541 34.54 -14.67 25.46
CA ARG E 541 33.44 -14.05 26.20
C ARG E 541 33.25 -12.59 25.73
N LEU E 542 34.37 -11.86 25.62
CA LEU E 542 34.34 -10.47 25.19
C LEU E 542 33.73 -10.30 23.81
N ILE E 543 34.22 -11.08 22.84
CA ILE E 543 33.76 -10.98 21.45
C ILE E 543 32.32 -11.47 21.27
N LYS E 544 31.86 -12.37 22.15
CA LYS E 544 30.47 -12.78 22.17
C LYS E 544 29.59 -11.62 22.61
N CYS E 545 30.06 -10.90 23.63
CA CYS E 545 29.36 -9.75 24.17
C CYS E 545 29.28 -8.63 23.13
N THR E 546 30.42 -8.29 22.54
CA THR E 546 30.52 -7.19 21.57
C THR E 546 29.69 -7.44 20.32
N ASP E 547 29.69 -8.68 19.84
CA ASP E 547 28.97 -9.06 18.62
C ASP E 547 27.45 -8.93 18.77
N GLU E 548 26.96 -9.29 19.95
CA GLU E 548 25.53 -9.33 20.21
C GLU E 548 24.94 -7.97 20.57
N TYR E 549 25.77 -7.11 21.15
CA TYR E 549 25.29 -5.85 21.71
C TYR E 549 25.96 -4.59 21.17
N GLY E 550 27.13 -4.75 20.56
CA GLY E 550 27.89 -3.63 20.00
C GLY E 550 27.90 -3.58 18.49
N GLY E 551 26.90 -4.20 17.87
CA GLY E 551 26.76 -4.19 16.42
C GLY E 551 27.80 -5.00 15.67
N GLY E 552 27.99 -6.24 16.09
CA GLY E 552 28.83 -7.20 15.36
C GLY E 552 28.12 -7.72 14.12
N VAL E 553 28.72 -8.70 13.45
CA VAL E 553 28.12 -9.26 12.23
C VAL E 553 26.81 -10.01 12.53
N GLY E 554 26.76 -10.67 13.68
CA GLY E 554 25.62 -11.53 14.05
C GLY E 554 24.28 -10.84 14.05
N THR E 555 24.32 -9.52 14.16
CA THR E 555 23.13 -8.69 14.20
C THR E 555 23.07 -7.73 13.01
N TYR E 556 23.82 -8.05 11.96
CA TYR E 556 23.95 -7.22 10.75
C TYR E 556 24.33 -5.78 11.08
N TYR E 557 25.25 -5.64 12.04
CA TYR E 557 25.84 -4.35 12.44
C TYR E 557 24.90 -3.39 13.20
N ASN E 558 23.72 -3.89 13.55
CA ASN E 558 22.75 -3.10 14.30
C ASN E 558 22.99 -3.03 15.80
N THR E 559 22.67 -1.89 16.39
CA THR E 559 22.77 -1.67 17.83
C THR E 559 21.81 -0.57 18.27
N SER E 560 21.61 -0.44 19.57
CA SER E 560 20.77 0.62 20.14
C SER E 560 21.08 0.81 21.62
N LYS E 561 20.60 1.92 22.18
CA LYS E 561 20.73 2.21 23.62
C LYS E 561 20.43 0.97 24.47
N ALA E 562 19.32 0.29 24.13
CA ALA E 562 18.90 -0.92 24.82
C ALA E 562 19.93 -2.05 24.72
N LEU E 563 20.40 -2.32 23.51
CA LEU E 563 21.42 -3.35 23.30
C LEU E 563 22.72 -2.98 24.00
N LEU E 564 23.10 -1.71 23.89
CA LEU E 564 24.35 -1.20 24.46
C LEU E 564 24.41 -1.29 25.98
N ASP E 565 23.32 -0.92 26.65
CA ASP E 565 23.24 -0.98 28.10
C ASP E 565 23.42 -2.40 28.61
N THR E 566 22.81 -3.36 27.90
CA THR E 566 22.97 -4.77 28.22
C THR E 566 24.42 -5.19 28.01
N GLY E 567 25.05 -4.61 26.98
CA GLY E 567 26.48 -4.81 26.74
C GLY E 567 27.31 -4.29 27.90
N PHE E 568 27.01 -3.06 28.33
CA PHE E 568 27.73 -2.42 29.43
C PHE E 568 27.61 -3.19 30.74
N TRP E 569 26.43 -3.72 31.01
CA TRP E 569 26.16 -4.55 32.19
C TRP E 569 27.03 -5.80 32.21
N LEU E 570 27.21 -6.42 31.05
CA LEU E 570 28.01 -7.64 30.93
C LEU E 570 29.51 -7.35 31.05
N MET E 571 29.91 -6.17 30.58
CA MET E 571 31.32 -5.77 30.55
C MET E 571 31.85 -5.32 31.91
N GLU E 572 30.99 -4.75 32.74
CA GLU E 572 31.36 -4.34 34.10
C GLU E 572 31.78 -5.54 34.93
N MET E 573 31.08 -6.66 34.74
CA MET E 573 31.39 -7.92 35.42
C MET E 573 32.64 -8.55 34.83
N LEU E 574 32.86 -8.28 33.55
CA LEU E 574 34.04 -8.74 32.84
C LEU E 574 35.28 -7.97 33.30
N GLU E 575 35.08 -6.72 33.71
CA GLU E 575 36.14 -5.91 34.34
C GLU E 575 36.58 -6.48 35.68
N GLU E 576 35.61 -6.88 36.50
CA GLU E 576 35.87 -7.52 37.79
C GLU E 576 36.58 -8.85 37.56
N ASP E 577 36.13 -9.58 36.53
CA ASP E 577 36.65 -10.91 36.22
C ASP E 577 38.02 -10.89 35.57
N SER E 578 38.39 -9.75 34.97
CA SER E 578 39.70 -9.60 34.35
C SER E 578 40.83 -9.62 35.38
N LEU E 579 40.51 -9.22 36.61
CA LEU E 579 41.47 -9.25 37.72
C LEU E 579 41.93 -10.67 38.01
N LYS E 580 41.07 -11.63 37.73
CA LYS E 580 41.34 -13.05 37.99
C LYS E 580 41.85 -13.81 36.75
N LEU E 581 42.40 -13.08 35.77
CA LEU E 581 43.03 -13.70 34.60
C LEU E 581 44.27 -14.50 35.00
N ALA E 582 44.57 -15.55 34.25
CA ALA E 582 45.66 -16.47 34.62
C ALA E 582 46.57 -16.89 33.46
N ALA E 583 47.88 -16.76 33.69
CA ALA E 583 48.90 -17.14 32.73
C ALA E 583 49.72 -18.33 33.20
N ARG E 584 49.92 -19.29 32.30
CA ARG E 584 50.66 -20.51 32.59
C ARG E 584 52.05 -20.44 32.00
N ASP E 585 52.23 -19.56 31.04
CA ASP E 585 53.51 -19.35 30.36
C ASP E 585 53.59 -17.92 29.87
N LEU E 586 54.80 -17.50 29.48
CA LEU E 586 55.03 -16.13 29.03
C LEU E 586 54.10 -15.74 27.88
N HIS E 587 53.84 -16.69 26.99
CA HIS E 587 52.91 -16.46 25.88
C HIS E 587 51.50 -16.15 26.37
N GLU E 588 51.04 -16.86 27.40
CA GLU E 588 49.73 -16.60 28.01
C GLU E 588 49.67 -15.26 28.73
N LEU E 589 50.79 -14.86 29.33
CA LEU E 589 50.90 -13.55 29.99
C LEU E 589 50.72 -12.42 28.98
N LEU E 590 51.26 -12.62 27.78
CA LEU E 590 51.06 -11.70 26.66
C LEU E 590 49.58 -11.62 26.32
N ARG E 591 48.94 -12.78 26.16
CA ARG E 591 47.54 -12.87 25.78
C ARG E 591 46.62 -12.37 26.89
N CYS E 592 47.06 -12.51 28.14
CA CYS E 592 46.30 -12.03 29.29
C CYS E 592 46.19 -10.51 29.27
N TRP E 593 47.31 -9.85 29.00
CA TRP E 593 47.33 -8.38 28.96
C TRP E 593 46.79 -7.80 27.66
N GLU E 594 47.03 -8.48 26.53
CA GLU E 594 46.48 -8.08 25.23
C GLU E 594 44.95 -8.06 25.23
N ASN E 595 44.35 -9.03 25.92
CA ASN E 595 42.90 -9.15 26.00
C ASN E 595 42.26 -8.12 26.91
N TYR E 596 43.00 -7.68 27.92
CA TYR E 596 42.52 -6.59 28.77
C TYR E 596 42.51 -5.28 27.97
N HIS E 597 43.56 -5.10 27.17
CA HIS E 597 43.66 -4.00 26.23
C HIS E 597 42.50 -4.00 25.25
N ARG E 598 42.10 -5.20 24.82
CA ARG E 598 40.96 -5.37 23.93
C ARG E 598 39.65 -4.92 24.54
N LEU E 599 39.46 -5.23 25.83
CA LEU E 599 38.25 -4.82 26.56
C LEU E 599 38.10 -3.30 26.59
N TRP E 600 39.11 -2.63 27.15
CA TRP E 600 39.11 -1.18 27.39
C TRP E 600 38.80 -0.40 26.11
N THR E 601 39.36 -0.86 24.99
CA THR E 601 39.23 -0.17 23.72
C THR E 601 37.83 -0.31 23.12
N VAL E 602 37.35 -1.55 22.99
CA VAL E 602 36.04 -1.83 22.39
C VAL E 602 34.89 -1.25 23.22
N ARG E 603 35.05 -1.22 24.54
CA ARG E 603 34.05 -0.63 25.42
C ARG E 603 33.94 0.87 25.14
N LEU E 604 35.09 1.54 25.10
CA LEU E 604 35.17 2.97 24.79
C LEU E 604 34.51 3.29 23.44
N HIS E 605 34.78 2.43 22.47
CA HIS E 605 34.12 2.46 21.16
C HIS E 605 32.59 2.44 21.30
N MET E 606 32.09 1.62 22.23
CA MET E 606 30.66 1.48 22.46
C MET E 606 30.07 2.64 23.25
N GLN E 607 30.82 3.13 24.24
CA GLN E 607 30.45 4.32 25.01
C GLN E 607 30.31 5.53 24.11
N HIS E 608 31.17 5.62 23.10
CA HIS E 608 31.12 6.67 22.08
C HIS E 608 29.89 6.54 21.19
N ILE E 609 29.65 5.36 20.61
CA ILE E 609 28.46 5.15 19.77
C ILE E 609 27.17 5.30 20.56
N ALA E 610 27.22 4.96 21.85
CA ALA E 610 26.08 5.17 22.76
C ALA E 610 25.79 6.65 22.93
N PHE E 611 26.85 7.45 23.08
CA PHE E 611 26.74 8.90 23.25
C PHE E 611 26.21 9.59 22.00
N ARG E 612 26.81 9.29 20.85
CA ARG E 612 26.41 9.88 19.57
C ARG E 612 25.04 9.34 19.16
N GLU E 613 24.07 10.23 19.07
CA GLU E 613 22.68 9.84 18.83
C GLU E 613 22.30 10.02 17.36
N GLU E 614 23.11 9.42 16.50
CA GLU E 614 22.85 9.33 15.06
C GLU E 614 23.62 8.13 14.49
N SER E 615 23.33 7.79 13.23
CA SER E 615 24.11 6.78 12.51
C SER E 615 25.02 7.44 11.48
N ARG E 616 26.17 7.91 11.95
CA ARG E 616 27.12 8.67 11.12
C ARG E 616 27.75 7.81 10.02
N TYR E 617 27.90 6.51 10.29
CA TYR E 617 28.53 5.59 9.35
C TYR E 617 27.61 4.41 9.02
N PRO E 618 26.58 4.63 8.19
CA PRO E 618 25.68 3.52 7.85
C PRO E 618 26.36 2.52 6.93
N GLY E 619 26.31 1.25 7.28
CA GLY E 619 27.04 0.22 6.56
C GLY E 619 28.21 -0.27 7.38
N PHE E 620 28.65 0.57 8.31
CA PHE E 620 29.62 0.14 9.31
C PHE E 620 28.88 -0.23 10.58
N TYR E 621 27.93 0.61 10.98
CA TYR E 621 26.97 0.28 12.05
C TYR E 621 25.66 1.07 11.92
N TYR E 622 24.63 0.63 12.65
CA TYR E 622 23.35 1.31 12.67
C TYR E 622 22.85 1.48 14.09
N ARG E 623 22.48 2.70 14.46
CA ARG E 623 21.69 2.94 15.66
C ARG E 623 20.21 2.79 15.28
N ALA E 624 19.56 1.76 15.79
CA ALA E 624 18.17 1.47 15.44
C ALA E 624 17.23 2.59 15.89
N ASP E 625 17.53 3.16 17.05
CA ASP E 625 16.78 4.28 17.61
C ASP E 625 17.12 5.64 16.98
N PHE E 626 18.15 5.66 16.13
CA PHE E 626 18.60 6.88 15.45
C PHE E 626 19.17 6.58 14.07
N LEU E 627 18.29 6.15 13.16
CA LEU E 627 18.68 5.70 11.81
C LEU E 627 19.40 6.74 10.96
N GLY E 628 18.83 7.94 10.87
CA GLY E 628 19.41 9.01 10.05
C GLY E 628 20.52 9.76 10.75
N LEU E 629 21.36 10.43 9.96
CA LEU E 629 22.37 11.34 10.52
C LEU E 629 21.75 12.71 10.81
N ASP E 630 22.23 13.33 11.90
CA ASP E 630 21.68 14.57 12.41
C ASP E 630 22.75 15.67 12.36
N ASP E 631 22.91 16.27 11.19
CA ASP E 631 23.93 17.31 10.97
C ASP E 631 23.72 18.56 11.82
N SER E 632 22.45 18.92 12.01
CA SER E 632 22.07 20.13 12.75
C SER E 632 22.33 20.02 14.25
N LYS E 633 23.02 18.95 14.66
CA LYS E 633 23.16 18.62 16.07
C LYS E 633 24.44 17.85 16.38
N TRP E 634 24.94 17.11 15.38
CA TRP E 634 26.05 16.18 15.57
C TRP E 634 27.21 16.35 14.58
N LYS E 635 27.27 17.49 13.89
CA LYS E 635 28.44 17.82 13.08
C LYS E 635 29.55 18.30 14.00
N CYS E 636 30.12 17.33 14.71
CA CYS E 636 31.11 17.58 15.74
C CYS E 636 31.77 16.26 16.07
N PHE E 637 33.00 16.33 16.57
CA PHE E 637 33.68 15.14 17.07
C PHE E 637 33.03 14.76 18.40
N VAL E 638 33.07 13.47 18.71
CA VAL E 638 32.71 13.01 20.05
C VAL E 638 34.00 12.62 20.74
N ASN E 639 34.29 13.26 21.87
CA ASN E 639 35.54 13.05 22.57
C ASN E 639 35.35 12.55 24.00
N SER E 640 36.39 11.93 24.54
CA SER E 640 36.35 11.40 25.90
C SER E 640 37.68 11.57 26.62
N LYS E 641 37.61 11.78 27.92
CA LYS E 641 38.77 11.93 28.77
C LYS E 641 38.50 11.15 30.05
N TYR E 642 39.31 10.14 30.31
CA TYR E 642 39.17 9.29 31.50
C TYR E 642 39.97 9.85 32.66
N ASP E 643 39.32 9.92 33.82
CA ASP E 643 39.96 10.38 35.04
C ASP E 643 40.35 9.19 35.94
N PRO E 644 41.67 8.93 36.08
CA PRO E 644 42.13 7.81 36.91
C PRO E 644 41.87 8.03 38.40
N ALA E 645 41.80 9.30 38.81
CA ALA E 645 41.59 9.68 40.21
C ALA E 645 40.24 9.23 40.75
N LYS E 646 39.23 9.21 39.89
CA LYS E 646 37.88 8.82 40.28
C LYS E 646 37.36 7.60 39.49
N LYS E 647 38.22 7.06 38.63
CA LYS E 647 37.89 5.90 37.77
C LYS E 647 36.59 6.09 37.00
N GLU E 648 36.47 7.24 36.33
CA GLU E 648 35.30 7.60 35.54
C GLU E 648 35.68 8.18 34.18
N THR E 649 34.84 7.93 33.19
CA THR E 649 35.03 8.45 31.83
C THR E 649 34.02 9.56 31.56
N LYS E 650 34.48 10.64 30.93
CA LYS E 650 33.58 11.74 30.59
C LYS E 650 33.50 11.94 29.09
N ILE E 651 32.34 11.62 28.52
CA ILE E 651 32.12 11.71 27.07
C ILE E 651 31.32 12.97 26.72
N PHE E 652 31.85 13.73 25.78
CA PHE E 652 31.31 15.04 25.40
C PHE E 652 31.58 15.28 23.93
N LYS E 653 30.95 16.30 23.34
CA LYS E 653 31.28 16.65 21.97
C LYS E 653 32.29 17.79 21.85
N LYS E 654 33.13 17.68 20.83
CA LYS E 654 34.18 18.66 20.54
C LYS E 654 33.83 19.30 19.19
N PRO E 655 33.87 20.65 19.12
CA PRO E 655 33.47 21.35 17.90
C PRO E 655 34.35 21.04 16.70
N TYR E 656 33.74 21.02 15.52
CA TYR E 656 34.45 20.78 14.27
C TYR E 656 34.64 22.09 13.49
N TYR E 657 35.88 22.36 13.11
CA TYR E 657 36.23 23.52 12.30
C TYR E 657 36.46 23.10 10.85
N GLN E 658 35.77 23.75 9.91
CA GLN E 658 36.03 23.51 8.49
C GLN E 658 37.19 24.37 8.03
N ILE E 659 38.11 23.77 7.28
CA ILE E 659 39.27 24.49 6.76
C ILE E 659 39.30 24.48 5.22
N ILE E 660 39.36 23.29 4.63
CA ILE E 660 39.30 23.15 3.16
C ILE E 660 37.88 23.41 2.66
N PRO E 661 37.71 24.39 1.75
CA PRO E 661 36.39 24.77 1.23
C PRO E 661 35.67 23.65 0.44
N ASP E 662 34.51 23.98 -0.13
CA ASP E 662 33.61 23.04 -0.83
C ASP E 662 32.93 22.08 0.12
N PRO F 1 46.85 -21.79 9.22
CA PRO F 1 47.91 -21.87 10.21
C PRO F 1 49.09 -22.73 9.73
N THR F 2 50.24 -22.53 10.35
CA THR F 2 51.48 -23.20 9.91
C THR F 2 51.89 -24.37 10.80
N TYR F 3 52.54 -25.36 10.20
CA TYR F 3 53.09 -26.49 10.92
C TYR F 3 54.52 -26.73 10.48
N VAL F 4 55.23 -27.57 11.24
CA VAL F 4 56.64 -27.83 10.97
C VAL F 4 56.85 -29.27 10.50
N ASP F 5 57.64 -29.43 9.44
CA ASP F 5 58.02 -30.73 8.92
C ASP F 5 59.22 -31.27 9.72
N PRO F 6 59.03 -32.35 10.49
CA PRO F 6 60.11 -32.81 11.37
C PRO F 6 61.22 -33.57 10.64
N SER F 7 61.05 -33.84 9.35
CA SER F 7 62.10 -34.46 8.55
C SER F 7 62.98 -33.40 7.85
N LYS F 8 62.51 -32.15 7.85
CA LYS F 8 63.25 -31.03 7.26
C LYS F 8 63.83 -30.11 8.33
N CYS F 9 63.13 -30.01 9.45
CA CYS F 9 63.55 -29.14 10.56
C CYS F 9 64.70 -29.75 11.35
N ASP F 10 65.66 -28.91 11.70
CA ASP F 10 66.80 -29.32 12.52
C ASP F 10 66.78 -28.64 13.90
N GLY F 11 66.08 -27.52 14.00
CA GLY F 11 65.99 -26.75 15.25
C GLY F 11 66.95 -25.57 15.30
N CYS F 12 67.43 -25.15 14.14
CA CYS F 12 68.39 -24.05 13.99
C CYS F 12 69.58 -24.14 14.93
N LYS F 13 70.45 -25.11 14.68
CA LYS F 13 71.73 -25.20 15.40
C LYS F 13 72.85 -24.56 14.56
N GLY F 14 72.55 -24.35 13.28
CA GLY F 14 73.44 -23.63 12.35
C GLY F 14 73.51 -22.13 12.67
N GLY F 15 72.45 -21.61 13.28
CA GLY F 15 72.43 -20.24 13.80
C GLY F 15 72.46 -20.26 15.33
N GLU F 16 72.50 -19.07 15.93
CA GLU F 16 72.54 -18.92 17.38
C GLU F 16 71.13 -19.02 18.00
N LYS F 17 70.15 -18.43 17.31
CA LYS F 17 68.74 -18.54 17.68
C LYS F 17 67.90 -19.07 16.52
N THR F 18 66.70 -19.56 16.84
CA THR F 18 65.79 -20.12 15.85
C THR F 18 65.12 -19.01 15.05
N ALA F 19 65.22 -19.12 13.73
CA ALA F 19 64.70 -18.13 12.79
C ALA F 19 63.18 -17.90 12.91
N CYS F 20 62.42 -18.97 13.08
CA CYS F 20 60.96 -18.88 13.15
C CYS F 20 60.45 -18.30 14.47
N MET F 21 61.04 -18.73 15.58
CA MET F 21 60.68 -18.21 16.91
C MET F 21 61.07 -16.74 17.04
N TYR F 22 62.02 -16.30 16.22
CA TYR F 22 62.48 -14.92 16.19
C TYR F 22 61.51 -14.03 15.42
N ILE F 23 61.06 -14.52 14.26
CA ILE F 23 60.38 -13.68 13.27
C ILE F 23 58.89 -13.45 13.51
N CYS F 24 58.21 -14.48 14.02
CA CYS F 24 56.75 -14.49 14.15
C CYS F 24 56.21 -13.26 14.90
N PRO F 25 55.42 -12.41 14.22
CA PRO F 25 54.88 -11.20 14.82
C PRO F 25 53.93 -11.48 15.99
N ASN F 26 53.25 -12.62 15.94
CA ASN F 26 52.27 -12.97 16.97
C ASN F 26 52.81 -13.96 18.02
N ASP F 27 54.12 -14.20 17.99
CA ASP F 27 54.81 -15.00 19.02
C ASP F 27 54.30 -16.45 19.05
N LEU F 28 54.05 -17.02 17.87
CA LEU F 28 53.43 -18.34 17.76
C LEU F 28 54.43 -19.48 17.61
N MET F 29 55.53 -19.21 16.89
CA MET F 29 56.56 -20.22 16.66
C MET F 29 57.46 -20.37 17.88
N ILE F 30 57.76 -21.62 18.21
CA ILE F 30 58.57 -21.95 19.38
C ILE F 30 59.31 -23.28 19.17
N LEU F 31 60.48 -23.39 19.78
CA LEU F 31 61.32 -24.59 19.66
C LEU F 31 61.17 -25.51 20.87
N ASP F 32 61.15 -26.82 20.60
CA ASP F 32 61.35 -27.82 21.64
C ASP F 32 62.85 -28.01 21.81
N PRO F 33 63.40 -27.60 22.98
CA PRO F 33 64.83 -27.75 23.22
C PRO F 33 65.28 -29.20 23.04
N GLU F 34 64.49 -30.13 23.58
CA GLU F 34 64.81 -31.55 23.62
C GLU F 34 64.83 -32.23 22.25
N GLU F 35 63.68 -32.26 21.58
CA GLU F 35 63.55 -32.92 20.27
C GLU F 35 64.23 -32.16 19.14
N MET F 36 64.62 -30.92 19.41
CA MET F 36 65.20 -30.01 18.41
C MET F 36 64.29 -29.85 17.19
N LYS F 37 63.01 -29.66 17.46
CA LYS F 37 62.01 -29.40 16.44
C LYS F 37 61.16 -28.21 16.88
N ALA F 38 60.62 -27.47 15.92
CA ALA F 38 59.77 -26.32 16.22
C ALA F 38 58.29 -26.65 16.03
N PHE F 39 57.42 -25.78 16.55
CA PHE F 39 55.98 -25.88 16.35
C PHE F 39 55.26 -24.57 16.64
N ASN F 40 54.13 -24.37 15.96
CA ASN F 40 53.21 -23.29 16.27
C ASN F 40 52.43 -23.67 17.52
N GLN F 41 52.39 -22.77 18.50
CA GLN F 41 51.76 -23.07 19.79
C GLN F 41 50.32 -22.58 19.92
N GLU F 42 49.90 -21.69 19.03
CA GLU F 42 48.54 -21.17 19.04
C GLU F 42 48.06 -20.91 17.60
N PRO F 43 47.69 -21.99 16.88
CA PRO F 43 47.33 -21.92 15.45
C PRO F 43 46.17 -20.98 15.12
N GLU F 44 45.20 -20.84 16.02
CA GLU F 44 44.05 -19.97 15.77
C GLU F 44 44.40 -18.49 15.89
N ALA F 45 45.67 -18.20 16.15
CA ALA F 45 46.15 -16.84 16.20
C ALA F 45 47.13 -16.59 15.04
N CYS F 46 47.20 -17.54 14.12
CA CYS F 46 48.05 -17.41 12.94
C CYS F 46 47.36 -16.63 11.82
N TRP F 47 48.00 -15.52 11.45
CA TRP F 47 47.48 -14.60 10.43
C TRP F 47 47.93 -15.01 9.03
N GLU F 48 48.70 -16.10 8.96
CA GLU F 48 49.29 -16.59 7.71
C GLU F 48 49.98 -15.48 6.94
N CYS F 49 50.92 -14.82 7.61
CA CYS F 49 51.72 -13.74 7.04
C CYS F 49 52.97 -14.29 6.36
N TYR F 50 53.23 -15.59 6.56
CA TYR F 50 54.29 -16.33 5.87
C TYR F 50 55.72 -16.00 6.30
N SER F 51 55.87 -15.07 7.23
CA SER F 51 57.19 -14.64 7.70
C SER F 51 58.05 -15.84 8.11
N CYS F 52 57.49 -16.72 8.94
CA CYS F 52 58.18 -17.92 9.42
C CYS F 52 58.49 -18.90 8.29
N ILE F 53 57.56 -19.04 7.35
CA ILE F 53 57.75 -19.90 6.18
C ILE F 53 58.95 -19.39 5.37
N LYS F 54 58.95 -18.10 5.07
CA LYS F 54 60.03 -17.47 4.30
C LYS F 54 61.39 -17.59 4.98
N ILE F 55 61.46 -17.23 6.27
CA ILE F 55 62.73 -17.10 6.97
C ILE F 55 63.44 -18.43 7.22
N CYS F 56 62.70 -19.54 7.13
CA CYS F 56 63.23 -20.85 7.51
C CYS F 56 64.41 -21.30 6.64
N PRO F 57 65.55 -21.61 7.30
CA PRO F 57 66.77 -22.06 6.61
C PRO F 57 66.61 -23.45 5.98
N GLN F 58 65.48 -24.12 6.25
CA GLN F 58 65.27 -25.49 5.79
C GLN F 58 64.08 -25.65 4.86
N GLY F 59 63.17 -24.69 4.89
CA GLY F 59 61.89 -24.79 4.18
C GLY F 59 61.03 -25.87 4.80
N ALA F 60 61.14 -26.01 6.13
CA ALA F 60 60.39 -27.00 6.88
C ALA F 60 58.96 -26.55 7.10
N ILE F 61 58.78 -25.25 7.35
CA ILE F 61 57.47 -24.68 7.65
C ILE F 61 56.61 -24.59 6.41
N THR F 62 55.40 -25.15 6.50
CA THR F 62 54.41 -25.11 5.43
C THR F 62 53.07 -24.67 6.02
N ALA F 63 52.18 -24.16 5.18
CA ALA F 63 50.86 -23.73 5.62
C ALA F 63 49.80 -24.77 5.29
N ARG F 64 48.99 -25.13 6.29
CA ARG F 64 47.74 -25.82 6.04
C ARG F 64 46.60 -24.82 6.21
N PRO F 65 45.97 -24.41 5.09
CA PRO F 65 44.92 -23.38 5.13
C PRO F 65 43.79 -23.72 6.10
N TYR F 66 43.51 -22.79 7.01
CA TYR F 66 42.49 -22.88 8.07
C TYR F 66 41.45 -23.98 7.91
N ALA F 67 41.62 -25.05 8.70
CA ALA F 67 40.84 -26.28 8.51
C ALA F 67 39.33 -26.14 8.76
N ASP F 68 38.90 -25.02 9.33
CA ASP F 68 37.49 -24.79 9.60
C ASP F 68 36.75 -24.09 8.46
N PHE F 69 37.45 -23.83 7.36
CA PHE F 69 36.77 -23.35 6.14
C PHE F 69 37.46 -23.76 4.83
N ALA F 70 38.76 -24.00 4.91
CA ALA F 70 39.54 -24.39 3.74
C ALA F 70 39.67 -25.91 3.60
N PRO F 71 39.25 -26.44 2.44
CA PRO F 71 39.43 -27.85 2.10
C PRO F 71 40.90 -28.25 1.99
N MET F 72 41.17 -29.55 2.13
CA MET F 72 42.52 -30.10 2.00
C MET F 72 42.95 -30.10 0.54
N GLY F 73 44.27 -30.09 0.31
CA GLY F 73 44.82 -30.17 -1.04
C GLY F 73 45.61 -28.95 -1.47
N GLY F 74 45.07 -27.77 -1.19
CA GLY F 74 45.68 -26.50 -1.63
C GLY F 74 46.82 -26.03 -0.75
N THR F 75 47.80 -25.36 -1.36
CA THR F 75 48.92 -24.73 -0.64
C THR F 75 49.72 -23.72 -1.50
N CYS F 76 50.40 -22.79 -0.82
CA CYS F 76 51.29 -21.82 -1.47
C CYS F 76 52.71 -21.95 -0.94
N ILE F 77 53.66 -22.14 -1.85
CA ILE F 77 55.08 -22.27 -1.47
C ILE F 77 55.93 -21.10 -1.99
N PRO F 78 56.46 -20.27 -1.08
CA PRO F 78 57.35 -19.18 -1.45
C PRO F 78 58.81 -19.60 -1.52
N LEU F 79 59.52 -19.05 -2.51
CA LEU F 79 60.97 -19.14 -2.55
C LEU F 79 61.50 -17.72 -2.61
N ARG F 80 61.86 -17.19 -1.45
CA ARG F 80 62.30 -15.80 -1.33
C ARG F 80 63.80 -15.72 -1.17
N GLY F 81 64.45 -15.00 -2.08
CA GLY F 81 65.91 -14.89 -2.08
C GLY F 81 66.40 -13.58 -1.48
N SER F 82 66.79 -12.66 -2.36
CA SER F 82 67.35 -11.37 -1.98
C SER F 82 66.97 -10.30 -3.00
N GLU F 83 66.91 -10.71 -4.27
CA GLU F 83 66.56 -9.81 -5.35
C GLU F 83 65.09 -9.99 -5.75
N ASP F 84 64.64 -11.25 -5.82
CA ASP F 84 63.25 -11.57 -6.18
C ASP F 84 62.62 -12.67 -5.32
N ILE F 85 61.30 -12.85 -5.47
CA ILE F 85 60.55 -13.92 -4.82
C ILE F 85 59.86 -14.81 -5.85
N MET F 86 59.90 -16.12 -5.61
CA MET F 86 59.25 -17.09 -6.48
C MET F 86 58.09 -17.75 -5.75
N TRP F 87 56.92 -17.72 -6.40
CA TRP F 87 55.73 -18.34 -5.84
C TRP F 87 55.27 -19.51 -6.69
N THR F 88 54.84 -20.58 -6.01
CA THR F 88 54.22 -21.72 -6.67
C THR F 88 52.96 -22.16 -5.90
N ILE F 89 51.84 -22.19 -6.63
CA ILE F 89 50.52 -22.44 -6.05
C ILE F 89 50.02 -23.83 -6.44
N LYS F 90 50.05 -24.75 -5.48
CA LYS F 90 49.59 -26.12 -5.70
C LYS F 90 48.11 -26.23 -5.34
N PHE F 91 47.26 -26.32 -6.36
CA PHE F 91 45.81 -26.39 -6.19
C PHE F 91 45.35 -27.78 -5.73
N ARG F 92 44.10 -27.85 -5.28
CA ARG F 92 43.50 -29.11 -4.86
C ARG F 92 43.36 -30.12 -6.00
N ASN F 93 42.84 -29.68 -7.15
CA ASN F 93 42.58 -30.54 -8.30
C ASN F 93 43.83 -31.13 -8.95
N GLY F 94 44.98 -30.49 -8.72
CA GLY F 94 46.26 -30.96 -9.26
C GLY F 94 47.02 -29.89 -10.02
N SER F 95 46.32 -28.85 -10.43
CA SER F 95 46.89 -27.73 -11.20
C SER F 95 47.98 -27.00 -10.42
N VAL F 96 48.90 -26.37 -11.15
CA VAL F 96 49.94 -25.54 -10.56
C VAL F 96 50.07 -24.23 -11.35
N LYS F 97 50.32 -23.13 -10.64
CA LYS F 97 50.59 -21.84 -11.27
C LYS F 97 51.85 -21.21 -10.67
N ARG F 98 52.74 -20.74 -11.55
CA ARG F 98 54.03 -20.20 -11.14
C ARG F 98 54.10 -18.68 -11.25
N PHE F 99 54.78 -18.04 -10.30
CA PHE F 99 54.94 -16.59 -10.31
C PHE F 99 56.32 -16.15 -9.83
N LYS F 100 56.80 -15.04 -10.40
CA LYS F 100 58.10 -14.46 -10.06
C LYS F 100 57.99 -12.94 -9.93
N PHE F 101 58.24 -12.43 -8.73
CA PHE F 101 58.18 -10.99 -8.47
C PHE F 101 59.43 -10.49 -7.77
N PRO F 102 59.94 -9.30 -8.16
CA PRO F 102 61.04 -8.66 -7.43
C PRO F 102 60.61 -8.18 -6.04
N ILE F 103 61.53 -8.23 -5.06
CA ILE F 103 61.22 -7.69 -3.72
C ILE F 103 62.07 -6.49 -3.31
N ARG F 104 63.27 -6.38 -3.89
CA ARG F 104 64.21 -5.32 -3.53
C ARG F 104 65.18 -5.00 -4.68
N THR F 105 65.48 -3.72 -4.84
CA THR F 105 66.39 -3.25 -5.89
C THR F 105 67.83 -3.05 -5.39
N THR F 106 67.98 -2.44 -4.20
CA THR F 106 69.29 -2.30 -3.57
C THR F 106 69.70 -3.64 -2.94
N PRO F 107 71.02 -3.86 -2.73
CA PRO F 107 71.46 -5.03 -1.95
C PRO F 107 71.02 -4.97 -0.49
N GLU F 108 71.00 -6.13 0.15
CA GLU F 108 70.56 -6.26 1.55
C GLU F 108 71.51 -5.56 2.52
N GLY F 109 70.94 -4.90 3.53
CA GLY F 109 71.72 -4.24 4.58
C GLY F 109 72.39 -2.94 4.19
N SER F 110 72.25 -2.55 2.92
CA SER F 110 73.03 -1.46 2.32
C SER F 110 72.60 -0.04 2.74
N ILE F 111 71.38 0.10 3.25
CA ILE F 111 70.78 1.41 3.53
C ILE F 111 71.66 2.32 4.40
N LYS F 112 72.07 3.44 3.80
CA LYS F 112 72.72 4.53 4.54
C LYS F 112 71.65 5.61 4.74
N PRO F 113 71.25 5.85 5.99
CA PRO F 113 70.07 6.68 6.26
C PRO F 113 70.25 8.16 5.93
N PHE F 114 71.38 8.74 6.34
CA PHE F 114 71.58 10.19 6.27
C PHE F 114 72.66 10.65 5.30
N GLU F 115 73.52 9.73 4.87
CA GLU F 115 74.67 10.06 4.03
C GLU F 115 74.30 10.82 2.76
N GLY F 116 74.84 12.03 2.62
CA GLY F 116 74.59 12.87 1.45
C GLY F 116 73.44 13.86 1.61
N LYS F 117 72.59 13.61 2.60
CA LYS F 117 71.41 14.44 2.85
C LYS F 117 71.76 15.66 3.72
N PRO F 118 71.00 16.76 3.57
CA PRO F 118 71.17 17.94 4.42
C PRO F 118 71.01 17.62 5.91
N GLU F 119 71.73 18.34 6.76
CA GLU F 119 71.65 18.13 8.21
C GLU F 119 70.53 18.95 8.86
N ALA F 120 70.25 18.65 10.14
CA ALA F 120 69.13 19.22 10.87
C ALA F 120 69.07 20.75 10.82
N GLY F 121 67.93 21.28 10.39
CA GLY F 121 67.72 22.73 10.28
C GLY F 121 67.32 23.38 11.59
N ASP F 122 66.25 24.18 11.55
CA ASP F 122 65.73 24.87 12.72
C ASP F 122 64.61 24.08 13.39
N LEU F 123 64.69 23.92 14.71
CA LEU F 123 63.73 23.12 15.48
C LEU F 123 62.34 23.75 15.61
N GLU F 124 62.27 25.07 15.52
CA GLU F 124 61.03 25.82 15.74
C GLU F 124 60.09 25.91 14.53
N ASN F 125 60.49 25.32 13.41
CA ASN F 125 59.60 25.20 12.25
C ASN F 125 59.07 23.78 12.08
N GLU F 126 58.32 23.55 11.01
CA GLU F 126 57.69 22.25 10.76
C GLU F 126 58.41 21.42 9.69
N LEU F 127 59.62 21.85 9.32
CA LEU F 127 60.38 21.21 8.25
C LEU F 127 61.16 19.97 8.70
N LEU F 128 60.91 18.86 8.00
CA LEU F 128 61.69 17.64 8.17
C LEU F 128 63.05 17.82 7.52
N PHE F 129 64.07 17.14 8.05
CA PHE F 129 65.47 17.41 7.66
C PHE F 129 65.79 17.25 6.17
N THR F 130 64.96 16.49 5.47
CA THR F 130 65.14 16.27 4.04
C THR F 130 64.41 17.35 3.21
N GLU F 131 63.52 18.09 3.86
CA GLU F 131 62.68 19.08 3.17
C GLU F 131 63.25 20.49 3.27
N THR F 132 62.87 21.34 2.32
CA THR F 132 63.29 22.75 2.32
C THR F 132 62.12 23.74 2.30
N ALA F 133 60.94 23.29 1.86
CA ALA F 133 59.73 24.12 1.83
C ALA F 133 58.45 23.27 1.90
N LEU F 134 57.42 23.80 2.56
CA LEU F 134 56.14 23.12 2.70
C LEU F 134 55.00 23.94 2.14
N THR F 135 53.95 23.25 1.68
CA THR F 135 52.78 23.91 1.12
C THR F 135 51.84 24.37 2.22
N VAL F 136 51.32 25.58 2.06
CA VAL F 136 50.29 26.14 2.93
C VAL F 136 48.96 25.97 2.19
N PRO F 137 47.87 25.65 2.92
CA PRO F 137 46.54 25.53 2.32
C PRO F 137 46.17 26.70 1.40
N GLN F 138 45.73 26.37 0.19
CA GLN F 138 45.36 27.36 -0.83
C GLN F 138 44.32 28.34 -0.29
N VAL F 139 43.25 27.81 0.31
CA VAL F 139 42.28 28.61 1.05
C VAL F 139 42.12 27.97 2.43
N ALA F 140 42.39 28.74 3.47
CA ALA F 140 42.35 28.22 4.85
C ALA F 140 41.22 28.83 5.68
N LEU F 141 40.07 28.16 5.71
CA LEU F 141 38.91 28.62 6.47
C LEU F 141 39.06 28.34 7.96
N GLY F 142 38.08 28.79 8.73
CA GLY F 142 38.03 28.55 10.17
C GLY F 142 36.59 28.67 10.62
N GLN F 143 35.76 27.74 10.13
CA GLN F 143 34.32 27.76 10.37
C GLN F 143 33.87 26.75 11.42
N LYS F 144 33.45 27.25 12.57
CA LYS F 144 32.92 26.41 13.64
C LYS F 144 31.53 25.90 13.24
N ALA F 145 31.33 24.59 13.36
CA ALA F 145 30.15 23.92 12.82
C ALA F 145 28.83 24.33 13.47
N GLN F 146 28.88 24.76 14.74
CA GLN F 146 27.70 25.15 15.52
C GLN F 146 26.82 23.95 15.91
N ILE F 147 26.86 23.59 17.18
CA ILE F 147 26.03 22.50 17.70
C ILE F 147 24.79 23.04 18.40
N ALA F 148 23.63 22.81 17.78
CA ALA F 148 22.36 23.34 18.27
C ALA F 148 21.84 22.58 19.49
N ASP F 149 20.92 23.22 20.21
CA ASP F 149 20.33 22.69 21.43
C ASP F 149 19.32 21.57 21.14
N ALA F 150 19.08 20.70 22.11
CA ALA F 150 18.09 19.62 21.98
C ALA F 150 16.69 20.09 22.36
N GLU F 151 16.09 20.90 21.49
CA GLU F 151 14.77 21.49 21.75
C GLU F 151 13.60 20.66 21.22
N THR F 152 12.43 20.88 21.81
CA THR F 152 11.25 20.03 21.55
C THR F 152 10.38 20.53 20.39
N SER F 153 10.48 21.82 20.06
CA SER F 153 9.80 22.41 18.90
C SER F 153 8.25 22.42 19.00
N GLN F 154 7.74 22.78 20.18
CA GLN F 154 6.32 23.07 20.35
C GLN F 154 6.10 24.39 21.09
N CYS F 155 5.30 25.27 20.49
CA CYS F 155 5.15 26.64 20.96
C CYS F 155 3.70 26.94 21.38
N TRP F 156 3.55 27.51 22.57
CA TRP F 156 2.23 27.78 23.14
C TRP F 156 2.02 29.27 23.42
N PHE F 157 2.06 30.09 22.38
CA PHE F 157 1.98 31.55 22.56
C PHE F 157 1.16 32.35 21.56
N ASP F 158 0.93 31.78 20.37
CA ASP F 158 0.33 32.48 19.20
C ASP F 158 1.41 33.21 18.40
N LEU F 159 2.50 33.55 19.08
CA LEU F 159 3.63 34.27 18.48
C LEU F 159 4.89 33.39 18.44
N PRO F 160 5.63 33.43 17.32
CA PRO F 160 6.77 32.58 16.95
C PRO F 160 7.46 31.75 18.06
N CYS F 161 7.83 32.39 19.17
CA CYS F 161 8.63 31.75 20.24
C CYS F 161 10.14 31.93 20.01
N GLU F 162 10.56 33.15 19.66
CA GLU F 162 11.98 33.46 19.47
C GLU F 162 12.63 34.05 20.72
N GLY F 163 12.22 33.55 21.88
CA GLY F 163 12.83 33.84 23.18
C GLY F 163 13.30 35.25 23.50
N GLY F 164 14.31 35.33 24.36
CA GLY F 164 14.81 36.58 24.90
C GLY F 164 14.07 36.91 26.18
N ASN F 165 14.83 36.98 27.28
CA ASN F 165 14.32 37.38 28.60
C ASN F 165 13.48 36.33 29.33
N ARG F 166 13.98 35.85 30.47
CA ARG F 166 13.24 34.93 31.35
C ARG F 166 12.49 33.84 30.58
N LYS G 1 -10.82 0.17 -69.07
CA LYS G 1 -10.05 1.01 -68.11
C LYS G 1 -10.94 1.51 -66.97
N ILE G 2 -11.83 2.45 -67.29
CA ILE G 2 -12.82 3.00 -66.34
C ILE G 2 -13.59 1.88 -65.60
N PRO G 3 -13.52 1.85 -64.25
CA PRO G 3 -13.98 0.73 -63.43
C PRO G 3 -15.46 0.36 -63.53
N SER G 4 -16.30 1.29 -63.99
CA SER G 4 -17.74 1.00 -64.20
C SER G 4 -17.99 0.19 -65.48
N LYS G 5 -16.91 -0.15 -66.18
CA LYS G 5 -16.97 -1.01 -67.37
C LYS G 5 -16.50 -2.42 -67.05
N GLU G 6 -15.83 -2.57 -65.92
CA GLU G 6 -15.24 -3.85 -65.51
C GLU G 6 -16.30 -4.89 -65.17
N THR G 7 -16.06 -6.12 -65.60
CA THR G 7 -17.00 -7.22 -65.40
C THR G 7 -17.00 -7.63 -63.92
N PRO G 8 -18.20 -7.70 -63.31
CA PRO G 8 -18.40 -7.90 -61.87
C PRO G 8 -17.65 -9.06 -61.20
N ARG G 9 -17.12 -10.00 -61.98
CA ARG G 9 -16.41 -11.21 -61.48
C ARG G 9 -17.22 -12.09 -60.51
N GLY G 10 -18.48 -11.73 -60.27
CA GLY G 10 -19.44 -12.61 -59.58
C GLY G 10 -20.30 -13.34 -60.58
N VAL G 11 -21.37 -13.97 -60.11
CA VAL G 11 -22.17 -14.84 -60.98
C VAL G 11 -22.87 -14.08 -62.11
N ALA G 12 -23.89 -13.28 -61.81
CA ALA G 12 -24.61 -12.57 -62.85
C ALA G 12 -25.45 -11.40 -62.33
N ILE G 13 -26.53 -11.75 -61.65
CA ILE G 13 -27.58 -10.81 -61.20
C ILE G 13 -28.42 -10.19 -62.33
N ALA G 14 -29.73 -10.36 -62.19
CA ALA G 14 -30.74 -9.83 -63.10
C ALA G 14 -32.08 -9.91 -62.36
N GLU G 15 -33.18 -9.63 -63.07
CA GLU G 15 -34.51 -9.73 -62.49
C GLU G 15 -34.78 -11.18 -62.09
N PRO G 16 -34.94 -11.44 -60.77
CA PRO G 16 -35.13 -12.80 -60.25
C PRO G 16 -36.44 -13.45 -60.74
N ILE G 17 -36.58 -14.76 -60.53
CA ILE G 17 -37.70 -15.49 -61.13
C ILE G 17 -38.87 -15.76 -60.17
N ILE G 18 -38.58 -15.83 -58.86
CA ILE G 18 -39.53 -16.29 -57.81
C ILE G 18 -39.91 -17.76 -57.98
N VAL G 19 -39.42 -18.59 -57.07
CA VAL G 19 -39.78 -20.00 -57.02
C VAL G 19 -40.29 -20.33 -55.63
N GLU G 20 -41.54 -20.78 -55.56
CA GLU G 20 -42.21 -21.01 -54.29
C GLU G 20 -42.13 -22.48 -53.87
N HIS G 21 -41.98 -22.68 -52.56
CA HIS G 21 -41.90 -24.01 -51.97
C HIS G 21 -42.92 -24.15 -50.85
N SER G 22 -43.61 -25.28 -50.82
CA SER G 22 -44.44 -25.65 -49.68
C SER G 22 -43.87 -26.93 -49.08
N VAL G 23 -43.66 -26.91 -47.77
CA VAL G 23 -42.99 -28.01 -47.10
C VAL G 23 -43.61 -28.20 -45.70
N ASP G 24 -43.44 -29.39 -45.15
CA ASP G 24 -43.93 -29.67 -43.79
C ASP G 24 -42.83 -29.47 -42.78
N LEU G 25 -41.63 -29.93 -43.12
CA LEU G 25 -40.46 -29.73 -42.29
C LEU G 25 -39.38 -29.05 -43.12
N LEU G 26 -38.92 -27.90 -42.66
CA LEU G 26 -37.82 -27.18 -43.31
C LEU G 26 -36.56 -27.21 -42.45
N MET G 27 -35.40 -27.28 -43.11
CA MET G 27 -34.13 -27.31 -42.41
C MET G 27 -33.19 -26.28 -43.00
N VAL G 28 -33.07 -25.15 -42.31
CA VAL G 28 -32.18 -24.08 -42.75
C VAL G 28 -30.77 -24.31 -42.19
N GLY G 29 -29.84 -24.57 -43.09
CA GLY G 29 -28.47 -24.92 -42.72
C GLY G 29 -28.20 -26.39 -42.95
N GLY G 30 -26.93 -26.70 -43.22
CA GLY G 30 -26.50 -28.08 -43.44
C GLY G 30 -25.25 -28.41 -42.64
N GLY G 31 -25.16 -27.83 -41.44
CA GLY G 31 -24.00 -28.02 -40.59
C GLY G 31 -24.04 -29.30 -39.78
N MET G 32 -23.31 -29.31 -38.68
CA MET G 32 -23.25 -30.47 -37.81
C MET G 32 -24.60 -30.73 -37.15
N GLY G 33 -25.26 -29.66 -36.73
CA GLY G 33 -26.58 -29.76 -36.11
C GLY G 33 -27.65 -30.26 -37.06
N ASN G 34 -27.83 -29.55 -38.17
CA ASN G 34 -28.89 -29.88 -39.13
C ASN G 34 -28.74 -31.21 -39.85
N CYS G 35 -27.52 -31.75 -39.90
CA CYS G 35 -27.29 -33.08 -40.46
C CYS G 35 -27.82 -34.13 -39.50
N GLY G 36 -27.67 -33.87 -38.20
CA GLY G 36 -28.26 -34.69 -37.16
C GLY G 36 -29.77 -34.59 -37.16
N ALA G 37 -30.27 -33.38 -37.40
CA ALA G 37 -31.70 -33.14 -37.52
C ALA G 37 -32.27 -33.87 -38.72
N ALA G 38 -31.52 -33.81 -39.83
CA ALA G 38 -31.88 -34.55 -41.03
C ALA G 38 -31.99 -36.04 -40.73
N PHE G 39 -30.89 -36.59 -40.20
CA PHE G 39 -30.76 -38.02 -39.92
C PHE G 39 -31.92 -38.58 -39.11
N GLU G 40 -32.22 -37.92 -37.99
CA GLU G 40 -33.27 -38.39 -37.08
C GLU G 40 -34.68 -38.18 -37.63
N ALA G 41 -34.94 -37.00 -38.18
CA ALA G 41 -36.27 -36.65 -38.70
C ALA G 41 -36.80 -37.63 -39.75
N VAL G 42 -35.92 -38.11 -40.61
CA VAL G 42 -36.33 -39.03 -41.69
C VAL G 42 -36.82 -40.37 -41.13
N ARG G 43 -36.08 -40.94 -40.19
CA ARG G 43 -36.46 -42.24 -39.62
C ARG G 43 -37.86 -42.26 -39.00
N TRP G 44 -38.21 -41.20 -38.28
CA TRP G 44 -39.53 -41.10 -37.64
C TRP G 44 -40.65 -40.81 -38.63
N ALA G 45 -40.42 -39.87 -39.53
CA ALA G 45 -41.39 -39.54 -40.59
C ALA G 45 -41.58 -40.71 -41.58
N ASP G 46 -40.57 -41.56 -41.70
CA ASP G 46 -40.65 -42.76 -42.54
C ASP G 46 -41.80 -43.68 -42.14
N LYS G 47 -42.02 -43.82 -40.84
CA LYS G 47 -43.03 -44.73 -40.34
C LYS G 47 -44.27 -44.05 -39.73
N TYR G 48 -44.20 -42.74 -39.52
CA TYR G 48 -45.35 -42.00 -38.98
C TYR G 48 -45.94 -40.95 -39.92
N ALA G 49 -45.18 -40.56 -40.95
CA ALA G 49 -45.64 -39.52 -41.87
C ALA G 49 -44.96 -39.60 -43.25
N PRO G 50 -45.29 -40.64 -44.04
CA PRO G 50 -44.70 -40.77 -45.38
C PRO G 50 -45.11 -39.64 -46.32
N GLU G 51 -46.30 -39.07 -46.10
CA GLU G 51 -46.83 -38.00 -46.93
C GLU G 51 -46.10 -36.65 -46.73
N ALA G 52 -45.41 -36.52 -45.60
CA ALA G 52 -44.77 -35.25 -45.20
C ALA G 52 -43.60 -34.85 -46.09
N LYS G 53 -43.57 -33.58 -46.49
CA LYS G 53 -42.46 -33.03 -47.25
C LYS G 53 -41.37 -32.50 -46.31
N ILE G 54 -40.16 -33.05 -46.43
CA ILE G 54 -39.00 -32.57 -45.69
C ILE G 54 -38.00 -31.95 -46.68
N LEU G 55 -37.54 -30.74 -46.37
CA LEU G 55 -36.54 -30.08 -47.21
C LEU G 55 -35.37 -29.53 -46.38
N LEU G 56 -34.17 -29.67 -46.92
CA LEU G 56 -32.97 -29.12 -46.30
C LEU G 56 -32.28 -28.15 -47.24
N VAL G 57 -32.03 -26.93 -46.77
CA VAL G 57 -31.38 -25.89 -47.56
C VAL G 57 -30.06 -25.44 -46.95
N ASP G 58 -29.11 -25.08 -47.83
CA ASP G 58 -27.78 -24.64 -47.42
C ASP G 58 -27.23 -23.61 -48.40
N LYS G 59 -26.47 -22.65 -47.89
CA LYS G 59 -25.83 -21.64 -48.75
C LYS G 59 -24.60 -22.20 -49.47
N ALA G 60 -24.03 -23.26 -48.92
CA ALA G 60 -22.90 -23.95 -49.54
C ALA G 60 -23.33 -25.34 -50.02
N SER G 61 -22.35 -26.16 -50.38
CA SER G 61 -22.61 -27.57 -50.65
C SER G 61 -22.36 -28.37 -49.37
N LEU G 62 -23.31 -29.25 -49.05
CA LEU G 62 -23.34 -30.04 -47.83
C LEU G 62 -22.03 -30.77 -47.50
N GLU G 63 -21.32 -31.20 -48.54
CA GLU G 63 -20.10 -32.00 -48.44
C GLU G 63 -19.01 -31.38 -47.55
N ARG G 64 -18.85 -30.06 -47.63
CA ARG G 64 -17.80 -29.37 -46.89
C ARG G 64 -18.29 -28.16 -46.10
N SER G 65 -19.61 -27.96 -46.05
CA SER G 65 -20.18 -26.75 -45.47
C SER G 65 -19.99 -26.65 -43.94
N GLY G 66 -19.84 -25.43 -43.47
CA GLY G 66 -19.81 -25.15 -42.03
C GLY G 66 -18.46 -25.24 -41.35
N ALA G 67 -18.49 -25.30 -40.02
CA ALA G 67 -17.31 -25.23 -39.17
C ALA G 67 -16.27 -26.31 -39.43
N VAL G 68 -16.73 -27.51 -39.79
CA VAL G 68 -15.86 -28.67 -39.93
C VAL G 68 -15.41 -28.89 -41.40
N ALA G 69 -15.27 -27.78 -42.13
CA ALA G 69 -14.90 -27.80 -43.55
C ALA G 69 -13.58 -28.51 -43.81
N GLN G 70 -12.56 -28.20 -43.01
CA GLN G 70 -11.24 -28.80 -43.16
C GLN G 70 -11.04 -29.98 -42.21
N GLY G 71 -12.12 -30.38 -41.54
CA GLY G 71 -12.08 -31.48 -40.60
C GLY G 71 -11.68 -31.07 -39.20
N LEU G 72 -11.58 -32.05 -38.30
CA LEU G 72 -11.17 -31.83 -36.92
C LEU G 72 -10.23 -32.92 -36.44
N SER G 73 -9.33 -32.57 -35.51
CA SER G 73 -8.37 -33.53 -34.94
C SER G 73 -8.91 -34.22 -33.69
N ALA G 74 -10.07 -33.76 -33.20
CA ALA G 74 -10.68 -34.33 -32.01
C ALA G 74 -12.19 -34.10 -31.94
N ILE G 75 -12.88 -34.97 -31.21
CA ILE G 75 -14.26 -34.77 -30.80
C ILE G 75 -14.22 -34.39 -29.32
N ASN G 76 -14.68 -33.18 -29.01
CA ASN G 76 -14.51 -32.61 -27.67
C ASN G 76 -15.58 -33.01 -26.65
N THR G 77 -16.71 -33.53 -27.13
CA THR G 77 -17.70 -34.11 -26.23
C THR G 77 -17.85 -35.62 -26.44
N TYR G 78 -17.26 -36.37 -25.52
CA TYR G 78 -17.51 -37.79 -25.38
C TYR G 78 -17.43 -38.12 -23.88
N LEU G 79 -18.51 -38.69 -23.35
CA LEU G 79 -18.61 -38.92 -21.90
C LEU G 79 -17.80 -40.12 -21.40
N GLY G 80 -17.95 -41.26 -22.07
CA GLY G 80 -17.27 -42.49 -21.66
C GLY G 80 -17.79 -42.97 -20.32
N ASP G 81 -16.87 -43.18 -19.37
CA ASP G 81 -17.22 -43.61 -18.02
C ASP G 81 -17.82 -42.47 -17.20
N ASN G 82 -17.39 -41.25 -17.48
CA ASN G 82 -17.91 -40.05 -16.83
C ASN G 82 -19.42 -39.94 -17.00
N ASN G 83 -20.12 -39.65 -15.91
CA ASN G 83 -21.57 -39.44 -15.94
C ASN G 83 -21.93 -38.01 -16.36
N ALA G 84 -23.15 -37.82 -16.85
CA ALA G 84 -23.59 -36.50 -17.34
C ALA G 84 -23.69 -35.46 -16.22
N ASP G 85 -23.71 -35.91 -14.97
CA ASP G 85 -23.67 -35.02 -13.82
C ASP G 85 -22.33 -34.27 -13.75
N ASP G 86 -21.22 -35.01 -13.86
CA ASP G 86 -19.88 -34.42 -13.87
C ASP G 86 -19.61 -33.58 -15.12
N TYR G 87 -20.38 -33.85 -16.19
CA TYR G 87 -20.29 -33.09 -17.43
C TYR G 87 -20.82 -31.67 -17.24
N VAL G 88 -21.98 -31.55 -16.58
CA VAL G 88 -22.57 -30.24 -16.27
C VAL G 88 -21.64 -29.46 -15.35
N ARG G 89 -21.09 -30.14 -14.35
CA ARG G 89 -20.17 -29.52 -13.40
C ARG G 89 -19.02 -28.74 -14.05
N MET G 90 -18.38 -29.33 -15.07
CA MET G 90 -17.24 -28.68 -15.74
C MET G 90 -17.65 -27.56 -16.69
N VAL G 91 -18.73 -27.77 -17.44
CA VAL G 91 -19.26 -26.75 -18.36
C VAL G 91 -19.78 -25.55 -17.58
N ARG G 92 -20.33 -25.82 -16.40
CA ARG G 92 -20.71 -24.76 -15.47
C ARG G 92 -19.46 -24.03 -14.98
N THR G 93 -18.46 -24.81 -14.55
CA THR G 93 -17.25 -24.26 -13.96
C THR G 93 -16.47 -23.38 -14.97
N ASP G 94 -16.51 -23.76 -16.25
CA ASP G 94 -15.76 -23.07 -17.29
C ASP G 94 -16.44 -21.79 -17.78
N LEU G 95 -17.77 -21.79 -17.84
CA LEU G 95 -18.50 -20.65 -18.37
C LEU G 95 -19.01 -19.71 -17.26
N MET G 96 -18.27 -19.71 -16.15
CA MET G 96 -18.47 -18.78 -15.02
C MET G 96 -19.79 -18.96 -14.24
N GLY G 97 -20.31 -20.17 -14.23
CA GLY G 97 -21.47 -20.51 -13.39
C GLY G 97 -22.84 -20.36 -14.03
N LEU G 98 -23.01 -19.35 -14.89
CA LEU G 98 -24.33 -19.03 -15.44
C LEU G 98 -24.64 -19.84 -16.69
N VAL G 99 -25.10 -21.06 -16.47
CA VAL G 99 -25.44 -21.99 -17.55
C VAL G 99 -26.84 -22.61 -17.36
N ARG G 100 -27.43 -23.06 -18.47
CA ARG G 100 -28.68 -23.80 -18.43
C ARG G 100 -28.37 -25.28 -18.29
N GLU G 101 -28.45 -25.75 -17.05
CA GLU G 101 -27.96 -27.07 -16.64
C GLU G 101 -28.72 -28.23 -17.28
N ASP G 102 -30.02 -28.02 -17.51
CA ASP G 102 -30.87 -29.06 -18.09
C ASP G 102 -30.56 -29.37 -19.55
N LEU G 103 -30.19 -28.33 -20.30
CA LEU G 103 -29.85 -28.48 -21.73
C LEU G 103 -28.49 -29.12 -21.89
N ILE G 104 -27.60 -28.84 -20.94
CA ILE G 104 -26.26 -29.43 -20.90
C ILE G 104 -26.34 -30.91 -20.53
N TYR G 105 -27.18 -31.22 -19.53
CA TYR G 105 -27.38 -32.59 -19.09
C TYR G 105 -28.09 -33.44 -20.15
N ASP G 106 -29.26 -32.97 -20.60
CA ASP G 106 -30.04 -33.67 -21.62
C ASP G 106 -29.18 -34.01 -22.84
N LEU G 107 -28.36 -33.06 -23.27
CA LEU G 107 -27.45 -33.24 -24.38
C LEU G 107 -26.39 -34.29 -24.05
N GLY G 108 -25.97 -34.33 -22.78
CA GLY G 108 -24.95 -35.26 -22.31
C GLY G 108 -25.33 -36.73 -22.35
N ARG G 109 -26.63 -37.01 -22.28
CA ARG G 109 -27.14 -38.39 -22.34
C ARG G 109 -27.69 -38.80 -23.71
N HIS G 110 -27.30 -38.06 -24.75
CA HIS G 110 -27.62 -38.41 -26.13
C HIS G 110 -26.35 -38.37 -26.99
N VAL G 111 -25.31 -37.72 -26.46
CA VAL G 111 -24.12 -37.37 -27.24
C VAL G 111 -23.22 -38.56 -27.60
N ASP G 112 -22.96 -39.44 -26.63
CA ASP G 112 -22.11 -40.61 -26.86
C ASP G 112 -22.61 -41.48 -28.01
N ASP G 113 -23.93 -41.53 -28.16
CA ASP G 113 -24.56 -42.31 -29.22
C ASP G 113 -24.22 -41.78 -30.62
N SER G 114 -24.11 -40.46 -30.75
CA SER G 114 -23.76 -39.83 -32.03
C SER G 114 -22.34 -40.15 -32.46
N VAL G 115 -21.42 -40.19 -31.49
CA VAL G 115 -20.01 -40.54 -31.74
C VAL G 115 -19.87 -41.97 -32.25
N HIS G 116 -20.60 -42.89 -31.61
CA HIS G 116 -20.60 -44.30 -32.02
C HIS G 116 -21.07 -44.46 -33.47
N LEU G 117 -22.02 -43.63 -33.88
CA LEU G 117 -22.49 -43.61 -35.26
C LEU G 117 -21.42 -43.10 -36.21
N PHE G 118 -20.65 -42.10 -35.75
CA PHE G 118 -19.59 -41.52 -36.58
C PHE G 118 -18.52 -42.54 -36.90
N GLU G 119 -18.13 -43.30 -35.88
CA GLU G 119 -17.14 -44.37 -36.01
C GLU G 119 -17.60 -45.43 -37.03
N GLU G 120 -18.86 -45.85 -36.88
CA GLU G 120 -19.46 -46.88 -37.72
C GLU G 120 -19.69 -46.43 -39.17
N TRP G 121 -19.69 -45.12 -39.41
CA TRP G 121 -19.86 -44.59 -40.76
C TRP G 121 -18.55 -44.51 -41.54
N GLY G 122 -17.43 -44.58 -40.82
CA GLY G 122 -16.12 -44.57 -41.45
C GLY G 122 -15.13 -43.58 -40.88
N LEU G 123 -15.52 -42.87 -39.82
CA LEU G 123 -14.62 -41.91 -39.16
C LEU G 123 -13.57 -42.68 -38.34
N PRO G 124 -12.28 -42.51 -38.69
CA PRO G 124 -11.23 -43.20 -37.94
C PRO G 124 -11.10 -42.58 -36.56
N VAL G 125 -11.24 -43.41 -35.53
CA VAL G 125 -11.15 -42.96 -34.14
C VAL G 125 -10.01 -43.68 -33.44
N TRP G 126 -9.10 -42.90 -32.86
CA TRP G 126 -7.96 -43.41 -32.09
C TRP G 126 -8.41 -44.25 -30.90
N ILE G 127 -7.76 -45.40 -30.70
CA ILE G 127 -8.11 -46.31 -29.61
C ILE G 127 -6.87 -46.87 -28.90
N LYS G 128 -6.81 -46.67 -27.58
CA LYS G 128 -5.78 -47.31 -26.74
C LYS G 128 -5.92 -48.82 -26.76
N ASP G 129 -4.82 -49.51 -27.03
CA ASP G 129 -4.82 -50.98 -26.99
C ASP G 129 -4.56 -51.50 -25.59
N GLU G 130 -4.56 -52.83 -25.47
CA GLU G 130 -4.37 -53.54 -24.20
C GLU G 130 -3.07 -53.14 -23.51
N HIS G 131 -2.00 -53.00 -24.29
CA HIS G 131 -0.69 -52.61 -23.78
C HIS G 131 -0.50 -51.10 -23.62
N GLY G 132 -1.56 -50.34 -23.90
CA GLY G 132 -1.55 -48.88 -23.78
C GLY G 132 -0.58 -48.24 -24.74
N HIS G 133 -0.70 -48.58 -26.03
CA HIS G 133 0.27 -48.17 -27.04
C HIS G 133 -0.21 -47.12 -28.04
N ASN G 134 -1.51 -46.83 -28.06
CA ASN G 134 -2.07 -45.64 -28.74
C ASN G 134 -2.30 -45.76 -30.26
N LEU G 135 -3.15 -46.70 -30.67
CA LEU G 135 -3.43 -46.97 -32.10
C LEU G 135 -4.26 -45.87 -32.76
N ASP G 136 -3.93 -45.53 -34.01
CA ASP G 136 -4.73 -44.59 -34.79
C ASP G 136 -6.01 -45.24 -35.30
N GLY G 137 -6.87 -44.44 -35.92
CA GLY G 137 -8.20 -44.89 -36.34
C GLY G 137 -8.30 -46.01 -37.36
N ALA G 138 -7.34 -46.07 -38.28
CA ALA G 138 -7.34 -47.10 -39.32
C ALA G 138 -6.69 -48.39 -38.83
N GLN G 139 -5.66 -48.24 -38.00
CA GLN G 139 -4.97 -49.39 -37.41
C GLN G 139 -5.68 -49.93 -36.17
N ALA G 140 -6.64 -49.16 -35.67
CA ALA G 140 -7.54 -49.65 -34.62
C ALA G 140 -8.69 -50.44 -35.23
N LYS G 141 -9.01 -50.13 -36.49
CA LYS G 141 -10.00 -50.88 -37.25
C LYS G 141 -9.48 -52.28 -37.56
N ALA G 142 -8.20 -52.35 -37.94
CA ALA G 142 -7.56 -53.59 -38.32
C ALA G 142 -7.34 -54.54 -37.13
N ALA G 143 -7.34 -53.98 -35.93
CA ALA G 143 -7.19 -54.75 -34.70
C ALA G 143 -8.54 -55.25 -34.18
N GLY G 144 -9.62 -54.86 -34.85
CA GLY G 144 -10.97 -55.24 -34.47
C GLY G 144 -11.47 -54.51 -33.23
N LYS G 145 -11.04 -53.27 -33.07
CA LYS G 145 -11.41 -52.46 -31.91
C LYS G 145 -12.33 -51.32 -32.33
N SER G 146 -13.26 -50.97 -31.45
CA SER G 146 -14.17 -49.84 -31.65
C SER G 146 -14.68 -49.29 -30.31
N LEU G 147 -15.53 -48.28 -30.37
CA LEU G 147 -16.19 -47.76 -29.19
C LEU G 147 -17.51 -48.49 -28.92
N ARG G 148 -18.09 -49.05 -29.99
CA ARG G 148 -19.26 -49.96 -29.88
C ARG G 148 -18.79 -51.35 -29.41
N ASN G 149 -18.02 -51.37 -28.34
CA ASN G 149 -17.23 -52.52 -27.95
C ASN G 149 -16.77 -52.32 -26.51
N GLY G 150 -16.53 -51.05 -26.16
CA GLY G 150 -16.07 -50.69 -24.83
C GLY G 150 -14.56 -50.60 -24.72
N ASP G 151 -13.92 -50.18 -25.81
CA ASP G 151 -12.47 -50.00 -25.83
C ASP G 151 -12.14 -48.52 -25.60
N LYS G 152 -11.27 -48.25 -24.64
CA LYS G 152 -10.91 -46.88 -24.27
C LYS G 152 -10.29 -46.09 -25.43
N PRO G 153 -10.72 -44.82 -25.61
CA PRO G 153 -10.18 -43.94 -26.64
C PRO G 153 -8.88 -43.26 -26.18
N VAL G 154 -8.22 -42.54 -27.08
CA VAL G 154 -6.91 -41.94 -26.77
C VAL G 154 -7.02 -40.80 -25.76
N ARG G 155 -7.81 -39.77 -26.07
CA ARG G 155 -8.29 -38.86 -25.01
C ARG G 155 -7.21 -37.98 -24.36
N SER G 156 -7.03 -36.77 -24.90
CA SER G 156 -6.01 -35.81 -24.45
C SER G 156 -6.27 -35.30 -23.03
N GLY G 157 -7.45 -34.68 -22.84
CA GLY G 157 -7.95 -34.34 -21.52
C GLY G 157 -8.94 -35.39 -21.07
N ARG G 158 -9.86 -35.03 -20.20
CA ARG G 158 -10.86 -35.96 -19.69
C ARG G 158 -12.03 -36.16 -20.65
N TRP G 159 -12.48 -35.07 -21.28
CA TRP G 159 -13.74 -35.08 -22.03
C TRP G 159 -13.62 -35.27 -23.54
N GLN G 160 -12.44 -35.01 -24.09
CA GLN G 160 -12.20 -35.09 -25.53
C GLN G 160 -11.56 -36.42 -25.95
N ILE G 161 -11.76 -36.79 -27.21
CA ILE G 161 -11.18 -38.00 -27.78
C ILE G 161 -10.54 -37.69 -29.13
N MET G 162 -9.44 -38.39 -29.44
CA MET G 162 -8.72 -38.18 -30.69
C MET G 162 -9.38 -38.85 -31.88
N ILE G 163 -9.28 -38.20 -33.04
CA ILE G 163 -9.78 -38.74 -34.31
C ILE G 163 -8.82 -38.36 -35.46
N ASN G 164 -8.94 -39.05 -36.58
CA ASN G 164 -8.18 -38.68 -37.80
C ASN G 164 -9.06 -37.90 -38.77
N GLY G 165 -10.00 -37.12 -38.23
CA GLY G 165 -11.11 -36.59 -39.00
C GLY G 165 -10.84 -35.46 -39.97
N GLU G 166 -9.99 -35.70 -40.96
CA GLU G 166 -9.85 -34.79 -42.10
C GLU G 166 -11.16 -34.79 -42.89
N SER G 167 -11.72 -35.98 -43.07
CA SER G 167 -12.98 -36.18 -43.80
C SER G 167 -14.21 -36.21 -42.88
N TYR G 168 -14.08 -35.60 -41.70
CA TYR G 168 -15.16 -35.58 -40.70
C TYR G 168 -16.49 -35.14 -41.31
N LYS G 169 -16.50 -33.98 -41.95
CA LYS G 169 -17.74 -33.43 -42.50
C LYS G 169 -18.32 -34.31 -43.61
N VAL G 170 -17.48 -34.73 -44.55
CA VAL G 170 -17.97 -35.50 -45.71
C VAL G 170 -18.64 -36.81 -45.29
N ILE G 171 -18.17 -37.38 -44.17
CA ILE G 171 -18.75 -38.61 -43.62
C ILE G 171 -20.14 -38.33 -43.03
N VAL G 172 -20.23 -37.37 -42.11
CA VAL G 172 -21.49 -36.95 -41.51
C VAL G 172 -22.44 -36.39 -42.57
N ALA G 173 -21.87 -35.69 -43.56
CA ALA G 173 -22.65 -35.08 -44.64
C ALA G 173 -23.44 -36.11 -45.45
N GLU G 174 -22.80 -37.22 -45.79
CA GLU G 174 -23.44 -38.22 -46.66
C GLU G 174 -24.44 -39.12 -45.93
N ALA G 175 -24.31 -39.22 -44.61
CA ALA G 175 -25.32 -39.91 -43.80
C ALA G 175 -26.64 -39.14 -43.89
N ALA G 176 -26.55 -37.82 -43.92
CA ALA G 176 -27.71 -36.96 -44.12
C ALA G 176 -28.18 -36.98 -45.57
N LYS G 177 -27.25 -37.04 -46.51
CA LYS G 177 -27.56 -37.06 -47.94
C LYS G 177 -28.28 -38.35 -48.33
N ASN G 178 -27.80 -39.49 -47.82
CA ASN G 178 -28.41 -40.79 -48.12
C ASN G 178 -29.79 -40.96 -47.49
N ALA G 179 -29.99 -40.35 -46.32
CA ALA G 179 -31.28 -40.35 -45.64
C ALA G 179 -32.32 -39.48 -46.35
N LEU G 180 -31.87 -38.36 -46.93
CA LEU G 180 -32.78 -37.40 -47.57
C LEU G 180 -32.91 -37.59 -49.07
N GLY G 181 -31.79 -37.86 -49.74
CA GLY G 181 -31.74 -37.87 -51.20
C GLY G 181 -31.56 -36.46 -51.73
N GLN G 182 -31.01 -36.36 -52.95
CA GLN G 182 -30.80 -35.06 -53.58
C GLN G 182 -32.08 -34.25 -53.73
N ASP G 183 -33.21 -34.93 -53.95
CA ASP G 183 -34.51 -34.29 -54.13
C ASP G 183 -34.97 -33.48 -52.92
N ARG G 184 -34.52 -33.89 -51.73
CA ARG G 184 -34.93 -33.22 -50.50
C ARG G 184 -33.84 -32.28 -49.95
N ILE G 185 -32.84 -31.99 -50.79
CA ILE G 185 -31.75 -31.06 -50.46
C ILE G 185 -31.58 -30.01 -51.55
N ILE G 186 -31.56 -28.74 -51.16
CA ILE G 186 -31.17 -27.67 -52.09
C ILE G 186 -29.91 -26.98 -51.57
N GLU G 187 -28.86 -27.00 -52.38
CA GLU G 187 -27.59 -26.37 -52.04
C GLU G 187 -27.51 -24.98 -52.69
N ARG G 188 -26.49 -24.20 -52.32
CA ARG G 188 -26.27 -22.85 -52.86
C ARG G 188 -27.51 -21.96 -52.81
N ILE G 189 -28.23 -22.03 -51.70
CA ILE G 189 -29.43 -21.22 -51.51
C ILE G 189 -29.44 -20.56 -50.12
N PHE G 190 -29.04 -19.29 -50.11
CA PHE G 190 -28.87 -18.50 -48.89
C PHE G 190 -30.22 -17.96 -48.40
N ILE G 191 -30.59 -18.35 -47.18
CA ILE G 191 -31.81 -17.86 -46.51
C ILE G 191 -31.47 -16.58 -45.75
N VAL G 192 -32.35 -15.58 -45.87
CA VAL G 192 -32.11 -14.27 -45.24
C VAL G 192 -33.12 -13.89 -44.14
N LYS G 193 -34.40 -14.17 -44.36
CA LYS G 193 -35.47 -13.51 -43.60
C LYS G 193 -36.03 -14.26 -42.37
N LEU G 194 -36.77 -15.34 -42.61
CA LEU G 194 -37.70 -15.96 -41.64
C LEU G 194 -39.01 -15.18 -41.52
N LEU G 195 -40.09 -15.78 -42.03
CA LEU G 195 -41.41 -15.17 -41.99
C LEU G 195 -42.32 -15.90 -41.02
N LEU G 196 -43.10 -15.14 -40.26
CA LEU G 196 -44.06 -15.72 -39.32
C LEU G 196 -45.50 -15.47 -39.79
N ASP G 197 -46.45 -16.20 -39.19
CA ASP G 197 -47.81 -16.32 -39.72
C ASP G 197 -48.68 -15.06 -39.59
N LYS G 198 -49.47 -14.81 -40.63
CA LYS G 198 -50.38 -13.67 -40.71
C LYS G 198 -51.44 -13.67 -39.60
N ASN G 199 -52.07 -14.83 -39.38
CA ASN G 199 -53.26 -14.91 -38.53
C ASN G 199 -53.16 -15.85 -37.30
N THR G 200 -51.94 -16.25 -36.96
CA THR G 200 -51.68 -16.97 -35.69
C THR G 200 -50.50 -16.32 -34.97
N PRO G 201 -50.77 -15.71 -33.80
CA PRO G 201 -49.74 -14.93 -33.08
C PRO G 201 -48.59 -15.82 -32.62
N ASN G 202 -47.36 -15.33 -32.80
CA ASN G 202 -46.14 -16.02 -32.38
C ASN G 202 -45.91 -17.37 -33.08
N ARG G 203 -46.30 -17.46 -34.34
CA ARG G 203 -46.24 -18.71 -35.09
C ARG G 203 -45.43 -18.59 -36.38
N ILE G 204 -44.44 -19.47 -36.54
CA ILE G 204 -43.58 -19.49 -37.73
C ILE G 204 -44.33 -20.01 -38.96
N ALA G 205 -44.08 -19.39 -40.12
CA ALA G 205 -44.80 -19.72 -41.33
C ALA G 205 -43.89 -20.05 -42.51
N GLY G 206 -42.75 -19.34 -42.61
CA GLY G 206 -41.82 -19.57 -43.70
C GLY G 206 -40.45 -18.94 -43.56
N ALA G 207 -39.81 -18.70 -44.71
CA ALA G 207 -38.49 -18.10 -44.80
C ALA G 207 -38.18 -17.77 -46.25
N VAL G 208 -37.49 -16.65 -46.48
CA VAL G 208 -37.06 -16.32 -47.84
C VAL G 208 -35.56 -16.16 -47.97
N GLY G 209 -35.04 -16.66 -49.09
CA GLY G 209 -33.65 -16.51 -49.43
C GLY G 209 -33.51 -16.34 -50.93
N PHE G 210 -32.32 -16.61 -51.44
CA PHE G 210 -32.09 -16.52 -52.88
C PHE G 210 -31.03 -17.51 -53.32
N ASN G 211 -31.15 -17.98 -54.55
CA ASN G 211 -30.21 -18.91 -55.15
C ASN G 211 -28.90 -18.20 -55.53
N LEU G 212 -27.79 -18.78 -55.10
CA LEU G 212 -26.45 -18.23 -55.34
C LEU G 212 -25.90 -18.58 -56.71
N ARG G 213 -26.56 -19.49 -57.43
CA ARG G 213 -26.06 -19.96 -58.72
C ARG G 213 -26.88 -19.47 -59.92
N ALA G 214 -28.08 -18.96 -59.65
CA ALA G 214 -28.96 -18.38 -60.67
C ALA G 214 -29.92 -17.39 -60.03
N ASN G 215 -30.42 -16.43 -60.81
CA ASN G 215 -31.31 -15.39 -60.28
C ASN G 215 -32.70 -15.87 -59.88
N GLU G 216 -32.80 -16.41 -58.67
CA GLU G 216 -34.05 -16.96 -58.14
C GLU G 216 -34.25 -16.58 -56.67
N VAL G 217 -35.44 -16.10 -56.35
CA VAL G 217 -35.84 -15.86 -54.96
C VAL G 217 -36.71 -17.03 -54.52
N HIS G 218 -36.23 -17.78 -53.54
CA HIS G 218 -36.94 -18.93 -53.03
C HIS G 218 -37.77 -18.57 -51.81
N ILE G 219 -39.07 -18.80 -51.91
CA ILE G 219 -39.97 -18.58 -50.77
C ILE G 219 -40.40 -19.95 -50.24
N PHE G 220 -40.46 -20.08 -48.91
CA PHE G 220 -40.79 -21.35 -48.28
C PHE G 220 -41.94 -21.21 -47.29
N LYS G 221 -42.96 -22.04 -47.43
CA LYS G 221 -43.94 -22.23 -46.38
C LYS G 221 -43.54 -23.48 -45.61
N ALA G 222 -43.69 -23.46 -44.29
CA ALA G 222 -43.25 -24.57 -43.45
C ALA G 222 -44.07 -24.71 -42.18
N ASN G 223 -44.31 -25.96 -41.78
CA ASN G 223 -45.04 -26.24 -40.55
C ASN G 223 -44.10 -26.21 -39.36
N ALA G 224 -42.93 -26.85 -39.50
CA ALA G 224 -41.88 -26.82 -38.49
C ALA G 224 -40.52 -26.63 -39.16
N MET G 225 -39.63 -25.86 -38.53
CA MET G 225 -38.28 -25.67 -39.08
C MET G 225 -37.18 -25.53 -38.04
N VAL G 226 -35.99 -25.99 -38.42
CA VAL G 226 -34.77 -25.72 -37.64
C VAL G 226 -33.98 -24.59 -38.27
N VAL G 227 -33.47 -23.70 -37.42
CA VAL G 227 -32.53 -22.70 -37.86
C VAL G 227 -31.21 -22.96 -37.16
N ALA G 228 -30.29 -23.60 -37.88
CA ALA G 228 -28.94 -23.84 -37.40
C ALA G 228 -27.96 -23.42 -38.50
N CYS G 229 -27.56 -22.16 -38.44
CA CYS G 229 -26.67 -21.57 -39.43
C CYS G 229 -25.36 -21.11 -38.80
N GLY G 230 -24.95 -21.78 -37.72
CA GLY G 230 -23.67 -21.51 -37.08
C GLY G 230 -23.63 -20.22 -36.26
N GLY G 231 -22.41 -19.78 -35.94
CA GLY G 231 -22.20 -18.62 -35.10
C GLY G 231 -21.98 -17.35 -35.89
N ALA G 232 -21.19 -16.45 -35.32
CA ALA G 232 -20.82 -15.19 -35.97
C ALA G 232 -19.35 -14.85 -35.80
N VAL G 233 -18.69 -14.60 -36.92
CA VAL G 233 -17.27 -14.21 -36.94
C VAL G 233 -17.07 -13.08 -37.95
N ASN G 234 -16.00 -12.32 -37.77
CA ASN G 234 -15.77 -11.04 -38.48
C ASN G 234 -16.85 -10.02 -38.14
N VAL G 235 -17.24 -10.05 -36.87
CA VAL G 235 -18.10 -9.04 -36.27
C VAL G 235 -17.22 -8.06 -35.50
N TYR G 236 -15.99 -8.49 -35.23
CA TYR G 236 -14.94 -7.63 -34.69
C TYR G 236 -13.73 -7.65 -35.61
N ARG G 237 -12.91 -6.61 -35.54
CA ARG G 237 -11.72 -6.50 -36.40
C ARG G 237 -10.64 -7.50 -35.98
N PRO G 238 -10.23 -8.38 -36.93
CA PRO G 238 -9.24 -9.43 -36.65
C PRO G 238 -7.84 -8.86 -36.46
N ARG G 239 -6.86 -9.74 -36.25
CA ARG G 239 -5.49 -9.29 -36.04
C ARG G 239 -4.74 -9.07 -37.34
N SER G 240 -5.35 -9.48 -38.45
CA SER G 240 -4.83 -9.22 -39.78
C SER G 240 -5.95 -8.66 -40.66
N VAL G 241 -5.72 -7.50 -41.26
CA VAL G 241 -6.77 -6.79 -42.00
C VAL G 241 -6.60 -6.71 -43.53
N GLY G 242 -5.53 -7.31 -44.04
CA GLY G 242 -5.32 -7.38 -45.48
C GLY G 242 -6.08 -8.56 -46.05
N GLU G 243 -5.34 -9.51 -46.62
CA GLU G 243 -5.92 -10.79 -47.03
C GLU G 243 -6.25 -11.63 -45.80
N GLY G 244 -5.51 -11.40 -44.71
CA GLY G 244 -5.66 -12.13 -43.45
C GLY G 244 -7.01 -11.92 -42.78
N MET G 245 -7.84 -11.09 -43.41
CA MET G 245 -9.23 -10.92 -43.02
C MET G 245 -9.96 -12.26 -43.08
N GLY G 246 -9.43 -13.19 -43.87
CA GLY G 246 -10.00 -14.52 -44.04
C GLY G 246 -9.48 -15.55 -43.05
N ARG G 247 -8.35 -15.26 -42.42
CA ARG G 247 -7.78 -16.17 -41.42
C ARG G 247 -8.33 -15.83 -40.03
N ALA G 248 -9.48 -16.43 -39.73
CA ALA G 248 -10.08 -16.35 -38.40
C ALA G 248 -10.09 -17.76 -37.80
N TRP G 249 -10.20 -17.85 -36.48
CA TRP G 249 -10.26 -19.17 -35.85
C TRP G 249 -11.53 -19.89 -36.29
N TYR G 250 -12.66 -19.20 -36.17
CA TYR G 250 -13.95 -19.76 -36.54
C TYR G 250 -14.23 -19.48 -38.02
N PRO G 251 -14.99 -20.37 -38.69
CA PRO G 251 -15.24 -20.23 -40.13
C PRO G 251 -15.71 -18.83 -40.49
N VAL G 252 -14.93 -18.16 -41.33
CA VAL G 252 -15.11 -16.76 -41.65
C VAL G 252 -16.44 -16.47 -42.39
N TRP G 253 -17.12 -17.54 -42.80
CA TRP G 253 -18.41 -17.42 -43.49
C TRP G 253 -19.61 -17.44 -42.54
N ASN G 254 -19.34 -17.51 -41.24
CA ASN G 254 -20.39 -17.38 -40.23
C ASN G 254 -20.75 -15.92 -40.04
N ALA G 255 -22.01 -15.59 -40.28
CA ALA G 255 -22.47 -14.19 -40.31
C ALA G 255 -23.54 -13.89 -39.26
N GLY G 256 -23.74 -14.82 -38.32
CA GLY G 256 -24.76 -14.66 -37.28
C GLY G 256 -26.18 -14.76 -37.83
N SER G 257 -26.32 -15.54 -38.91
CA SER G 257 -27.61 -15.76 -39.57
C SER G 257 -28.61 -16.36 -38.60
N THR G 258 -28.19 -17.36 -37.85
CA THR G 258 -29.02 -18.04 -36.84
C THR G 258 -29.60 -17.05 -35.83
N TYR G 259 -28.75 -16.17 -35.32
CA TYR G 259 -29.13 -15.26 -34.24
C TYR G 259 -30.08 -14.15 -34.69
N THR G 260 -29.86 -13.57 -35.86
CA THR G 260 -30.74 -12.49 -36.32
C THR G 260 -32.06 -13.01 -36.85
N MET G 261 -32.00 -13.97 -37.78
CA MET G 261 -33.22 -14.57 -38.36
C MET G 261 -34.24 -14.90 -37.28
N CYS G 262 -33.76 -15.48 -36.18
CA CYS G 262 -34.62 -15.89 -35.07
C CYS G 262 -35.00 -14.75 -34.14
N ALA G 263 -34.01 -13.98 -33.70
CA ALA G 263 -34.27 -12.88 -32.77
C ALA G 263 -35.30 -11.91 -33.32
N GLN G 264 -35.12 -11.53 -34.59
CA GLN G 264 -35.96 -10.51 -35.23
C GLN G 264 -37.36 -11.02 -35.59
N VAL G 265 -37.62 -12.30 -35.31
CA VAL G 265 -38.93 -12.89 -35.57
C VAL G 265 -39.67 -13.18 -34.25
N GLY G 266 -39.10 -12.70 -33.15
CA GLY G 266 -39.77 -12.76 -31.85
C GLY G 266 -39.22 -13.77 -30.86
N ALA G 267 -38.26 -14.58 -31.31
CA ALA G 267 -37.65 -15.58 -30.44
C ALA G 267 -36.93 -14.90 -29.29
N GLU G 268 -37.09 -15.45 -28.09
CA GLU G 268 -36.39 -14.94 -26.92
C GLU G 268 -34.93 -15.36 -27.02
N MET G 269 -34.03 -14.42 -26.73
CA MET G 269 -32.60 -14.67 -26.82
C MET G 269 -32.00 -14.74 -25.42
N THR G 270 -30.89 -15.47 -25.30
CA THR G 270 -30.22 -15.65 -24.01
C THR G 270 -28.70 -15.48 -24.11
N MET G 271 -28.14 -14.85 -23.07
CA MET G 271 -26.69 -14.76 -22.85
C MET G 271 -25.88 -14.22 -24.03
N MET G 272 -26.50 -13.35 -24.84
CA MET G 272 -25.83 -12.76 -26.01
C MET G 272 -24.62 -11.91 -25.64
N GLU G 273 -24.49 -11.57 -24.36
CA GLU G 273 -23.31 -10.84 -23.88
C GLU G 273 -22.09 -11.74 -23.82
N ASN G 274 -22.31 -13.05 -23.85
CA ASN G 274 -21.19 -13.99 -23.86
C ASN G 274 -20.48 -13.99 -25.20
N ARG G 275 -19.16 -14.06 -25.12
CA ARG G 275 -18.31 -14.15 -26.29
C ARG G 275 -17.28 -15.24 -26.01
N PHE G 276 -16.42 -15.50 -26.99
CA PHE G 276 -15.32 -16.43 -26.80
C PHE G 276 -14.06 -15.87 -27.48
N VAL G 277 -13.01 -15.68 -26.70
CA VAL G 277 -11.70 -15.36 -27.26
C VAL G 277 -10.68 -16.42 -26.85
N PRO G 278 -10.44 -17.38 -27.77
CA PRO G 278 -9.45 -18.43 -27.50
C PRO G 278 -8.02 -17.90 -27.44
N ALA G 279 -7.10 -18.75 -27.03
CA ALA G 279 -5.67 -18.46 -27.14
C ALA G 279 -5.08 -19.43 -28.16
N ARG G 280 -4.54 -18.86 -29.24
CA ARG G 280 -3.99 -19.65 -30.33
C ARG G 280 -2.66 -19.05 -30.77
N PHE G 281 -1.91 -19.82 -31.57
CA PHE G 281 -0.71 -19.30 -32.22
C PHE G 281 -1.04 -18.06 -33.04
N LYS G 282 -0.11 -17.10 -33.06
CA LYS G 282 -0.38 -15.79 -33.64
C LYS G 282 -0.57 -15.83 -35.15
N ASP G 283 -1.53 -15.04 -35.63
CA ASP G 283 -1.81 -14.83 -37.06
C ASP G 283 -2.38 -16.03 -37.82
N GLY G 284 -1.84 -17.22 -37.56
CA GLY G 284 -2.36 -18.45 -38.16
C GLY G 284 -3.55 -19.01 -37.41
N TYR G 285 -3.61 -18.73 -36.10
CA TYR G 285 -4.67 -19.19 -35.17
C TYR G 285 -4.76 -20.72 -35.00
N GLY G 286 -3.64 -21.43 -35.19
CA GLY G 286 -3.61 -22.88 -35.00
C GLY G 286 -3.71 -23.28 -33.54
N PRO G 287 -4.09 -24.54 -33.27
CA PRO G 287 -4.21 -25.02 -31.89
C PRO G 287 -2.84 -25.23 -31.23
N VAL G 288 -2.74 -24.84 -29.96
CA VAL G 288 -1.50 -24.99 -29.19
C VAL G 288 -1.44 -26.37 -28.55
N GLY G 289 -2.62 -26.93 -28.24
CA GLY G 289 -2.77 -28.20 -27.55
C GLY G 289 -1.69 -29.26 -27.72
N ALA G 290 -1.51 -29.75 -28.95
CA ALA G 290 -0.66 -30.91 -29.22
C ALA G 290 0.81 -30.71 -28.84
N TRP G 291 1.31 -29.50 -29.08
CA TRP G 291 2.72 -29.18 -28.85
C TRP G 291 3.01 -29.00 -27.37
N PHE G 292 2.01 -28.49 -26.65
CA PHE G 292 2.09 -28.34 -25.19
C PHE G 292 2.09 -29.71 -24.49
N LEU G 293 1.22 -30.61 -24.96
CA LEU G 293 1.04 -31.91 -24.32
C LEU G 293 2.19 -32.88 -24.59
N LEU G 294 2.43 -33.18 -25.87
CA LEU G 294 3.39 -34.21 -26.27
C LEU G 294 4.86 -33.85 -26.02
N PHE G 295 5.15 -32.56 -25.91
CA PHE G 295 6.53 -32.12 -25.80
C PHE G 295 6.79 -31.20 -24.59
N LYS G 296 5.78 -31.08 -23.73
CA LYS G 296 5.85 -30.26 -22.52
C LYS G 296 6.37 -28.83 -22.79
N ALA G 297 5.93 -28.27 -23.91
CA ALA G 297 6.30 -26.90 -24.28
C ALA G 297 5.43 -25.92 -23.51
N LYS G 298 6.06 -24.96 -22.84
CA LYS G 298 5.32 -23.95 -22.07
C LYS G 298 5.51 -22.58 -22.70
N ALA G 299 4.43 -21.79 -22.69
CA ALA G 299 4.50 -20.39 -23.09
C ALA G 299 5.13 -19.58 -21.97
N THR G 300 5.94 -18.59 -22.35
CA THR G 300 6.60 -17.71 -21.38
C THR G 300 6.51 -16.25 -21.83
N ASN G 301 6.83 -15.33 -20.92
CA ASN G 301 6.95 -13.93 -21.27
C ASN G 301 8.39 -13.60 -21.69
N CYS G 302 8.68 -12.32 -21.91
CA CYS G 302 10.01 -11.90 -22.35
C CYS G 302 11.10 -12.18 -21.31
N LYS G 303 10.70 -12.22 -20.03
CA LYS G 303 11.62 -12.55 -18.94
C LYS G 303 11.88 -14.06 -18.84
N GLY G 304 11.05 -14.86 -19.50
CA GLY G 304 11.21 -16.32 -19.52
C GLY G 304 10.45 -17.03 -18.41
N GLU G 305 9.72 -16.24 -17.61
CA GLU G 305 8.94 -16.78 -16.51
C GLU G 305 7.53 -17.18 -16.93
N ASP G 306 6.92 -18.07 -16.16
CA ASP G 306 5.57 -18.55 -16.39
C ASP G 306 4.55 -17.62 -15.75
N TYR G 307 3.87 -16.83 -16.57
CA TYR G 307 2.90 -15.84 -16.10
C TYR G 307 1.72 -16.45 -15.32
N CYS G 308 1.60 -17.78 -15.36
CA CYS G 308 0.58 -18.49 -14.60
C CYS G 308 1.02 -18.82 -13.17
N ALA G 309 2.21 -18.36 -12.81
CA ALA G 309 2.67 -18.38 -11.44
C ALA G 309 2.80 -16.94 -10.94
N THR G 310 3.44 -16.10 -11.78
CA THR G 310 3.66 -14.69 -11.48
C THR G 310 2.35 -13.93 -11.26
N ASN G 311 1.28 -14.38 -11.92
CA ASN G 311 -0.01 -13.69 -11.83
C ASN G 311 -1.12 -14.50 -11.14
N ARG G 312 -0.74 -15.54 -10.40
CA ARG G 312 -1.69 -16.36 -9.62
C ARG G 312 -2.62 -15.52 -8.76
N ALA G 313 -2.04 -14.50 -8.12
CA ALA G 313 -2.75 -13.61 -7.19
C ALA G 313 -4.01 -12.96 -7.77
N MET G 314 -4.08 -12.86 -9.09
CA MET G 314 -5.21 -12.26 -9.78
C MET G 314 -6.48 -13.08 -9.64
N LEU G 315 -6.31 -14.39 -9.44
CA LEU G 315 -7.45 -15.31 -9.30
C LEU G 315 -8.07 -15.27 -7.92
N LYS G 316 -7.31 -14.78 -6.94
CA LYS G 316 -7.76 -14.72 -5.54
C LYS G 316 -9.23 -14.30 -5.37
N PRO G 317 -9.63 -13.15 -5.93
CA PRO G 317 -11.04 -12.73 -5.82
C PRO G 317 -12.02 -13.78 -6.33
N TYR G 318 -11.64 -14.49 -7.39
CA TYR G 318 -12.53 -15.46 -8.04
C TYR G 318 -12.49 -16.83 -7.38
N GLU G 319 -11.39 -17.12 -6.70
CA GLU G 319 -11.25 -18.36 -5.94
C GLU G 319 -12.15 -18.34 -4.70
N GLU G 320 -12.20 -17.20 -4.02
CA GLU G 320 -12.94 -17.04 -2.76
C GLU G 320 -14.46 -17.16 -2.90
N ARG G 321 -14.98 -16.99 -4.12
CA ARG G 321 -16.40 -17.21 -4.41
C ARG G 321 -16.64 -18.58 -5.06
N GLY G 322 -15.57 -19.36 -5.17
CA GLY G 322 -15.66 -20.75 -5.67
C GLY G 322 -15.51 -20.92 -7.17
N TYR G 323 -15.44 -19.80 -7.90
CA TYR G 323 -15.44 -19.82 -9.36
C TYR G 323 -14.20 -20.42 -10.01
N ALA G 324 -13.06 -20.32 -9.34
CA ALA G 324 -11.79 -20.83 -9.86
C ALA G 324 -11.59 -22.32 -9.56
N LYS G 325 -12.21 -22.80 -8.49
CA LYS G 325 -12.31 -24.23 -8.17
C LYS G 325 -10.98 -24.91 -7.75
N GLY G 326 -9.95 -24.11 -7.49
CA GLY G 326 -8.65 -24.63 -7.09
C GLY G 326 -7.91 -25.38 -8.20
N HIS G 327 -7.07 -24.64 -8.94
CA HIS G 327 -6.26 -25.14 -10.06
C HIS G 327 -7.06 -25.77 -11.21
N VAL G 328 -8.39 -25.60 -11.18
CA VAL G 328 -9.24 -25.96 -12.30
C VAL G 328 -9.79 -24.67 -12.91
N ILE G 329 -8.87 -23.84 -13.42
CA ILE G 329 -9.16 -22.47 -13.87
C ILE G 329 -10.01 -22.44 -15.15
N PRO G 330 -11.12 -21.68 -15.14
CA PRO G 330 -11.94 -21.49 -16.34
C PRO G 330 -11.18 -20.72 -17.43
N THR G 331 -11.47 -21.04 -18.69
CA THR G 331 -10.72 -20.54 -19.84
C THR G 331 -10.50 -19.03 -19.82
N CYS G 332 -11.55 -18.26 -19.54
CA CYS G 332 -11.44 -16.80 -19.60
C CYS G 332 -10.46 -16.23 -18.59
N LEU G 333 -10.42 -16.79 -17.39
CA LEU G 333 -9.49 -16.34 -16.36
C LEU G 333 -8.03 -16.65 -16.68
N ARG G 334 -7.82 -17.59 -17.60
CA ARG G 334 -6.47 -17.97 -18.01
C ARG G 334 -5.80 -16.87 -18.84
N ASN G 335 -6.56 -16.29 -19.76
CA ASN G 335 -6.04 -15.18 -20.57
C ASN G 335 -6.31 -13.79 -19.97
N HIS G 336 -6.96 -13.78 -18.81
CA HIS G 336 -7.03 -12.59 -17.95
C HIS G 336 -5.66 -12.38 -17.31
N MET G 337 -4.99 -13.49 -16.96
CA MET G 337 -3.63 -13.48 -16.43
C MET G 337 -2.62 -13.18 -17.54
N MET G 338 -2.92 -13.69 -18.74
CA MET G 338 -2.09 -13.47 -19.92
C MET G 338 -2.20 -12.03 -20.39
N LEU G 339 -3.38 -11.44 -20.24
CA LEU G 339 -3.66 -10.10 -20.73
C LEU G 339 -2.90 -9.03 -19.95
N ARG G 340 -2.75 -9.24 -18.65
CA ARG G 340 -1.92 -8.35 -17.81
C ARG G 340 -0.51 -8.30 -18.36
N GLU G 341 0.00 -9.47 -18.74
CA GLU G 341 1.34 -9.59 -19.28
C GLU G 341 1.48 -8.86 -20.60
N MET G 342 0.38 -8.76 -21.35
CA MET G 342 0.36 -8.04 -22.62
C MET G 342 0.32 -6.52 -22.44
N ARG G 343 -0.73 -6.02 -21.79
CA ARG G 343 -0.94 -4.57 -21.63
C ARG G 343 0.19 -3.84 -20.88
N GLU G 344 1.11 -4.61 -20.29
CA GLU G 344 2.26 -4.03 -19.62
C GLU G 344 3.55 -4.29 -20.41
N GLY G 345 3.39 -4.57 -21.69
CA GLY G 345 4.51 -4.73 -22.63
C GLY G 345 5.59 -5.73 -22.24
N ARG G 346 5.17 -6.84 -21.63
CA ARG G 346 6.11 -7.90 -21.29
C ARG G 346 5.97 -9.09 -22.24
N GLY G 347 5.43 -8.81 -23.43
CA GLY G 347 5.35 -9.79 -24.52
C GLY G 347 6.68 -9.95 -25.22
N PRO G 348 6.76 -10.85 -26.23
CA PRO G 348 5.68 -11.70 -26.71
C PRO G 348 5.49 -12.95 -25.85
N ILE G 349 4.26 -13.49 -25.87
CA ILE G 349 3.97 -14.76 -25.22
C ILE G 349 4.42 -15.88 -26.15
N TYR G 350 5.47 -16.58 -25.75
CA TYR G 350 6.26 -17.40 -26.67
C TYR G 350 6.34 -18.85 -26.25
N MET G 351 5.95 -19.75 -27.16
CA MET G 351 6.18 -21.18 -27.01
C MET G 351 7.59 -21.51 -27.45
N ASP G 352 8.42 -21.96 -26.50
CA ASP G 352 9.77 -22.37 -26.82
C ASP G 352 9.77 -23.85 -27.18
N THR G 353 9.44 -24.16 -28.43
CA THR G 353 9.40 -25.55 -28.91
C THR G 353 10.78 -26.07 -29.31
N LYS G 354 11.68 -25.15 -29.65
CA LYS G 354 13.07 -25.48 -29.97
C LYS G 354 13.70 -26.33 -28.86
N THR G 355 13.58 -25.85 -27.62
CA THR G 355 14.22 -26.51 -26.48
C THR G 355 13.34 -27.60 -25.86
N ALA G 356 12.03 -27.48 -26.05
CA ALA G 356 11.08 -28.47 -25.54
C ALA G 356 11.10 -29.74 -26.39
N LEU G 357 11.34 -29.58 -27.68
CA LEU G 357 11.49 -30.73 -28.57
C LEU G 357 12.81 -31.45 -28.35
N GLN G 358 13.85 -30.68 -28.04
CA GLN G 358 15.18 -31.29 -27.87
C GLN G 358 15.39 -31.94 -26.50
N THR G 359 14.64 -31.49 -25.49
CA THR G 359 14.69 -32.15 -24.18
C THR G 359 13.98 -33.50 -24.21
N SER G 360 12.82 -33.55 -24.87
CA SER G 360 12.01 -34.76 -24.92
C SER G 360 12.42 -35.74 -26.04
N PHE G 361 13.38 -35.33 -26.85
CA PHE G 361 13.94 -36.17 -27.92
C PHE G 361 15.34 -36.67 -27.54
N ALA G 362 15.79 -36.31 -26.34
CA ALA G 362 17.17 -36.56 -25.89
C ALA G 362 17.60 -38.03 -25.91
N THR G 363 16.72 -38.92 -25.43
CA THR G 363 17.02 -40.34 -25.39
C THR G 363 16.09 -41.14 -26.32
N MET G 364 15.14 -40.45 -26.94
CA MET G 364 14.14 -41.08 -27.80
C MET G 364 14.72 -41.57 -29.12
N SER G 365 14.31 -42.77 -29.51
CA SER G 365 14.70 -43.39 -30.79
C SER G 365 14.20 -42.55 -31.97
N PRO G 366 15.04 -42.41 -33.03
CA PRO G 366 14.74 -41.55 -34.19
C PRO G 366 13.46 -41.92 -34.95
N ALA G 367 13.06 -43.19 -34.88
CA ALA G 367 11.80 -43.64 -35.47
C ALA G 367 10.60 -43.12 -34.68
N GLN G 368 10.66 -43.27 -33.35
CA GLN G 368 9.58 -42.83 -32.45
C GLN G 368 9.49 -41.31 -32.39
N GLN G 369 10.56 -40.63 -32.81
CA GLN G 369 10.56 -39.18 -32.96
C GLN G 369 9.64 -38.78 -34.11
N LYS G 370 9.81 -39.44 -35.26
CA LYS G 370 9.03 -39.15 -36.46
C LYS G 370 7.55 -39.36 -36.25
N HIS G 371 7.19 -40.34 -35.40
CA HIS G 371 5.80 -40.64 -35.11
C HIS G 371 5.13 -39.58 -34.21
N LEU G 372 5.90 -39.03 -33.26
CA LEU G 372 5.40 -37.95 -32.41
C LEU G 372 5.31 -36.63 -33.17
N GLU G 373 6.34 -36.34 -33.96
CA GLU G 373 6.36 -35.17 -34.83
C GLU G 373 5.14 -35.17 -35.77
N ALA G 374 4.90 -36.30 -36.44
CA ALA G 374 3.77 -36.44 -37.37
C ALA G 374 2.42 -36.40 -36.68
N GLU G 375 2.40 -36.72 -35.39
CA GLU G 375 1.16 -36.72 -34.61
C GLU G 375 0.71 -35.31 -34.28
N ALA G 376 1.66 -34.45 -33.91
CA ALA G 376 1.36 -33.06 -33.57
C ALA G 376 1.10 -32.22 -34.82
N TRP G 377 1.83 -32.51 -35.89
CA TRP G 377 1.65 -31.86 -37.19
C TRP G 377 0.28 -32.16 -37.79
N GLU G 378 -0.34 -33.23 -37.31
CA GLU G 378 -1.68 -33.62 -37.74
C GLU G 378 -2.74 -32.66 -37.21
N ASP G 379 -2.50 -32.07 -36.04
CA ASP G 379 -3.40 -31.06 -35.48
C ASP G 379 -3.62 -29.87 -36.42
N PHE G 380 -2.60 -29.51 -37.19
CA PHE G 380 -2.74 -28.47 -38.19
C PHE G 380 -3.36 -29.02 -39.45
N LEU G 381 -2.78 -30.10 -39.98
CA LEU G 381 -3.22 -30.70 -41.22
C LEU G 381 -4.66 -31.23 -41.18
N ASP G 382 -5.15 -31.57 -39.99
CA ASP G 382 -6.49 -32.15 -39.85
C ASP G 382 -7.59 -31.18 -39.42
N MET G 383 -7.22 -29.96 -39.00
CA MET G 383 -8.24 -28.97 -38.61
C MET G 383 -7.87 -27.49 -38.84
N CYS G 384 -6.63 -27.22 -39.23
CA CYS G 384 -6.15 -25.84 -39.42
C CYS G 384 -4.89 -25.78 -40.31
N VAL G 385 -5.10 -25.92 -41.61
CA VAL G 385 -3.99 -25.96 -42.59
C VAL G 385 -3.25 -24.62 -42.66
N GLY G 386 -4.00 -23.53 -42.47
CA GLY G 386 -3.44 -22.18 -42.50
C GLY G 386 -2.23 -21.99 -41.59
N GLN G 387 -2.25 -22.65 -40.42
CA GLN G 387 -1.13 -22.55 -39.48
C GLN G 387 0.12 -23.23 -40.04
N ALA G 388 -0.07 -24.37 -40.69
CA ALA G 388 1.02 -25.10 -41.32
C ALA G 388 1.66 -24.27 -42.43
N ASN G 389 0.81 -23.55 -43.18
CA ASN G 389 1.28 -22.59 -44.18
C ASN G 389 2.17 -21.50 -43.59
N LEU G 390 1.78 -20.97 -42.43
CA LEU G 390 2.55 -19.94 -41.76
C LEU G 390 3.91 -20.46 -41.29
N TRP G 391 3.92 -21.66 -40.72
CA TRP G 391 5.15 -22.29 -40.27
C TRP G 391 6.06 -22.62 -41.44
N ALA G 392 5.45 -22.97 -42.57
CA ALA G 392 6.18 -23.19 -43.82
C ALA G 392 6.77 -21.87 -44.32
N ALA G 393 5.96 -20.83 -44.28
CA ALA G 393 6.32 -19.52 -44.80
C ALA G 393 7.34 -18.78 -43.93
N THR G 394 7.24 -18.92 -42.61
CA THR G 394 8.15 -18.25 -41.68
C THR G 394 9.34 -19.11 -41.29
N ASN G 395 9.45 -20.28 -41.90
CA ASN G 395 10.46 -21.30 -41.56
C ASN G 395 10.40 -21.71 -40.08
N CYS G 396 9.17 -21.83 -39.58
CA CYS G 396 8.94 -22.15 -38.17
C CYS G 396 8.71 -23.64 -37.93
N ALA G 397 9.66 -24.45 -38.38
CA ALA G 397 9.74 -25.83 -37.94
C ALA G 397 9.95 -25.79 -36.43
N PRO G 398 9.16 -26.57 -35.68
CA PRO G 398 9.23 -26.56 -34.21
C PRO G 398 10.63 -26.84 -33.66
N GLU G 399 11.40 -27.67 -34.36
CA GLU G 399 12.78 -27.99 -33.96
C GLU G 399 13.69 -26.78 -34.13
N GLU G 400 13.40 -25.96 -35.13
CA GLU G 400 14.21 -24.80 -35.46
C GLU G 400 13.86 -23.56 -34.62
N ARG G 401 12.57 -23.25 -34.51
CA ARG G 401 12.13 -22.12 -33.68
C ARG G 401 10.69 -22.26 -33.19
N GLY G 402 10.41 -21.63 -32.05
CA GLY G 402 9.07 -21.64 -31.46
C GLY G 402 8.12 -20.68 -32.14
N SER G 403 6.95 -20.51 -31.53
CA SER G 403 5.91 -19.61 -32.06
C SER G 403 5.18 -18.83 -30.99
N GLU G 404 4.73 -17.64 -31.36
CA GLU G 404 4.05 -16.74 -30.44
C GLU G 404 2.58 -17.12 -30.27
N ILE G 405 2.07 -16.99 -29.04
CA ILE G 405 0.65 -17.16 -28.78
C ILE G 405 0.03 -15.77 -28.56
N MET G 406 -1.26 -15.67 -28.86
CA MET G 406 -2.02 -14.43 -28.69
C MET G 406 -3.52 -14.72 -28.67
N PRO G 407 -4.29 -13.97 -27.86
CA PRO G 407 -5.74 -14.14 -27.90
C PRO G 407 -6.31 -13.63 -29.21
N THR G 408 -7.49 -14.13 -29.56
CA THR G 408 -8.16 -13.81 -30.82
C THR G 408 -9.15 -12.67 -30.61
N GLU G 409 -9.71 -12.15 -31.70
CA GLU G 409 -10.87 -11.26 -31.63
C GLU G 409 -12.10 -12.05 -31.17
N PRO G 410 -13.12 -11.36 -30.63
CA PRO G 410 -14.30 -12.05 -30.11
C PRO G 410 -15.09 -12.84 -31.16
N TYR G 411 -15.56 -14.02 -30.76
CA TYR G 411 -16.49 -14.82 -31.56
C TYR G 411 -17.78 -15.02 -30.81
N LEU G 412 -18.88 -15.06 -31.54
CA LEU G 412 -20.20 -15.27 -30.94
C LEU G 412 -20.74 -16.62 -31.37
N LEU G 413 -20.76 -17.56 -30.42
CA LEU G 413 -21.13 -18.94 -30.70
C LEU G 413 -21.81 -19.61 -29.51
N GLY G 414 -22.51 -20.70 -29.79
CA GLY G 414 -23.24 -21.44 -28.76
C GLY G 414 -22.78 -22.87 -28.55
N SER G 415 -22.16 -23.45 -29.58
CA SER G 415 -21.77 -24.86 -29.54
C SER G 415 -20.43 -25.12 -28.89
N HIS G 416 -19.48 -24.20 -29.10
CA HIS G 416 -18.13 -24.34 -28.57
C HIS G 416 -18.06 -23.84 -27.12
N SER G 417 -16.89 -23.36 -26.72
CA SER G 417 -16.62 -22.97 -25.33
C SER G 417 -17.25 -21.62 -24.97
N GLY G 418 -18.40 -21.34 -25.57
CA GLY G 418 -19.21 -20.16 -25.28
C GLY G 418 -20.68 -20.52 -25.35
N CYS G 419 -21.55 -19.66 -24.83
CA CYS G 419 -22.97 -20.01 -24.69
C CYS G 419 -23.97 -18.92 -25.06
N CYS G 420 -23.65 -18.11 -26.07
CA CYS G 420 -24.58 -17.08 -26.51
C CYS G 420 -25.45 -17.58 -27.65
N GLY G 421 -26.75 -17.32 -27.55
CA GLY G 421 -27.69 -17.75 -28.57
C GLY G 421 -29.15 -17.59 -28.22
N ILE G 422 -29.96 -18.56 -28.63
CA ILE G 422 -31.41 -18.50 -28.51
C ILE G 422 -31.91 -19.34 -27.35
N TRP G 423 -32.92 -18.83 -26.66
CA TRP G 423 -33.58 -19.51 -25.55
C TRP G 423 -34.41 -20.65 -26.11
N ALA G 424 -34.04 -21.87 -25.74
CA ALA G 424 -34.71 -23.09 -26.22
C ALA G 424 -35.30 -23.90 -25.08
N SER G 425 -36.26 -24.76 -25.39
CA SER G 425 -36.96 -25.55 -24.38
C SER G 425 -36.14 -26.73 -23.89
N GLY G 426 -36.38 -27.12 -22.63
CA GLY G 426 -35.86 -28.36 -22.09
C GLY G 426 -36.91 -29.46 -22.22
N PRO G 427 -36.52 -30.73 -21.98
CA PRO G 427 -37.46 -31.85 -22.08
C PRO G 427 -38.52 -31.82 -20.98
N ASP G 428 -39.72 -32.34 -21.26
CA ASP G 428 -40.80 -32.38 -20.27
C ASP G 428 -40.56 -33.46 -19.21
N GLU G 429 -39.64 -33.17 -18.31
CA GLU G 429 -39.24 -34.11 -17.25
C GLU G 429 -39.50 -33.50 -15.88
N ALA G 430 -39.36 -34.32 -14.84
CA ALA G 430 -39.58 -33.87 -13.46
C ALA G 430 -38.42 -33.01 -12.97
N TRP G 431 -37.20 -33.39 -13.37
CA TRP G 431 -35.98 -32.68 -12.98
C TRP G 431 -35.81 -31.32 -13.70
N VAL G 432 -36.51 -31.16 -14.81
CA VAL G 432 -36.56 -29.88 -15.52
C VAL G 432 -37.65 -28.98 -14.90
N PRO G 433 -37.25 -27.76 -14.47
CA PRO G 433 -38.18 -26.73 -13.96
C PRO G 433 -39.13 -26.20 -15.02
N GLU G 434 -40.20 -25.52 -14.59
CA GLU G 434 -41.25 -25.06 -15.51
C GLU G 434 -40.82 -23.89 -16.40
N ASP G 435 -40.06 -22.95 -15.83
CA ASP G 435 -39.56 -21.78 -16.56
C ASP G 435 -38.60 -22.15 -17.68
N TYR G 436 -38.04 -23.35 -17.59
CA TYR G 436 -37.10 -23.90 -18.57
C TYR G 436 -37.82 -24.64 -19.69
N LYS G 437 -39.15 -24.69 -19.61
CA LYS G 437 -39.99 -25.30 -20.63
C LYS G 437 -40.75 -24.23 -21.39
N VAL G 438 -41.08 -24.50 -22.64
CA VAL G 438 -41.89 -23.57 -23.43
C VAL G 438 -43.38 -23.92 -23.36
N ARG G 439 -43.75 -25.08 -23.91
CA ARG G 439 -45.14 -25.55 -24.04
C ARG G 439 -46.04 -24.65 -24.90
N ALA G 440 -46.39 -25.16 -26.09
CA ALA G 440 -47.14 -24.40 -27.09
C ALA G 440 -48.60 -24.21 -26.71
N ALA G 441 -49.39 -23.72 -27.67
CA ALA G 441 -50.82 -23.49 -27.47
C ALA G 441 -51.53 -24.74 -26.92
N ASN G 442 -51.11 -25.91 -27.37
CA ASN G 442 -51.74 -27.18 -26.99
C ASN G 442 -51.28 -27.78 -25.64
N GLY G 443 -50.43 -27.06 -24.93
CA GLY G 443 -49.98 -27.49 -23.60
C GLY G 443 -48.75 -28.39 -23.61
N LYS G 444 -48.44 -28.95 -24.77
CA LYS G 444 -47.28 -29.81 -24.95
C LYS G 444 -45.98 -29.02 -25.03
N VAL G 445 -44.98 -29.46 -24.27
CA VAL G 445 -43.62 -28.92 -24.38
C VAL G 445 -42.72 -29.81 -25.25
N TYR G 446 -42.36 -29.30 -26.42
CA TYR G 446 -41.49 -29.99 -27.36
C TYR G 446 -40.05 -29.56 -27.10
N ASN G 447 -39.14 -30.53 -27.00
CA ASN G 447 -37.75 -30.26 -26.65
C ASN G 447 -37.03 -29.34 -27.64
N ARG G 448 -36.22 -28.44 -27.11
CA ARG G 448 -35.36 -27.52 -27.87
C ARG G 448 -36.08 -26.50 -28.77
N MET G 449 -37.37 -26.30 -28.52
CA MET G 449 -38.13 -25.32 -29.29
C MET G 449 -37.94 -23.92 -28.70
N THR G 450 -37.93 -22.91 -29.56
CA THR G 450 -37.85 -21.53 -29.14
C THR G 450 -39.20 -21.03 -28.66
N THR G 451 -39.25 -19.79 -28.17
CA THR G 451 -40.50 -19.17 -27.76
C THR G 451 -41.44 -18.99 -28.95
N VAL G 452 -40.88 -18.93 -30.15
CA VAL G 452 -41.68 -18.93 -31.38
C VAL G 452 -42.18 -20.33 -31.66
N GLU G 453 -43.51 -20.45 -31.70
CA GLU G 453 -44.19 -21.71 -31.96
C GLU G 453 -43.82 -22.29 -33.34
N GLY G 454 -43.26 -23.50 -33.33
CA GLY G 454 -42.87 -24.19 -34.57
C GLY G 454 -41.44 -23.97 -35.01
N LEU G 455 -40.69 -23.18 -34.24
CA LEU G 455 -39.33 -22.82 -34.59
C LEU G 455 -38.32 -23.44 -33.62
N TRP G 456 -37.49 -24.33 -34.15
CA TRP G 456 -36.42 -24.95 -33.37
C TRP G 456 -35.07 -24.39 -33.76
N THR G 457 -34.08 -24.68 -32.92
CA THR G 457 -32.69 -24.39 -33.22
C THR G 457 -31.80 -25.36 -32.44
N CYS G 458 -30.58 -25.59 -32.94
CA CYS G 458 -29.61 -26.46 -32.27
C CYS G 458 -28.17 -26.02 -32.52
N ALA G 459 -27.25 -26.67 -31.82
CA ALA G 459 -25.81 -26.40 -31.91
C ALA G 459 -25.46 -24.95 -31.52
N ASP G 460 -24.95 -24.18 -32.48
CA ASP G 460 -24.58 -22.79 -32.22
C ASP G 460 -25.79 -21.93 -31.84
N GLY G 461 -26.97 -22.30 -32.35
CA GLY G 461 -28.21 -21.56 -32.10
C GLY G 461 -28.67 -21.51 -30.66
N VAL G 462 -28.69 -22.67 -30.00
CA VAL G 462 -29.14 -22.78 -28.61
C VAL G 462 -28.15 -22.17 -27.62
N GLY G 463 -28.62 -21.19 -26.84
CA GLY G 463 -27.77 -20.45 -25.93
C GLY G 463 -27.80 -20.97 -24.52
N ALA G 464 -26.90 -20.45 -23.69
CA ALA G 464 -26.78 -20.79 -22.26
C ALA G 464 -26.32 -22.24 -22.01
N SER G 465 -26.05 -22.96 -23.08
CA SER G 465 -25.70 -24.37 -23.00
C SER G 465 -24.47 -24.71 -23.85
N GLY G 466 -23.33 -24.17 -23.47
CA GLY G 466 -22.09 -24.36 -24.22
C GLY G 466 -21.45 -25.74 -24.09
N HIS G 467 -20.28 -25.88 -24.70
CA HIS G 467 -19.48 -27.12 -24.71
C HIS G 467 -20.18 -28.33 -25.34
N LYS G 468 -21.04 -28.06 -26.32
CA LYS G 468 -21.70 -29.12 -27.09
C LYS G 468 -20.69 -29.78 -28.01
N PHE G 469 -20.00 -28.94 -28.79
CA PHE G 469 -18.99 -29.36 -29.76
C PHE G 469 -19.55 -30.20 -30.91
N SER G 470 -18.68 -30.59 -31.84
CA SER G 470 -19.05 -31.31 -33.06
C SER G 470 -20.09 -32.41 -32.83
N SER G 471 -19.85 -33.25 -31.83
CA SER G 471 -20.71 -34.38 -31.50
C SER G 471 -22.03 -33.95 -30.84
N GLY G 472 -21.92 -33.03 -29.89
CA GLY G 472 -23.09 -32.48 -29.20
C GLY G 472 -23.97 -31.65 -30.11
N SER G 473 -23.37 -31.04 -31.12
CA SER G 473 -24.12 -30.33 -32.15
C SER G 473 -25.02 -31.31 -32.89
N HIS G 474 -24.41 -32.40 -33.38
CA HIS G 474 -25.11 -33.42 -34.14
C HIS G 474 -26.20 -34.10 -33.30
N ALA G 475 -25.85 -34.45 -32.07
CA ALA G 475 -26.76 -35.09 -31.14
C ALA G 475 -27.99 -34.21 -30.86
N GLU G 476 -27.75 -32.92 -30.67
CA GLU G 476 -28.81 -31.96 -30.41
C GLU G 476 -29.70 -31.78 -31.64
N GLY G 477 -29.08 -31.85 -32.82
CA GLY G 477 -29.81 -31.84 -34.07
C GLY G 477 -30.80 -33.00 -34.11
N ARG G 478 -30.32 -34.19 -33.74
CA ARG G 478 -31.15 -35.39 -33.66
C ARG G 478 -32.37 -35.15 -32.79
N ILE G 479 -32.16 -34.76 -31.53
CA ILE G 479 -33.24 -34.44 -30.60
C ILE G 479 -34.30 -33.57 -31.26
N VAL G 480 -33.86 -32.55 -31.99
CA VAL G 480 -34.75 -31.64 -32.70
C VAL G 480 -35.52 -32.37 -33.80
N GLY G 481 -34.81 -33.18 -34.58
CA GLY G 481 -35.42 -33.93 -35.69
C GLY G 481 -36.66 -34.71 -35.32
N LYS G 482 -36.60 -35.42 -34.19
CA LYS G 482 -37.74 -36.16 -33.65
C LYS G 482 -38.87 -35.20 -33.32
N GLN G 483 -38.62 -34.27 -32.39
CA GLN G 483 -39.62 -33.28 -31.96
C GLN G 483 -40.26 -32.51 -33.13
N MET G 484 -39.54 -32.43 -34.24
CA MET G 484 -40.05 -31.76 -35.43
C MET G 484 -41.13 -32.56 -36.13
N VAL G 485 -40.92 -33.88 -36.18
CA VAL G 485 -41.91 -34.80 -36.75
C VAL G 485 -43.09 -34.93 -35.79
N ARG G 486 -42.79 -35.00 -34.48
CA ARG G 486 -43.82 -34.99 -33.45
C ARG G 486 -44.75 -33.79 -33.65
N TRP G 487 -44.16 -32.61 -33.84
CA TRP G 487 -44.90 -31.37 -34.09
C TRP G 487 -45.86 -31.51 -35.28
N TYR G 488 -45.32 -31.99 -36.40
CA TYR G 488 -46.09 -32.11 -37.63
C TYR G 488 -47.42 -32.79 -37.36
N LEU G 489 -47.37 -34.00 -36.81
CA LEU G 489 -48.55 -34.79 -36.51
C LEU G 489 -49.55 -34.01 -35.67
N ASP G 490 -49.05 -33.28 -34.69
CA ASP G 490 -49.87 -32.53 -33.75
C ASP G 490 -50.45 -31.24 -34.34
N HIS G 491 -49.89 -30.78 -35.46
CA HIS G 491 -50.34 -29.54 -36.08
C HIS G 491 -50.51 -29.71 -37.60
N LYS G 492 -51.05 -30.86 -37.99
CA LYS G 492 -51.21 -31.23 -39.40
C LYS G 492 -52.05 -30.25 -40.20
N ASP G 493 -52.96 -29.55 -39.53
CA ASP G 493 -53.89 -28.62 -40.16
C ASP G 493 -53.18 -27.36 -40.64
N PHE G 494 -52.69 -26.57 -39.68
CA PHE G 494 -51.94 -25.32 -39.89
C PHE G 494 -52.22 -24.51 -41.18
N LYS G 495 -51.57 -24.88 -42.30
CA LYS G 495 -51.60 -24.09 -43.54
C LYS G 495 -51.05 -22.66 -43.34
N PRO G 496 -49.78 -22.43 -43.70
CA PRO G 496 -49.11 -21.16 -43.43
C PRO G 496 -49.53 -20.06 -44.38
N GLU G 497 -49.43 -18.81 -43.91
CA GLU G 497 -49.76 -17.63 -44.72
C GLU G 497 -48.99 -16.40 -44.22
N PHE G 498 -48.48 -15.61 -45.16
CA PHE G 498 -47.67 -14.42 -44.84
C PHE G 498 -48.45 -13.12 -44.96
N VAL G 499 -48.12 -12.18 -44.08
CA VAL G 499 -48.61 -10.80 -44.18
C VAL G 499 -48.10 -10.12 -45.47
N GLU G 500 -46.85 -10.39 -45.83
CA GLU G 500 -46.26 -9.88 -47.07
C GLU G 500 -46.76 -10.70 -48.25
N THR G 501 -47.12 -10.01 -49.34
CA THR G 501 -47.67 -10.65 -50.52
C THR G 501 -46.64 -11.52 -51.25
N ALA G 502 -47.09 -12.19 -52.30
CA ALA G 502 -46.26 -13.06 -53.13
C ALA G 502 -44.84 -12.52 -53.32
N GLU G 503 -44.73 -11.30 -53.85
CA GLU G 503 -43.42 -10.75 -54.16
C GLU G 503 -43.18 -9.30 -53.70
N GLU G 504 -43.69 -8.98 -52.52
CA GLU G 504 -43.13 -7.90 -51.71
C GLU G 504 -41.73 -8.34 -51.32
N LEU G 505 -41.61 -9.64 -51.04
CA LEU G 505 -40.38 -10.27 -50.60
C LEU G 505 -39.29 -10.24 -51.66
N LYS G 506 -39.67 -10.52 -52.91
CA LYS G 506 -38.72 -10.53 -54.02
C LYS G 506 -37.99 -9.18 -54.14
N THR G 507 -38.76 -8.10 -54.12
CA THR G 507 -38.21 -6.75 -54.17
C THR G 507 -37.44 -6.39 -52.89
N LEU G 508 -37.84 -6.99 -51.77
CA LEU G 508 -37.14 -6.80 -50.51
C LEU G 508 -35.74 -7.43 -50.53
N ILE G 509 -35.64 -8.67 -50.99
CA ILE G 509 -34.37 -9.39 -51.04
C ILE G 509 -33.44 -8.76 -52.06
N TYR G 510 -33.97 -8.45 -53.24
CA TYR G 510 -33.18 -7.86 -54.32
C TYR G 510 -33.05 -6.35 -54.24
N ARG G 511 -33.30 -5.79 -53.05
CA ARG G 511 -33.07 -4.37 -52.80
C ARG G 511 -31.65 -3.91 -53.19
N PRO G 512 -30.59 -4.63 -52.73
CA PRO G 512 -29.23 -4.25 -53.13
C PRO G 512 -28.99 -4.23 -54.63
N TYR G 513 -29.71 -5.06 -55.38
CA TYR G 513 -29.59 -5.06 -56.84
C TYR G 513 -30.16 -3.78 -57.45
N TYR G 514 -31.39 -3.44 -57.06
CA TYR G 514 -32.06 -2.23 -57.56
C TYR G 514 -31.29 -0.99 -57.16
N ASN G 515 -30.86 -0.94 -55.90
CA ASN G 515 -29.99 0.13 -55.39
C ASN G 515 -28.82 0.41 -56.32
N TYR G 516 -28.09 -0.63 -56.69
CA TYR G 516 -26.96 -0.48 -57.60
C TYR G 516 -27.44 0.01 -58.95
N GLU G 517 -28.33 -0.76 -59.57
CA GLU G 517 -28.84 -0.46 -60.90
C GLU G 517 -29.31 0.99 -61.01
N LYS G 518 -30.13 1.40 -60.05
CA LYS G 518 -30.70 2.74 -60.00
C LYS G 518 -29.65 3.83 -59.76
N GLY G 519 -28.63 3.52 -58.97
CA GLY G 519 -27.60 4.50 -58.60
C GLY G 519 -26.22 4.34 -59.23
N LYS G 520 -26.09 3.42 -60.19
CA LYS G 520 -24.79 3.14 -60.84
C LYS G 520 -24.30 4.28 -61.73
N GLY G 521 -25.23 5.09 -62.23
CA GLY G 521 -24.91 6.16 -63.18
C GLY G 521 -24.26 7.38 -62.58
N ALA G 522 -24.26 7.47 -61.25
CA ALA G 522 -23.74 8.65 -60.56
C ALA G 522 -22.20 8.71 -60.48
N SER G 523 -21.54 7.60 -60.79
CA SER G 523 -20.08 7.53 -60.67
C SER G 523 -19.43 6.68 -61.76
N THR G 524 -18.17 6.98 -62.05
CA THR G 524 -17.37 6.19 -62.99
C THR G 524 -16.77 4.97 -62.28
N CYS G 525 -16.80 5.01 -60.96
CA CYS G 525 -16.35 3.90 -60.14
C CYS G 525 -17.56 3.32 -59.38
N PRO G 526 -17.71 1.99 -59.42
CA PRO G 526 -18.86 1.33 -58.79
C PRO G 526 -18.80 1.36 -57.26
N VAL G 527 -17.61 1.55 -56.71
CA VAL G 527 -17.40 1.45 -55.26
C VAL G 527 -17.50 2.84 -54.61
N VAL G 528 -16.82 3.82 -55.18
CA VAL G 528 -16.86 5.19 -54.66
C VAL G 528 -18.07 5.91 -55.27
N ASN G 529 -19.22 5.74 -54.63
CA ASN G 529 -20.50 6.23 -55.14
C ASN G 529 -21.39 6.64 -53.97
N PRO G 530 -21.84 7.91 -53.95
CA PRO G 530 -22.59 8.49 -52.83
C PRO G 530 -24.00 7.93 -52.66
N GLU G 531 -24.50 7.24 -53.68
CA GLU G 531 -25.87 6.73 -53.69
C GLU G 531 -26.06 5.47 -52.86
N TYR G 532 -25.01 4.65 -52.79
CA TYR G 532 -25.07 3.38 -52.07
C TYR G 532 -23.77 3.05 -51.32
N ILE G 533 -23.73 1.85 -50.73
CA ILE G 533 -22.57 1.37 -49.99
C ILE G 533 -22.27 -0.09 -50.39
N SER G 534 -20.98 -0.41 -50.52
CA SER G 534 -20.57 -1.76 -50.89
C SER G 534 -20.47 -2.66 -49.66
N PRO G 535 -20.70 -3.98 -49.83
CA PRO G 535 -20.64 -4.90 -48.70
C PRO G 535 -19.29 -4.87 -47.99
N LYS G 536 -18.20 -4.76 -48.76
CA LYS G 536 -16.85 -4.70 -48.21
C LYS G 536 -16.70 -3.47 -47.30
N ASN G 537 -17.14 -2.32 -47.79
CA ASN G 537 -17.10 -1.08 -47.02
C ASN G 537 -18.03 -1.06 -45.81
N PHE G 538 -19.21 -1.64 -45.99
CA PHE G 538 -20.19 -1.74 -44.89
C PHE G 538 -19.64 -2.60 -43.75
N MET G 539 -19.06 -3.74 -44.10
CA MET G 539 -18.53 -4.66 -43.11
C MET G 539 -17.34 -4.04 -42.39
N MET G 540 -16.54 -3.28 -43.15
CA MET G 540 -15.35 -2.63 -42.61
C MET G 540 -15.72 -1.57 -41.59
N ARG G 541 -16.77 -0.82 -41.92
CA ARG G 541 -17.32 0.23 -41.06
C ARG G 541 -17.88 -0.36 -39.76
N LEU G 542 -18.51 -1.52 -39.84
CA LEU G 542 -19.09 -2.19 -38.68
C LEU G 542 -18.01 -2.69 -37.73
N ILE G 543 -17.05 -3.45 -38.25
CA ILE G 543 -15.99 -4.05 -37.42
C ILE G 543 -15.08 -3.01 -36.77
N LYS G 544 -14.92 -1.85 -37.42
CA LYS G 544 -14.21 -0.73 -36.83
C LYS G 544 -14.96 -0.21 -35.61
N CYS G 545 -16.26 -0.01 -35.79
CA CYS G 545 -17.15 0.47 -34.74
C CYS G 545 -17.24 -0.47 -33.54
N THR G 546 -17.41 -1.76 -33.80
CA THR G 546 -17.47 -2.75 -32.73
C THR G 546 -16.12 -2.82 -32.02
N ASP G 547 -15.05 -2.73 -32.80
CA ASP G 547 -13.69 -2.86 -32.30
C ASP G 547 -13.31 -1.78 -31.28
N GLU G 548 -13.68 -0.53 -31.59
CA GLU G 548 -13.30 0.63 -30.78
C GLU G 548 -14.17 0.82 -29.53
N TYR G 549 -15.42 0.37 -29.61
CA TYR G 549 -16.39 0.62 -28.55
C TYR G 549 -16.88 -0.65 -27.85
N GLY G 550 -17.25 -1.66 -28.64
CA GLY G 550 -17.75 -2.93 -28.11
C GLY G 550 -16.69 -3.89 -27.59
N GLY G 551 -15.53 -3.34 -27.21
CA GLY G 551 -14.48 -4.13 -26.59
C GLY G 551 -13.82 -5.17 -27.48
N GLY G 552 -13.24 -4.71 -28.60
CA GLY G 552 -12.46 -5.56 -29.49
C GLY G 552 -11.02 -5.68 -29.03
N VAL G 553 -10.13 -6.09 -29.95
CA VAL G 553 -8.70 -6.22 -29.62
C VAL G 553 -8.01 -4.86 -29.44
N GLY G 554 -8.48 -3.85 -30.16
CA GLY G 554 -7.90 -2.51 -30.09
C GLY G 554 -8.08 -1.80 -28.76
N THR G 555 -8.76 -2.45 -27.82
CA THR G 555 -9.04 -1.87 -26.51
C THR G 555 -8.72 -2.86 -25.39
N TYR G 556 -7.98 -3.92 -25.71
CA TYR G 556 -7.71 -5.02 -24.79
C TYR G 556 -9.00 -5.52 -24.15
N TYR G 557 -10.04 -5.62 -24.98
CA TYR G 557 -11.36 -6.14 -24.61
C TYR G 557 -12.10 -5.29 -23.57
N ASN G 558 -11.66 -4.05 -23.39
CA ASN G 558 -12.30 -3.12 -22.46
C ASN G 558 -13.44 -2.36 -23.11
N THR G 559 -14.53 -2.20 -22.35
CA THR G 559 -15.70 -1.44 -22.76
C THR G 559 -16.40 -0.87 -21.53
N SER G 560 -17.43 -0.04 -21.76
CA SER G 560 -18.21 0.56 -20.69
C SER G 560 -19.48 1.18 -21.28
N LYS G 561 -20.35 1.67 -20.39
CA LYS G 561 -21.56 2.42 -20.76
C LYS G 561 -21.27 3.49 -21.82
N ALA G 562 -20.19 4.25 -21.60
CA ALA G 562 -19.82 5.41 -22.42
C ALA G 562 -19.43 5.04 -23.85
N LEU G 563 -18.53 4.07 -23.99
CA LEU G 563 -18.10 3.60 -25.30
C LEU G 563 -19.26 2.98 -26.05
N LEU G 564 -20.03 2.14 -25.34
CA LEU G 564 -21.16 1.45 -25.93
C LEU G 564 -22.19 2.39 -26.53
N ASP G 565 -22.60 3.41 -25.77
CA ASP G 565 -23.59 4.39 -26.23
C ASP G 565 -23.16 5.11 -27.51
N THR G 566 -21.88 5.48 -27.58
CA THR G 566 -21.29 5.99 -28.83
C THR G 566 -21.34 4.93 -29.92
N GLY G 567 -21.03 3.69 -29.54
CA GLY G 567 -21.14 2.54 -30.44
C GLY G 567 -22.55 2.36 -30.97
N PHE G 568 -23.54 2.50 -30.08
CA PHE G 568 -24.95 2.44 -30.44
C PHE G 568 -25.35 3.61 -31.35
N TRP G 569 -24.82 4.80 -31.06
CA TRP G 569 -25.10 5.98 -31.86
C TRP G 569 -24.61 5.82 -33.30
N LEU G 570 -23.42 5.22 -33.46
CA LEU G 570 -22.85 4.97 -34.77
C LEU G 570 -23.65 3.93 -35.55
N MET G 571 -24.18 2.95 -34.82
CA MET G 571 -24.85 1.80 -35.43
C MET G 571 -26.26 2.06 -35.94
N GLU G 572 -26.99 3.00 -35.31
CA GLU G 572 -28.31 3.37 -35.81
C GLU G 572 -28.21 4.11 -37.14
N MET G 573 -27.11 4.82 -37.34
CA MET G 573 -26.79 5.46 -38.62
C MET G 573 -26.33 4.41 -39.63
N LEU G 574 -25.71 3.35 -39.12
CA LEU G 574 -25.28 2.21 -39.92
C LEU G 574 -26.49 1.37 -40.35
N GLU G 575 -27.45 1.22 -39.44
CA GLU G 575 -28.72 0.55 -39.72
C GLU G 575 -29.49 1.28 -40.81
N GLU G 576 -29.56 2.61 -40.70
CA GLU G 576 -30.19 3.46 -41.72
C GLU G 576 -29.51 3.30 -43.07
N ASP G 577 -28.19 3.19 -43.05
CA ASP G 577 -27.40 3.05 -44.27
C ASP G 577 -27.52 1.67 -44.89
N SER G 578 -27.83 0.67 -44.06
CA SER G 578 -27.96 -0.73 -44.51
C SER G 578 -29.06 -0.88 -45.57
N LEU G 579 -30.07 -0.02 -45.50
CA LEU G 579 -31.12 0.05 -46.52
C LEU G 579 -30.58 0.48 -47.87
N LYS G 580 -29.35 1.02 -47.87
CA LYS G 580 -28.74 1.53 -49.09
C LYS G 580 -27.54 0.70 -49.59
N LEU G 581 -27.45 -0.55 -49.14
CA LEU G 581 -26.43 -1.49 -49.61
C LEU G 581 -26.64 -1.83 -51.10
N ALA G 582 -25.55 -2.08 -51.82
CA ALA G 582 -25.63 -2.39 -53.25
C ALA G 582 -24.93 -3.68 -53.62
N ALA G 583 -25.48 -4.37 -54.61
CA ALA G 583 -24.91 -5.61 -55.13
C ALA G 583 -24.81 -5.58 -56.65
N ARG G 584 -23.61 -5.80 -57.17
CA ARG G 584 -23.34 -5.78 -58.61
C ARG G 584 -23.50 -7.17 -59.25
N ASP G 585 -23.46 -8.20 -58.41
CA ASP G 585 -23.61 -9.59 -58.83
C ASP G 585 -24.20 -10.41 -57.68
N LEU G 586 -24.38 -11.72 -57.90
CA LEU G 586 -24.99 -12.58 -56.87
C LEU G 586 -24.09 -12.80 -55.65
N HIS G 587 -22.78 -12.77 -55.84
CA HIS G 587 -21.84 -12.94 -54.73
C HIS G 587 -21.89 -11.75 -53.78
N GLU G 588 -22.01 -10.55 -54.34
CA GLU G 588 -22.15 -9.33 -53.55
C GLU G 588 -23.47 -9.24 -52.80
N LEU G 589 -24.53 -9.80 -53.40
CA LEU G 589 -25.83 -9.91 -52.74
C LEU G 589 -25.73 -10.85 -51.54
N LEU G 590 -24.93 -11.91 -51.70
CA LEU G 590 -24.62 -12.81 -50.59
C LEU G 590 -23.96 -12.02 -49.48
N ARG G 591 -22.97 -11.19 -49.84
CA ARG G 591 -22.22 -10.40 -48.87
C ARG G 591 -23.06 -9.28 -48.24
N CYS G 592 -23.97 -8.70 -49.02
CA CYS G 592 -24.87 -7.66 -48.52
C CYS G 592 -25.70 -8.15 -47.35
N TRP G 593 -26.36 -9.29 -47.53
CA TRP G 593 -27.23 -9.87 -46.52
C TRP G 593 -26.47 -10.50 -45.35
N GLU G 594 -25.33 -11.11 -45.64
CA GLU G 594 -24.47 -11.66 -44.60
C GLU G 594 -24.01 -10.59 -43.61
N ASN G 595 -23.64 -9.43 -44.14
CA ASN G 595 -23.16 -8.33 -43.31
C ASN G 595 -24.27 -7.65 -42.51
N TYR G 596 -25.49 -7.63 -43.06
CA TYR G 596 -26.64 -7.13 -42.32
C TYR G 596 -26.96 -8.02 -41.12
N HIS G 597 -26.91 -9.33 -41.34
CA HIS G 597 -27.04 -10.31 -40.27
C HIS G 597 -25.95 -10.07 -39.21
N ARG G 598 -24.72 -9.83 -39.66
CA ARG G 598 -23.61 -9.50 -38.76
C ARG G 598 -23.95 -8.31 -37.85
N LEU G 599 -24.48 -7.24 -38.44
CA LEU G 599 -24.85 -6.02 -37.72
C LEU G 599 -25.81 -6.31 -36.57
N TRP G 600 -26.96 -6.90 -36.92
CA TRP G 600 -28.04 -7.18 -35.98
C TRP G 600 -27.57 -8.02 -34.80
N THR G 601 -26.69 -8.99 -35.08
CA THR G 601 -26.15 -9.88 -34.05
C THR G 601 -25.16 -9.17 -33.12
N VAL G 602 -24.14 -8.55 -33.70
CA VAL G 602 -23.10 -7.90 -32.90
C VAL G 602 -23.63 -6.73 -32.06
N ARG G 603 -24.67 -6.07 -32.56
CA ARG G 603 -25.36 -5.03 -31.80
C ARG G 603 -26.06 -5.63 -30.59
N LEU G 604 -26.81 -6.70 -30.80
CA LEU G 604 -27.51 -7.38 -29.70
C LEU G 604 -26.51 -7.83 -28.63
N HIS G 605 -25.37 -8.35 -29.08
CA HIS G 605 -24.27 -8.71 -28.20
C HIS G 605 -23.85 -7.54 -27.33
N MET G 606 -23.86 -6.35 -27.92
CA MET G 606 -23.52 -5.11 -27.22
C MET G 606 -24.67 -4.58 -26.36
N GLN G 607 -25.91 -4.84 -26.80
CA GLN G 607 -27.09 -4.47 -26.02
C GLN G 607 -27.14 -5.27 -24.73
N HIS G 608 -26.81 -6.56 -24.82
CA HIS G 608 -26.77 -7.46 -23.68
C HIS G 608 -25.63 -7.11 -22.75
N ILE G 609 -24.49 -6.77 -23.35
CA ILE G 609 -23.26 -6.44 -22.63
C ILE G 609 -23.42 -5.12 -21.86
N ALA G 610 -24.22 -4.22 -22.43
CA ALA G 610 -24.52 -2.91 -21.83
C ALA G 610 -25.45 -3.06 -20.65
N PHE G 611 -26.32 -4.06 -20.72
CA PHE G 611 -27.31 -4.32 -19.68
C PHE G 611 -26.68 -4.94 -18.43
N ARG G 612 -25.85 -5.97 -18.63
CA ARG G 612 -25.21 -6.65 -17.50
C ARG G 612 -24.13 -5.79 -16.84
N GLU G 613 -24.48 -5.22 -15.69
CA GLU G 613 -23.63 -4.27 -14.98
C GLU G 613 -22.58 -4.95 -14.11
N GLU G 614 -21.90 -5.94 -14.69
CA GLU G 614 -20.74 -6.61 -14.10
C GLU G 614 -19.89 -7.20 -15.22
N SER G 615 -18.65 -7.53 -14.90
CA SER G 615 -17.77 -8.21 -15.84
C SER G 615 -17.71 -9.70 -15.50
N ARG G 616 -18.66 -10.45 -16.07
CA ARG G 616 -18.81 -11.90 -15.80
C ARG G 616 -17.70 -12.72 -16.45
N TYR G 617 -17.20 -12.25 -17.59
CA TYR G 617 -16.16 -12.98 -18.32
C TYR G 617 -14.88 -12.16 -18.41
N PRO G 618 -14.05 -12.18 -17.35
CA PRO G 618 -12.80 -11.44 -17.37
C PRO G 618 -11.78 -12.18 -18.21
N GLY G 619 -11.15 -11.47 -19.14
CA GLY G 619 -10.26 -12.09 -20.09
C GLY G 619 -10.90 -12.11 -21.48
N PHE G 620 -12.23 -12.23 -21.51
CA PHE G 620 -12.97 -12.13 -22.76
C PHE G 620 -13.43 -10.69 -23.00
N TYR G 621 -13.97 -10.08 -21.95
CA TYR G 621 -14.27 -8.64 -21.94
C TYR G 621 -14.34 -8.07 -20.53
N TYR G 622 -14.28 -6.75 -20.42
CA TYR G 622 -14.42 -6.06 -19.15
C TYR G 622 -15.37 -4.88 -19.28
N ARG G 623 -16.17 -4.66 -18.23
CA ARG G 623 -16.88 -3.40 -18.05
C ARG G 623 -16.01 -2.51 -17.16
N ALA G 624 -15.42 -1.47 -17.73
CA ALA G 624 -14.54 -0.55 -16.98
C ALA G 624 -15.29 0.10 -15.82
N ASP G 625 -16.60 0.31 -16.01
CA ASP G 625 -17.47 0.86 -14.98
C ASP G 625 -17.94 -0.18 -13.95
N PHE G 626 -17.68 -1.47 -14.22
CA PHE G 626 -18.10 -2.56 -13.33
C PHE G 626 -17.15 -3.76 -13.40
N LEU G 627 -15.95 -3.59 -12.86
CA LEU G 627 -14.85 -4.57 -12.99
C LEU G 627 -15.12 -5.99 -12.45
N GLY G 628 -15.38 -6.11 -11.14
CA GLY G 628 -15.62 -7.41 -10.52
C GLY G 628 -17.02 -7.92 -10.84
N LEU G 629 -17.28 -9.19 -10.53
CA LEU G 629 -18.61 -9.77 -10.72
C LEU G 629 -19.52 -9.55 -9.51
N ASP G 630 -20.77 -9.18 -9.78
CA ASP G 630 -21.74 -8.92 -8.72
C ASP G 630 -22.74 -10.07 -8.61
N ASP G 631 -22.32 -11.09 -7.88
CA ASP G 631 -23.09 -12.32 -7.72
C ASP G 631 -24.42 -12.11 -7.00
N SER G 632 -24.45 -11.10 -6.13
CA SER G 632 -25.62 -10.81 -5.30
C SER G 632 -26.79 -10.21 -6.08
N LYS G 633 -26.55 -9.85 -7.34
CA LYS G 633 -27.58 -9.24 -8.17
C LYS G 633 -27.58 -9.77 -9.61
N TRP G 634 -26.55 -10.54 -9.98
CA TRP G 634 -26.38 -10.95 -11.37
C TRP G 634 -26.26 -12.46 -11.65
N LYS G 635 -26.53 -13.28 -10.64
CA LYS G 635 -26.62 -14.73 -10.83
C LYS G 635 -27.93 -15.04 -11.60
N CYS G 636 -27.96 -14.65 -12.86
CA CYS G 636 -29.15 -14.80 -13.71
C CYS G 636 -28.78 -14.65 -15.17
N PHE G 637 -29.58 -15.26 -16.05
CA PHE G 637 -29.43 -15.06 -17.48
C PHE G 637 -29.94 -13.67 -17.84
N VAL G 638 -29.35 -13.09 -18.87
CA VAL G 638 -29.88 -11.87 -19.47
C VAL G 638 -30.55 -12.27 -20.77
N ASN G 639 -31.87 -12.22 -20.78
CA ASN G 639 -32.64 -12.57 -21.95
C ASN G 639 -33.15 -11.34 -22.68
N SER G 640 -33.50 -11.49 -23.95
CA SER G 640 -34.06 -10.38 -24.72
C SER G 640 -35.12 -10.86 -25.71
N LYS G 641 -36.13 -10.02 -25.92
CA LYS G 641 -37.19 -10.34 -26.86
C LYS G 641 -37.48 -9.11 -27.72
N TYR G 642 -37.34 -9.27 -29.03
CA TYR G 642 -37.55 -8.18 -29.97
C TYR G 642 -39.01 -8.12 -30.44
N ASP G 643 -39.63 -6.96 -30.28
CA ASP G 643 -40.99 -6.74 -30.78
C ASP G 643 -40.92 -6.23 -32.23
N PRO G 644 -41.34 -7.06 -33.20
CA PRO G 644 -41.27 -6.68 -34.61
C PRO G 644 -42.22 -5.53 -34.98
N ALA G 645 -43.37 -5.45 -34.33
CA ALA G 645 -44.37 -4.41 -34.63
C ALA G 645 -43.91 -3.04 -34.14
N LYS G 646 -43.44 -2.99 -32.89
CA LYS G 646 -42.97 -1.75 -32.28
C LYS G 646 -41.53 -1.40 -32.69
N LYS G 647 -40.82 -2.40 -33.22
CA LYS G 647 -39.41 -2.29 -33.64
C LYS G 647 -38.44 -1.97 -32.49
N GLU G 648 -38.84 -2.26 -31.26
CA GLU G 648 -37.95 -2.07 -30.10
C GLU G 648 -37.63 -3.38 -29.39
N THR G 649 -36.51 -3.39 -28.64
CA THR G 649 -36.01 -4.60 -28.00
C THR G 649 -36.10 -4.52 -26.49
N LYS G 650 -36.72 -5.53 -25.88
CA LYS G 650 -36.82 -5.62 -24.42
C LYS G 650 -35.74 -6.54 -23.85
N ILE G 651 -34.91 -5.99 -22.96
CA ILE G 651 -33.82 -6.73 -22.34
C ILE G 651 -34.09 -6.86 -20.84
N PHE G 652 -34.15 -8.10 -20.36
CA PHE G 652 -34.58 -8.37 -18.99
C PHE G 652 -33.81 -9.52 -18.33
N LYS G 653 -33.90 -9.61 -16.99
CA LYS G 653 -33.29 -10.71 -16.25
C LYS G 653 -34.19 -11.96 -16.25
N LYS G 654 -33.59 -13.10 -16.53
CA LYS G 654 -34.28 -14.40 -16.49
C LYS G 654 -33.58 -15.29 -15.45
N PRO G 655 -34.34 -15.80 -14.47
CA PRO G 655 -33.78 -16.48 -13.30
C PRO G 655 -33.03 -17.78 -13.61
N TYR G 656 -31.96 -18.02 -12.86
CA TYR G 656 -31.16 -19.23 -12.99
C TYR G 656 -31.54 -20.29 -11.97
N TYR G 657 -31.62 -21.54 -12.42
CA TYR G 657 -31.88 -22.68 -11.54
C TYR G 657 -30.65 -23.58 -11.46
N GLN G 658 -30.26 -23.95 -10.25
CA GLN G 658 -29.20 -24.94 -10.04
C GLN G 658 -29.81 -26.33 -9.90
N ILE G 659 -29.42 -27.24 -10.79
CA ILE G 659 -29.91 -28.61 -10.78
C ILE G 659 -28.86 -29.57 -10.22
N ILE G 660 -27.65 -29.51 -10.76
CA ILE G 660 -26.54 -30.32 -10.28
C ILE G 660 -25.95 -29.71 -9.00
N PRO G 661 -25.78 -30.54 -7.94
CA PRO G 661 -25.14 -30.13 -6.67
C PRO G 661 -23.70 -29.62 -6.84
N ASP G 662 -23.03 -29.38 -5.70
CA ASP G 662 -21.67 -28.84 -5.64
C ASP G 662 -21.60 -27.40 -6.17
N PRO H 1 -4.74 -17.44 -49.23
CA PRO H 1 -5.76 -17.63 -50.25
C PRO H 1 -5.32 -18.60 -51.34
N THR H 2 -6.28 -19.15 -52.06
CA THR H 2 -5.99 -20.10 -53.14
C THR H 2 -5.98 -19.44 -54.51
N TYR H 3 -5.16 -19.97 -55.41
CA TYR H 3 -5.08 -19.49 -56.79
C TYR H 3 -5.04 -20.67 -57.77
N VAL H 4 -5.39 -20.40 -59.02
CA VAL H 4 -5.50 -21.45 -60.03
C VAL H 4 -4.37 -21.38 -61.06
N ASP H 5 -3.79 -22.55 -61.37
CA ASP H 5 -2.71 -22.66 -62.35
C ASP H 5 -3.27 -22.89 -63.76
N PRO H 6 -3.15 -21.87 -64.65
CA PRO H 6 -3.76 -21.94 -65.99
C PRO H 6 -3.19 -23.03 -66.90
N SER H 7 -1.98 -23.50 -66.60
CA SER H 7 -1.36 -24.58 -67.34
C SER H 7 -1.77 -25.95 -66.80
N LYS H 8 -2.82 -25.98 -65.98
CA LYS H 8 -3.32 -27.21 -65.36
C LYS H 8 -4.84 -27.27 -65.33
N CYS H 9 -5.46 -26.11 -65.09
CA CYS H 9 -6.92 -26.01 -65.07
C CYS H 9 -7.48 -26.15 -66.49
N ASP H 10 -8.44 -27.05 -66.63
CA ASP H 10 -9.15 -27.22 -67.90
C ASP H 10 -10.63 -26.84 -67.76
N GLY H 11 -10.94 -26.10 -66.70
CA GLY H 11 -12.30 -25.65 -66.41
C GLY H 11 -13.30 -26.76 -66.21
N CYS H 12 -12.82 -27.94 -65.80
CA CYS H 12 -13.64 -29.16 -65.66
C CYS H 12 -14.53 -29.42 -66.89
N LYS H 13 -13.93 -29.32 -68.07
CA LYS H 13 -14.65 -29.49 -69.34
C LYS H 13 -15.20 -30.91 -69.51
N GLY H 14 -16.49 -31.01 -69.77
CA GLY H 14 -17.18 -32.29 -69.90
C GLY H 14 -17.28 -33.08 -68.59
N GLY H 15 -17.11 -32.38 -67.47
CA GLY H 15 -17.18 -33.00 -66.15
C GLY H 15 -18.56 -32.86 -65.53
N GLU H 16 -18.77 -33.54 -64.40
CA GLU H 16 -20.05 -33.49 -63.68
C GLU H 16 -20.46 -32.06 -63.30
N LYS H 17 -19.58 -31.34 -62.59
CA LYS H 17 -19.78 -29.92 -62.30
C LYS H 17 -18.43 -29.21 -62.45
N THR H 18 -18.35 -27.97 -61.95
CA THR H 18 -17.07 -27.33 -61.72
C THR H 18 -16.72 -27.61 -60.26
N ALA H 19 -15.80 -28.54 -60.05
CA ALA H 19 -15.50 -29.08 -58.71
C ALA H 19 -15.20 -28.01 -57.64
N CYS H 20 -14.40 -27.01 -58.01
CA CYS H 20 -14.02 -25.95 -57.08
C CYS H 20 -15.16 -24.99 -56.79
N MET H 21 -15.84 -24.52 -57.83
CA MET H 21 -17.00 -23.65 -57.70
C MET H 21 -18.11 -24.32 -56.91
N TYR H 22 -18.23 -25.63 -57.07
CA TYR H 22 -19.21 -26.43 -56.35
C TYR H 22 -18.92 -26.48 -54.85
N ILE H 23 -17.69 -26.86 -54.50
CA ILE H 23 -17.34 -27.24 -53.13
C ILE H 23 -17.14 -26.07 -52.16
N CYS H 24 -16.72 -24.91 -52.67
CA CYS H 24 -16.32 -23.81 -51.79
C CYS H 24 -17.41 -23.41 -50.80
N PRO H 25 -17.10 -23.47 -49.49
CA PRO H 25 -18.06 -23.10 -48.46
C PRO H 25 -18.38 -21.60 -48.44
N ASN H 26 -17.53 -20.80 -49.08
CA ASN H 26 -17.66 -19.36 -49.02
C ASN H 26 -17.90 -18.72 -50.39
N ASP H 27 -18.30 -19.56 -51.36
CA ASP H 27 -18.64 -19.10 -52.72
C ASP H 27 -17.53 -18.25 -53.36
N LEU H 28 -16.29 -18.63 -53.14
CA LEU H 28 -15.15 -17.86 -53.63
C LEU H 28 -14.70 -18.31 -55.00
N MET H 29 -14.67 -19.63 -55.22
CA MET H 29 -14.25 -20.19 -56.49
C MET H 29 -15.31 -19.98 -57.56
N ILE H 30 -14.88 -19.41 -58.69
CA ILE H 30 -15.77 -19.14 -59.82
C ILE H 30 -15.06 -19.36 -61.16
N LEU H 31 -15.82 -19.78 -62.17
CA LEU H 31 -15.29 -20.13 -63.49
C LEU H 31 -15.54 -19.05 -64.55
N ASP H 32 -14.50 -18.73 -65.32
CA ASP H 32 -14.63 -17.90 -66.51
C ASP H 32 -14.98 -18.81 -67.67
N PRO H 33 -16.21 -18.67 -68.23
CA PRO H 33 -16.66 -19.54 -69.31
C PRO H 33 -15.86 -19.33 -70.59
N GLU H 34 -15.76 -18.08 -71.04
CA GLU H 34 -15.02 -17.72 -72.25
C GLU H 34 -13.60 -18.29 -72.29
N GLU H 35 -12.92 -18.26 -71.14
CA GLU H 35 -11.53 -18.71 -71.05
C GLU H 35 -11.39 -20.16 -70.59
N MET H 36 -12.49 -20.75 -70.11
CA MET H 36 -12.49 -22.08 -69.49
C MET H 36 -11.40 -22.24 -68.42
N LYS H 37 -11.30 -21.23 -67.56
CA LYS H 37 -10.36 -21.20 -66.43
C LYS H 37 -11.08 -20.64 -65.20
N ALA H 38 -10.72 -21.13 -64.02
CA ALA H 38 -11.34 -20.70 -62.77
C ALA H 38 -10.44 -19.78 -61.95
N PHE H 39 -11.04 -19.03 -61.03
CA PHE H 39 -10.28 -18.17 -60.11
C PHE H 39 -11.00 -17.97 -58.77
N ASN H 40 -10.33 -17.28 -57.84
CA ASN H 40 -10.86 -16.94 -56.53
C ASN H 40 -11.27 -15.47 -56.51
N GLN H 41 -12.58 -15.23 -56.47
CA GLN H 41 -13.14 -13.88 -56.67
C GLN H 41 -13.02 -12.93 -55.49
N GLU H 42 -12.66 -13.45 -54.32
CA GLU H 42 -12.54 -12.65 -53.11
C GLU H 42 -11.49 -13.27 -52.17
N PRO H 43 -10.20 -13.04 -52.46
CA PRO H 43 -9.10 -13.70 -51.74
C PRO H 43 -9.05 -13.41 -50.24
N GLU H 44 -9.42 -12.19 -49.86
CA GLU H 44 -9.39 -11.75 -48.46
C GLU H 44 -10.45 -12.43 -47.60
N ALA H 45 -11.27 -13.28 -48.22
CA ALA H 45 -12.32 -14.01 -47.53
C ALA H 45 -12.06 -15.51 -47.51
N CYS H 46 -10.88 -15.90 -47.96
CA CYS H 46 -10.49 -17.31 -47.98
C CYS H 46 -10.07 -17.79 -46.60
N TRP H 47 -10.78 -18.79 -46.09
CA TRP H 47 -10.44 -19.40 -44.81
C TRP H 47 -9.30 -20.40 -44.96
N GLU H 48 -8.84 -20.60 -46.19
CA GLU H 48 -7.72 -21.49 -46.52
C GLU H 48 -7.96 -22.90 -45.96
N CYS H 49 -9.15 -23.43 -46.24
CA CYS H 49 -9.60 -24.72 -45.73
C CYS H 49 -9.20 -25.89 -46.65
N TYR H 50 -8.70 -25.56 -47.84
CA TYR H 50 -8.18 -26.54 -48.80
C TYR H 50 -9.22 -27.50 -49.41
N SER H 51 -10.50 -27.17 -49.22
CA SER H 51 -11.59 -27.96 -49.82
C SER H 51 -11.55 -27.93 -51.36
N CYS H 52 -11.25 -26.77 -51.92
CA CYS H 52 -11.09 -26.62 -53.36
C CYS H 52 -9.82 -27.30 -53.86
N ILE H 53 -8.73 -27.15 -53.10
CA ILE H 53 -7.43 -27.76 -53.42
C ILE H 53 -7.53 -29.29 -53.49
N LYS H 54 -8.32 -29.86 -52.59
CA LYS H 54 -8.51 -31.32 -52.51
C LYS H 54 -9.40 -31.86 -53.63
N ILE H 55 -10.45 -31.11 -53.96
CA ILE H 55 -11.43 -31.58 -54.95
C ILE H 55 -10.97 -31.42 -56.41
N CYS H 56 -10.00 -30.53 -56.66
CA CYS H 56 -9.55 -30.27 -58.03
C CYS H 56 -8.99 -31.52 -58.71
N PRO H 57 -9.69 -31.98 -59.78
CA PRO H 57 -9.27 -33.17 -60.51
C PRO H 57 -7.91 -32.98 -61.19
N GLN H 58 -7.50 -31.73 -61.33
CA GLN H 58 -6.25 -31.40 -62.03
C GLN H 58 -5.09 -31.07 -61.09
N GLY H 59 -5.41 -30.79 -59.82
CA GLY H 59 -4.43 -30.29 -58.87
C GLY H 59 -3.96 -28.91 -59.30
N ALA H 60 -4.88 -28.14 -59.88
CA ALA H 60 -4.57 -26.81 -60.40
C ALA H 60 -4.47 -25.80 -59.26
N ILE H 61 -5.32 -25.99 -58.25
CA ILE H 61 -5.45 -25.04 -57.15
C ILE H 61 -4.36 -25.22 -56.10
N THR H 62 -3.65 -24.13 -55.80
CA THR H 62 -2.61 -24.11 -54.79
C THR H 62 -2.85 -22.90 -53.87
N ALA H 63 -2.20 -22.87 -52.72
CA ALA H 63 -2.36 -21.75 -51.80
C ALA H 63 -1.08 -20.96 -51.61
N ARG H 64 -1.15 -19.67 -51.95
CA ARG H 64 -0.17 -18.70 -51.46
C ARG H 64 -0.72 -18.16 -50.14
N PRO H 65 -0.03 -18.42 -49.02
CA PRO H 65 -0.53 -18.03 -47.71
C PRO H 65 -0.68 -16.51 -47.62
N TYR H 66 -1.67 -16.07 -46.85
CA TYR H 66 -2.04 -14.65 -46.69
C TYR H 66 -0.86 -13.68 -46.76
N ALA H 67 -0.86 -12.85 -47.80
CA ALA H 67 0.29 -12.02 -48.14
C ALA H 67 0.59 -10.87 -47.17
N ASP H 68 -0.35 -10.55 -46.29
CA ASP H 68 -0.17 -9.45 -45.36
C ASP H 68 0.42 -9.87 -44.00
N PHE H 69 0.80 -11.14 -43.86
CA PHE H 69 1.55 -11.59 -42.69
C PHE H 69 2.47 -12.79 -42.90
N ALA H 70 2.25 -13.53 -43.99
CA ALA H 70 3.06 -14.72 -44.27
C ALA H 70 4.08 -14.46 -45.38
N PRO H 71 5.38 -14.70 -45.09
CA PRO H 71 6.46 -14.54 -46.06
C PRO H 71 6.36 -15.49 -47.25
N MET H 72 7.13 -15.20 -48.30
CA MET H 72 7.05 -15.92 -49.56
C MET H 72 7.80 -17.25 -49.53
N GLY H 73 7.48 -18.12 -50.50
CA GLY H 73 8.24 -19.37 -50.70
C GLY H 73 7.83 -20.61 -49.93
N GLY H 74 6.75 -20.53 -49.16
CA GLY H 74 6.28 -21.68 -48.38
C GLY H 74 4.84 -22.06 -48.69
N THR H 75 4.57 -23.36 -48.68
CA THR H 75 3.23 -23.89 -48.95
C THR H 75 3.06 -25.38 -48.59
N CYS H 76 1.81 -25.82 -48.44
CA CYS H 76 1.49 -27.22 -48.17
C CYS H 76 0.63 -27.79 -49.28
N ILE H 77 0.97 -28.99 -49.75
CA ILE H 77 0.21 -29.62 -50.83
C ILE H 77 -0.37 -30.98 -50.40
N PRO H 78 -1.71 -31.11 -50.43
CA PRO H 78 -2.35 -32.38 -50.13
C PRO H 78 -2.50 -33.26 -51.38
N LEU H 79 -2.67 -34.55 -51.13
CA LEU H 79 -2.97 -35.52 -52.17
C LEU H 79 -3.87 -36.56 -51.51
N ARG H 80 -5.18 -36.34 -51.64
CA ARG H 80 -6.17 -37.10 -50.90
C ARG H 80 -6.74 -38.27 -51.70
N GLY H 81 -6.51 -39.48 -51.20
CA GLY H 81 -7.06 -40.68 -51.80
C GLY H 81 -8.44 -40.96 -51.24
N SER H 82 -8.92 -42.19 -51.43
CA SER H 82 -10.25 -42.57 -50.98
C SER H 82 -10.28 -42.95 -49.50
N GLU H 83 -9.16 -43.48 -48.99
CA GLU H 83 -9.09 -43.89 -47.58
C GLU H 83 -7.89 -43.32 -46.79
N ASP H 84 -7.06 -42.50 -47.45
CA ASP H 84 -5.89 -41.87 -46.81
C ASP H 84 -5.44 -40.58 -47.52
N ILE H 85 -4.90 -39.64 -46.74
CA ILE H 85 -4.42 -38.36 -47.28
C ILE H 85 -2.89 -38.22 -47.20
N MET H 86 -2.29 -37.68 -48.27
CA MET H 86 -0.86 -37.43 -48.29
C MET H 86 -0.55 -35.93 -48.25
N TRP H 87 0.18 -35.52 -47.23
CA TRP H 87 0.61 -34.13 -47.09
C TRP H 87 2.10 -34.00 -47.37
N THR H 88 2.47 -32.90 -48.04
CA THR H 88 3.88 -32.56 -48.23
C THR H 88 4.13 -31.05 -48.02
N ILE H 89 4.68 -30.74 -46.85
CA ILE H 89 5.00 -29.38 -46.40
C ILE H 89 6.32 -28.89 -47.02
N LYS H 90 6.26 -27.85 -47.83
CA LYS H 90 7.47 -27.30 -48.45
C LYS H 90 7.81 -25.96 -47.81
N PHE H 91 8.93 -25.93 -47.10
CA PHE H 91 9.35 -24.74 -46.36
C PHE H 91 9.98 -23.66 -47.24
N ARG H 92 10.03 -22.44 -46.71
CA ARG H 92 10.64 -21.30 -47.39
C ARG H 92 12.12 -21.51 -47.68
N ASN H 93 12.83 -22.07 -46.71
CA ASN H 93 14.27 -22.35 -46.83
C ASN H 93 14.63 -23.49 -47.78
N GLY H 94 13.62 -24.24 -48.24
CA GLY H 94 13.85 -25.35 -49.15
C GLY H 94 13.59 -26.72 -48.54
N SER H 95 13.43 -26.77 -47.22
CA SER H 95 13.16 -28.01 -46.51
C SER H 95 11.83 -28.62 -46.92
N VAL H 96 11.73 -29.93 -46.80
CA VAL H 96 10.49 -30.65 -47.10
C VAL H 96 10.19 -31.63 -45.98
N LYS H 97 8.91 -31.71 -45.61
CA LYS H 97 8.42 -32.75 -44.72
C LYS H 97 7.18 -33.36 -45.36
N ARG H 98 7.03 -34.68 -45.21
CA ARG H 98 5.88 -35.40 -45.77
C ARG H 98 5.13 -36.14 -44.67
N PHE H 99 3.82 -36.29 -44.86
CA PHE H 99 2.95 -36.97 -43.90
C PHE H 99 1.90 -37.83 -44.60
N LYS H 100 1.33 -38.78 -43.86
CA LYS H 100 0.31 -39.69 -44.36
C LYS H 100 -0.63 -40.11 -43.23
N PHE H 101 -1.90 -39.69 -43.35
CA PHE H 101 -2.90 -39.98 -42.32
C PHE H 101 -4.12 -40.69 -42.90
N PRO H 102 -4.72 -41.60 -42.12
CA PRO H 102 -6.03 -42.15 -42.49
C PRO H 102 -7.11 -41.08 -42.47
N ILE H 103 -8.06 -41.19 -43.38
CA ILE H 103 -9.20 -40.25 -43.43
C ILE H 103 -10.55 -40.94 -43.30
N ARG H 104 -10.62 -42.18 -43.80
CA ARG H 104 -11.86 -42.95 -43.77
C ARG H 104 -11.58 -44.45 -43.79
N THR H 105 -12.41 -45.22 -43.07
CA THR H 105 -12.26 -46.67 -43.00
C THR H 105 -13.25 -47.43 -43.88
N THR H 106 -14.35 -46.76 -44.25
CA THR H 106 -15.35 -47.36 -45.13
C THR H 106 -15.28 -46.72 -46.51
N PRO H 107 -15.64 -47.47 -47.58
CA PRO H 107 -15.59 -46.89 -48.94
C PRO H 107 -16.51 -45.67 -49.11
N GLU H 108 -16.10 -44.76 -49.99
CA GLU H 108 -16.81 -43.50 -50.18
C GLU H 108 -18.23 -43.73 -50.71
N GLY H 109 -19.21 -43.19 -49.98
CA GLY H 109 -20.61 -43.24 -50.40
C GLY H 109 -21.36 -44.44 -49.87
N SER H 110 -20.68 -45.28 -49.09
CA SER H 110 -21.22 -46.54 -48.63
C SER H 110 -21.73 -46.48 -47.19
N ILE H 111 -22.78 -45.69 -46.96
CA ILE H 111 -23.42 -45.65 -45.66
C ILE H 111 -24.90 -45.99 -45.81
N LYS H 112 -25.31 -47.09 -45.18
CA LYS H 112 -26.72 -47.40 -45.00
C LYS H 112 -27.12 -46.86 -43.62
N PRO H 113 -27.79 -45.70 -43.59
CA PRO H 113 -27.99 -44.95 -42.35
C PRO H 113 -28.89 -45.68 -41.37
N PHE H 114 -29.83 -46.46 -41.89
CA PHE H 114 -30.85 -47.10 -41.08
C PHE H 114 -30.72 -48.63 -41.03
N GLU H 115 -30.32 -49.23 -42.15
CA GLU H 115 -30.20 -50.69 -42.27
C GLU H 115 -29.39 -51.30 -41.13
N GLY H 116 -30.05 -52.15 -40.34
CA GLY H 116 -29.46 -52.77 -39.17
C GLY H 116 -29.69 -52.01 -37.87
N LYS H 117 -30.60 -51.04 -37.91
CA LYS H 117 -30.92 -50.22 -36.73
C LYS H 117 -32.41 -50.35 -36.38
N PRO H 118 -32.75 -50.20 -35.08
CA PRO H 118 -34.14 -50.34 -34.63
C PRO H 118 -35.12 -49.41 -35.35
N GLU H 119 -36.40 -49.80 -35.37
CA GLU H 119 -37.48 -48.95 -35.86
C GLU H 119 -37.77 -47.84 -34.85
N ALA H 120 -38.48 -46.81 -35.29
CA ALA H 120 -38.85 -45.69 -34.43
C ALA H 120 -39.73 -46.14 -33.26
N GLY H 121 -39.39 -45.68 -32.06
CA GLY H 121 -40.14 -46.01 -30.84
C GLY H 121 -41.36 -45.14 -30.62
N ASP H 122 -41.58 -44.75 -29.36
CA ASP H 122 -42.71 -43.89 -29.01
C ASP H 122 -42.37 -42.43 -29.30
N LEU H 123 -43.34 -41.70 -29.85
CA LEU H 123 -43.18 -40.28 -30.15
C LEU H 123 -43.15 -39.41 -28.90
N GLU H 124 -43.78 -39.90 -27.83
CA GLU H 124 -43.99 -39.09 -26.62
C GLU H 124 -42.88 -39.23 -25.58
N ASN H 125 -41.96 -40.17 -25.80
CA ASN H 125 -40.77 -40.29 -24.95
C ASN H 125 -39.64 -39.42 -25.48
N GLU H 126 -38.51 -39.41 -24.78
CA GLU H 126 -37.33 -38.66 -25.22
C GLU H 126 -36.29 -39.55 -25.89
N LEU H 127 -36.70 -40.77 -26.26
CA LEU H 127 -35.79 -41.77 -26.82
C LEU H 127 -35.62 -41.63 -28.32
N LEU H 128 -34.37 -41.42 -28.74
CA LEU H 128 -34.02 -41.46 -30.16
C LEU H 128 -34.13 -42.90 -30.63
N PHE H 129 -34.32 -43.09 -31.93
CA PHE H 129 -34.65 -44.42 -32.48
C PHE H 129 -33.58 -45.49 -32.27
N THR H 130 -32.37 -45.06 -31.95
CA THR H 130 -31.26 -45.99 -31.68
C THR H 130 -31.01 -46.16 -30.18
N GLU H 131 -31.91 -45.61 -29.37
CA GLU H 131 -31.74 -45.65 -27.91
C GLU H 131 -32.77 -46.52 -27.20
N THR H 132 -32.34 -47.17 -26.12
CA THR H 132 -33.22 -48.03 -25.34
C THR H 132 -33.68 -47.34 -24.04
N ALA H 133 -32.73 -46.81 -23.28
CA ALA H 133 -33.05 -46.06 -22.05
C ALA H 133 -32.08 -44.90 -21.81
N LEU H 134 -32.53 -43.90 -21.05
CA LEU H 134 -31.74 -42.68 -20.81
C LEU H 134 -31.41 -42.47 -19.33
N THR H 135 -30.30 -41.75 -19.09
CA THR H 135 -29.87 -41.38 -17.73
C THR H 135 -30.75 -40.27 -17.14
N VAL H 136 -30.89 -40.30 -15.82
CA VAL H 136 -31.57 -39.23 -15.07
C VAL H 136 -30.62 -38.74 -13.96
N PRO H 137 -30.57 -37.41 -13.72
CA PRO H 137 -29.60 -36.83 -12.78
C PRO H 137 -29.51 -37.54 -11.43
N GLN H 138 -28.29 -37.82 -10.99
CA GLN H 138 -28.02 -38.48 -9.71
C GLN H 138 -28.76 -37.81 -8.55
N VAL H 139 -28.62 -36.49 -8.45
CA VAL H 139 -29.38 -35.68 -7.51
C VAL H 139 -29.88 -34.46 -8.26
N ALA H 140 -31.19 -34.20 -8.19
CA ALA H 140 -31.77 -33.09 -8.94
C ALA H 140 -32.51 -32.09 -8.05
N LEU H 141 -31.86 -30.96 -7.77
CA LEU H 141 -32.49 -29.86 -7.08
C LEU H 141 -33.27 -29.01 -8.08
N GLY H 142 -34.07 -28.08 -7.57
CA GLY H 142 -34.81 -27.14 -8.41
C GLY H 142 -34.79 -25.75 -7.80
N GLN H 143 -33.62 -25.37 -7.29
CA GLN H 143 -33.43 -24.11 -6.57
C GLN H 143 -33.40 -22.92 -7.53
N LYS H 144 -34.03 -21.83 -7.12
CA LYS H 144 -34.07 -20.61 -7.94
C LYS H 144 -32.93 -19.66 -7.55
N ALA H 145 -33.06 -18.38 -7.90
CA ALA H 145 -32.08 -17.36 -7.53
C ALA H 145 -32.74 -15.99 -7.31
N GLN H 146 -33.45 -15.51 -8.33
CA GLN H 146 -34.17 -14.21 -8.34
C GLN H 146 -33.59 -13.09 -7.48
N ILE H 147 -32.82 -12.21 -8.12
CA ILE H 147 -32.16 -11.08 -7.45
C ILE H 147 -32.09 -9.85 -8.35
N ALA H 148 -32.89 -8.83 -8.01
CA ALA H 148 -32.96 -7.58 -8.78
C ALA H 148 -33.58 -6.44 -7.98
N ASP H 149 -34.50 -6.79 -7.08
CA ASP H 149 -35.37 -5.82 -6.38
C ASP H 149 -34.66 -4.70 -5.60
N ALA H 150 -33.75 -5.08 -4.70
CA ALA H 150 -32.96 -4.12 -3.93
C ALA H 150 -31.60 -3.91 -4.59
N GLU H 151 -31.47 -2.80 -5.31
CA GLU H 151 -30.28 -2.51 -6.12
C GLU H 151 -28.98 -2.50 -5.32
N THR H 152 -29.04 -1.99 -4.09
CA THR H 152 -27.93 -2.10 -3.16
C THR H 152 -28.50 -2.20 -1.75
N SER H 153 -28.45 -3.41 -1.20
CA SER H 153 -29.10 -3.70 0.08
C SER H 153 -28.41 -3.05 1.28
N GLN H 154 -29.08 -2.02 1.81
CA GLN H 154 -28.77 -1.47 3.11
C GLN H 154 -29.92 -1.91 4.00
N CYS H 155 -29.93 -1.53 5.27
CA CYS H 155 -31.02 -1.92 6.17
C CYS H 155 -31.32 -0.86 7.22
N TRP H 156 -32.54 -0.33 7.17
CA TRP H 156 -32.97 0.70 8.11
C TRP H 156 -34.14 0.17 8.93
N PHE H 157 -33.87 -0.78 9.82
CA PHE H 157 -34.94 -1.45 10.56
C PHE H 157 -34.61 -1.93 11.98
N ASP H 158 -33.33 -1.87 12.37
CA ASP H 158 -32.86 -2.41 13.66
C ASP H 158 -32.80 -3.95 13.69
N LEU H 159 -33.49 -4.57 12.73
CA LEU H 159 -33.44 -6.02 12.53
C LEU H 159 -33.45 -6.36 11.03
N PRO H 160 -32.85 -7.52 10.65
CA PRO H 160 -32.68 -7.99 9.27
C PRO H 160 -33.75 -7.58 8.27
N CYS H 161 -33.31 -7.21 7.07
CA CYS H 161 -34.20 -6.82 5.97
C CYS H 161 -34.62 -8.04 5.13
N GLU H 162 -34.72 -9.20 5.78
CA GLU H 162 -35.15 -10.45 5.14
C GLU H 162 -36.66 -10.66 5.24
N GLY H 163 -37.07 -11.92 5.40
CA GLY H 163 -38.49 -12.30 5.52
C GLY H 163 -39.37 -11.66 4.46
N GLY H 164 -40.02 -10.57 4.83
CA GLY H 164 -40.75 -9.74 3.87
C GLY H 164 -42.10 -10.29 3.45
N ASN H 165 -43.09 -9.41 3.43
CA ASN H 165 -44.46 -9.77 3.06
C ASN H 165 -45.18 -8.57 2.41
N ARG H 166 -44.65 -7.37 2.63
CA ARG H 166 -45.20 -6.14 2.04
C ARG H 166 -45.12 -6.14 0.51
N LYS I 1 -39.40 41.23 40.28
CA LYS I 1 -38.20 41.57 39.46
C LYS I 1 -37.02 40.66 39.83
N ILE I 2 -36.65 40.64 41.11
CA ILE I 2 -35.58 39.77 41.61
C ILE I 2 -35.98 38.29 41.51
N PRO I 3 -35.16 37.47 40.81
CA PRO I 3 -35.53 36.08 40.47
C PRO I 3 -35.78 35.17 41.68
N SER I 4 -35.30 35.56 42.85
CA SER I 4 -35.58 34.80 44.06
C SER I 4 -37.02 35.02 44.52
N LYS I 5 -37.72 35.95 43.84
CA LYS I 5 -39.12 36.24 44.14
C LYS I 5 -40.09 35.58 43.17
N GLU I 6 -39.57 35.10 42.04
CA GLU I 6 -40.40 34.42 41.02
C GLU I 6 -41.13 33.21 41.61
N THR I 7 -42.36 33.00 41.17
CA THR I 7 -43.16 31.86 41.60
C THR I 7 -42.70 30.59 40.88
N PRO I 8 -42.25 29.57 41.65
CA PRO I 8 -41.53 28.39 41.19
C PRO I 8 -42.13 27.53 40.06
N ARG I 9 -43.33 27.87 39.57
CA ARG I 9 -44.00 27.13 38.48
C ARG I 9 -43.88 25.59 38.54
N GLY I 10 -44.89 24.95 39.10
CA GLY I 10 -44.81 23.53 39.42
C GLY I 10 -45.37 23.32 40.80
N VAL I 11 -45.86 22.11 41.06
CA VAL I 11 -46.81 21.83 42.15
C VAL I 11 -46.78 22.78 43.38
N ALA I 12 -45.81 22.60 44.27
CA ALA I 12 -45.76 23.43 45.48
C ALA I 12 -44.49 23.26 46.32
N ILE I 13 -44.36 22.07 46.92
CA ILE I 13 -43.27 21.72 47.85
C ILE I 13 -43.27 22.47 49.19
N ALA I 14 -43.43 21.69 50.26
CA ALA I 14 -43.32 22.13 51.63
C ALA I 14 -42.98 20.88 52.45
N GLU I 15 -42.87 21.04 53.77
CA GLU I 15 -42.67 19.88 54.66
C GLU I 15 -43.68 18.78 54.33
N PRO I 16 -43.19 17.57 54.01
CA PRO I 16 -44.03 16.45 53.56
C PRO I 16 -44.75 15.69 54.68
N ILE I 17 -45.41 14.58 54.31
CA ILE I 17 -46.27 13.84 55.22
C ILE I 17 -45.65 12.55 55.78
N ILE I 18 -45.12 11.69 54.89
CA ILE I 18 -44.83 10.27 55.17
C ILE I 18 -46.13 9.47 55.19
N VAL I 19 -46.26 8.56 54.23
CA VAL I 19 -47.41 7.65 54.18
C VAL I 19 -46.92 6.24 53.87
N GLU I 20 -47.21 5.32 54.78
CA GLU I 20 -46.70 3.95 54.72
C GLU I 20 -47.69 2.95 54.12
N HIS I 21 -47.19 2.10 53.22
CA HIS I 21 -47.98 1.01 52.66
C HIS I 21 -47.25 -0.30 52.86
N SER I 22 -47.85 -1.23 53.59
CA SER I 22 -47.34 -2.59 53.59
C SER I 22 -48.16 -3.41 52.59
N VAL I 23 -47.47 -4.19 51.77
CA VAL I 23 -48.06 -4.85 50.62
C VAL I 23 -47.36 -6.20 50.39
N ASP I 24 -48.01 -7.09 49.64
CA ASP I 24 -47.43 -8.41 49.34
C ASP I 24 -46.66 -8.41 48.03
N LEU I 25 -47.27 -7.81 47.01
CA LEU I 25 -46.66 -7.69 45.70
C LEU I 25 -46.64 -6.22 45.27
N LEU I 26 -45.45 -5.67 45.12
CA LEU I 26 -45.28 -4.29 44.66
C LEU I 26 -44.74 -4.28 43.24
N MET I 27 -45.30 -3.43 42.40
CA MET I 27 -44.82 -3.32 41.03
C MET I 27 -44.47 -1.88 40.68
N VAL I 28 -43.18 -1.59 40.68
CA VAL I 28 -42.67 -0.25 40.39
C VAL I 28 -42.62 -0.06 38.88
N GLY I 29 -43.27 0.99 38.40
CA GLY I 29 -43.35 1.26 36.98
C GLY I 29 -44.62 0.67 36.39
N GLY I 30 -45.16 1.34 35.38
CA GLY I 30 -46.40 0.91 34.73
C GLY I 30 -46.26 0.87 33.22
N GLY I 31 -45.10 0.41 32.76
CA GLY I 31 -44.83 0.33 31.33
C GLY I 31 -45.27 -1.00 30.76
N MET I 32 -44.73 -1.34 29.58
CA MET I 32 -45.06 -2.56 28.88
C MET I 32 -44.77 -3.82 29.71
N GLY I 33 -43.65 -3.80 30.44
CA GLY I 33 -43.27 -4.93 31.29
C GLY I 33 -44.26 -5.20 32.41
N ASN I 34 -44.37 -4.25 33.33
CA ASN I 34 -45.23 -4.40 34.50
C ASN I 34 -46.73 -4.44 34.21
N CYS I 35 -47.12 -4.01 33.01
CA CYS I 35 -48.50 -4.17 32.54
C CYS I 35 -48.83 -5.64 32.30
N GLY I 36 -47.87 -6.39 31.76
CA GLY I 36 -47.99 -7.83 31.62
C GLY I 36 -47.96 -8.52 32.97
N ALA I 37 -47.06 -8.05 33.85
CA ALA I 37 -46.95 -8.57 35.22
C ALA I 37 -48.25 -8.44 36.00
N ALA I 38 -48.93 -7.32 35.81
CA ALA I 38 -50.21 -7.07 36.48
C ALA I 38 -51.28 -8.02 35.97
N PHE I 39 -51.35 -8.15 34.65
CA PHE I 39 -52.34 -8.99 33.99
C PHE I 39 -52.22 -10.44 34.42
N GLU I 40 -51.00 -10.96 34.42
CA GLU I 40 -50.73 -12.34 34.81
C GLU I 40 -50.91 -12.54 36.31
N ALA I 41 -50.30 -11.66 37.11
CA ALA I 41 -50.28 -11.80 38.57
C ALA I 41 -51.66 -11.96 39.19
N VAL I 42 -52.61 -11.12 38.77
CA VAL I 42 -53.98 -11.12 39.32
C VAL I 42 -54.66 -12.48 39.14
N ARG I 43 -54.61 -13.03 37.94
CA ARG I 43 -55.23 -14.33 37.67
C ARG I 43 -54.68 -15.42 38.59
N TRP I 44 -53.37 -15.41 38.81
CA TRP I 44 -52.72 -16.39 39.67
C TRP I 44 -53.07 -16.16 41.15
N ALA I 45 -53.10 -14.89 41.56
CA ALA I 45 -53.42 -14.53 42.95
C ALA I 45 -54.89 -14.75 43.29
N ASP I 46 -55.78 -14.42 42.34
CA ASP I 46 -57.23 -14.65 42.50
C ASP I 46 -57.53 -16.11 42.86
N LYS I 47 -56.82 -17.03 42.19
CA LYS I 47 -56.98 -18.46 42.39
C LYS I 47 -56.33 -18.94 43.69
N TYR I 48 -55.05 -18.65 43.88
CA TYR I 48 -54.24 -19.28 44.93
C TYR I 48 -53.87 -18.42 46.14
N ALA I 49 -54.21 -17.12 46.11
CA ALA I 49 -53.91 -16.21 47.22
C ALA I 49 -54.77 -14.94 47.19
N PRO I 50 -56.07 -15.06 47.56
CA PRO I 50 -57.00 -13.91 47.46
C PRO I 50 -56.69 -12.81 48.48
N GLU I 51 -56.04 -13.17 49.58
CA GLU I 51 -55.69 -12.24 50.66
C GLU I 51 -54.51 -11.33 50.30
N ALA I 52 -53.72 -11.76 49.30
CA ALA I 52 -52.48 -11.08 48.92
C ALA I 52 -52.69 -9.64 48.45
N LYS I 53 -51.99 -8.71 49.10
CA LYS I 53 -52.06 -7.30 48.73
C LYS I 53 -51.15 -7.00 47.52
N ILE I 54 -51.78 -6.66 46.40
CA ILE I 54 -51.05 -6.30 45.17
C ILE I 54 -51.17 -4.80 44.92
N LEU I 55 -50.06 -4.17 44.54
CA LEU I 55 -50.06 -2.74 44.24
C LEU I 55 -49.10 -2.42 43.09
N LEU I 56 -49.51 -1.51 42.22
CA LEU I 56 -48.66 -1.02 41.13
C LEU I 56 -48.54 0.50 41.17
N VAL I 57 -47.31 1.00 41.15
CA VAL I 57 -47.06 2.46 41.16
C VAL I 57 -46.33 2.95 39.90
N ASP I 58 -46.76 4.10 39.37
CA ASP I 58 -46.15 4.69 38.20
C ASP I 58 -45.94 6.19 38.39
N LYS I 59 -44.81 6.70 37.89
CA LYS I 59 -44.50 8.13 37.99
C LYS I 59 -45.37 9.02 37.09
N ALA I 60 -46.09 8.40 36.16
CA ALA I 60 -47.05 9.10 35.32
C ALA I 60 -48.41 8.40 35.38
N SER I 61 -49.27 8.69 34.41
CA SER I 61 -50.56 8.01 34.29
C SER I 61 -50.41 6.80 33.37
N LEU I 62 -50.85 5.64 33.85
CA LEU I 62 -50.76 4.35 33.13
C LEU I 62 -51.18 4.40 31.67
N GLU I 63 -52.30 5.08 31.41
CA GLU I 63 -52.86 5.25 30.08
C GLU I 63 -51.84 5.57 29.00
N ARG I 64 -50.83 6.38 29.32
CA ARG I 64 -49.87 6.85 28.32
C ARG I 64 -48.40 6.82 28.72
N SER I 65 -48.08 6.27 29.89
CA SER I 65 -46.68 6.30 30.36
C SER I 65 -45.77 5.31 29.62
N GLY I 66 -44.49 5.65 29.53
CA GLY I 66 -43.50 4.79 28.88
C GLY I 66 -43.20 5.15 27.45
N ALA I 67 -42.39 4.31 26.80
CA ALA I 67 -41.92 4.55 25.43
C ALA I 67 -43.04 4.51 24.38
N VAL I 68 -44.12 3.82 24.71
CA VAL I 68 -45.25 3.65 23.79
C VAL I 68 -46.29 4.79 23.94
N ALA I 69 -45.84 5.91 24.51
CA ALA I 69 -46.68 7.08 24.76
C ALA I 69 -47.47 7.55 23.54
N GLN I 70 -46.81 7.63 22.39
CA GLN I 70 -47.48 8.02 21.15
C GLN I 70 -47.91 6.80 20.33
N GLY I 71 -47.76 5.61 20.92
CA GLY I 71 -48.00 4.37 20.22
C GLY I 71 -46.82 3.96 19.35
N LEU I 72 -46.99 2.83 18.67
CA LEU I 72 -45.97 2.32 17.74
C LEU I 72 -46.61 1.98 16.40
N SER I 73 -45.79 1.67 15.40
CA SER I 73 -46.31 1.29 14.09
C SER I 73 -46.08 -0.19 13.79
N ALA I 74 -45.33 -0.86 14.67
CA ALA I 74 -45.05 -2.29 14.53
C ALA I 74 -44.87 -3.00 15.86
N ILE I 75 -45.26 -4.27 15.90
CA ILE I 75 -44.78 -5.19 16.91
C ILE I 75 -43.53 -5.82 16.30
N ASN I 76 -42.37 -5.61 16.92
CA ASN I 76 -41.11 -6.08 16.37
C ASN I 76 -40.76 -7.54 16.66
N THR I 77 -41.48 -8.15 17.60
CA THR I 77 -41.26 -9.56 17.91
C THR I 77 -42.54 -10.37 17.87
N TYR I 78 -42.67 -11.15 16.79
CA TYR I 78 -43.75 -12.10 16.59
C TYR I 78 -43.22 -13.25 15.75
N LEU I 79 -43.21 -14.45 16.33
CA LEU I 79 -42.60 -15.61 15.69
C LEU I 79 -43.47 -16.23 14.62
N GLY I 80 -44.69 -16.60 14.99
CA GLY I 80 -45.61 -17.28 14.09
C GLY I 80 -45.01 -18.60 13.60
N ASP I 81 -44.74 -18.66 12.30
CA ASP I 81 -44.18 -19.86 11.67
C ASP I 81 -42.73 -20.10 12.08
N ASN I 82 -42.03 -19.03 12.44
CA ASN I 82 -40.65 -19.11 12.87
C ASN I 82 -40.54 -19.76 14.25
N ASN I 83 -39.47 -20.52 14.46
CA ASN I 83 -39.21 -21.14 15.75
C ASN I 83 -38.21 -20.32 16.59
N ALA I 84 -38.29 -20.48 17.92
CA ALA I 84 -37.49 -19.67 18.83
C ALA I 84 -35.97 -19.85 18.66
N ASP I 85 -35.55 -20.98 18.11
CA ASP I 85 -34.14 -21.24 17.85
C ASP I 85 -33.58 -20.23 16.87
N ASP I 86 -34.28 -20.07 15.73
CA ASP I 86 -33.88 -19.11 14.71
C ASP I 86 -34.03 -17.69 15.22
N TYR I 87 -34.84 -17.51 16.25
CA TYR I 87 -34.98 -16.23 16.92
C TYR I 87 -33.71 -15.90 17.69
N VAL I 88 -33.22 -16.84 18.50
CA VAL I 88 -31.96 -16.68 19.21
C VAL I 88 -30.82 -16.34 18.26
N ARG I 89 -30.66 -17.16 17.23
CA ARG I 89 -29.61 -16.97 16.21
C ARG I 89 -29.54 -15.53 15.66
N MET I 90 -30.70 -14.93 15.37
CA MET I 90 -30.73 -13.60 14.78
C MET I 90 -30.44 -12.52 15.82
N VAL I 91 -30.97 -12.69 17.04
CA VAL I 91 -30.72 -11.74 18.13
C VAL I 91 -29.23 -11.76 18.49
N ARG I 92 -28.67 -12.96 18.56
CA ARG I 92 -27.25 -13.15 18.80
C ARG I 92 -26.40 -12.42 17.76
N THR I 93 -26.70 -12.67 16.49
CA THR I 93 -25.96 -12.06 15.38
C THR I 93 -25.89 -10.54 15.54
N ASP I 94 -27.05 -9.94 15.80
CA ASP I 94 -27.16 -8.47 15.89
C ASP I 94 -26.44 -7.87 17.09
N LEU I 95 -26.38 -8.61 18.20
CA LEU I 95 -25.72 -8.11 19.41
C LEU I 95 -24.29 -8.64 19.57
N MET I 96 -23.65 -8.90 18.44
CA MET I 96 -22.22 -9.26 18.36
C MET I 96 -21.79 -10.49 19.16
N GLY I 97 -22.66 -11.50 19.20
CA GLY I 97 -22.30 -12.81 19.75
C GLY I 97 -22.52 -13.02 21.23
N LEU I 98 -22.34 -11.98 22.03
CA LEU I 98 -22.48 -12.06 23.48
C LEU I 98 -23.90 -11.78 23.93
N VAL I 99 -24.65 -12.84 24.22
CA VAL I 99 -26.05 -12.75 24.67
C VAL I 99 -26.46 -13.91 25.57
N ARG I 100 -27.48 -13.69 26.39
CA ARG I 100 -28.09 -14.73 27.22
C ARG I 100 -29.13 -15.49 26.40
N GLU I 101 -28.70 -16.59 25.80
CA GLU I 101 -29.53 -17.36 24.87
C GLU I 101 -30.70 -18.07 25.54
N ASP I 102 -30.56 -18.41 26.81
CA ASP I 102 -31.65 -19.02 27.58
C ASP I 102 -32.84 -18.07 27.76
N LEU I 103 -32.55 -16.82 28.09
CA LEU I 103 -33.59 -15.79 28.25
C LEU I 103 -34.24 -15.45 26.92
N ILE I 104 -33.42 -15.22 25.89
CA ILE I 104 -33.93 -14.92 24.54
C ILE I 104 -34.85 -16.02 24.03
N TYR I 105 -34.46 -17.28 24.24
CA TYR I 105 -35.29 -18.41 23.83
C TYR I 105 -36.61 -18.40 24.58
N ASP I 106 -36.52 -18.41 25.91
CA ASP I 106 -37.71 -18.46 26.77
C ASP I 106 -38.68 -17.32 26.44
N LEU I 107 -38.12 -16.15 26.16
CA LEU I 107 -38.88 -14.98 25.72
C LEU I 107 -39.69 -15.29 24.46
N GLY I 108 -39.03 -15.90 23.48
CA GLY I 108 -39.63 -16.20 22.18
C GLY I 108 -40.74 -17.24 22.24
N ARG I 109 -40.66 -18.14 23.22
CA ARG I 109 -41.67 -19.19 23.37
C ARG I 109 -42.81 -18.79 24.31
N HIS I 110 -43.06 -17.50 24.40
CA HIS I 110 -44.16 -16.94 25.19
C HIS I 110 -44.76 -15.75 24.45
N VAL I 111 -43.94 -15.13 23.60
CA VAL I 111 -44.23 -13.81 23.03
C VAL I 111 -45.50 -13.70 22.18
N ASP I 112 -45.75 -14.68 21.32
CA ASP I 112 -46.92 -14.63 20.42
C ASP I 112 -48.23 -14.55 21.18
N ASP I 113 -48.28 -15.22 22.33
CA ASP I 113 -49.48 -15.26 23.17
C ASP I 113 -49.94 -13.87 23.58
N SER I 114 -48.99 -13.01 23.92
CA SER I 114 -49.25 -11.61 24.26
C SER I 114 -49.83 -10.87 23.06
N VAL I 115 -49.24 -11.10 21.88
CA VAL I 115 -49.70 -10.50 20.63
C VAL I 115 -51.14 -10.91 20.32
N HIS I 116 -51.43 -12.21 20.46
CA HIS I 116 -52.79 -12.73 20.27
C HIS I 116 -53.79 -12.09 21.23
N LEU I 117 -53.34 -11.88 22.46
CA LEU I 117 -54.13 -11.18 23.48
C LEU I 117 -54.34 -9.70 23.14
N PHE I 118 -53.32 -9.07 22.55
CA PHE I 118 -53.41 -7.66 22.16
C PHE I 118 -54.48 -7.43 21.11
N GLU I 119 -54.53 -8.31 20.10
CA GLU I 119 -55.51 -8.19 19.03
C GLU I 119 -56.92 -8.29 19.61
N GLU I 120 -57.15 -9.32 20.43
CA GLU I 120 -58.45 -9.53 21.07
C GLU I 120 -58.90 -8.31 21.86
N TRP I 121 -57.96 -7.66 22.53
CA TRP I 121 -58.24 -6.46 23.33
C TRP I 121 -58.64 -5.25 22.46
N GLY I 122 -58.39 -5.35 21.16
CA GLY I 122 -58.82 -4.33 20.21
C GLY I 122 -57.72 -3.63 19.44
N LEU I 123 -56.49 -4.14 19.52
CA LEU I 123 -55.37 -3.56 18.78
C LEU I 123 -55.49 -3.91 17.30
N PRO I 124 -55.50 -2.88 16.43
CA PRO I 124 -55.70 -3.08 15.01
C PRO I 124 -54.46 -3.63 14.29
N VAL I 125 -54.33 -4.95 14.25
CA VAL I 125 -53.20 -5.63 13.60
C VAL I 125 -53.50 -5.80 12.11
N TRP I 126 -52.51 -5.52 11.27
CA TRP I 126 -52.62 -5.65 9.81
C TRP I 126 -52.63 -7.11 9.37
N ILE I 127 -53.48 -7.42 8.39
CA ILE I 127 -53.62 -8.76 7.83
C ILE I 127 -53.60 -8.75 6.29
N LYS I 128 -53.05 -9.83 5.70
CA LYS I 128 -53.02 -10.01 4.25
C LYS I 128 -54.36 -10.51 3.69
N ASP I 129 -54.83 -9.86 2.63
CA ASP I 129 -56.09 -10.27 1.99
C ASP I 129 -55.89 -11.43 1.00
N GLU I 130 -56.94 -11.72 0.22
CA GLU I 130 -56.93 -12.82 -0.72
C GLU I 130 -55.92 -12.68 -1.86
N HIS I 131 -55.66 -11.44 -2.29
CA HIS I 131 -54.80 -11.20 -3.46
C HIS I 131 -53.53 -10.41 -3.11
N GLY I 132 -52.78 -10.90 -2.12
CA GLY I 132 -51.49 -10.34 -1.71
C GLY I 132 -51.41 -8.83 -1.55
N HIS I 133 -52.40 -8.26 -0.86
CA HIS I 133 -52.40 -6.83 -0.53
C HIS I 133 -52.69 -6.61 0.96
N ASN I 134 -52.45 -5.39 1.43
CA ASN I 134 -52.52 -5.08 2.84
C ASN I 134 -53.87 -4.57 3.30
N LEU I 135 -54.38 -5.17 4.38
CA LEU I 135 -55.56 -4.67 5.07
C LEU I 135 -55.17 -4.18 6.46
N ASP I 136 -55.64 -3.00 6.83
CA ASP I 136 -55.41 -2.49 8.18
C ASP I 136 -56.31 -3.23 9.19
N GLY I 137 -56.06 -3.01 10.47
CA GLY I 137 -56.76 -3.72 11.53
C GLY I 137 -58.27 -3.57 11.52
N ALA I 138 -58.75 -2.37 11.19
CA ALA I 138 -60.18 -2.07 11.20
C ALA I 138 -60.94 -2.82 10.12
N GLN I 139 -60.37 -2.87 8.92
CA GLN I 139 -61.04 -3.50 7.78
C GLN I 139 -60.89 -5.04 7.74
N ALA I 140 -59.81 -5.55 8.33
CA ALA I 140 -59.59 -7.00 8.45
C ALA I 140 -60.57 -7.64 9.43
N LYS I 141 -60.97 -6.89 10.46
CA LYS I 141 -62.03 -7.30 11.39
C LYS I 141 -63.33 -7.44 10.60
N ALA I 142 -63.61 -6.41 9.79
CA ALA I 142 -64.82 -6.34 8.96
C ALA I 142 -64.79 -7.30 7.76
N ALA I 143 -63.63 -7.91 7.52
CA ALA I 143 -63.48 -8.97 6.53
C ALA I 143 -63.28 -10.33 7.22
N GLY I 144 -63.46 -10.36 8.54
CA GLY I 144 -63.41 -11.58 9.34
C GLY I 144 -62.09 -12.31 9.43
N LYS I 145 -61.00 -11.63 9.07
CA LYS I 145 -59.67 -12.23 9.07
C LYS I 145 -58.78 -11.65 10.18
N SER I 146 -58.17 -12.54 10.97
CA SER I 146 -57.36 -12.13 12.12
C SER I 146 -56.30 -13.17 12.47
N LEU I 147 -55.35 -12.79 13.32
CA LEU I 147 -54.26 -13.68 13.75
C LEU I 147 -54.75 -14.85 14.60
N ARG I 148 -55.73 -14.59 15.46
CA ARG I 148 -56.33 -15.64 16.29
C ARG I 148 -57.06 -16.65 15.41
N ASN I 149 -57.67 -16.14 14.34
CA ASN I 149 -58.35 -16.95 13.33
C ASN I 149 -57.35 -17.67 12.40
N GLY I 150 -56.08 -17.29 12.50
CA GLY I 150 -55.02 -17.81 11.63
C GLY I 150 -55.14 -17.22 10.24
N ASP I 151 -54.40 -16.13 9.99
CA ASP I 151 -54.51 -15.41 8.73
C ASP I 151 -53.21 -14.78 8.20
N LYS I 152 -52.16 -14.78 9.03
CA LYS I 152 -50.82 -14.29 8.64
C LYS I 152 -50.72 -12.76 8.46
N PRO I 153 -49.83 -12.12 9.24
CA PRO I 153 -49.71 -10.65 9.34
C PRO I 153 -49.07 -10.00 8.11
N VAL I 154 -48.95 -8.67 8.12
CA VAL I 154 -48.40 -7.91 6.99
C VAL I 154 -46.87 -7.86 6.97
N ARG I 155 -46.25 -7.84 8.14
CA ARG I 155 -44.88 -8.32 8.33
C ARG I 155 -43.83 -7.86 7.29
N SER I 156 -43.14 -6.75 7.58
CA SER I 156 -42.14 -6.17 6.65
C SER I 156 -40.72 -6.71 6.82
N GLY I 157 -40.60 -7.82 7.54
CA GLY I 157 -39.33 -8.50 7.78
C GLY I 157 -39.63 -9.75 8.57
N ARG I 158 -38.74 -10.73 8.54
CA ARG I 158 -38.97 -12.05 9.14
C ARG I 158 -39.73 -12.07 10.47
N TRP I 159 -39.46 -11.07 11.32
CA TRP I 159 -39.98 -11.08 12.69
C TRP I 159 -41.08 -10.04 12.99
N GLN I 160 -40.91 -8.82 12.49
CA GLN I 160 -41.85 -7.73 12.80
C GLN I 160 -43.20 -7.88 12.09
N ILE I 161 -44.22 -7.19 12.62
CA ILE I 161 -45.58 -7.16 12.03
C ILE I 161 -46.19 -5.76 12.14
N MET I 162 -46.87 -5.30 11.09
CA MET I 162 -47.43 -3.95 11.05
C MET I 162 -48.68 -3.79 11.90
N ILE I 163 -48.81 -2.65 12.57
CA ILE I 163 -50.00 -2.34 13.38
C ILE I 163 -50.45 -0.89 13.23
N ASN I 164 -51.71 -0.64 13.57
CA ASN I 164 -52.22 0.72 13.75
C ASN I 164 -52.18 1.06 15.23
N GLY I 165 -50.98 1.33 15.73
CA GLY I 165 -50.75 1.34 17.15
C GLY I 165 -50.74 2.68 17.85
N GLU I 166 -51.51 3.63 17.35
CA GLU I 166 -51.66 4.92 18.02
C GLU I 166 -52.08 4.72 19.48
N SER I 167 -53.08 3.85 19.68
CA SER I 167 -53.61 3.58 21.01
C SER I 167 -53.04 2.29 21.62
N TYR I 168 -51.84 1.93 21.21
CA TYR I 168 -51.19 0.68 21.66
C TYR I 168 -51.01 0.62 23.18
N LYS I 169 -50.40 1.65 23.76
CA LYS I 169 -50.20 1.68 25.21
C LYS I 169 -51.52 1.76 25.97
N VAL I 170 -52.43 2.60 25.49
CA VAL I 170 -53.74 2.78 26.15
C VAL I 170 -54.54 1.46 26.23
N ILE I 171 -54.48 0.65 25.17
CA ILE I 171 -55.12 -0.67 25.16
C ILE I 171 -54.46 -1.61 26.16
N VAL I 172 -53.14 -1.75 26.07
CA VAL I 172 -52.35 -2.60 26.97
C VAL I 172 -52.52 -2.21 28.44
N ALA I 173 -52.64 -0.90 28.69
CA ALA I 173 -52.80 -0.36 30.03
C ALA I 173 -54.20 -0.64 30.58
N GLU I 174 -55.19 -0.60 29.69
CA GLU I 174 -56.59 -0.84 30.06
C GLU I 174 -56.79 -2.25 30.62
N ALA I 175 -56.17 -3.24 29.97
CA ALA I 175 -56.21 -4.62 30.44
C ALA I 175 -55.62 -4.76 31.85
N ALA I 176 -54.58 -3.99 32.14
CA ALA I 176 -53.94 -4.00 33.45
C ALA I 176 -54.86 -3.41 34.52
N LYS I 177 -55.47 -2.27 34.21
CA LYS I 177 -56.40 -1.61 35.12
C LYS I 177 -57.68 -2.43 35.35
N ASN I 178 -58.19 -3.06 34.28
CA ASN I 178 -59.38 -3.88 34.36
C ASN I 178 -59.19 -5.19 35.13
N ALA I 179 -57.92 -5.54 35.37
CA ALA I 179 -57.58 -6.69 36.20
C ALA I 179 -57.23 -6.27 37.64
N LEU I 180 -56.55 -5.14 37.78
CA LEU I 180 -56.14 -4.62 39.09
C LEU I 180 -57.22 -3.79 39.80
N GLY I 181 -57.97 -3.00 39.02
CA GLY I 181 -58.92 -2.05 39.59
C GLY I 181 -58.17 -0.79 39.99
N GLN I 182 -58.81 0.36 39.80
CA GLN I 182 -58.13 1.64 40.03
C GLN I 182 -57.61 1.86 41.46
N ASP I 183 -58.09 1.05 42.40
CA ASP I 183 -57.67 1.15 43.80
C ASP I 183 -56.46 0.26 44.15
N ARG I 184 -55.91 -0.42 43.15
CA ARG I 184 -54.66 -1.16 43.32
C ARG I 184 -53.56 -0.61 42.42
N ILE I 185 -53.76 0.64 42.00
CA ILE I 185 -52.85 1.40 41.15
C ILE I 185 -52.71 2.82 41.69
N ILE I 186 -51.49 3.22 42.04
CA ILE I 186 -51.24 4.62 42.36
C ILE I 186 -50.39 5.26 41.28
N GLU I 187 -50.86 6.39 40.75
CA GLU I 187 -50.14 7.11 39.73
C GLU I 187 -49.50 8.37 40.32
N ARG I 188 -48.52 8.92 39.60
CA ARG I 188 -47.79 10.13 40.01
C ARG I 188 -46.89 9.95 41.23
N ILE I 189 -46.36 8.74 41.40
CA ILE I 189 -45.42 8.44 42.48
C ILE I 189 -44.09 7.95 41.94
N PHE I 190 -43.05 8.74 42.18
CA PHE I 190 -41.70 8.45 41.74
C PHE I 190 -40.94 7.69 42.81
N ILE I 191 -40.47 6.50 42.48
CA ILE I 191 -39.67 5.69 43.40
C ILE I 191 -38.19 6.04 43.23
N VAL I 192 -37.51 6.26 44.34
CA VAL I 192 -36.13 6.77 44.35
C VAL I 192 -35.10 5.71 44.74
N LYS I 193 -35.40 4.95 45.78
CA LYS I 193 -34.46 4.05 46.41
C LYS I 193 -35.18 2.76 46.83
N LEU I 194 -34.57 1.62 46.54
CA LEU I 194 -35.08 0.34 47.05
C LEU I 194 -34.46 0.05 48.41
N LEU I 195 -35.02 -0.91 49.16
CA LEU I 195 -34.55 -1.18 50.51
C LEU I 195 -34.33 -2.67 50.79
N LEU I 196 -33.23 -2.99 51.46
CA LEU I 196 -32.91 -4.36 51.87
C LEU I 196 -33.58 -4.71 53.19
N ASP I 197 -33.62 -6.00 53.51
CA ASP I 197 -34.16 -6.45 54.80
C ASP I 197 -33.08 -6.41 55.89
N LYS I 198 -33.45 -5.81 57.03
CA LYS I 198 -32.60 -5.67 58.21
C LYS I 198 -32.02 -7.02 58.68
N ASN I 199 -32.84 -8.06 58.60
CA ASN I 199 -32.51 -9.37 59.17
C ASN I 199 -31.95 -10.40 58.20
N THR I 200 -32.77 -10.88 57.26
CA THR I 200 -32.30 -11.87 56.29
C THR I 200 -31.43 -11.19 55.23
N PRO I 201 -30.20 -11.71 55.02
CA PRO I 201 -29.26 -11.11 54.08
C PRO I 201 -29.73 -11.18 52.65
N ASN I 202 -29.30 -10.24 51.81
CA ASN I 202 -29.56 -10.27 50.37
C ASN I 202 -31.04 -10.48 50.02
N ARG I 203 -31.90 -9.68 50.65
CA ARG I 203 -33.35 -9.80 50.46
C ARG I 203 -34.04 -8.44 50.38
N ILE I 204 -34.80 -8.23 49.31
CA ILE I 204 -35.59 -7.01 49.14
C ILE I 204 -36.62 -6.88 50.26
N ALA I 205 -36.89 -5.65 50.67
CA ALA I 205 -37.82 -5.40 51.77
C ALA I 205 -38.78 -4.25 51.49
N GLY I 206 -38.39 -3.34 50.61
CA GLY I 206 -39.27 -2.21 50.29
C GLY I 206 -38.71 -1.18 49.32
N ALA I 207 -39.48 -0.12 49.11
CA ALA I 207 -39.09 0.98 48.24
C ALA I 207 -39.55 2.32 48.81
N VAL I 208 -38.73 3.36 48.63
CA VAL I 208 -39.10 4.72 49.03
C VAL I 208 -39.38 5.54 47.78
N GLY I 209 -40.45 6.33 47.84
CA GLY I 209 -40.78 7.23 46.75
C GLY I 209 -41.40 8.52 47.26
N PHE I 210 -41.81 9.38 46.34
CA PHE I 210 -42.54 10.59 46.70
C PHE I 210 -43.60 10.97 45.68
N ASN I 211 -44.62 11.65 46.17
CA ASN I 211 -45.77 12.06 45.37
C ASN I 211 -45.43 13.30 44.55
N LEU I 212 -45.88 13.31 43.30
CA LEU I 212 -45.66 14.41 42.38
C LEU I 212 -46.82 15.42 42.37
N ARG I 213 -47.90 15.08 43.07
CA ARG I 213 -49.09 15.92 43.11
C ARG I 213 -49.38 16.46 44.51
N ALA I 214 -48.66 15.94 45.51
CA ALA I 214 -48.76 16.40 46.89
C ALA I 214 -47.46 16.13 47.64
N ASN I 215 -47.26 16.84 48.74
CA ASN I 215 -46.08 16.64 49.56
C ASN I 215 -46.21 15.43 50.48
N GLU I 216 -45.89 14.26 49.93
CA GLU I 216 -45.99 12.99 50.64
C GLU I 216 -44.80 12.09 50.31
N VAL I 217 -44.17 11.52 51.35
CA VAL I 217 -43.09 10.56 51.15
C VAL I 217 -43.65 9.15 51.35
N HIS I 218 -43.71 8.39 50.26
CA HIS I 218 -44.29 7.05 50.30
C HIS I 218 -43.24 5.99 50.56
N ILE I 219 -43.46 5.24 51.65
CA ILE I 219 -42.64 4.07 51.98
C ILE I 219 -43.47 2.80 51.81
N PHE I 220 -42.96 1.87 51.01
CA PHE I 220 -43.65 0.62 50.73
C PHE I 220 -42.87 -0.53 51.33
N LYS I 221 -43.55 -1.37 52.10
CA LYS I 221 -42.99 -2.64 52.54
C LYS I 221 -43.57 -3.73 51.64
N ALA I 222 -42.72 -4.65 51.17
CA ALA I 222 -43.13 -5.67 50.21
C ALA I 222 -42.43 -7.02 50.40
N ASN I 223 -43.10 -8.08 49.93
CA ASN I 223 -42.53 -9.43 49.94
C ASN I 223 -41.83 -9.68 48.61
N ALA I 224 -42.57 -9.57 47.51
CA ALA I 224 -42.03 -9.73 46.18
C ALA I 224 -42.30 -8.48 45.38
N MET I 225 -41.30 -7.99 44.65
CA MET I 225 -41.48 -6.78 43.84
C MET I 225 -40.78 -6.82 42.47
N VAL I 226 -41.32 -6.03 41.53
CA VAL I 226 -40.68 -5.83 40.23
C VAL I 226 -40.27 -4.38 40.07
N VAL I 227 -39.11 -4.16 39.46
CA VAL I 227 -38.75 -2.84 38.98
C VAL I 227 -38.60 -2.92 37.47
N ALA I 228 -39.52 -2.28 36.75
CA ALA I 228 -39.46 -2.18 35.30
C ALA I 228 -39.74 -0.73 34.91
N CYS I 229 -38.70 0.09 34.94
CA CYS I 229 -38.87 1.52 34.77
C CYS I 229 -38.17 2.08 33.53
N GLY I 230 -38.07 1.26 32.49
CA GLY I 230 -37.47 1.68 31.23
C GLY I 230 -35.95 1.80 31.26
N GLY I 231 -35.39 2.27 30.16
CA GLY I 231 -33.94 2.40 30.02
C GLY I 231 -33.40 3.73 30.53
N ALA I 232 -32.28 4.16 29.97
CA ALA I 232 -31.66 5.42 30.34
C ALA I 232 -31.35 6.27 29.10
N VAL I 233 -32.06 7.39 28.97
CA VAL I 233 -31.82 8.34 27.88
C VAL I 233 -31.47 9.72 28.42
N ASN I 234 -30.75 10.50 27.60
CA ASN I 234 -30.17 11.78 27.99
C ASN I 234 -29.15 11.66 29.11
N VAL I 235 -28.31 10.63 28.98
CA VAL I 235 -27.12 10.45 29.78
C VAL I 235 -25.92 10.99 28.98
N TYR I 236 -26.10 11.09 27.67
CA TYR I 236 -25.14 11.74 26.79
C TYR I 236 -25.77 12.99 26.18
N ARG I 237 -24.92 13.94 25.77
CA ARG I 237 -25.36 15.17 25.15
C ARG I 237 -25.86 14.91 23.74
N PRO I 238 -27.13 15.23 23.46
CA PRO I 238 -27.74 14.98 22.15
C PRO I 238 -27.34 16.00 21.07
N ARG I 239 -27.81 15.76 19.85
CA ARG I 239 -27.47 16.57 18.67
C ARG I 239 -27.92 18.02 18.76
N SER I 240 -29.11 18.23 19.31
CA SER I 240 -29.64 19.56 19.54
C SER I 240 -29.71 19.80 21.05
N VAL I 241 -29.10 20.89 21.51
CA VAL I 241 -28.91 21.13 22.95
C VAL I 241 -29.80 22.22 23.57
N GLY I 242 -30.51 22.97 22.73
CA GLY I 242 -31.48 23.96 23.20
C GLY I 242 -32.75 23.27 23.64
N GLU I 243 -33.87 23.65 23.02
CA GLU I 243 -35.14 22.96 23.24
C GLU I 243 -35.04 21.50 22.79
N GLY I 244 -34.35 21.28 21.67
CA GLY I 244 -34.26 19.97 21.03
C GLY I 244 -33.77 18.85 21.93
N MET I 245 -33.39 19.20 23.15
CA MET I 245 -32.99 18.23 24.16
C MET I 245 -34.12 17.25 24.47
N GLY I 246 -35.35 17.72 24.32
CA GLY I 246 -36.54 16.89 24.51
C GLY I 246 -36.75 15.89 23.39
N ARG I 247 -36.14 16.18 22.24
CA ARG I 247 -36.24 15.32 21.06
C ARG I 247 -35.09 14.31 21.04
N ALA I 248 -35.24 13.26 21.83
CA ALA I 248 -34.37 12.09 21.79
C ALA I 248 -35.17 10.96 21.16
N TRP I 249 -34.49 9.96 20.61
CA TRP I 249 -35.19 8.82 20.02
C TRP I 249 -36.00 8.07 21.08
N TYR I 250 -35.30 7.51 22.06
CA TYR I 250 -35.94 6.86 23.21
C TYR I 250 -36.49 7.96 24.13
N PRO I 251 -37.57 7.65 24.90
CA PRO I 251 -38.28 8.67 25.68
C PRO I 251 -37.37 9.48 26.59
N VAL I 252 -37.43 10.80 26.45
CA VAL I 252 -36.55 11.74 27.16
C VAL I 252 -36.68 11.66 28.69
N TRP I 253 -37.70 10.96 29.17
CA TRP I 253 -37.94 10.83 30.60
C TRP I 253 -37.30 9.59 31.27
N ASN I 254 -36.68 8.72 30.48
CA ASN I 254 -35.99 7.56 31.02
C ASN I 254 -34.68 7.94 31.69
N ALA I 255 -34.68 7.90 33.03
CA ALA I 255 -33.53 8.32 33.82
C ALA I 255 -32.60 7.17 34.21
N GLY I 256 -32.96 5.95 33.78
CA GLY I 256 -32.23 4.75 34.17
C GLY I 256 -32.42 4.47 35.64
N SER I 257 -33.66 4.55 36.10
CA SER I 257 -34.01 4.25 37.47
C SER I 257 -33.91 2.75 37.71
N THR I 258 -34.38 1.97 36.74
CA THR I 258 -34.34 0.50 36.83
C THR I 258 -32.95 0.01 37.17
N TYR I 259 -31.95 0.59 36.49
CA TYR I 259 -30.57 0.15 36.66
C TYR I 259 -29.95 0.57 37.99
N THR I 260 -30.13 1.82 38.39
CA THR I 260 -29.48 2.32 39.60
C THR I 260 -30.14 1.85 40.89
N MET I 261 -31.47 1.75 40.88
CA MET I 261 -32.21 1.29 42.05
C MET I 261 -31.83 -0.14 42.43
N CYS I 262 -31.62 -0.98 41.41
CA CYS I 262 -31.25 -2.37 41.61
C CYS I 262 -29.76 -2.56 41.86
N ALA I 263 -28.92 -1.86 41.09
CA ALA I 263 -27.48 -1.92 41.27
C ALA I 263 -27.08 -1.54 42.70
N GLN I 264 -27.71 -0.49 43.24
CA GLN I 264 -27.44 0.00 44.59
C GLN I 264 -27.78 -0.99 45.69
N VAL I 265 -28.72 -1.87 45.39
CA VAL I 265 -29.26 -2.81 46.37
C VAL I 265 -28.45 -4.12 46.43
N GLY I 266 -27.58 -4.32 45.44
CA GLY I 266 -26.70 -5.48 45.43
C GLY I 266 -27.06 -6.47 44.34
N ALA I 267 -27.96 -6.07 43.45
CA ALA I 267 -28.32 -6.89 42.30
C ALA I 267 -27.15 -6.92 41.34
N GLU I 268 -26.86 -8.11 40.80
CA GLU I 268 -25.77 -8.26 39.85
C GLU I 268 -26.19 -7.69 38.51
N MET I 269 -25.38 -6.78 37.98
CA MET I 269 -25.64 -6.15 36.68
C MET I 269 -24.85 -6.88 35.60
N THR I 270 -25.37 -6.87 34.37
CA THR I 270 -24.71 -7.53 33.26
C THR I 270 -24.71 -6.69 31.98
N MET I 271 -23.62 -6.80 31.22
CA MET I 271 -23.46 -6.17 29.90
C MET I 271 -23.78 -4.67 29.87
N MET I 272 -23.43 -3.97 30.95
CA MET I 272 -23.64 -2.52 31.06
C MET I 272 -22.79 -1.71 30.09
N GLU I 273 -21.81 -2.36 29.47
CA GLU I 273 -20.98 -1.72 28.45
C GLU I 273 -21.73 -1.56 27.12
N ASN I 274 -22.80 -2.33 26.95
CA ASN I 274 -23.59 -2.27 25.73
C ASN I 274 -24.41 -0.99 25.66
N ARG I 275 -24.36 -0.36 24.49
CA ARG I 275 -25.19 0.80 24.20
C ARG I 275 -25.94 0.57 22.89
N PHE I 276 -26.80 1.52 22.52
CA PHE I 276 -27.52 1.44 21.26
C PHE I 276 -27.60 2.81 20.61
N VAL I 277 -26.89 2.97 19.50
CA VAL I 277 -26.94 4.23 18.75
C VAL I 277 -27.44 3.98 17.32
N PRO I 278 -28.76 4.09 17.14
CA PRO I 278 -29.42 3.90 15.85
C PRO I 278 -29.20 5.05 14.87
N ALA I 279 -29.52 4.79 13.60
CA ALA I 279 -29.47 5.81 12.57
C ALA I 279 -30.89 6.21 12.19
N ARG I 280 -31.19 7.49 12.38
CA ARG I 280 -32.52 8.03 12.08
C ARG I 280 -32.38 9.30 11.26
N PHE I 281 -33.50 9.80 10.75
CA PHE I 281 -33.52 11.12 10.12
C PHE I 281 -32.97 12.15 11.11
N LYS I 282 -32.17 13.08 10.61
CA LYS I 282 -31.47 14.04 11.48
C LYS I 282 -32.43 14.91 12.29
N ASP I 283 -32.06 15.16 13.53
CA ASP I 283 -32.79 16.06 14.45
C ASP I 283 -34.08 15.49 15.03
N GLY I 284 -35.04 15.15 14.16
CA GLY I 284 -36.34 14.63 14.59
C GLY I 284 -36.32 13.18 15.03
N TYR I 285 -35.36 12.41 14.50
CA TYR I 285 -35.18 10.98 14.83
C TYR I 285 -36.32 10.04 14.41
N GLY I 286 -36.95 10.32 13.27
CA GLY I 286 -38.01 9.45 12.75
C GLY I 286 -37.50 8.17 12.10
N PRO I 287 -38.38 7.16 11.96
CA PRO I 287 -38.02 5.89 11.32
C PRO I 287 -37.75 6.07 9.84
N VAL I 288 -36.78 5.31 9.33
CA VAL I 288 -36.38 5.41 7.92
C VAL I 288 -36.89 4.21 7.11
N GLY I 289 -37.27 3.15 7.81
CA GLY I 289 -37.70 1.89 7.21
C GLY I 289 -38.75 1.97 6.12
N ALA I 290 -39.91 2.54 6.46
CA ALA I 290 -41.04 2.66 5.53
C ALA I 290 -40.61 3.23 4.18
N TRP I 291 -39.86 4.33 4.22
CA TRP I 291 -39.45 5.04 3.00
C TRP I 291 -38.43 4.27 2.18
N PHE I 292 -37.65 3.42 2.87
CA PHE I 292 -36.62 2.63 2.23
C PHE I 292 -37.17 1.49 1.37
N LEU I 293 -38.14 0.74 1.91
CA LEU I 293 -38.65 -0.44 1.19
C LEU I 293 -39.89 -0.20 0.34
N LEU I 294 -40.66 0.83 0.65
CA LEU I 294 -41.86 1.13 -0.15
C LEU I 294 -41.52 1.86 -1.45
N PHE I 295 -40.36 2.51 -1.49
CA PHE I 295 -39.99 3.36 -2.63
C PHE I 295 -38.57 3.12 -3.15
N LYS I 296 -37.87 2.18 -2.51
CA LYS I 296 -36.51 1.75 -2.90
C LYS I 296 -35.43 2.81 -2.67
N ALA I 297 -35.82 3.94 -2.06
CA ALA I 297 -34.89 5.03 -1.74
C ALA I 297 -33.79 4.54 -0.81
N LYS I 298 -32.56 5.00 -1.03
CA LYS I 298 -31.44 4.61 -0.19
C LYS I 298 -30.51 5.77 0.14
N ALA I 299 -29.70 5.58 1.18
CA ALA I 299 -28.79 6.61 1.66
C ALA I 299 -27.55 6.71 0.76
N THR I 300 -27.10 7.94 0.55
CA THR I 300 -26.01 8.24 -0.37
C THR I 300 -25.18 9.42 0.14
N ASN I 301 -23.86 9.27 0.07
CA ASN I 301 -22.95 10.35 0.47
C ASN I 301 -22.96 11.50 -0.55
N CYS I 302 -22.05 12.45 -0.38
CA CYS I 302 -22.01 13.65 -1.21
C CYS I 302 -21.56 13.39 -2.65
N LYS I 303 -20.79 12.32 -2.84
CA LYS I 303 -20.32 11.92 -4.17
C LYS I 303 -21.43 11.29 -5.00
N GLY I 304 -22.45 10.78 -4.32
CA GLY I 304 -23.59 10.17 -4.99
C GLY I 304 -23.60 8.66 -4.91
N GLU I 305 -22.58 8.10 -4.25
CA GLU I 305 -22.38 6.64 -4.21
C GLU I 305 -22.98 6.00 -2.95
N ASP I 306 -23.38 4.72 -3.09
CA ASP I 306 -23.84 3.92 -1.98
C ASP I 306 -22.67 3.52 -1.10
N TYR I 307 -22.63 4.06 0.12
CA TYR I 307 -21.47 3.90 1.01
C TYR I 307 -21.31 2.50 1.61
N CYS I 308 -22.39 1.71 1.58
CA CYS I 308 -22.33 0.32 2.05
C CYS I 308 -21.57 -0.57 1.08
N ALA I 309 -21.74 -0.30 -0.21
CA ALA I 309 -20.98 -0.99 -1.25
C ALA I 309 -19.50 -0.62 -1.17
N THR I 310 -19.21 0.68 -1.22
CA THR I 310 -17.82 1.16 -1.26
C THR I 310 -17.00 0.84 -0.01
N ASN I 311 -17.63 0.86 1.16
CA ASN I 311 -16.93 0.57 2.42
C ASN I 311 -17.08 -0.88 2.90
N ARG I 312 -17.56 -1.74 2.00
CA ARG I 312 -17.74 -3.17 2.27
C ARG I 312 -16.48 -3.84 2.82
N ALA I 313 -15.33 -3.38 2.34
CA ALA I 313 -14.03 -3.92 2.75
C ALA I 313 -13.82 -3.92 4.27
N MET I 314 -14.41 -2.94 4.96
CA MET I 314 -14.28 -2.79 6.41
C MET I 314 -14.90 -3.93 7.20
N LEU I 315 -15.81 -4.67 6.57
CA LEU I 315 -16.52 -5.77 7.23
C LEU I 315 -15.73 -7.08 7.22
N LYS I 316 -14.81 -7.21 6.26
CA LYS I 316 -14.01 -8.44 6.11
C LYS I 316 -13.42 -9.00 7.41
N PRO I 317 -12.73 -8.17 8.22
CA PRO I 317 -12.18 -8.70 9.47
C PRO I 317 -13.22 -9.37 10.36
N TYR I 318 -14.48 -8.92 10.24
CA TYR I 318 -15.55 -9.41 11.11
C TYR I 318 -16.24 -10.67 10.59
N GLU I 319 -16.46 -10.74 9.27
CA GLU I 319 -17.03 -11.95 8.66
C GLU I 319 -16.00 -13.09 8.55
N GLU I 320 -14.71 -12.74 8.62
CA GLU I 320 -13.64 -13.71 8.77
C GLU I 320 -13.75 -14.48 10.08
N ARG I 321 -14.13 -13.78 11.15
CA ARG I 321 -14.34 -14.39 12.46
C ARG I 321 -15.80 -14.80 12.64
N GLY I 322 -16.57 -14.72 11.55
CA GLY I 322 -17.94 -15.19 11.48
C GLY I 322 -18.95 -14.39 12.27
N TYR I 323 -19.03 -13.08 11.98
CA TYR I 323 -19.96 -12.18 12.67
C TYR I 323 -20.94 -11.50 11.72
N ALA I 324 -20.70 -11.64 10.41
CA ALA I 324 -21.55 -11.02 9.40
C ALA I 324 -22.24 -12.08 8.54
N LYS I 325 -21.67 -12.36 7.36
CA LYS I 325 -22.22 -13.31 6.39
C LYS I 325 -23.29 -12.70 5.47
N GLY I 326 -22.87 -12.23 4.30
CA GLY I 326 -23.73 -11.79 3.18
C GLY I 326 -24.98 -10.99 3.49
N HIS I 327 -24.89 -9.66 3.32
CA HIS I 327 -25.97 -8.70 3.65
C HIS I 327 -26.80 -9.01 4.93
N VAL I 328 -26.19 -9.71 5.88
CA VAL I 328 -26.73 -9.85 7.23
C VAL I 328 -25.66 -9.30 8.17
N ILE I 329 -25.76 -8.02 8.48
CA ILE I 329 -24.75 -7.30 9.24
C ILE I 329 -25.39 -6.74 10.50
N PRO I 330 -24.75 -6.94 11.66
CA PRO I 330 -25.18 -6.30 12.90
C PRO I 330 -25.34 -4.80 12.71
N THR I 331 -26.41 -4.25 13.29
CA THR I 331 -26.75 -2.83 13.13
C THR I 331 -25.60 -1.90 13.52
N CYS I 332 -24.82 -2.32 14.52
CA CYS I 332 -23.66 -1.56 14.96
C CYS I 332 -22.62 -1.41 13.84
N LEU I 333 -22.38 -2.50 13.11
CA LEU I 333 -21.43 -2.49 12.00
C LEU I 333 -21.94 -1.69 10.80
N ARG I 334 -23.26 -1.51 10.72
CA ARG I 334 -23.86 -0.81 9.60
C ARG I 334 -23.63 0.69 9.68
N ASN I 335 -23.66 1.25 10.88
CA ASN I 335 -23.30 2.64 11.04
C ASN I 335 -21.80 2.85 11.33
N HIS I 336 -21.07 1.74 11.45
CA HIS I 336 -19.60 1.76 11.51
C HIS I 336 -19.03 2.15 10.15
N MET I 337 -19.65 1.64 9.08
CA MET I 337 -19.29 1.99 7.71
C MET I 337 -19.72 3.43 7.41
N MET I 338 -20.84 3.83 8.03
CA MET I 338 -21.38 5.18 7.88
C MET I 338 -20.49 6.22 8.54
N LEU I 339 -19.93 5.87 9.70
CA LEU I 339 -19.03 6.76 10.45
C LEU I 339 -17.75 7.10 9.67
N ARG I 340 -17.31 6.18 8.82
CA ARG I 340 -16.17 6.43 7.94
C ARG I 340 -16.44 7.62 7.01
N GLU I 341 -17.65 7.66 6.45
CA GLU I 341 -18.05 8.73 5.54
C GLU I 341 -18.15 10.08 6.25
N MET I 342 -18.73 10.06 7.45
CA MET I 342 -18.88 11.27 8.27
C MET I 342 -17.54 11.79 8.77
N ARG I 343 -16.75 10.88 9.32
CA ARG I 343 -15.45 11.20 9.93
C ARG I 343 -14.48 11.82 8.91
N GLU I 344 -14.78 11.68 7.63
CA GLU I 344 -13.92 12.23 6.58
C GLU I 344 -14.59 13.22 5.64
N GLY I 345 -15.64 13.88 6.13
CA GLY I 345 -16.29 14.98 5.42
C GLY I 345 -16.97 14.65 4.10
N ARG I 346 -17.08 13.37 3.78
CA ARG I 346 -17.82 12.94 2.59
C ARG I 346 -19.34 12.94 2.82
N GLY I 347 -19.78 13.58 3.90
CA GLY I 347 -21.19 13.78 4.18
C GLY I 347 -21.75 14.98 3.42
N PRO I 348 -23.06 15.25 3.59
CA PRO I 348 -23.97 14.56 4.51
C PRO I 348 -24.59 13.30 3.90
N ILE I 349 -24.91 12.34 4.76
CA ILE I 349 -25.60 11.12 4.34
C ILE I 349 -27.06 11.48 4.04
N TYR I 350 -27.40 11.47 2.76
CA TYR I 350 -28.68 11.98 2.31
C TYR I 350 -29.53 10.85 1.73
N MET I 351 -30.85 10.97 1.91
CA MET I 351 -31.77 9.94 1.47
C MET I 351 -32.76 10.55 0.47
N ASP I 352 -32.36 10.58 -0.80
CA ASP I 352 -33.11 11.25 -1.85
C ASP I 352 -34.48 10.61 -2.09
N THR I 353 -35.49 11.14 -1.40
CA THR I 353 -36.87 10.68 -1.58
C THR I 353 -37.48 11.31 -2.83
N LYS I 354 -37.07 12.55 -3.13
CA LYS I 354 -37.56 13.31 -4.29
C LYS I 354 -37.61 12.50 -5.58
N THR I 355 -36.49 11.87 -5.95
CA THR I 355 -36.40 11.12 -7.20
C THR I 355 -36.90 9.69 -7.08
N ALA I 356 -36.63 9.06 -5.94
CA ALA I 356 -37.06 7.69 -5.67
C ALA I 356 -38.58 7.55 -5.64
N LEU I 357 -39.26 8.62 -5.24
CA LEU I 357 -40.72 8.66 -5.26
C LEU I 357 -41.26 8.76 -6.69
N GLN I 358 -40.81 9.78 -7.42
CA GLN I 358 -41.37 10.10 -8.75
C GLN I 358 -41.22 8.98 -9.79
N THR I 359 -40.15 8.18 -9.66
CA THR I 359 -39.97 7.01 -10.52
C THR I 359 -40.97 5.91 -10.17
N SER I 360 -41.13 5.67 -8.87
CA SER I 360 -42.10 4.68 -8.39
C SER I 360 -43.52 5.26 -8.25
N PHE I 361 -43.73 6.42 -8.88
CA PHE I 361 -45.05 7.07 -8.89
C PHE I 361 -45.65 7.11 -10.30
N ALA I 362 -44.78 7.26 -11.31
CA ALA I 362 -45.21 7.26 -12.71
C ALA I 362 -45.62 5.87 -13.20
N THR I 363 -45.08 4.84 -12.56
CA THR I 363 -45.44 3.45 -12.86
C THR I 363 -46.41 2.88 -11.81
N MET I 364 -47.33 3.74 -11.36
CA MET I 364 -48.27 3.41 -10.28
C MET I 364 -49.51 4.29 -10.36
N SER I 365 -50.68 3.66 -10.18
CA SER I 365 -51.97 4.36 -10.27
C SER I 365 -52.14 5.46 -9.21
N PRO I 366 -52.70 6.62 -9.61
CA PRO I 366 -52.90 7.78 -8.72
C PRO I 366 -53.58 7.46 -7.38
N ALA I 367 -54.34 6.38 -7.33
CA ALA I 367 -54.98 5.93 -6.09
C ALA I 367 -54.04 5.03 -5.29
N GLN I 368 -53.29 4.19 -5.98
CA GLN I 368 -52.30 3.32 -5.36
C GLN I 368 -51.08 4.14 -4.92
N GLN I 369 -51.03 5.39 -5.39
CA GLN I 369 -50.07 6.39 -4.90
C GLN I 369 -50.43 6.83 -3.49
N LYS I 370 -51.64 7.39 -3.35
CA LYS I 370 -52.12 7.95 -2.08
C LYS I 370 -52.23 6.91 -0.95
N HIS I 371 -52.33 5.64 -1.32
CA HIS I 371 -52.44 4.58 -0.32
C HIS I 371 -51.08 4.21 0.27
N LEU I 372 -50.04 4.18 -0.56
CA LEU I 372 -48.68 3.93 -0.09
C LEU I 372 -48.08 5.15 0.58
N GLU I 373 -48.40 6.32 0.03
CA GLU I 373 -47.98 7.60 0.61
C GLU I 373 -48.51 7.72 2.06
N ALA I 374 -49.76 7.32 2.26
CA ALA I 374 -50.43 7.45 3.56
C ALA I 374 -49.89 6.50 4.63
N GLU I 375 -49.51 5.29 4.23
CA GLU I 375 -48.99 4.32 5.18
C GLU I 375 -47.52 4.57 5.51
N ALA I 376 -46.84 5.28 4.60
CA ALA I 376 -45.46 5.72 4.83
C ALA I 376 -45.45 6.87 5.82
N TRP I 377 -46.51 7.68 5.77
CA TRP I 377 -46.70 8.76 6.73
C TRP I 377 -47.13 8.25 8.10
N GLU I 378 -48.00 7.23 8.09
CA GLU I 378 -48.47 6.60 9.33
C GLU I 378 -47.30 6.13 10.19
N ASP I 379 -46.19 5.81 9.53
CA ASP I 379 -44.96 5.40 10.20
C ASP I 379 -44.48 6.46 11.18
N PHE I 380 -44.72 7.73 10.84
CA PHE I 380 -44.40 8.84 11.74
C PHE I 380 -45.53 9.06 12.74
N LEU I 381 -46.71 9.45 12.23
CA LEU I 381 -47.84 9.83 13.06
C LEU I 381 -48.25 8.80 14.14
N ASP I 382 -47.83 7.55 13.97
CA ASP I 382 -48.17 6.48 14.92
C ASP I 382 -47.08 6.19 15.95
N MET I 383 -45.84 6.64 15.71
CA MET I 383 -44.73 6.41 16.64
C MET I 383 -43.65 7.50 16.69
N CYS I 384 -43.86 8.61 15.98
CA CYS I 384 -42.91 9.72 15.97
C CYS I 384 -43.49 10.97 15.29
N VAL I 385 -44.32 11.71 16.02
CA VAL I 385 -44.95 12.92 15.47
C VAL I 385 -43.94 14.06 15.33
N GLY I 386 -42.88 14.01 16.13
CA GLY I 386 -41.81 15.01 16.09
C GLY I 386 -41.18 15.17 14.72
N GLN I 387 -41.02 14.05 14.01
CA GLN I 387 -40.44 14.04 12.67
C GLN I 387 -41.42 14.62 11.64
N ALA I 388 -42.71 14.32 11.82
CA ALA I 388 -43.76 14.89 10.98
C ALA I 388 -43.80 16.42 11.10
N ASN I 389 -43.65 16.91 12.32
CA ASN I 389 -43.51 18.34 12.62
C ASN I 389 -42.32 18.98 11.91
N LEU I 390 -41.17 18.29 11.95
CA LEU I 390 -39.95 18.79 11.35
C LEU I 390 -40.10 18.93 9.84
N TRP I 391 -40.77 17.97 9.23
CA TRP I 391 -41.03 17.97 7.78
C TRP I 391 -42.02 19.07 7.38
N ALA I 392 -43.03 19.29 8.23
CA ALA I 392 -43.95 20.41 8.06
C ALA I 392 -43.20 21.74 8.20
N ALA I 393 -42.25 21.78 9.13
CA ALA I 393 -41.45 22.97 9.40
C ALA I 393 -40.45 23.29 8.30
N THR I 394 -39.81 22.26 7.75
CA THR I 394 -38.73 22.45 6.77
C THR I 394 -39.16 22.27 5.32
N ASN I 395 -40.48 22.16 5.09
CA ASN I 395 -41.05 21.96 3.76
C ASN I 395 -40.61 20.67 3.05
N CYS I 396 -40.04 19.73 3.83
CA CYS I 396 -39.52 18.48 3.29
C CYS I 396 -40.61 17.42 3.14
N ALA I 397 -41.61 17.74 2.33
CA ALA I 397 -42.51 16.73 1.80
C ALA I 397 -41.65 15.77 0.95
N PRO I 398 -41.83 14.45 1.12
CA PRO I 398 -40.99 13.44 0.46
C PRO I 398 -40.83 13.67 -1.05
N GLU I 399 -41.93 14.04 -1.70
CA GLU I 399 -41.95 14.34 -3.12
C GLU I 399 -41.11 15.58 -3.45
N GLU I 400 -41.17 16.57 -2.56
CA GLU I 400 -40.50 17.86 -2.77
C GLU I 400 -38.99 17.79 -2.54
N ARG I 401 -38.57 17.23 -1.40
CA ARG I 401 -37.14 16.95 -1.16
C ARG I 401 -36.86 15.87 -0.10
N GLY I 402 -35.65 15.33 -0.13
CA GLY I 402 -35.23 14.27 0.80
C GLY I 402 -34.74 14.77 2.14
N SER I 403 -34.39 13.81 3.02
CA SER I 403 -33.94 14.10 4.37
C SER I 403 -32.58 13.48 4.68
N GLU I 404 -31.84 14.13 5.57
CA GLU I 404 -30.54 13.63 6.02
C GLU I 404 -30.73 12.55 7.09
N ILE I 405 -29.83 11.58 7.11
CA ILE I 405 -29.81 10.57 8.15
C ILE I 405 -28.56 10.77 9.01
N MET I 406 -28.67 10.44 10.28
CA MET I 406 -27.57 10.61 11.21
C MET I 406 -27.67 9.61 12.36
N PRO I 407 -26.52 9.13 12.88
CA PRO I 407 -26.59 8.36 14.10
C PRO I 407 -26.88 9.28 15.29
N THR I 408 -27.73 8.80 16.19
CA THR I 408 -28.17 9.55 17.35
C THR I 408 -27.16 9.38 18.49
N GLU I 409 -27.39 10.03 19.63
CA GLU I 409 -26.53 9.85 20.80
C GLU I 409 -26.81 8.49 21.44
N PRO I 410 -25.85 7.95 22.21
CA PRO I 410 -26.04 6.62 22.81
C PRO I 410 -27.25 6.55 23.74
N TYR I 411 -27.91 5.39 23.75
CA TYR I 411 -28.96 5.11 24.72
C TYR I 411 -28.63 3.80 25.43
N LEU I 412 -29.06 3.68 26.67
CA LEU I 412 -28.80 2.49 27.46
C LEU I 412 -30.08 1.75 27.75
N LEU I 413 -30.33 0.67 27.02
CA LEU I 413 -31.56 -0.08 27.15
C LEU I 413 -31.34 -1.59 27.01
N GLY I 414 -32.38 -2.36 27.30
CA GLY I 414 -32.29 -3.81 27.29
C GLY I 414 -33.31 -4.53 26.42
N SER I 415 -34.34 -3.81 25.97
CA SER I 415 -35.43 -4.43 25.22
C SER I 415 -35.42 -4.12 23.72
N HIS I 416 -34.68 -3.09 23.31
CA HIS I 416 -34.48 -2.81 21.88
C HIS I 416 -33.16 -3.44 21.44
N SER I 417 -32.51 -2.88 20.41
CA SER I 417 -31.27 -3.45 19.88
C SER I 417 -30.07 -3.28 20.84
N GLY I 418 -30.35 -3.33 22.13
CA GLY I 418 -29.32 -3.29 23.16
C GLY I 418 -29.59 -4.33 24.23
N CYS I 419 -28.62 -4.54 25.11
CA CYS I 419 -28.72 -5.59 26.12
C CYS I 419 -27.99 -5.28 27.43
N CYS I 420 -28.06 -4.03 27.87
CA CYS I 420 -27.52 -3.70 29.18
C CYS I 420 -28.63 -3.73 30.22
N GLY I 421 -28.29 -4.17 31.43
CA GLY I 421 -29.25 -4.25 32.51
C GLY I 421 -28.80 -5.09 33.68
N ILE I 422 -29.74 -5.87 34.22
CA ILE I 422 -29.53 -6.66 35.41
C ILE I 422 -29.49 -8.16 35.07
N TRP I 423 -28.60 -8.88 35.75
CA TRP I 423 -28.48 -10.32 35.62
C TRP I 423 -29.71 -10.98 36.25
N ALA I 424 -30.44 -11.74 35.43
CA ALA I 424 -31.68 -12.38 35.87
C ALA I 424 -31.64 -13.89 35.67
N SER I 425 -32.43 -14.62 36.44
CA SER I 425 -32.43 -16.09 36.38
C SER I 425 -33.15 -16.68 35.15
N GLY I 426 -32.72 -17.88 34.77
CA GLY I 426 -33.39 -18.69 33.75
C GLY I 426 -34.42 -19.61 34.39
N PRO I 427 -35.28 -20.23 33.56
CA PRO I 427 -36.49 -20.93 34.01
C PRO I 427 -36.30 -22.34 34.59
N ASP I 428 -35.10 -22.66 35.07
CA ASP I 428 -34.80 -23.98 35.67
C ASP I 428 -35.13 -25.18 34.77
N GLU I 429 -34.50 -25.22 33.61
CA GLU I 429 -34.67 -26.31 32.68
C GLU I 429 -33.31 -26.97 32.40
N ALA I 430 -33.33 -28.03 31.59
CA ALA I 430 -32.11 -28.76 31.25
C ALA I 430 -31.29 -28.02 30.19
N TRP I 431 -31.96 -27.19 29.40
CA TRP I 431 -31.32 -26.39 28.38
C TRP I 431 -30.79 -25.05 28.91
N VAL I 432 -30.89 -24.86 30.22
CA VAL I 432 -30.34 -23.69 30.92
C VAL I 432 -29.22 -24.18 31.84
N PRO I 433 -28.00 -23.63 31.67
CA PRO I 433 -26.88 -23.94 32.57
C PRO I 433 -27.17 -23.53 34.01
N GLU I 434 -26.36 -24.04 34.94
CA GLU I 434 -26.56 -23.75 36.36
C GLU I 434 -26.21 -22.30 36.72
N ASP I 435 -25.09 -21.82 36.18
CA ASP I 435 -24.62 -20.45 36.44
C ASP I 435 -25.58 -19.39 35.88
N TYR I 436 -26.47 -19.83 34.98
CA TYR I 436 -27.53 -18.99 34.43
C TYR I 436 -28.78 -18.96 35.33
N LYS I 437 -28.78 -19.79 36.37
CA LYS I 437 -29.88 -19.82 37.35
C LYS I 437 -29.45 -19.20 38.68
N VAL I 438 -30.38 -18.51 39.35
CA VAL I 438 -30.06 -17.83 40.62
C VAL I 438 -30.31 -18.71 41.85
N ARG I 439 -31.56 -19.15 42.01
CA ARG I 439 -32.01 -19.96 43.16
C ARG I 439 -31.80 -19.39 44.57
N ALA I 440 -32.91 -19.20 45.28
CA ALA I 440 -32.92 -18.55 46.59
C ALA I 440 -32.53 -19.51 47.71
N ALA I 441 -32.50 -18.99 48.95
CA ALA I 441 -32.12 -19.76 50.13
C ALA I 441 -32.98 -21.01 50.33
N ASN I 442 -34.21 -20.96 49.82
CA ASN I 442 -35.12 -22.10 49.86
C ASN I 442 -34.79 -23.20 48.85
N GLY I 443 -33.77 -22.95 48.02
CA GLY I 443 -33.28 -23.94 47.06
C GLY I 443 -33.93 -23.88 45.69
N LYS I 444 -35.13 -23.30 45.64
CA LYS I 444 -35.88 -23.16 44.39
C LYS I 444 -35.37 -21.99 43.54
N VAL I 445 -35.41 -22.17 42.22
CA VAL I 445 -35.06 -21.10 41.29
C VAL I 445 -36.31 -20.49 40.66
N TYR I 446 -36.43 -19.16 40.81
CA TYR I 446 -37.58 -18.43 40.30
C TYR I 446 -37.15 -17.71 39.03
N ASN I 447 -37.88 -17.95 37.95
CA ASN I 447 -37.55 -17.39 36.64
C ASN I 447 -37.50 -15.86 36.68
N ARG I 448 -36.48 -15.30 36.02
CA ARG I 448 -36.32 -13.85 35.80
C ARG I 448 -36.01 -13.03 37.06
N MET I 449 -35.76 -13.71 38.18
CA MET I 449 -35.39 -13.04 39.45
C MET I 449 -33.93 -12.61 39.46
N THR I 450 -33.68 -11.44 40.04
CA THR I 450 -32.32 -10.88 40.17
C THR I 450 -31.53 -11.66 41.22
N THR I 451 -30.28 -11.28 41.44
CA THR I 451 -29.46 -11.92 42.47
C THR I 451 -29.90 -11.55 43.89
N VAL I 452 -30.71 -10.50 43.99
CA VAL I 452 -31.35 -10.15 45.25
C VAL I 452 -32.66 -10.91 45.35
N GLU I 453 -32.86 -11.57 46.50
CA GLU I 453 -34.03 -12.39 46.74
C GLU I 453 -35.30 -11.56 46.89
N GLY I 454 -36.30 -11.89 46.08
CA GLY I 454 -37.58 -11.20 46.11
C GLY I 454 -37.69 -10.11 45.06
N LEU I 455 -36.56 -9.77 44.45
CA LEU I 455 -36.54 -8.69 43.46
C LEU I 455 -36.50 -9.23 42.03
N TRP I 456 -37.53 -8.85 41.26
CA TRP I 456 -37.58 -9.19 39.85
C TRP I 456 -37.39 -7.96 38.98
N THR I 457 -37.18 -8.20 37.70
CA THR I 457 -37.18 -7.17 36.68
C THR I 457 -37.56 -7.79 35.34
N CYS I 458 -38.00 -6.95 34.42
CA CYS I 458 -38.34 -7.41 33.07
C CYS I 458 -38.19 -6.27 32.06
N ALA I 459 -38.42 -6.59 30.78
CA ALA I 459 -38.23 -5.65 29.68
C ALA I 459 -36.85 -5.01 29.68
N ASP I 460 -36.79 -3.69 29.79
CA ASP I 460 -35.53 -2.96 29.76
C ASP I 460 -34.59 -3.33 30.91
N GLY I 461 -35.16 -3.85 31.99
CA GLY I 461 -34.40 -4.18 33.20
C GLY I 461 -33.46 -5.38 33.06
N VAL I 462 -33.93 -6.45 32.43
CA VAL I 462 -33.13 -7.65 32.25
C VAL I 462 -32.08 -7.46 31.16
N GLY I 463 -30.81 -7.48 31.57
CA GLY I 463 -29.70 -7.28 30.63
C GLY I 463 -29.35 -8.54 29.86
N ALA I 464 -28.42 -8.38 28.91
CA ALA I 464 -27.84 -9.48 28.13
C ALA I 464 -28.80 -10.26 27.24
N SER I 465 -30.03 -9.77 27.10
CA SER I 465 -31.04 -10.44 26.28
C SER I 465 -31.92 -9.44 25.51
N GLY I 466 -31.31 -8.76 24.55
CA GLY I 466 -32.01 -7.73 23.76
C GLY I 466 -33.06 -8.25 22.80
N HIS I 467 -33.53 -7.34 21.95
CA HIS I 467 -34.56 -7.61 20.94
C HIS I 467 -35.86 -8.20 21.50
N LYS I 468 -36.24 -7.76 22.69
CA LYS I 468 -37.52 -8.15 23.30
C LYS I 468 -38.65 -7.36 22.66
N PHE I 469 -38.46 -6.04 22.61
CA PHE I 469 -39.43 -5.10 22.06
C PHE I 469 -40.75 -5.08 22.85
N SER I 470 -41.77 -4.39 22.31
CA SER I 470 -43.04 -4.18 23.01
C SER I 470 -43.71 -5.47 23.49
N SER I 471 -43.82 -6.45 22.59
CA SER I 471 -44.42 -7.74 22.88
C SER I 471 -43.62 -8.51 23.92
N GLY I 472 -42.31 -8.60 23.68
CA GLY I 472 -41.40 -9.31 24.58
C GLY I 472 -41.39 -8.76 25.99
N SER I 473 -41.45 -7.44 26.10
CA SER I 473 -41.56 -6.76 27.38
C SER I 473 -42.80 -7.22 28.14
N HIS I 474 -43.94 -7.26 27.44
CA HIS I 474 -45.21 -7.70 28.00
C HIS I 474 -45.15 -9.18 28.42
N ALA I 475 -44.70 -10.03 27.50
CA ALA I 475 -44.61 -11.48 27.75
C ALA I 475 -43.67 -11.83 28.89
N GLU I 476 -42.55 -11.12 28.98
CA GLU I 476 -41.59 -11.31 30.06
C GLU I 476 -42.16 -10.82 31.38
N GLY I 477 -42.95 -9.76 31.32
CA GLY I 477 -43.64 -9.22 32.49
C GLY I 477 -44.56 -10.26 33.10
N ARG I 478 -45.29 -10.96 32.23
CA ARG I 478 -46.17 -12.05 32.63
C ARG I 478 -45.42 -13.19 33.31
N ILE I 479 -44.24 -13.54 32.79
CA ILE I 479 -43.39 -14.56 33.41
C ILE I 479 -43.12 -14.17 34.85
N VAL I 480 -42.81 -12.89 35.05
CA VAL I 480 -42.55 -12.34 36.38
C VAL I 480 -43.84 -12.34 37.22
N GLY I 481 -44.95 -11.96 36.60
CA GLY I 481 -46.24 -11.89 37.26
C GLY I 481 -46.53 -13.14 38.07
N LYS I 482 -46.49 -14.29 37.39
CA LYS I 482 -46.74 -15.59 38.00
C LYS I 482 -45.73 -15.92 39.10
N GLN I 483 -44.44 -15.72 38.81
CA GLN I 483 -43.35 -16.09 39.73
C GLN I 483 -43.41 -15.36 41.07
N MET I 484 -43.88 -14.12 41.05
CA MET I 484 -44.04 -13.34 42.27
C MET I 484 -45.09 -13.97 43.18
N VAL I 485 -46.23 -14.34 42.60
CA VAL I 485 -47.29 -15.05 43.33
C VAL I 485 -46.72 -16.34 43.92
N ARG I 486 -45.98 -17.09 43.10
CA ARG I 486 -45.27 -18.29 43.54
C ARG I 486 -44.38 -17.98 44.75
N TRP I 487 -43.63 -16.88 44.66
CA TRP I 487 -42.71 -16.45 45.71
C TRP I 487 -43.42 -16.13 47.02
N TYR I 488 -44.53 -15.38 46.92
CA TYR I 488 -45.30 -14.97 48.09
C TYR I 488 -45.83 -16.17 48.85
N LEU I 489 -46.37 -17.14 48.12
CA LEU I 489 -46.88 -18.37 48.71
C LEU I 489 -45.77 -19.20 49.34
N ASP I 490 -44.58 -19.14 48.75
CA ASP I 490 -43.41 -19.81 49.32
C ASP I 490 -42.87 -19.10 50.56
N HIS I 491 -43.03 -17.78 50.62
CA HIS I 491 -42.49 -16.98 51.71
C HIS I 491 -43.59 -16.18 52.42
N LYS I 492 -44.58 -16.90 52.94
CA LYS I 492 -45.77 -16.31 53.55
C LYS I 492 -45.52 -15.55 54.85
N ASP I 493 -44.58 -16.05 55.65
CA ASP I 493 -44.32 -15.51 56.98
C ASP I 493 -43.26 -14.39 57.02
N PHE I 494 -42.91 -13.86 55.85
CA PHE I 494 -41.80 -12.91 55.70
C PHE I 494 -41.79 -11.76 56.73
N LYS I 495 -42.70 -10.79 56.57
CA LYS I 495 -42.82 -9.66 57.52
C LYS I 495 -41.53 -8.79 57.58
N PRO I 496 -41.33 -7.89 56.57
CA PRO I 496 -40.08 -7.14 56.37
C PRO I 496 -39.82 -5.98 57.33
N GLU I 497 -38.54 -5.69 57.55
CA GLU I 497 -38.09 -4.54 58.34
C GLU I 497 -36.86 -3.89 57.68
N PHE I 498 -36.75 -2.57 57.79
CA PHE I 498 -35.59 -1.84 57.25
C PHE I 498 -34.57 -1.52 58.35
N VAL I 499 -33.32 -1.30 57.93
CA VAL I 499 -32.32 -0.76 58.83
C VAL I 499 -32.58 0.74 59.05
N GLU I 500 -32.93 1.44 57.98
CA GLU I 500 -33.26 2.87 58.04
C GLU I 500 -34.58 3.05 58.77
N THR I 501 -34.68 4.14 59.54
CA THR I 501 -35.90 4.44 60.26
C THR I 501 -36.91 5.10 59.33
N ALA I 502 -38.17 5.09 59.72
CA ALA I 502 -39.25 5.63 58.91
C ALA I 502 -38.97 7.05 58.41
N GLU I 503 -38.24 7.84 59.18
CA GLU I 503 -38.00 9.23 58.78
C GLU I 503 -36.52 9.62 58.51
N GLU I 504 -35.63 8.63 58.55
CA GLU I 504 -34.34 8.74 57.88
C GLU I 504 -34.62 8.91 56.39
N LEU I 505 -35.62 8.17 55.92
CA LEU I 505 -35.99 8.13 54.51
C LEU I 505 -36.75 9.38 54.10
N LYS I 506 -37.46 9.99 55.05
CA LYS I 506 -38.12 11.27 54.79
C LYS I 506 -37.07 12.35 54.56
N THR I 507 -36.12 12.44 55.49
CA THR I 507 -35.06 13.45 55.42
C THR I 507 -34.11 13.26 54.23
N LEU I 508 -34.01 12.03 53.74
CA LEU I 508 -33.18 11.72 52.58
C LEU I 508 -33.84 12.13 51.27
N ILE I 509 -35.10 11.73 51.09
CA ILE I 509 -35.82 11.98 49.85
C ILE I 509 -36.08 13.48 49.65
N TYR I 510 -36.39 14.17 50.74
CA TYR I 510 -36.61 15.62 50.67
C TYR I 510 -35.35 16.47 50.92
N ARG I 511 -34.18 15.83 50.88
CA ARG I 511 -32.91 16.53 51.09
C ARG I 511 -32.73 17.72 50.14
N PRO I 512 -32.95 17.54 48.81
CA PRO I 512 -32.83 18.69 47.92
C PRO I 512 -33.71 19.89 48.31
N TYR I 513 -34.87 19.63 48.90
CA TYR I 513 -35.73 20.69 49.39
C TYR I 513 -35.07 21.45 50.55
N TYR I 514 -34.63 20.70 51.56
CA TYR I 514 -33.95 21.27 52.71
C TYR I 514 -32.69 22.02 52.29
N ASN I 515 -31.95 21.45 51.33
CA ASN I 515 -30.78 22.07 50.73
C ASN I 515 -31.07 23.47 50.22
N TYR I 516 -32.13 23.60 49.42
CA TYR I 516 -32.53 24.89 48.87
C TYR I 516 -32.98 25.83 49.99
N GLU I 517 -33.94 25.37 50.78
CA GLU I 517 -34.52 26.17 51.86
C GLU I 517 -33.45 26.77 52.77
N LYS I 518 -32.35 26.02 52.95
CA LYS I 518 -31.25 26.40 53.83
C LYS I 518 -30.31 27.43 53.17
N GLY I 519 -30.03 27.25 51.89
CA GLY I 519 -29.04 28.08 51.21
C GLY I 519 -29.58 29.17 50.30
N LYS I 520 -30.90 29.27 50.17
CA LYS I 520 -31.51 30.21 49.22
C LYS I 520 -31.22 31.68 49.53
N GLY I 521 -30.86 31.96 50.77
CA GLY I 521 -30.59 33.34 51.21
C GLY I 521 -29.21 33.86 50.85
N ALA I 522 -28.40 33.00 50.22
CA ALA I 522 -27.03 33.38 49.85
C ALA I 522 -26.98 34.26 48.60
N SER I 523 -28.01 34.13 47.75
CA SER I 523 -28.03 34.82 46.47
C SER I 523 -29.38 35.46 46.18
N THR I 524 -29.40 36.48 45.32
CA THR I 524 -30.65 37.11 44.89
C THR I 524 -31.24 36.35 43.71
N CYS I 525 -30.54 35.29 43.31
CA CYS I 525 -30.97 34.43 42.23
C CYS I 525 -31.01 33.00 42.74
N PRO I 526 -32.08 32.26 42.42
CA PRO I 526 -32.19 30.88 42.92
C PRO I 526 -31.30 29.88 42.16
N VAL I 527 -30.86 30.23 40.96
CA VAL I 527 -30.07 29.30 40.13
C VAL I 527 -28.57 29.46 40.36
N VAL I 528 -28.09 30.71 40.29
CA VAL I 528 -26.68 31.01 40.50
C VAL I 528 -26.46 31.24 42.00
N ASN I 529 -26.04 30.18 42.69
CA ASN I 529 -25.98 30.14 44.15
C ASN I 529 -24.90 29.15 44.60
N PRO I 530 -23.92 29.60 45.40
CA PRO I 530 -22.78 28.74 45.72
C PRO I 530 -23.11 27.58 46.66
N GLU I 531 -24.29 27.63 47.27
CA GLU I 531 -24.69 26.64 48.28
C GLU I 531 -25.14 25.30 47.71
N TYR I 532 -25.65 25.31 46.47
CA TYR I 532 -26.22 24.12 45.85
C TYR I 532 -26.12 24.14 44.32
N ILE I 533 -26.61 23.08 43.69
CA ILE I 533 -26.69 22.99 42.23
C ILE I 533 -28.11 22.58 41.79
N SER I 534 -28.65 23.30 40.82
CA SER I 534 -29.98 23.02 40.28
C SER I 534 -29.98 21.70 39.50
N PRO I 535 -31.15 21.07 39.31
CA PRO I 535 -31.19 19.78 38.59
C PRO I 535 -30.90 19.94 37.10
N LYS I 536 -31.09 21.16 36.59
CA LYS I 536 -30.88 21.45 35.19
C LYS I 536 -29.41 21.70 34.87
N ASN I 537 -28.69 22.34 35.78
CA ASN I 537 -27.25 22.53 35.60
C ASN I 537 -26.46 21.26 35.88
N PHE I 538 -26.93 20.48 36.84
CA PHE I 538 -26.32 19.20 37.20
C PHE I 538 -26.39 18.24 36.03
N MET I 539 -27.55 18.19 35.38
CA MET I 539 -27.76 17.35 34.21
C MET I 539 -26.81 17.76 33.09
N MET I 540 -26.76 19.07 32.84
CA MET I 540 -25.90 19.61 31.79
C MET I 540 -24.43 19.27 32.01
N ARG I 541 -24.00 19.34 33.27
CA ARG I 541 -22.64 18.98 33.67
C ARG I 541 -22.34 17.48 33.52
N LEU I 542 -23.36 16.64 33.75
CA LEU I 542 -23.22 15.20 33.58
C LEU I 542 -23.00 14.82 32.12
N ILE I 543 -23.91 15.26 31.26
CA ILE I 543 -23.90 14.86 29.85
C ILE I 543 -22.74 15.46 29.07
N LYS I 544 -22.22 16.59 29.53
CA LYS I 544 -21.00 17.18 28.98
C LYS I 544 -19.82 16.23 29.23
N CYS I 545 -19.63 15.87 30.49
CA CYS I 545 -18.57 14.96 30.93
C CYS I 545 -18.58 13.64 30.16
N THR I 546 -19.76 13.02 30.06
CA THR I 546 -19.92 11.76 29.34
C THR I 546 -19.68 11.89 27.84
N ASP I 547 -20.14 13.00 27.25
CA ASP I 547 -19.97 13.22 25.82
C ASP I 547 -18.50 13.32 25.43
N GLU I 548 -17.69 13.82 26.35
CA GLU I 548 -16.26 14.01 26.10
C GLU I 548 -15.44 12.78 26.46
N TYR I 549 -15.68 12.23 27.65
CA TYR I 549 -14.84 11.18 28.20
C TYR I 549 -15.48 9.78 28.20
N GLY I 550 -16.76 9.71 27.85
CA GLY I 550 -17.49 8.45 27.82
C GLY I 550 -17.88 8.03 26.42
N GLY I 551 -17.26 8.62 25.42
CA GLY I 551 -17.51 8.25 24.03
C GLY I 551 -18.86 8.72 23.51
N GLY I 552 -19.08 10.03 23.58
CA GLY I 552 -20.31 10.62 23.06
C GLY I 552 -20.23 10.93 21.58
N VAL I 553 -21.25 11.59 21.05
CA VAL I 553 -21.31 11.95 19.63
C VAL I 553 -20.18 12.89 19.23
N GLY I 554 -19.84 13.82 20.13
CA GLY I 554 -18.80 14.82 19.89
C GLY I 554 -17.43 14.23 19.62
N THR I 555 -17.09 13.15 20.33
CA THR I 555 -15.82 12.46 20.14
C THR I 555 -15.95 11.27 19.17
N TYR I 556 -16.89 11.39 18.23
CA TYR I 556 -17.22 10.31 17.28
C TYR I 556 -17.25 8.91 17.88
N TYR I 557 -17.77 8.84 19.11
CA TYR I 557 -17.92 7.58 19.87
C TYR I 557 -16.59 6.92 20.26
N ASN I 558 -15.49 7.66 20.15
CA ASN I 558 -14.18 7.18 20.59
C ASN I 558 -14.03 7.29 22.10
N THR I 559 -13.39 6.28 22.70
CA THR I 559 -12.98 6.36 24.10
C THR I 559 -11.77 5.48 24.38
N SER I 560 -11.20 5.60 25.58
CA SER I 560 -9.99 4.88 25.96
C SER I 560 -9.81 4.85 27.47
N LYS I 561 -8.87 4.04 27.94
CA LYS I 561 -8.46 4.01 29.35
C LYS I 561 -8.19 5.42 29.88
N ALA I 562 -7.32 6.15 29.17
CA ALA I 562 -6.87 7.50 29.57
C ALA I 562 -8.01 8.52 29.61
N LEU I 563 -8.85 8.51 28.57
CA LEU I 563 -10.03 9.36 28.48
C LEU I 563 -11.04 9.07 29.58
N LEU I 564 -11.42 7.81 29.73
CA LEU I 564 -12.38 7.38 30.74
C LEU I 564 -11.97 7.73 32.17
N ASP I 565 -10.70 7.54 32.49
CA ASP I 565 -10.18 7.83 33.84
C ASP I 565 -10.36 9.30 34.24
N THR I 566 -10.31 10.20 33.26
CA THR I 566 -10.58 11.62 33.48
C THR I 566 -12.08 11.83 33.76
N GLY I 567 -12.91 11.07 33.06
CA GLY I 567 -14.35 11.06 33.30
C GLY I 567 -14.66 10.59 34.70
N PHE I 568 -14.00 9.51 35.11
CA PHE I 568 -14.15 8.95 36.46
C PHE I 568 -13.65 9.91 37.54
N TRP I 569 -12.68 10.74 37.18
CA TRP I 569 -12.18 11.77 38.09
C TRP I 569 -13.24 12.86 38.31
N LEU I 570 -13.83 13.33 37.22
CA LEU I 570 -14.86 14.36 37.26
C LEU I 570 -16.13 13.83 37.92
N MET I 571 -16.53 12.62 37.55
CA MET I 571 -17.80 12.06 37.98
C MET I 571 -17.91 11.82 39.47
N GLU I 572 -16.79 11.50 40.11
CA GLU I 572 -16.79 11.30 41.55
C GLU I 572 -16.83 12.63 42.33
N MET I 573 -16.38 13.71 41.70
CA MET I 573 -16.61 15.06 42.20
C MET I 573 -18.09 15.45 42.04
N LEU I 574 -18.68 14.99 40.94
CA LEU I 574 -20.08 15.24 40.65
C LEU I 574 -21.00 14.49 41.63
N GLU I 575 -20.55 13.32 42.09
CA GLU I 575 -21.24 12.59 43.16
C GLU I 575 -21.24 13.40 44.44
N GLU I 576 -20.06 13.93 44.80
CA GLU I 576 -19.91 14.76 46.00
C GLU I 576 -20.81 15.99 45.92
N ASP I 577 -20.99 16.51 44.71
CA ASP I 577 -21.83 17.68 44.49
C ASP I 577 -23.32 17.34 44.50
N SER I 578 -23.66 16.10 44.15
CA SER I 578 -25.06 15.64 44.14
C SER I 578 -25.69 15.66 45.53
N LEU I 579 -24.85 15.51 46.55
CA LEU I 579 -25.25 15.66 47.95
C LEU I 579 -25.86 17.04 48.20
N LYS I 580 -25.60 17.96 47.27
CA LYS I 580 -26.03 19.35 47.38
C LYS I 580 -26.95 19.78 46.24
N LEU I 581 -27.71 18.83 45.69
CA LEU I 581 -28.77 19.13 44.72
C LEU I 581 -29.92 19.84 45.43
N ALA I 582 -30.64 20.70 44.71
CA ALA I 582 -31.70 21.49 45.34
C ALA I 582 -32.98 21.62 44.49
N ALA I 583 -34.12 21.58 45.16
CA ALA I 583 -35.42 21.67 44.50
C ALA I 583 -36.26 22.85 45.01
N ARG I 584 -36.94 23.53 44.08
CA ARG I 584 -37.75 24.70 44.39
C ARG I 584 -39.25 24.40 44.33
N ASP I 585 -39.58 23.29 43.69
CA ASP I 585 -40.96 22.80 43.61
C ASP I 585 -40.88 21.30 43.41
N LEU I 586 -42.03 20.63 43.41
CA LEU I 586 -42.06 19.18 43.27
C LEU I 586 -41.46 18.69 41.95
N HIS I 587 -41.65 19.47 40.89
CA HIS I 587 -41.10 19.12 39.59
C HIS I 587 -39.57 19.12 39.58
N GLU I 588 -38.96 20.01 40.36
CA GLU I 588 -37.51 20.01 40.51
C GLU I 588 -36.98 18.85 41.37
N LEU I 589 -37.80 18.38 42.32
CA LEU I 589 -37.43 17.24 43.16
C LEU I 589 -37.40 15.95 42.36
N LEU I 590 -38.35 15.81 41.43
CA LEU I 590 -38.39 14.68 40.50
C LEU I 590 -37.12 14.67 39.68
N ARG I 591 -36.77 15.82 39.10
CA ARG I 591 -35.59 15.98 38.25
C ARG I 591 -34.28 15.82 39.03
N CYS I 592 -34.28 16.22 40.29
CA CYS I 592 -33.11 16.03 41.14
C CYS I 592 -32.76 14.56 41.27
N TRP I 593 -33.77 13.73 41.51
CA TRP I 593 -33.53 12.30 41.70
C TRP I 593 -33.34 11.56 40.40
N GLU I 594 -34.10 11.94 39.37
CA GLU I 594 -33.91 11.38 38.03
C GLU I 594 -32.47 11.56 37.57
N ASN I 595 -31.96 12.78 37.73
CA ASN I 595 -30.59 13.10 37.32
C ASN I 595 -29.52 12.42 38.17
N TYR I 596 -29.88 12.03 39.39
CA TYR I 596 -28.98 11.20 40.20
C TYR I 596 -28.97 9.76 39.68
N HIS I 597 -30.13 9.26 39.26
CA HIS I 597 -30.24 7.95 38.64
C HIS I 597 -29.48 7.87 37.32
N ARG I 598 -29.45 9.00 36.60
CA ARG I 598 -28.71 9.08 35.35
C ARG I 598 -27.21 8.99 35.57
N LEU I 599 -26.73 9.55 36.68
CA LEU I 599 -25.30 9.48 37.00
C LEU I 599 -24.86 8.04 37.32
N TRP I 600 -25.53 7.42 38.29
CA TRP I 600 -25.19 6.08 38.74
C TRP I 600 -25.17 5.09 37.56
N THR I 601 -26.12 5.24 36.63
CA THR I 601 -26.20 4.37 35.44
C THR I 601 -25.07 4.65 34.43
N VAL I 602 -24.96 5.89 33.97
CA VAL I 602 -24.00 6.23 32.90
C VAL I 602 -22.54 5.97 33.31
N ARG I 603 -22.25 6.18 34.59
CA ARG I 603 -20.92 5.87 35.14
C ARG I 603 -20.68 4.37 35.17
N LEU I 604 -21.70 3.61 35.54
CA LEU I 604 -21.61 2.14 35.52
C LEU I 604 -21.39 1.62 34.11
N HIS I 605 -22.09 2.23 33.15
CA HIS I 605 -21.89 1.95 31.73
C HIS I 605 -20.41 2.09 31.39
N MET I 606 -19.82 3.20 31.83
CA MET I 606 -18.42 3.51 31.57
C MET I 606 -17.43 2.59 32.30
N GLN I 607 -17.72 2.29 33.56
CA GLN I 607 -16.90 1.36 34.36
C GLN I 607 -16.77 -0.01 33.70
N HIS I 608 -17.83 -0.40 32.99
CA HIS I 608 -17.86 -1.63 32.22
C HIS I 608 -17.04 -1.53 30.93
N ILE I 609 -17.23 -0.46 30.16
CA ILE I 609 -16.49 -0.29 28.90
C ILE I 609 -15.00 -0.06 29.13
N ALA I 610 -14.64 0.41 30.33
CA ALA I 610 -13.24 0.53 30.74
C ALA I 610 -12.64 -0.84 31.02
N PHE I 611 -13.43 -1.71 31.66
CA PHE I 611 -13.00 -3.07 32.02
C PHE I 611 -12.83 -3.97 30.81
N ARG I 612 -13.77 -3.90 29.86
CA ARG I 612 -13.68 -4.70 28.64
C ARG I 612 -12.65 -4.12 27.68
N GLU I 613 -11.48 -4.76 27.64
CA GLU I 613 -10.36 -4.28 26.83
C GLU I 613 -10.42 -4.79 25.39
N GLU I 614 -11.53 -4.47 24.72
CA GLU I 614 -11.76 -4.76 23.30
C GLU I 614 -12.85 -3.81 22.78
N SER I 615 -13.07 -3.83 21.47
CA SER I 615 -14.19 -3.09 20.88
C SER I 615 -15.22 -4.06 20.33
N ARG I 616 -16.13 -4.48 21.21
CA ARG I 616 -17.17 -5.44 20.90
C ARG I 616 -18.28 -4.86 19.99
N TYR I 617 -18.52 -3.56 20.12
CA TYR I 617 -19.58 -2.89 19.36
C TYR I 617 -19.06 -1.73 18.50
N PRO I 618 -18.39 -2.06 17.37
CA PRO I 618 -17.88 -0.99 16.50
C PRO I 618 -19.02 -0.25 15.80
N GLY I 619 -18.96 1.08 15.79
CA GLY I 619 -20.02 1.91 15.23
C GLY I 619 -20.96 2.43 16.31
N PHE I 620 -20.91 1.78 17.47
CA PHE I 620 -21.66 2.19 18.64
C PHE I 620 -20.71 2.93 19.58
N TYR I 621 -19.56 2.31 19.81
CA TYR I 621 -18.42 2.98 20.45
C TYR I 621 -17.11 2.30 20.07
N TYR I 622 -15.99 2.96 20.34
CA TYR I 622 -14.68 2.34 20.13
C TYR I 622 -13.78 2.54 21.33
N ARG I 623 -13.04 1.51 21.69
CA ARG I 623 -11.87 1.66 22.54
C ARG I 623 -10.71 1.94 21.59
N ALA I 624 -10.13 3.12 21.68
CA ALA I 624 -9.02 3.50 20.81
C ALA I 624 -7.79 2.64 21.10
N ASP I 625 -7.58 2.34 22.38
CA ASP I 625 -6.49 1.50 22.85
C ASP I 625 -6.66 0.02 22.54
N PHE I 626 -7.89 -0.40 22.28
CA PHE I 626 -8.21 -1.78 21.92
C PHE I 626 -9.28 -1.79 20.83
N LEU I 627 -8.85 -1.61 19.58
CA LEU I 627 -9.74 -1.28 18.46
C LEU I 627 -10.58 -2.44 17.90
N GLY I 628 -10.05 -3.66 17.94
CA GLY I 628 -10.77 -4.82 17.41
C GLY I 628 -11.27 -5.74 18.51
N LEU I 629 -12.11 -6.71 18.15
CA LEU I 629 -12.60 -7.68 19.15
C LEU I 629 -11.65 -8.84 19.40
N ASP I 630 -11.48 -9.15 20.67
CA ASP I 630 -10.59 -10.19 21.15
C ASP I 630 -11.45 -11.33 21.71
N ASP I 631 -11.71 -12.33 20.89
CA ASP I 631 -12.59 -13.44 21.27
C ASP I 631 -11.99 -14.40 22.30
N SER I 632 -10.68 -14.61 22.25
CA SER I 632 -10.02 -15.52 23.19
C SER I 632 -10.06 -15.01 24.63
N LYS I 633 -9.98 -13.69 24.79
CA LYS I 633 -9.98 -13.08 26.11
C LYS I 633 -11.35 -12.60 26.57
N TRP I 634 -12.18 -12.17 25.62
CA TRP I 634 -13.44 -11.50 25.95
C TRP I 634 -14.69 -12.11 25.32
N LYS I 635 -14.69 -13.43 25.12
CA LYS I 635 -15.91 -14.15 24.74
C LYS I 635 -16.66 -14.52 26.03
N CYS I 636 -17.19 -13.49 26.68
CA CYS I 636 -17.87 -13.61 27.96
C CYS I 636 -18.63 -12.32 28.24
N PHE I 637 -19.59 -12.39 29.16
CA PHE I 637 -20.26 -11.19 29.65
C PHE I 637 -19.34 -10.48 30.64
N VAL I 638 -19.58 -9.19 30.83
CA VAL I 638 -18.93 -8.44 31.90
C VAL I 638 -20.02 -8.06 32.91
N ASN I 639 -19.88 -8.60 34.13
CA ASN I 639 -20.83 -8.35 35.21
C ASN I 639 -20.23 -7.53 36.35
N SER I 640 -21.09 -6.81 37.06
CA SER I 640 -20.66 -6.05 38.24
C SER I 640 -21.56 -6.29 39.44
N LYS I 641 -21.02 -6.03 40.62
CA LYS I 641 -21.77 -6.22 41.86
C LYS I 641 -21.35 -5.15 42.87
N TYR I 642 -22.29 -4.25 43.19
CA TYR I 642 -22.06 -3.16 44.14
C TYR I 642 -22.27 -3.61 45.57
N ASP I 643 -21.32 -3.25 46.43
CA ASP I 643 -21.39 -3.58 47.85
C ASP I 643 -21.79 -2.32 48.64
N PRO I 644 -23.05 -2.27 49.11
CA PRO I 644 -23.57 -1.09 49.83
C PRO I 644 -22.81 -0.82 51.12
N ALA I 645 -22.33 -1.89 51.77
CA ALA I 645 -21.62 -1.79 53.04
C ALA I 645 -20.28 -1.06 52.94
N LYS I 646 -19.59 -1.22 51.82
CA LYS I 646 -18.26 -0.64 51.65
C LYS I 646 -18.19 0.36 50.49
N LYS I 647 -19.35 0.64 49.90
CA LYS I 647 -19.49 1.54 48.74
C LYS I 647 -18.48 1.25 47.63
N GLU I 648 -18.42 0.00 47.20
CA GLU I 648 -17.49 -0.46 46.16
C GLU I 648 -18.19 -1.29 45.09
N THR I 649 -17.67 -1.23 43.86
CA THR I 649 -18.17 -2.07 42.77
C THR I 649 -17.06 -3.00 42.29
N LYS I 650 -17.37 -4.29 42.25
CA LYS I 650 -16.48 -5.29 41.66
C LYS I 650 -16.94 -5.54 40.23
N ILE I 651 -16.02 -5.40 39.27
CA ILE I 651 -16.33 -5.69 37.88
C ILE I 651 -15.54 -6.92 37.45
N PHE I 652 -16.26 -7.95 36.99
CA PHE I 652 -15.66 -9.25 36.69
C PHE I 652 -16.16 -9.87 35.39
N LYS I 653 -15.49 -10.93 34.94
CA LYS I 653 -15.90 -11.69 33.77
C LYS I 653 -16.97 -12.72 34.16
N LYS I 654 -17.96 -12.89 33.30
CA LYS I 654 -18.97 -13.91 33.54
C LYS I 654 -19.09 -14.80 32.30
N PRO I 655 -18.76 -16.10 32.46
CA PRO I 655 -18.73 -17.09 31.38
C PRO I 655 -20.04 -17.17 30.57
N TYR I 656 -19.90 -17.10 29.25
CA TYR I 656 -21.01 -17.24 28.32
C TYR I 656 -21.15 -18.70 27.89
N TYR I 657 -22.39 -19.17 27.78
CA TYR I 657 -22.66 -20.53 27.31
C TYR I 657 -23.41 -20.48 25.98
N GLN I 658 -22.91 -21.20 24.99
CA GLN I 658 -23.62 -21.35 23.72
C GLN I 658 -24.63 -22.49 23.84
N ILE I 659 -25.88 -22.19 23.50
CA ILE I 659 -26.99 -23.15 23.62
C ILE I 659 -27.58 -23.51 22.25
N ILE I 660 -27.99 -22.49 21.50
CA ILE I 660 -28.44 -22.66 20.12
C ILE I 660 -27.20 -22.70 19.21
N PRO I 661 -27.07 -23.77 18.39
CA PRO I 661 -25.92 -23.98 17.50
C PRO I 661 -25.76 -22.93 16.38
N ASP I 662 -24.90 -23.23 15.41
CA ASP I 662 -24.61 -22.34 14.26
C ASP I 662 -24.03 -20.99 14.68
N PRO J 1 -42.10 21.49 21.26
CA PRO J 1 -42.76 21.54 22.56
C PRO J 1 -44.15 22.18 22.48
N THR J 2 -44.99 21.90 23.46
CA THR J 2 -46.39 22.31 23.42
C THR J 2 -46.67 23.63 24.14
N TYR J 3 -47.65 24.36 23.64
CA TYR J 3 -48.11 25.60 24.27
C TYR J 3 -49.63 25.64 24.29
N VAL J 4 -50.19 26.37 25.26
CA VAL J 4 -51.63 26.46 25.41
C VAL J 4 -52.15 27.76 24.82
N ASP J 5 -53.14 27.64 23.93
CA ASP J 5 -53.86 28.79 23.36
C ASP J 5 -54.85 29.33 24.38
N PRO J 6 -54.55 30.50 24.99
CA PRO J 6 -55.30 30.97 26.15
C PRO J 6 -56.80 31.13 25.90
N SER J 7 -57.18 31.58 24.70
CA SER J 7 -58.57 31.82 24.38
C SER J 7 -59.37 30.52 24.15
N LYS J 8 -58.68 29.40 23.99
CA LYS J 8 -59.33 28.09 23.83
C LYS J 8 -59.45 27.36 25.17
N CYS J 9 -58.42 27.49 26.00
CA CYS J 9 -58.35 26.82 27.29
C CYS J 9 -59.36 27.40 28.28
N ASP J 10 -59.80 26.56 29.22
CA ASP J 10 -60.69 26.98 30.29
C ASP J 10 -60.28 26.42 31.64
N GLY J 11 -59.10 25.80 31.68
CA GLY J 11 -58.55 25.21 32.90
C GLY J 11 -59.22 23.90 33.28
N CYS J 12 -59.94 23.31 32.32
CA CYS J 12 -60.69 22.05 32.51
C CYS J 12 -61.66 22.10 33.69
N LYS J 13 -62.45 23.16 33.77
CA LYS J 13 -63.43 23.34 34.86
C LYS J 13 -64.59 22.33 34.78
N GLY J 14 -64.82 21.80 33.58
CA GLY J 14 -65.87 20.81 33.32
C GLY J 14 -65.69 19.51 34.09
N GLY J 15 -64.77 18.67 33.62
CA GLY J 15 -64.39 17.43 34.32
C GLY J 15 -63.64 17.71 35.61
N GLU J 16 -63.33 16.67 36.37
CA GLU J 16 -62.58 16.84 37.61
C GLU J 16 -61.08 17.06 37.35
N LYS J 17 -60.50 16.23 36.48
CA LYS J 17 -59.08 16.25 36.19
C LYS J 17 -58.71 17.39 35.24
N THR J 18 -57.50 17.91 35.42
CA THR J 18 -56.86 18.75 34.42
C THR J 18 -56.16 17.76 33.47
N ALA J 19 -56.87 17.42 32.39
CA ALA J 19 -56.45 16.34 31.48
C ALA J 19 -55.00 16.42 30.99
N CYS J 20 -54.56 17.63 30.63
CA CYS J 20 -53.18 17.84 30.18
C CYS J 20 -52.19 17.58 31.31
N MET J 21 -52.43 18.20 32.47
CA MET J 21 -51.59 18.00 33.65
C MET J 21 -51.58 16.53 34.06
N TYR J 22 -52.70 15.85 33.82
CA TYR J 22 -52.87 14.45 34.19
C TYR J 22 -52.12 13.48 33.27
N ILE J 23 -52.16 13.73 31.97
CA ILE J 23 -51.69 12.74 30.98
C ILE J 23 -50.20 12.79 30.66
N CYS J 24 -49.59 13.96 30.79
CA CYS J 24 -48.17 14.13 30.42
C CYS J 24 -47.23 13.18 31.16
N PRO J 25 -46.54 12.31 30.41
CA PRO J 25 -45.68 11.28 30.99
C PRO J 25 -44.42 11.85 31.65
N ASN J 26 -44.19 13.15 31.46
CA ASN J 26 -42.99 13.80 31.96
C ASN J 26 -43.25 14.97 32.92
N ASP J 27 -44.50 15.11 33.34
CA ASP J 27 -44.91 16.10 34.36
C ASP J 27 -44.72 17.55 33.91
N LEU J 28 -44.83 17.79 32.61
CA LEU J 28 -44.55 19.10 32.02
C LEU J 28 -45.75 20.04 32.02
N MET J 29 -46.94 19.48 31.87
CA MET J 29 -48.17 20.27 31.89
C MET J 29 -48.64 20.53 33.32
N ILE J 30 -48.95 21.79 33.60
CA ILE J 30 -49.46 22.21 34.91
C ILE J 30 -50.45 23.38 34.76
N LEU J 31 -51.46 23.38 35.62
CA LEU J 31 -52.52 24.38 35.59
C LEU J 31 -52.25 25.54 36.55
N ASP J 32 -52.46 26.76 36.06
CA ASP J 32 -52.51 27.95 36.92
C ASP J 32 -53.92 28.04 37.48
N PRO J 33 -54.08 27.76 38.80
CA PRO J 33 -55.41 27.62 39.41
C PRO J 33 -56.16 28.95 39.53
N GLU J 34 -55.41 30.04 39.69
CA GLU J 34 -56.01 31.34 39.86
C GLU J 34 -56.35 31.98 38.52
N GLU J 35 -55.59 31.62 37.48
CA GLU J 35 -55.82 32.13 36.13
C GLU J 35 -56.68 31.19 35.27
N MET J 36 -56.87 29.97 35.77
CA MET J 36 -57.61 28.91 35.06
C MET J 36 -57.10 28.62 33.63
N LYS J 37 -55.77 28.63 33.48
CA LYS J 37 -55.12 28.30 32.20
C LYS J 37 -53.82 27.52 32.47
N ALA J 38 -53.47 26.62 31.55
CA ALA J 38 -52.31 25.72 31.73
C ALA J 38 -51.10 26.18 30.92
N PHE J 39 -49.95 25.57 31.21
CA PHE J 39 -48.71 25.80 30.45
C PHE J 39 -47.74 24.62 30.55
N ASN J 40 -46.70 24.65 29.73
CA ASN J 40 -45.62 23.67 29.78
C ASN J 40 -44.47 24.23 30.62
N GLN J 41 -44.30 23.71 31.83
CA GLN J 41 -43.34 24.27 32.78
C GLN J 41 -41.88 23.98 32.42
N GLU J 42 -41.65 23.08 31.47
CA GLU J 42 -40.29 22.73 31.04
C GLU J 42 -40.31 22.24 29.58
N PRO J 43 -40.36 23.18 28.61
CA PRO J 43 -40.49 22.84 27.18
C PRO J 43 -39.31 22.06 26.61
N GLU J 44 -38.14 22.16 27.23
CA GLU J 44 -36.95 21.47 26.75
C GLU J 44 -36.87 20.03 27.24
N ALA J 45 -37.96 19.54 27.83
CA ALA J 45 -38.07 18.15 28.23
C ALA J 45 -39.28 17.51 27.55
N CYS J 46 -39.83 18.22 26.58
CA CYS J 46 -40.98 17.75 25.82
C CYS J 46 -40.57 16.82 24.69
N TRP J 47 -41.11 15.61 24.73
CA TRP J 47 -40.83 14.57 23.73
C TRP J 47 -41.78 14.71 22.55
N GLU J 48 -42.65 15.72 22.60
CA GLU J 48 -43.69 15.94 21.60
C GLU J 48 -44.46 14.65 21.31
N CYS J 49 -44.88 13.96 22.37
CA CYS J 49 -45.61 12.69 22.23
C CYS J 49 -47.08 12.93 21.90
N TYR J 50 -47.50 14.19 22.01
CA TYR J 50 -48.85 14.63 21.62
C TYR J 50 -49.97 14.19 22.57
N SER J 51 -49.60 13.44 23.62
CA SER J 51 -50.57 12.96 24.59
C SER J 51 -51.45 14.07 25.16
N CYS J 52 -50.83 15.20 25.50
CA CYS J 52 -51.55 16.36 25.99
C CYS J 52 -52.45 16.95 24.91
N ILE J 53 -51.90 17.06 23.70
CA ILE J 53 -52.64 17.59 22.56
C ILE J 53 -53.85 16.71 22.21
N LYS J 54 -53.63 15.40 22.24
CA LYS J 54 -54.68 14.42 21.91
C LYS J 54 -55.84 14.43 22.92
N ILE J 55 -55.53 14.76 24.18
CA ILE J 55 -56.51 14.62 25.26
C ILE J 55 -57.36 15.87 25.54
N CYS J 56 -56.83 17.05 25.19
CA CYS J 56 -57.46 18.32 25.56
C CYS J 56 -58.90 18.47 25.04
N PRO J 57 -59.87 18.60 25.97
CA PRO J 57 -61.29 18.75 25.64
C PRO J 57 -61.56 19.98 24.77
N GLN J 58 -60.89 21.09 25.06
CA GLN J 58 -61.06 22.33 24.31
C GLN J 58 -60.13 22.42 23.10
N GLY J 59 -59.30 21.38 22.91
CA GLY J 59 -58.28 21.37 21.85
C GLY J 59 -57.43 22.63 21.85
N ALA J 60 -56.88 22.95 23.02
CA ALA J 60 -56.18 24.22 23.23
C ALA J 60 -54.66 24.11 23.06
N ILE J 61 -54.15 22.88 23.03
CA ILE J 61 -52.71 22.64 22.98
C ILE J 61 -52.27 22.26 21.58
N THR J 62 -51.28 22.97 21.05
CA THR J 62 -50.62 22.57 19.81
C THR J 62 -49.10 22.57 20.00
N ALA J 63 -48.37 22.01 19.04
CA ALA J 63 -46.93 21.91 19.15
C ALA J 63 -46.20 22.87 18.22
N ARG J 64 -45.51 23.83 18.82
CA ARG J 64 -44.54 24.66 18.13
C ARG J 64 -43.23 23.85 18.10
N PRO J 65 -42.84 23.34 16.93
CA PRO J 65 -41.70 22.42 16.85
C PRO J 65 -40.39 23.06 17.31
N TYR J 66 -39.59 22.26 18.00
CA TYR J 66 -38.34 22.67 18.65
C TYR J 66 -37.66 23.84 17.96
N ALA J 67 -37.56 24.94 18.69
CA ALA J 67 -37.13 26.22 18.12
C ALA J 67 -35.66 26.28 17.75
N ASP J 68 -34.85 25.40 18.36
CA ASP J 68 -33.41 25.39 18.10
C ASP J 68 -32.98 24.55 16.89
N PHE J 69 -33.94 23.99 16.15
CA PHE J 69 -33.63 23.31 14.88
C PHE J 69 -34.75 23.31 13.84
N ALA J 70 -35.99 23.57 14.26
CA ALA J 70 -37.11 23.58 13.34
C ALA J 70 -37.60 25.00 13.06
N PRO J 71 -37.61 25.40 11.77
CA PRO J 71 -38.09 26.71 11.32
C PRO J 71 -39.59 26.89 11.57
N MET J 72 -40.02 28.15 11.56
CA MET J 72 -41.41 28.51 11.85
C MET J 72 -42.39 28.09 10.75
N GLY J 73 -43.67 27.98 11.12
CA GLY J 73 -44.73 27.69 10.14
C GLY J 73 -45.27 26.26 10.15
N GLY J 74 -44.50 25.33 10.70
CA GLY J 74 -44.86 23.91 10.69
C GLY J 74 -45.72 23.47 11.85
N THR J 75 -46.76 22.68 11.55
CA THR J 75 -47.70 22.19 12.57
C THR J 75 -48.43 20.92 12.12
N CYS J 76 -48.58 19.98 13.05
CA CYS J 76 -49.42 18.78 12.87
C CYS J 76 -50.53 18.78 13.91
N ILE J 77 -51.77 18.70 13.46
CA ILE J 77 -52.92 18.76 14.37
C ILE J 77 -53.75 17.46 14.35
N PRO J 78 -53.67 16.67 15.42
CA PRO J 78 -54.46 15.45 15.50
C PRO J 78 -55.91 15.72 15.87
N LEU J 79 -56.77 14.76 15.57
CA LEU J 79 -58.15 14.79 16.02
C LEU J 79 -58.54 13.35 16.32
N ARG J 80 -58.45 12.99 17.60
CA ARG J 80 -58.59 11.61 18.03
C ARG J 80 -60.04 11.24 18.29
N GLY J 81 -60.50 10.18 17.63
CA GLY J 81 -61.85 9.67 17.84
C GLY J 81 -61.88 8.58 18.90
N SER J 82 -62.90 7.74 18.82
CA SER J 82 -63.02 6.59 19.71
C SER J 82 -62.45 5.35 19.04
N GLU J 83 -62.43 5.36 17.71
CA GLU J 83 -61.90 4.24 16.93
C GLU J 83 -60.93 4.63 15.80
N ASP J 84 -60.88 5.91 15.45
CA ASP J 84 -59.96 6.39 14.40
C ASP J 84 -59.44 7.82 14.60
N ILE J 85 -58.16 8.02 14.29
CA ILE J 85 -57.52 9.33 14.42
C ILE J 85 -57.38 10.04 13.06
N MET J 86 -57.71 11.33 13.04
CA MET J 86 -57.50 12.15 11.85
C MET J 86 -56.30 13.07 12.06
N TRP J 87 -55.47 13.17 11.04
CA TRP J 87 -54.30 14.04 11.09
C TRP J 87 -54.32 15.06 9.96
N THR J 88 -53.90 16.28 10.27
CA THR J 88 -53.70 17.32 9.25
C THR J 88 -52.33 17.98 9.40
N ILE J 89 -51.50 17.84 8.37
CA ILE J 89 -50.15 18.40 8.35
C ILE J 89 -50.15 19.76 7.64
N LYS J 90 -49.67 20.79 8.32
CA LYS J 90 -49.62 22.15 7.75
C LYS J 90 -48.18 22.61 7.53
N PHE J 91 -47.81 22.78 6.26
CA PHE J 91 -46.45 23.11 5.88
C PHE J 91 -46.13 24.61 5.96
N ARG J 92 -44.85 24.91 6.10
CA ARG J 92 -44.33 26.27 6.12
C ARG J 92 -44.78 27.07 4.90
N ASN J 93 -44.77 26.42 3.74
CA ASN J 93 -45.12 27.07 2.47
C ASN J 93 -46.62 27.33 2.29
N GLY J 94 -47.45 26.56 2.99
CA GLY J 94 -48.90 26.71 2.91
C GLY J 94 -49.64 25.43 2.61
N SER J 95 -49.01 24.54 1.85
CA SER J 95 -49.62 23.26 1.46
C SER J 95 -50.05 22.42 2.67
N VAL J 96 -51.08 21.61 2.46
CA VAL J 96 -51.68 20.80 3.54
C VAL J 96 -51.81 19.34 3.09
N LYS J 97 -51.64 18.43 4.05
CA LYS J 97 -51.89 16.99 3.84
C LYS J 97 -52.79 16.45 4.93
N ARG J 98 -53.70 15.55 4.56
CA ARG J 98 -54.66 14.96 5.51
C ARG J 98 -54.63 13.44 5.50
N PHE J 99 -54.86 12.84 6.67
CA PHE J 99 -54.87 11.39 6.83
C PHE J 99 -55.92 10.94 7.85
N LYS J 100 -56.26 9.65 7.80
CA LYS J 100 -57.16 9.03 8.76
C LYS J 100 -56.72 7.59 9.02
N PHE J 101 -56.42 7.27 10.27
CA PHE J 101 -55.97 5.93 10.63
C PHE J 101 -56.83 5.33 11.74
N PRO J 102 -57.14 4.02 11.62
CA PRO J 102 -57.81 3.32 12.73
C PRO J 102 -56.91 3.25 13.96
N ILE J 103 -57.52 3.31 15.14
CA ILE J 103 -56.75 3.25 16.40
C ILE J 103 -57.16 2.08 17.30
N ARG J 104 -58.39 1.61 17.13
CA ARG J 104 -58.94 0.53 17.96
C ARG J 104 -60.12 -0.17 17.29
N THR J 105 -60.19 -1.50 17.49
CA THR J 105 -61.24 -2.32 16.89
C THR J 105 -62.34 -2.72 17.87
N THR J 106 -62.17 -2.33 19.15
CA THR J 106 -63.18 -2.54 20.19
C THR J 106 -63.51 -1.21 20.90
N PRO J 107 -64.71 -1.12 21.52
CA PRO J 107 -65.03 0.08 22.32
C PRO J 107 -64.11 0.28 23.53
N GLU J 108 -64.12 1.50 24.07
CA GLU J 108 -63.30 1.86 25.24
C GLU J 108 -63.79 1.13 26.49
N GLY J 109 -62.86 0.76 27.36
CA GLY J 109 -63.18 0.16 28.66
C GLY J 109 -63.68 -1.28 28.61
N SER J 110 -63.84 -1.82 27.41
CA SER J 110 -64.54 -3.08 27.20
C SER J 110 -63.71 -4.35 27.41
N ILE J 111 -62.42 -4.19 27.65
CA ILE J 111 -61.53 -5.35 27.86
C ILE J 111 -61.90 -6.09 29.14
N LYS J 112 -62.33 -7.35 28.99
CA LYS J 112 -62.55 -8.23 30.13
C LYS J 112 -61.43 -9.28 30.09
N PRO J 113 -60.34 -9.04 30.86
CA PRO J 113 -59.08 -9.78 30.76
C PRO J 113 -59.17 -11.28 30.99
N PHE J 114 -60.03 -11.70 31.93
CA PHE J 114 -60.10 -13.10 32.34
C PHE J 114 -61.33 -13.86 31.86
N GLU J 115 -62.29 -13.14 31.27
CA GLU J 115 -63.55 -13.70 30.78
C GLU J 115 -63.36 -14.95 29.90
N GLY J 116 -63.89 -16.08 30.37
CA GLY J 116 -63.85 -17.34 29.64
C GLY J 116 -62.45 -17.80 29.23
N LYS J 117 -61.49 -17.63 30.14
CA LYS J 117 -60.11 -18.04 29.92
C LYS J 117 -59.73 -19.10 30.96
N PRO J 118 -58.92 -20.09 30.56
CA PRO J 118 -58.49 -21.16 31.47
C PRO J 118 -57.98 -20.60 32.79
N GLU J 119 -58.41 -21.20 33.91
CA GLU J 119 -57.97 -20.73 35.22
C GLU J 119 -56.57 -21.20 35.56
N ALA J 120 -55.93 -20.49 36.48
CA ALA J 120 -54.55 -20.74 36.89
C ALA J 120 -54.25 -22.23 37.10
N GLY J 121 -53.24 -22.72 36.39
CA GLY J 121 -52.83 -24.12 36.49
C GLY J 121 -51.81 -24.34 37.60
N ASP J 122 -50.74 -25.04 37.27
CA ASP J 122 -49.69 -25.37 38.24
C ASP J 122 -48.78 -24.17 38.47
N LEU J 123 -48.55 -23.84 39.74
CA LEU J 123 -47.61 -22.76 40.11
C LEU J 123 -46.16 -23.16 39.88
N GLU J 124 -45.92 -24.46 39.82
CA GLU J 124 -44.57 -24.99 39.77
C GLU J 124 -44.05 -25.23 38.35
N ASN J 125 -44.93 -25.15 37.35
CA ASN J 125 -44.51 -25.24 35.96
C ASN J 125 -44.27 -23.87 35.32
N GLU J 126 -43.91 -23.86 34.04
CA GLU J 126 -43.55 -22.62 33.35
C GLU J 126 -44.72 -22.02 32.55
N LEU J 127 -45.88 -22.66 32.65
CA LEU J 127 -47.07 -22.26 31.89
C LEU J 127 -47.74 -21.01 32.44
N LEU J 128 -47.99 -20.04 31.55
CA LEU J 128 -48.85 -18.91 31.85
C LEU J 128 -50.31 -19.37 31.78
N PHE J 129 -51.21 -18.68 32.49
CA PHE J 129 -52.59 -19.17 32.66
C PHE J 129 -53.33 -19.52 31.36
N THR J 130 -52.90 -18.93 30.25
CA THR J 130 -53.51 -19.21 28.93
C THR J 130 -52.90 -20.41 28.22
N GLU J 131 -51.61 -20.67 28.48
CA GLU J 131 -50.84 -21.68 27.75
C GLU J 131 -51.09 -23.11 28.23
N THR J 132 -50.97 -24.06 27.30
CA THR J 132 -51.14 -25.48 27.60
C THR J 132 -49.82 -26.25 27.47
N ALA J 133 -49.00 -25.88 26.49
CA ALA J 133 -47.70 -26.52 26.27
C ALA J 133 -46.67 -25.54 25.71
N LEU J 134 -45.41 -25.72 26.08
CA LEU J 134 -44.33 -24.84 25.65
C LEU J 134 -43.21 -25.56 24.89
N THR J 135 -42.72 -24.92 23.85
CA THR J 135 -41.65 -25.47 23.02
C THR J 135 -40.28 -25.46 23.72
N VAL J 136 -39.48 -26.48 23.43
CA VAL J 136 -38.17 -26.68 24.03
C VAL J 136 -37.12 -26.62 22.92
N PRO J 137 -35.91 -26.07 23.20
CA PRO J 137 -34.89 -25.95 22.15
C PRO J 137 -34.59 -27.30 21.50
N GLN J 138 -34.74 -27.38 20.19
CA GLN J 138 -34.54 -28.64 19.46
C GLN J 138 -33.09 -29.12 19.50
N VAL J 139 -32.14 -28.20 19.62
CA VAL J 139 -30.75 -28.54 19.93
C VAL J 139 -30.27 -27.63 21.05
N ALA J 140 -29.78 -28.21 22.13
CA ALA J 140 -29.26 -27.46 23.25
C ALA J 140 -27.85 -27.91 23.63
N LEU J 141 -26.86 -27.13 23.20
CA LEU J 141 -25.47 -27.36 23.55
C LEU J 141 -25.24 -26.86 24.97
N GLY J 142 -24.68 -27.70 25.84
CA GLY J 142 -24.33 -27.26 27.19
C GLY J 142 -22.92 -26.73 27.19
N GLN J 143 -22.63 -25.80 26.29
CA GLN J 143 -21.25 -25.50 25.88
C GLN J 143 -20.71 -24.15 26.37
N LYS J 144 -19.84 -24.22 27.37
CA LYS J 144 -19.19 -23.05 27.97
C LYS J 144 -18.19 -22.40 27.01
N ALA J 145 -17.82 -21.15 27.29
CA ALA J 145 -16.89 -20.42 26.45
C ALA J 145 -15.44 -20.66 26.86
N GLN J 146 -15.14 -20.47 28.15
CA GLN J 146 -13.78 -20.60 28.72
C GLN J 146 -12.76 -19.64 28.08
N ILE J 147 -12.28 -18.70 28.89
CA ILE J 147 -11.35 -17.68 28.42
C ILE J 147 -9.94 -17.86 28.99
N ALA J 148 -8.94 -17.49 28.20
CA ALA J 148 -7.53 -17.69 28.55
C ALA J 148 -7.12 -16.86 29.76
N ASP J 149 -7.80 -15.73 29.94
CA ASP J 149 -7.65 -14.83 31.10
C ASP J 149 -6.36 -14.02 31.14
N ALA J 150 -5.28 -14.56 30.55
CA ALA J 150 -4.01 -13.85 30.45
C ALA J 150 -4.14 -12.66 29.50
N GLU J 151 -3.62 -11.51 29.94
CA GLU J 151 -3.71 -10.25 29.19
C GLU J 151 -2.99 -10.26 27.83
N THR J 152 -2.07 -11.22 27.66
CA THR J 152 -1.28 -11.33 26.43
C THR J 152 -1.53 -12.65 25.69
N SER J 153 -1.41 -12.61 24.37
CA SER J 153 -1.63 -13.79 23.52
C SER J 153 -0.35 -14.62 23.35
N GLN J 154 0.67 -14.28 24.15
CA GLN J 154 1.94 -14.99 24.12
C GLN J 154 1.83 -16.36 24.77
N CYS J 155 2.62 -17.31 24.27
CA CYS J 155 2.73 -18.64 24.88
C CYS J 155 4.19 -19.11 24.89
N TRP J 156 4.62 -19.67 26.01
CA TRP J 156 6.00 -20.12 26.16
C TRP J 156 6.08 -21.59 26.60
N PHE J 157 5.45 -22.48 25.84
CA PHE J 157 5.37 -23.88 26.25
C PHE J 157 5.60 -24.93 25.15
N ASP J 158 5.59 -24.51 23.88
CA ASP J 158 5.63 -25.45 22.74
C ASP J 158 4.28 -26.13 22.53
N LEU J 159 3.53 -26.26 23.62
CA LEU J 159 2.14 -26.70 23.61
C LEU J 159 1.26 -25.48 23.86
N PRO J 160 0.06 -25.42 23.26
CA PRO J 160 -0.77 -24.20 23.17
C PRO J 160 -1.15 -23.51 24.49
N CYS J 161 -0.63 -23.98 25.62
CA CYS J 161 -0.91 -23.41 26.95
C CYS J 161 -2.33 -22.87 27.13
N GLU J 162 -3.26 -23.80 27.31
CA GLU J 162 -4.69 -23.52 27.39
C GLU J 162 -5.38 -24.65 28.14
N GLY J 163 -6.22 -24.30 29.10
CA GLY J 163 -7.01 -25.29 29.83
C GLY J 163 -6.21 -26.13 30.81
N GLY J 164 -5.37 -25.47 31.60
CA GLY J 164 -4.63 -26.12 32.66
C GLY J 164 -5.30 -25.86 33.99
N ASN J 165 -4.69 -26.36 35.07
CA ASN J 165 -5.20 -26.13 36.43
C ASN J 165 -4.14 -25.44 37.27
N ARG J 166 -2.90 -25.48 36.77
CA ARG J 166 -1.74 -24.96 37.47
C ARG J 166 -1.74 -23.44 37.51
N LYS K 1 57.36 -31.48 25.18
CA LYS K 1 57.03 -30.07 24.85
C LYS K 1 56.38 -29.96 23.47
N ILE K 2 56.91 -30.71 22.51
CA ILE K 2 56.34 -30.84 21.17
C ILE K 2 54.96 -31.51 21.26
N PRO K 3 53.95 -30.98 20.53
CA PRO K 3 52.57 -31.46 20.65
C PRO K 3 52.36 -32.92 20.26
N SER K 4 53.22 -33.46 19.41
CA SER K 4 53.10 -34.86 18.96
C SER K 4 53.56 -35.89 19.99
N LYS K 5 54.27 -35.43 21.03
CA LYS K 5 54.65 -36.30 22.14
C LYS K 5 53.57 -36.41 23.22
N GLU K 6 52.60 -35.50 23.19
CA GLU K 6 51.51 -35.46 24.17
C GLU K 6 50.60 -36.70 24.07
N THR K 7 50.16 -37.19 25.22
CA THR K 7 49.36 -38.42 25.28
C THR K 7 47.88 -38.12 24.99
N PRO K 8 47.32 -38.78 23.95
CA PRO K 8 45.98 -38.61 23.38
C PRO K 8 44.78 -38.38 24.32
N ARG K 9 45.01 -38.37 25.63
CA ARG K 9 43.96 -38.08 26.65
C ARG K 9 42.69 -38.96 26.65
N GLY K 10 42.34 -39.50 25.49
CA GLY K 10 41.23 -40.45 25.37
C GLY K 10 41.70 -41.88 25.56
N VAL K 11 40.75 -42.82 25.64
CA VAL K 11 41.02 -44.20 26.07
C VAL K 11 42.39 -44.80 25.69
N ALA K 12 42.62 -45.09 24.40
CA ALA K 12 43.90 -45.67 23.98
C ALA K 12 44.13 -45.75 22.46
N ILE K 13 43.35 -46.60 21.80
CA ILE K 13 43.43 -46.90 20.36
C ILE K 13 44.66 -47.69 19.87
N ALA K 14 44.39 -48.94 19.52
CA ALA K 14 45.36 -49.85 18.92
C ALA K 14 44.62 -50.71 17.89
N GLU K 15 45.29 -51.72 17.33
CA GLU K 15 44.66 -52.63 16.36
C GLU K 15 43.52 -53.39 17.04
N PRO K 16 42.29 -53.22 16.54
CA PRO K 16 41.07 -53.80 17.12
C PRO K 16 41.04 -55.33 17.11
N ILE K 17 40.02 -55.92 17.75
CA ILE K 17 39.95 -57.37 17.93
C ILE K 17 38.91 -58.06 17.03
N ILE K 18 37.78 -57.39 16.79
CA ILE K 18 36.59 -57.98 16.13
C ILE K 18 35.90 -59.01 17.02
N VAL K 19 34.68 -58.69 17.45
CA VAL K 19 33.85 -59.60 18.24
C VAL K 19 32.42 -59.68 17.64
N GLU K 20 32.06 -60.88 17.18
CA GLU K 20 30.83 -61.08 16.42
C GLU K 20 29.66 -61.58 17.26
N HIS K 21 28.48 -61.05 16.96
CA HIS K 21 27.23 -61.40 17.61
C HIS K 21 26.18 -61.74 16.56
N SER K 22 25.55 -62.89 16.71
CA SER K 22 24.36 -63.20 15.93
C SER K 22 23.19 -63.28 16.90
N VAL K 23 22.15 -62.52 16.60
CA VAL K 23 21.04 -62.31 17.52
C VAL K 23 19.72 -62.33 16.74
N ASP K 24 18.60 -62.43 17.44
CA ASP K 24 17.29 -62.47 16.80
C ASP K 24 16.60 -61.12 16.78
N LEU K 25 16.63 -60.43 17.93
CA LEU K 25 16.12 -59.06 18.03
C LEU K 25 17.23 -58.13 18.51
N LEU K 26 17.53 -57.11 17.72
CA LEU K 26 18.56 -56.13 18.09
C LEU K 26 17.96 -54.75 18.28
N MET K 27 18.42 -54.07 19.32
CA MET K 27 17.93 -52.74 19.64
C MET K 27 19.08 -51.76 19.76
N VAL K 28 19.30 -51.00 18.69
CA VAL K 28 20.35 -49.99 18.66
C VAL K 28 19.83 -48.71 19.31
N GLY K 29 20.45 -48.34 20.43
CA GLY K 29 20.03 -47.18 21.21
C GLY K 29 19.39 -47.59 22.53
N GLY K 30 19.73 -46.87 23.59
CA GLY K 30 19.18 -47.15 24.92
C GLY K 30 18.46 -45.93 25.47
N GLY K 31 17.63 -45.32 24.63
CA GLY K 31 16.91 -44.10 25.00
C GLY K 31 15.54 -44.37 25.59
N MET K 32 14.65 -43.39 25.43
CA MET K 32 13.27 -43.51 25.88
C MET K 32 12.47 -44.45 25.00
N GLY K 33 12.76 -44.44 23.70
CA GLY K 33 12.09 -45.27 22.73
C GLY K 33 12.37 -46.76 22.92
N ASN K 34 13.64 -47.12 22.97
CA ASN K 34 14.03 -48.53 23.13
C ASN K 34 13.77 -49.12 24.51
N CYS K 35 13.76 -48.29 25.55
CA CYS K 35 13.38 -48.73 26.89
C CYS K 35 11.89 -49.08 26.94
N GLY K 36 11.15 -48.65 25.92
CA GLY K 36 9.78 -49.08 25.72
C GLY K 36 9.79 -50.36 24.90
N ALA K 37 10.63 -50.38 23.87
CA ALA K 37 10.76 -51.53 22.97
C ALA K 37 11.18 -52.80 23.71
N ALA K 38 12.19 -52.67 24.56
CA ALA K 38 12.73 -53.80 25.32
C ALA K 38 11.72 -54.31 26.35
N PHE K 39 11.12 -53.38 27.08
CA PHE K 39 10.11 -53.73 28.07
C PHE K 39 9.00 -54.58 27.46
N GLU K 40 8.47 -54.15 26.32
CA GLU K 40 7.38 -54.85 25.66
C GLU K 40 7.81 -56.17 25.01
N ALA K 41 8.87 -56.11 24.21
CA ALA K 41 9.36 -57.25 23.43
C ALA K 41 9.71 -58.48 24.27
N VAL K 42 10.32 -58.24 25.43
CA VAL K 42 10.68 -59.33 26.35
C VAL K 42 9.43 -60.14 26.74
N ARG K 43 8.38 -59.45 27.19
CA ARG K 43 7.15 -60.12 27.63
C ARG K 43 6.50 -60.97 26.54
N TRP K 44 6.55 -60.48 25.30
CA TRP K 44 6.02 -61.23 24.17
C TRP K 44 6.91 -62.41 23.79
N ALA K 45 8.22 -62.24 23.99
CA ALA K 45 9.20 -63.31 23.76
C ALA K 45 9.16 -64.37 24.85
N ASP K 46 9.02 -63.94 26.10
CA ASP K 46 8.92 -64.85 27.26
C ASP K 46 7.84 -65.90 27.05
N LYS K 47 6.74 -65.48 26.43
CA LYS K 47 5.62 -66.36 26.11
C LYS K 47 5.89 -67.19 24.86
N TYR K 48 5.84 -66.54 23.69
CA TYR K 48 5.79 -67.24 22.40
C TYR K 48 7.13 -67.67 21.80
N ALA K 49 8.21 -66.99 22.19
CA ALA K 49 9.53 -67.31 21.64
C ALA K 49 10.64 -67.21 22.70
N PRO K 50 10.72 -68.22 23.59
CA PRO K 50 11.68 -68.13 24.70
C PRO K 50 13.12 -68.37 24.23
N GLU K 51 13.26 -68.94 23.04
CA GLU K 51 14.56 -69.27 22.46
C GLU K 51 15.19 -68.08 21.76
N ALA K 52 14.40 -67.02 21.57
CA ALA K 52 14.83 -65.85 20.79
C ALA K 52 15.85 -64.99 21.52
N LYS K 53 16.93 -64.68 20.83
CA LYS K 53 18.01 -63.87 21.37
C LYS K 53 17.69 -62.39 21.23
N ILE K 54 17.69 -61.67 22.35
CA ILE K 54 17.44 -60.23 22.35
C ILE K 54 18.66 -59.48 22.90
N LEU K 55 19.06 -58.41 22.21
CA LEU K 55 20.19 -57.60 22.64
C LEU K 55 19.98 -56.11 22.39
N LEU K 56 20.17 -55.33 23.45
CA LEU K 56 20.16 -53.87 23.38
C LEU K 56 21.59 -53.36 23.47
N VAL K 57 21.96 -52.47 22.55
CA VAL K 57 23.24 -51.80 22.60
C VAL K 57 23.08 -50.29 22.76
N ASP K 58 24.01 -49.68 23.49
CA ASP K 58 23.98 -48.25 23.75
C ASP K 58 25.40 -47.68 23.74
N LYS K 59 25.54 -46.45 23.26
CA LYS K 59 26.85 -45.79 23.23
C LYS K 59 27.25 -45.23 24.59
N ALA K 60 26.29 -45.11 25.50
CA ALA K 60 26.55 -44.72 26.88
C ALA K 60 25.81 -45.68 27.81
N SER K 61 25.87 -45.44 29.12
CA SER K 61 25.15 -46.28 30.06
C SER K 61 23.69 -45.87 30.14
N LEU K 62 22.81 -46.87 30.12
CA LEU K 62 21.36 -46.66 30.12
C LEU K 62 20.85 -45.78 31.24
N GLU K 63 21.44 -45.94 32.42
CA GLU K 63 21.02 -45.23 33.64
C GLU K 63 20.74 -43.74 33.39
N ARG K 64 21.53 -43.11 32.52
CA ARG K 64 21.38 -41.67 32.26
C ARG K 64 21.51 -41.27 30.78
N SER K 65 21.78 -42.23 29.89
CA SER K 65 21.95 -41.91 28.48
C SER K 65 20.69 -41.33 27.85
N GLY K 66 20.86 -40.42 26.90
CA GLY K 66 19.75 -39.87 26.15
C GLY K 66 19.32 -38.48 26.58
N ALA K 67 18.25 -38.00 25.95
CA ALA K 67 17.72 -36.65 26.17
C ALA K 67 17.24 -36.39 27.61
N VAL K 68 16.91 -37.45 28.33
CA VAL K 68 16.38 -37.33 29.69
C VAL K 68 17.47 -37.54 30.76
N ALA K 69 18.71 -37.22 30.40
CA ALA K 69 19.87 -37.38 31.28
C ALA K 69 19.70 -36.64 32.61
N GLN K 70 19.40 -35.34 32.55
CA GLN K 70 19.23 -34.53 33.76
C GLN K 70 17.80 -34.59 34.29
N GLY K 71 16.92 -35.26 33.54
CA GLY K 71 15.53 -35.43 33.91
C GLY K 71 14.59 -34.49 33.17
N LEU K 72 13.31 -34.52 33.56
CA LEU K 72 12.30 -33.64 32.99
C LEU K 72 11.37 -33.15 34.10
N SER K 73 10.81 -31.95 33.92
CA SER K 73 9.87 -31.38 34.88
C SER K 73 8.41 -31.70 34.53
N ALA K 74 8.19 -32.23 33.33
CA ALA K 74 6.85 -32.57 32.86
C ALA K 74 6.80 -33.76 31.88
N ILE K 75 5.65 -34.40 31.79
CA ILE K 75 5.35 -35.36 30.73
C ILE K 75 4.34 -34.69 29.80
N ASN K 76 4.78 -34.40 28.57
CA ASN K 76 4.01 -33.53 27.69
C ASN K 76 2.86 -34.19 26.92
N THR K 77 2.86 -35.51 26.86
CA THR K 77 1.77 -36.20 26.18
C THR K 77 1.03 -37.12 27.13
N TYR K 78 -0.05 -36.62 27.70
CA TYR K 78 -0.96 -37.43 28.49
C TYR K 78 -2.38 -37.00 28.18
N LEU K 79 -3.13 -37.90 27.57
CA LEU K 79 -4.49 -37.61 27.12
C LEU K 79 -5.47 -37.45 28.27
N GLY K 80 -5.59 -38.47 29.11
CA GLY K 80 -6.55 -38.47 30.21
C GLY K 80 -7.97 -38.29 29.71
N ASP K 81 -8.65 -37.26 30.19
CA ASP K 81 -10.03 -36.98 29.79
C ASP K 81 -10.19 -36.56 28.32
N ASN K 82 -9.08 -36.16 27.69
CA ASN K 82 -9.09 -35.82 26.27
C ASN K 82 -9.20 -37.08 25.40
N ASN K 83 -9.66 -36.88 24.18
CA ASN K 83 -9.72 -37.97 23.20
C ASN K 83 -8.61 -37.82 22.17
N ALA K 84 -8.25 -38.93 21.52
CA ALA K 84 -7.09 -38.96 20.63
C ALA K 84 -7.26 -38.16 19.33
N ASP K 85 -8.50 -37.79 19.01
CA ASP K 85 -8.80 -36.94 17.85
C ASP K 85 -8.27 -35.53 18.07
N ASP K 86 -8.64 -34.95 19.21
CA ASP K 86 -8.22 -33.60 19.59
C ASP K 86 -6.71 -33.50 19.73
N TYR K 87 -6.10 -34.63 20.09
CA TYR K 87 -4.64 -34.73 20.17
C TYR K 87 -4.05 -34.49 18.79
N VAL K 88 -4.60 -35.17 17.78
CA VAL K 88 -4.14 -35.01 16.40
C VAL K 88 -4.37 -33.56 15.94
N ARG K 89 -5.54 -33.01 16.27
CA ARG K 89 -5.93 -31.66 15.86
C ARG K 89 -4.91 -30.59 16.27
N MET K 90 -4.38 -30.66 17.49
CA MET K 90 -3.43 -29.67 17.95
C MET K 90 -2.03 -29.87 17.35
N VAL K 91 -1.65 -31.14 17.16
CA VAL K 91 -0.36 -31.47 16.58
C VAL K 91 -0.31 -31.02 15.12
N ARG K 92 -1.38 -31.33 14.38
CA ARG K 92 -1.51 -30.92 12.99
C ARG K 92 -1.42 -29.40 12.88
N THR K 93 -2.17 -28.71 13.73
CA THR K 93 -2.22 -27.24 13.73
C THR K 93 -0.82 -26.64 13.94
N ASP K 94 -0.10 -27.14 14.93
CA ASP K 94 1.21 -26.61 15.32
C ASP K 94 2.28 -26.88 14.27
N LEU K 95 2.32 -28.11 13.75
CA LEU K 95 3.32 -28.48 12.76
C LEU K 95 2.94 -28.10 11.32
N MET K 96 1.99 -27.18 11.20
CA MET K 96 1.62 -26.52 9.94
C MET K 96 0.86 -27.38 8.94
N GLY K 97 0.10 -28.35 9.45
CA GLY K 97 -0.84 -29.11 8.62
C GLY K 97 -0.33 -30.38 7.96
N LEU K 98 0.99 -30.49 7.80
CA LEU K 98 1.57 -31.65 7.13
C LEU K 98 2.11 -32.67 8.13
N VAL K 99 1.24 -33.57 8.58
CA VAL K 99 1.60 -34.64 9.50
C VAL K 99 0.93 -35.97 9.13
N ARG K 100 1.51 -37.06 9.64
CA ARG K 100 0.92 -38.40 9.48
C ARG K 100 -0.07 -38.64 10.60
N GLU K 101 -1.33 -38.32 10.33
CA GLU K 101 -2.37 -38.32 11.34
C GLU K 101 -2.61 -39.70 11.95
N ASP K 102 -2.42 -40.75 11.13
CA ASP K 102 -2.59 -42.12 11.60
C ASP K 102 -1.56 -42.49 12.65
N LEU K 103 -0.32 -42.03 12.47
CA LEU K 103 0.75 -42.31 13.42
C LEU K 103 0.54 -41.58 14.74
N ILE K 104 0.04 -40.34 14.66
CA ILE K 104 -0.22 -39.53 15.85
C ILE K 104 -1.44 -40.04 16.62
N TYR K 105 -2.50 -40.43 15.88
CA TYR K 105 -3.66 -41.03 16.52
C TYR K 105 -3.31 -42.35 17.19
N ASP K 106 -2.69 -43.25 16.44
CA ASP K 106 -2.26 -44.55 16.95
C ASP K 106 -1.36 -44.40 18.19
N LEU K 107 -0.56 -43.34 18.22
CA LEU K 107 0.30 -43.05 19.36
C LEU K 107 -0.52 -42.52 20.54
N GLY K 108 -1.65 -41.91 20.23
CA GLY K 108 -2.58 -41.41 21.26
C GLY K 108 -3.28 -42.50 22.05
N ARG K 109 -3.77 -43.53 21.34
CA ARG K 109 -4.48 -44.65 21.99
C ARG K 109 -3.59 -45.57 22.83
N HIS K 110 -2.28 -45.30 22.85
CA HIS K 110 -1.34 -46.13 23.61
C HIS K 110 -0.57 -45.35 24.70
N VAL K 111 -0.44 -44.04 24.50
CA VAL K 111 0.46 -43.22 25.30
C VAL K 111 0.17 -43.23 26.81
N ASP K 112 -1.10 -43.11 27.19
CA ASP K 112 -1.50 -42.98 28.60
C ASP K 112 -1.10 -44.19 29.44
N ASP K 113 -1.16 -45.37 28.82
CA ASP K 113 -0.82 -46.63 29.47
C ASP K 113 0.62 -46.62 30.01
N SER K 114 1.53 -46.02 29.24
CA SER K 114 2.92 -45.88 29.63
C SER K 114 3.07 -44.97 30.86
N VAL K 115 2.41 -43.82 30.82
CA VAL K 115 2.45 -42.83 31.92
C VAL K 115 2.00 -43.47 33.23
N HIS K 116 0.89 -44.23 33.17
CA HIS K 116 0.39 -44.96 34.34
C HIS K 116 1.43 -45.93 34.88
N LEU K 117 2.14 -46.60 33.98
CA LEU K 117 3.23 -47.50 34.35
C LEU K 117 4.39 -46.79 35.05
N PHE K 118 4.66 -45.54 34.64
CA PHE K 118 5.76 -44.76 35.21
C PHE K 118 5.54 -44.43 36.68
N GLU K 119 4.31 -44.03 37.01
CA GLU K 119 3.93 -43.71 38.39
C GLU K 119 4.13 -44.92 39.32
N GLU K 120 3.74 -46.09 38.83
CA GLU K 120 3.89 -47.35 39.56
C GLU K 120 5.36 -47.64 39.86
N TRP K 121 6.21 -47.43 38.87
CA TRP K 121 7.64 -47.74 38.99
C TRP K 121 8.36 -46.80 39.95
N GLY K 122 7.71 -45.71 40.32
CA GLY K 122 8.24 -44.81 41.33
C GLY K 122 8.44 -43.36 40.92
N LEU K 123 7.96 -43.01 39.73
CA LEU K 123 8.04 -41.63 39.26
C LEU K 123 7.05 -40.76 40.01
N PRO K 124 7.55 -39.71 40.70
CA PRO K 124 6.71 -38.80 41.46
C PRO K 124 5.89 -37.91 40.53
N VAL K 125 4.59 -38.19 40.45
CA VAL K 125 3.68 -37.42 39.60
C VAL K 125 2.81 -36.50 40.47
N TRP K 126 2.71 -35.23 40.08
CA TRP K 126 1.89 -34.24 40.77
C TRP K 126 0.40 -34.56 40.63
N ILE K 127 -0.32 -34.51 41.75
CA ILE K 127 -1.77 -34.77 41.79
C ILE K 127 -2.57 -33.63 42.45
N LYS K 128 -3.76 -33.36 41.91
CA LYS K 128 -4.71 -32.39 42.46
C LYS K 128 -5.67 -33.03 43.47
N ASP K 129 -5.89 -32.37 44.60
CA ASP K 129 -6.74 -32.89 45.66
C ASP K 129 -8.14 -32.26 45.68
N GLU K 130 -8.90 -32.57 46.73
CA GLU K 130 -10.28 -32.07 46.91
C GLU K 130 -10.38 -30.55 46.79
N HIS K 131 -9.51 -29.85 47.54
CA HIS K 131 -9.46 -28.38 47.51
C HIS K 131 -8.92 -27.84 46.19
N GLY K 132 -8.24 -28.70 45.43
CA GLY K 132 -7.59 -28.30 44.17
C GLY K 132 -6.39 -27.41 44.44
N HIS K 133 -5.37 -27.96 45.09
CA HIS K 133 -4.32 -27.13 45.69
C HIS K 133 -2.90 -27.39 45.16
N ASN K 134 -2.66 -28.59 44.60
CA ASN K 134 -1.36 -29.01 44.02
C ASN K 134 -0.43 -29.76 44.98
N LEU K 135 -0.40 -31.08 44.83
CA LEU K 135 0.50 -31.92 45.62
C LEU K 135 1.59 -32.49 44.72
N ASP K 136 2.84 -32.41 45.17
CA ASP K 136 3.94 -33.04 44.44
C ASP K 136 3.92 -34.57 44.63
N GLY K 137 4.76 -35.27 43.87
CA GLY K 137 4.78 -36.73 43.85
C GLY K 137 4.75 -37.41 45.20
N ALA K 138 5.68 -37.02 46.08
CA ALA K 138 5.81 -37.65 47.40
C ALA K 138 4.58 -37.41 48.29
N GLN K 139 4.07 -36.18 48.27
CA GLN K 139 2.94 -35.80 49.13
C GLN K 139 1.57 -36.16 48.53
N ALA K 140 1.56 -36.58 47.27
CA ALA K 140 0.35 -37.15 46.67
C ALA K 140 0.28 -38.63 47.01
N LYS K 141 1.45 -39.26 47.11
CA LYS K 141 1.60 -40.66 47.52
C LYS K 141 1.15 -40.82 48.98
N ALA K 142 1.55 -39.87 49.81
CA ALA K 142 1.23 -39.89 51.25
C ALA K 142 -0.27 -39.87 51.50
N ALA K 143 -0.97 -38.92 50.87
CA ALA K 143 -2.43 -38.80 51.00
C ALA K 143 -3.20 -39.93 50.31
N GLY K 144 -2.46 -40.81 49.63
CA GLY K 144 -3.04 -41.98 48.95
C GLY K 144 -3.67 -41.66 47.61
N LYS K 145 -3.06 -40.72 46.88
CA LYS K 145 -3.59 -40.26 45.59
C LYS K 145 -2.69 -40.68 44.43
N SER K 146 -3.30 -41.00 43.29
CA SER K 146 -2.58 -41.38 42.08
C SER K 146 -3.48 -41.35 40.84
N LEU K 147 -2.88 -41.27 39.66
CA LEU K 147 -3.64 -41.39 38.39
C LEU K 147 -4.13 -42.83 38.24
N ARG K 148 -3.34 -43.76 38.77
CA ARG K 148 -3.71 -45.16 38.88
C ARG K 148 -5.04 -45.27 39.63
N ASN K 149 -5.15 -44.49 40.70
CA ASN K 149 -6.37 -44.38 41.49
C ASN K 149 -7.39 -43.41 40.86
N GLY K 150 -6.98 -42.74 39.78
CA GLY K 150 -7.81 -41.79 39.06
C GLY K 150 -8.07 -40.52 39.85
N ASP K 151 -7.03 -39.68 39.99
CA ASP K 151 -7.11 -38.49 40.84
C ASP K 151 -6.85 -37.15 40.13
N LYS K 152 -6.74 -37.18 38.80
CA LYS K 152 -6.50 -35.98 37.96
C LYS K 152 -5.19 -35.22 38.29
N PRO K 153 -4.28 -35.13 37.30
CA PRO K 153 -2.94 -34.55 37.45
C PRO K 153 -2.96 -33.02 37.60
N VAL K 154 -1.81 -32.42 37.89
CA VAL K 154 -1.75 -30.97 38.10
C VAL K 154 -1.92 -30.17 36.81
N ARG K 155 -1.15 -30.52 35.77
CA ARG K 155 -1.46 -30.10 34.39
C ARG K 155 -1.43 -28.57 34.13
N SER K 156 -0.39 -28.11 33.44
CA SER K 156 -0.22 -26.69 33.14
C SER K 156 -0.65 -26.33 31.70
N GLY K 157 -1.46 -27.21 31.11
CA GLY K 157 -1.97 -27.05 29.75
C GLY K 157 -2.67 -28.33 29.32
N ARG K 158 -3.68 -28.18 28.46
CA ARG K 158 -4.57 -29.30 28.06
C ARG K 158 -3.91 -30.69 28.00
N TRP K 159 -2.65 -30.74 27.57
CA TRP K 159 -1.97 -32.01 27.28
C TRP K 159 -0.90 -32.44 28.28
N GLN K 160 -0.13 -31.47 28.79
CA GLN K 160 1.02 -31.78 29.66
C GLN K 160 0.63 -32.04 31.12
N ILE K 161 1.48 -32.81 31.83
CA ILE K 161 1.33 -33.05 33.26
C ILE K 161 2.64 -32.80 34.04
N MET K 162 2.51 -32.26 35.24
CA MET K 162 3.67 -31.98 36.11
C MET K 162 4.21 -33.25 36.78
N ILE K 163 5.54 -33.38 36.79
CA ILE K 163 6.23 -34.47 37.49
C ILE K 163 7.47 -33.97 38.23
N ASN K 164 7.92 -34.74 39.23
CA ASN K 164 9.21 -34.50 39.88
C ASN K 164 10.23 -35.48 39.29
N GLY K 165 10.70 -35.19 38.09
CA GLY K 165 11.42 -36.19 37.30
C GLY K 165 12.91 -36.03 37.12
N GLU K 166 13.62 -35.73 38.20
CA GLU K 166 15.08 -35.74 38.18
C GLU K 166 15.57 -37.14 37.85
N SER K 167 14.88 -38.14 38.42
CA SER K 167 15.23 -39.52 38.23
C SER K 167 14.38 -40.22 37.17
N TYR K 168 13.71 -39.43 36.34
CA TYR K 168 12.87 -39.95 35.28
C TYR K 168 13.57 -41.07 34.48
N LYS K 169 14.71 -40.75 33.88
CA LYS K 169 15.43 -41.74 33.05
C LYS K 169 15.88 -42.97 33.82
N VAL K 170 16.48 -42.75 34.99
CA VAL K 170 17.00 -43.88 35.79
C VAL K 170 15.90 -44.87 36.19
N ILE K 171 14.70 -44.37 36.49
CA ILE K 171 13.53 -45.20 36.75
C ILE K 171 13.16 -46.03 35.52
N VAL K 172 13.03 -45.35 34.37
CA VAL K 172 12.65 -46.00 33.11
C VAL K 172 13.72 -46.98 32.64
N ALA K 173 14.98 -46.59 32.81
CA ALA K 173 16.12 -47.44 32.46
C ALA K 173 16.14 -48.71 33.31
N GLU K 174 15.90 -48.55 34.60
CA GLU K 174 15.83 -49.67 35.54
C GLU K 174 14.77 -50.69 35.12
N ALA K 175 13.59 -50.18 34.76
CA ALA K 175 12.51 -51.03 34.26
C ALA K 175 12.97 -51.87 33.08
N ALA K 176 13.60 -51.22 32.10
CA ALA K 176 14.13 -51.89 30.91
C ALA K 176 15.27 -52.85 31.26
N LYS K 177 16.09 -52.49 32.24
CA LYS K 177 17.19 -53.33 32.69
C LYS K 177 16.67 -54.59 33.38
N ASN K 178 15.63 -54.42 34.19
CA ASN K 178 15.01 -55.53 34.92
C ASN K 178 14.17 -56.42 34.02
N ALA K 179 13.85 -55.93 32.82
CA ALA K 179 13.13 -56.71 31.82
C ALA K 179 14.08 -57.59 31.00
N LEU K 180 15.05 -56.95 30.35
CA LEU K 180 16.06 -57.64 29.56
C LEU K 180 16.98 -58.46 30.45
N GLY K 181 17.47 -57.85 31.53
CA GLY K 181 18.46 -58.47 32.37
C GLY K 181 19.86 -58.10 31.91
N GLN K 182 20.71 -57.84 32.91
CA GLN K 182 22.16 -57.57 32.73
C GLN K 182 22.81 -58.15 31.48
N ASP K 183 22.56 -59.43 31.20
CA ASP K 183 23.25 -60.16 30.12
C ASP K 183 22.77 -59.89 28.70
N ARG K 184 21.79 -59.00 28.55
CA ARG K 184 21.23 -58.66 27.24
C ARG K 184 21.48 -57.20 26.86
N ILE K 185 22.27 -56.50 27.68
CA ILE K 185 22.61 -55.11 27.43
C ILE K 185 24.13 -54.96 27.27
N ILE K 186 24.54 -54.40 26.15
CA ILE K 186 25.91 -53.91 25.99
C ILE K 186 25.89 -52.39 25.93
N GLU K 187 26.59 -51.74 26.85
CA GLU K 187 26.74 -50.29 26.80
C GLU K 187 28.13 -49.86 26.35
N ARG K 188 28.35 -48.54 26.27
CA ARG K 188 29.59 -47.96 25.73
C ARG K 188 30.01 -48.59 24.40
N ILE K 189 29.06 -48.69 23.48
CA ILE K 189 29.30 -49.27 22.17
C ILE K 189 28.55 -48.47 21.10
N PHE K 190 29.31 -47.71 20.31
CA PHE K 190 28.76 -46.83 19.28
C PHE K 190 28.58 -47.56 17.96
N ILE K 191 27.35 -47.58 17.47
CA ILE K 191 27.03 -48.21 16.20
C ILE K 191 27.21 -47.22 15.06
N VAL K 192 28.05 -47.59 14.09
CA VAL K 192 28.40 -46.72 12.97
C VAL K 192 27.45 -46.88 11.79
N LYS K 193 27.33 -48.10 11.25
CA LYS K 193 26.46 -48.33 10.11
C LYS K 193 25.58 -49.58 10.25
N LEU K 194 24.49 -49.60 9.50
CA LEU K 194 23.65 -50.78 9.37
C LEU K 194 24.00 -51.51 8.07
N LEU K 195 23.67 -52.79 8.01
CA LEU K 195 24.04 -53.63 6.88
C LEU K 195 22.82 -54.34 6.28
N LEU K 196 22.73 -54.33 4.95
CA LEU K 196 21.68 -55.04 4.23
C LEU K 196 22.09 -56.48 3.93
N ASP K 197 21.10 -57.33 3.70
CA ASP K 197 21.32 -58.75 3.39
C ASP K 197 21.92 -58.96 2.00
N LYS K 198 22.85 -59.89 1.90
CA LYS K 198 23.52 -60.25 0.66
C LYS K 198 22.53 -60.80 -0.37
N ASN K 199 21.59 -61.63 0.08
CA ASN K 199 20.73 -62.41 -0.80
C ASN K 199 19.39 -61.76 -1.10
N THR K 200 18.51 -61.69 -0.10
CA THR K 200 17.19 -61.06 -0.28
C THR K 200 17.29 -59.53 -0.29
N PRO K 201 16.73 -58.89 -1.33
CA PRO K 201 16.87 -57.44 -1.52
C PRO K 201 16.06 -56.66 -0.51
N ASN K 202 16.49 -55.42 -0.24
CA ASN K 202 15.81 -54.50 0.69
C ASN K 202 15.52 -55.08 2.09
N ARG K 203 16.39 -55.99 2.54
CA ARG K 203 16.22 -56.62 3.85
C ARG K 203 17.39 -56.32 4.80
N ILE K 204 17.06 -55.94 6.02
CA ILE K 204 18.05 -55.62 7.06
C ILE K 204 18.74 -56.92 7.51
N ALA K 205 20.04 -56.84 7.79
CA ALA K 205 20.83 -58.02 8.14
C ALA K 205 21.63 -57.86 9.43
N GLY K 206 22.12 -56.65 9.68
CA GLY K 206 22.92 -56.37 10.86
C GLY K 206 23.44 -54.95 10.97
N ALA K 207 24.43 -54.77 11.83
CA ALA K 207 25.02 -53.45 12.09
C ALA K 207 26.46 -53.56 12.57
N VAL K 208 27.30 -52.60 12.19
CA VAL K 208 28.68 -52.54 12.68
C VAL K 208 28.85 -51.40 13.68
N GLY K 209 29.70 -51.62 14.68
CA GLY K 209 30.01 -50.59 15.68
C GLY K 209 31.36 -50.83 16.29
N PHE K 210 31.65 -50.11 17.37
CA PHE K 210 32.91 -50.28 18.09
C PHE K 210 32.81 -49.94 19.58
N ASN K 211 33.62 -50.60 20.38
CA ASN K 211 33.64 -50.41 21.83
C ASN K 211 34.41 -49.14 22.19
N LEU K 212 33.92 -48.43 23.19
CA LEU K 212 34.50 -47.16 23.62
C LEU K 212 35.37 -47.31 24.86
N ARG K 213 35.64 -48.57 25.25
CA ARG K 213 36.40 -48.86 26.47
C ARG K 213 37.60 -49.77 26.21
N ALA K 214 37.56 -50.48 25.09
CA ALA K 214 38.68 -51.32 24.64
C ALA K 214 38.57 -51.46 23.12
N ASN K 215 39.68 -51.75 22.45
CA ASN K 215 39.69 -51.79 20.99
C ASN K 215 39.08 -53.05 20.36
N GLU K 216 37.77 -52.98 20.14
CA GLU K 216 36.99 -54.10 19.61
C GLU K 216 36.01 -53.59 18.56
N VAL K 217 35.95 -54.28 17.41
CA VAL K 217 34.93 -53.98 16.41
C VAL K 217 33.81 -55.01 16.54
N HIS K 218 32.61 -54.53 16.83
CA HIS K 218 31.47 -55.42 16.99
C HIS K 218 30.66 -55.55 15.70
N ILE K 219 30.32 -56.80 15.36
CA ILE K 219 29.47 -57.09 14.21
C ILE K 219 28.22 -57.81 14.67
N PHE K 220 27.06 -57.33 14.24
CA PHE K 220 25.79 -57.90 14.66
C PHE K 220 25.02 -58.48 13.49
N LYS K 221 24.62 -59.74 13.62
CA LYS K 221 23.68 -60.36 12.69
C LYS K 221 22.32 -60.33 13.40
N ALA K 222 21.29 -59.86 12.70
CA ALA K 222 19.96 -59.71 13.32
C ALA K 222 18.81 -60.00 12.37
N ASN K 223 17.74 -60.55 12.92
CA ASN K 223 16.52 -60.83 12.17
C ASN K 223 15.63 -59.59 12.11
N ALA K 224 15.37 -59.01 13.28
CA ALA K 224 14.62 -57.76 13.40
C ALA K 224 15.32 -56.80 14.35
N MET K 225 15.46 -55.54 13.94
CA MET K 225 16.10 -54.55 14.80
C MET K 225 15.39 -53.19 14.83
N VAL K 226 15.67 -52.42 15.88
CA VAL K 226 15.25 -51.03 15.99
C VAL K 226 16.44 -50.09 16.13
N VAL K 227 16.40 -49.01 15.36
CA VAL K 227 17.35 -47.93 15.51
C VAL K 227 16.60 -46.76 16.12
N ALA K 228 17.01 -46.37 17.32
CA ALA K 228 16.40 -45.23 18.02
C ALA K 228 17.47 -44.46 18.78
N CYS K 229 18.23 -43.66 18.04
CA CYS K 229 19.41 -42.98 18.59
C CYS K 229 19.26 -41.46 18.73
N GLY K 230 18.02 -41.00 18.81
CA GLY K 230 17.74 -39.57 18.93
C GLY K 230 17.91 -38.82 17.63
N GLY K 231 17.82 -37.49 17.72
CA GLY K 231 17.90 -36.63 16.55
C GLY K 231 19.27 -36.03 16.31
N ALA K 232 19.30 -34.85 15.70
CA ALA K 232 20.55 -34.20 15.35
C ALA K 232 20.65 -32.82 16.01
N VAL K 233 21.73 -32.61 16.76
CA VAL K 233 22.07 -31.29 17.28
C VAL K 233 23.55 -30.98 16.97
N ASN K 234 23.89 -29.69 17.02
CA ASN K 234 25.22 -29.20 16.62
C ASN K 234 25.51 -29.52 15.16
N VAL K 235 24.47 -29.45 14.35
CA VAL K 235 24.57 -29.52 12.89
C VAL K 235 24.58 -28.10 12.34
N TYR K 236 24.21 -27.15 13.18
CA TYR K 236 24.35 -25.72 12.91
C TYR K 236 25.26 -25.09 13.95
N ARG K 237 25.63 -23.83 13.74
CA ARG K 237 26.46 -23.10 14.69
C ARG K 237 25.58 -22.47 15.77
N PRO K 238 25.79 -22.85 17.05
CA PRO K 238 25.06 -22.30 18.19
C PRO K 238 25.46 -20.87 18.53
N ARG K 239 24.88 -20.31 19.59
CA ARG K 239 25.05 -18.90 19.91
C ARG K 239 26.26 -18.60 20.80
N SER K 240 26.92 -19.67 21.25
CA SER K 240 28.19 -19.56 21.96
C SER K 240 29.13 -20.55 21.32
N VAL K 241 30.30 -20.09 20.88
CA VAL K 241 31.20 -20.94 20.12
C VAL K 241 32.48 -21.34 20.86
N GLY K 242 32.60 -20.90 22.12
CA GLY K 242 33.69 -21.32 22.99
C GLY K 242 33.32 -22.61 23.68
N GLU K 243 33.30 -22.59 25.01
CA GLU K 243 32.85 -23.74 25.78
C GLU K 243 31.35 -23.97 25.63
N GLY K 244 30.62 -22.89 25.33
CA GLY K 244 29.18 -22.94 25.11
C GLY K 244 28.76 -23.72 23.87
N MET K 245 29.74 -24.25 23.14
CA MET K 245 29.49 -25.16 22.05
C MET K 245 28.77 -26.41 22.57
N GLY K 246 29.00 -26.71 23.85
CA GLY K 246 28.35 -27.83 24.53
C GLY K 246 27.06 -27.43 25.20
N ARG K 247 26.69 -26.16 25.08
CA ARG K 247 25.44 -25.66 25.64
C ARG K 247 24.42 -25.50 24.53
N ALA K 248 23.61 -26.55 24.34
CA ALA K 248 22.51 -26.56 23.39
C ALA K 248 21.26 -26.99 24.11
N TRP K 249 20.09 -26.71 23.53
CA TRP K 249 18.83 -27.10 24.15
C TRP K 249 18.64 -28.62 24.14
N TYR K 250 18.74 -29.22 22.95
CA TYR K 250 18.65 -30.65 22.78
C TYR K 250 20.05 -31.24 22.97
N PRO K 251 20.15 -32.45 23.55
CA PRO K 251 21.42 -33.02 24.02
C PRO K 251 22.51 -33.03 22.94
N VAL K 252 23.71 -32.57 23.33
CA VAL K 252 24.81 -32.38 22.38
C VAL K 252 25.37 -33.70 21.82
N TRP K 253 25.01 -34.82 22.44
CA TRP K 253 25.45 -36.12 21.95
C TRP K 253 24.63 -36.65 20.76
N ASN K 254 23.52 -35.98 20.46
CA ASN K 254 22.71 -36.34 19.29
C ASN K 254 23.38 -35.95 17.98
N ALA K 255 23.86 -36.96 17.26
CA ALA K 255 24.66 -36.74 16.06
C ALA K 255 23.95 -37.09 14.74
N GLY K 256 22.62 -37.24 14.80
CA GLY K 256 21.84 -37.63 13.63
C GLY K 256 22.11 -39.05 13.18
N SER K 257 22.30 -39.93 14.16
CA SER K 257 22.60 -41.34 13.91
C SER K 257 21.40 -42.12 13.39
N THR K 258 20.24 -41.90 14.00
CA THR K 258 18.98 -42.53 13.58
C THR K 258 18.66 -42.21 12.12
N TYR K 259 18.91 -40.97 11.73
CA TYR K 259 18.57 -40.52 10.39
C TYR K 259 19.52 -41.02 9.30
N THR K 260 20.82 -41.03 9.54
CA THR K 260 21.76 -41.48 8.50
C THR K 260 21.95 -42.99 8.43
N MET K 261 22.05 -43.66 9.58
CA MET K 261 22.18 -45.12 9.62
C MET K 261 21.06 -45.79 8.84
N CYS K 262 19.83 -45.34 9.08
CA CYS K 262 18.66 -45.85 8.36
C CYS K 262 18.60 -45.35 6.93
N ALA K 263 18.85 -44.05 6.73
CA ALA K 263 18.75 -43.41 5.41
C ALA K 263 19.71 -43.99 4.38
N GLN K 264 20.93 -44.31 4.81
CA GLN K 264 21.95 -44.82 3.89
C GLN K 264 21.83 -46.33 3.64
N VAL K 265 20.89 -46.96 4.35
CA VAL K 265 20.57 -48.36 4.13
C VAL K 265 19.35 -48.47 3.20
N GLY K 266 18.77 -47.31 2.88
CA GLY K 266 17.70 -47.23 1.91
C GLY K 266 16.33 -46.92 2.48
N ALA K 267 16.25 -46.87 3.81
CA ALA K 267 14.98 -46.57 4.48
C ALA K 267 14.44 -45.25 3.99
N GLU K 268 13.22 -45.28 3.45
CA GLU K 268 12.58 -44.06 2.94
C GLU K 268 12.41 -43.03 4.04
N MET K 269 12.84 -41.80 3.76
CA MET K 269 12.82 -40.72 4.73
C MET K 269 11.65 -39.79 4.45
N THR K 270 11.20 -39.08 5.47
CA THR K 270 10.09 -38.14 5.33
C THR K 270 10.30 -36.84 6.11
N MET K 271 9.76 -35.75 5.55
CA MET K 271 9.76 -34.43 6.18
C MET K 271 11.10 -33.95 6.73
N MET K 272 12.19 -34.33 6.07
CA MET K 272 13.52 -33.93 6.53
C MET K 272 13.76 -32.41 6.52
N GLU K 273 12.95 -31.68 5.77
CA GLU K 273 13.06 -30.22 5.68
C GLU K 273 12.58 -29.53 6.97
N ASN K 274 11.77 -30.24 7.76
CA ASN K 274 11.27 -29.68 9.01
C ASN K 274 12.35 -29.59 10.06
N ARG K 275 12.34 -28.48 10.81
CA ARG K 275 13.26 -28.27 11.91
C ARG K 275 12.48 -27.77 13.13
N PHE K 276 13.21 -27.55 14.22
CA PHE K 276 12.63 -26.95 15.42
C PHE K 276 13.60 -25.97 16.03
N VAL K 277 13.18 -24.71 16.10
CA VAL K 277 13.95 -23.69 16.80
C VAL K 277 13.10 -23.07 17.91
N PRO K 278 13.21 -23.64 19.12
CA PRO K 278 12.50 -23.14 20.30
C PRO K 278 12.98 -21.76 20.74
N ALA K 279 12.11 -21.04 21.45
CA ALA K 279 12.50 -19.79 22.09
C ALA K 279 12.78 -20.08 23.56
N ARG K 280 14.01 -19.81 23.98
CA ARG K 280 14.43 -20.05 25.36
C ARG K 280 15.18 -18.86 25.89
N PHE K 281 15.51 -18.89 27.18
CA PHE K 281 16.37 -17.87 27.77
C PHE K 281 17.72 -17.87 27.07
N LYS K 282 18.29 -16.69 26.88
CA LYS K 282 19.53 -16.54 26.12
C LYS K 282 20.69 -17.28 26.78
N ASP K 283 21.50 -17.92 25.95
CA ASP K 283 22.76 -18.57 26.36
C ASP K 283 22.63 -19.87 27.17
N GLY K 284 21.66 -19.93 28.09
CA GLY K 284 21.43 -21.13 28.88
C GLY K 284 20.39 -22.08 28.31
N TYR K 285 19.50 -21.52 27.49
CA TYR K 285 18.38 -22.25 26.86
C TYR K 285 17.40 -22.91 27.85
N GLY K 286 17.17 -22.24 28.98
CA GLY K 286 16.23 -22.74 29.98
C GLY K 286 14.78 -22.54 29.59
N PRO K 287 13.88 -23.41 30.10
CA PRO K 287 12.45 -23.26 29.83
C PRO K 287 11.88 -21.96 30.37
N VAL K 288 10.93 -21.37 29.65
CA VAL K 288 10.39 -20.06 29.98
C VAL K 288 9.01 -20.13 30.66
N GLY K 289 8.15 -21.03 30.16
CA GLY K 289 6.75 -21.12 30.56
C GLY K 289 6.39 -21.19 32.04
N ALA K 290 7.27 -21.73 32.87
CA ALA K 290 7.02 -21.79 34.30
C ALA K 290 6.94 -20.37 34.87
N TRP K 291 7.84 -19.50 34.41
CA TRP K 291 7.88 -18.11 34.84
C TRP K 291 6.76 -17.28 34.21
N PHE K 292 6.22 -17.79 33.11
CA PHE K 292 5.13 -17.11 32.42
C PHE K 292 3.77 -17.35 33.09
N LEU K 293 3.42 -18.60 33.36
CA LEU K 293 2.11 -18.89 33.92
C LEU K 293 2.00 -18.69 35.44
N LEU K 294 3.10 -18.92 36.16
CA LEU K 294 3.08 -18.80 37.61
C LEU K 294 3.00 -17.36 38.09
N PHE K 295 3.70 -16.45 37.41
CA PHE K 295 3.79 -15.07 37.86
C PHE K 295 3.30 -14.04 36.83
N LYS K 296 2.61 -14.53 35.80
CA LYS K 296 2.01 -13.70 34.76
C LYS K 296 2.96 -12.68 34.14
N ALA K 297 4.21 -13.10 33.95
CA ALA K 297 5.24 -12.25 33.34
C ALA K 297 5.31 -12.51 31.85
N LYS K 298 5.29 -11.43 31.07
CA LYS K 298 5.34 -11.54 29.61
C LYS K 298 6.64 -10.96 29.07
N ALA K 299 6.97 -11.29 27.82
CA ALA K 299 8.16 -10.77 27.16
C ALA K 299 7.84 -9.51 26.36
N THR K 300 8.78 -8.56 26.36
CA THR K 300 8.64 -7.30 25.64
C THR K 300 9.92 -6.92 24.92
N ASN K 301 9.81 -5.99 23.97
CA ASN K 301 10.96 -5.45 23.29
C ASN K 301 11.53 -4.24 24.04
N CYS K 302 12.48 -3.55 23.42
CA CYS K 302 13.18 -2.42 24.04
C CYS K 302 12.27 -1.24 24.36
N LYS K 303 11.21 -1.09 23.57
CA LYS K 303 10.22 -0.05 23.79
C LYS K 303 9.21 -0.43 24.89
N GLY K 304 9.20 -1.70 25.28
CA GLY K 304 8.31 -2.19 26.33
C GLY K 304 6.98 -2.69 25.81
N GLU K 305 6.77 -2.61 24.50
CA GLU K 305 5.54 -3.05 23.86
C GLU K 305 5.50 -4.57 23.62
N ASP K 306 4.29 -5.13 23.63
CA ASP K 306 4.06 -6.55 23.35
C ASP K 306 4.13 -6.78 21.83
N TYR K 307 5.23 -7.37 21.38
CA TYR K 307 5.49 -7.57 19.95
C TYR K 307 4.53 -8.54 19.27
N CYS K 308 3.96 -9.47 20.04
CA CYS K 308 2.98 -10.42 19.53
C CYS K 308 1.64 -9.76 19.27
N ALA K 309 1.42 -8.62 19.93
CA ALA K 309 0.24 -7.80 19.71
C ALA K 309 0.45 -6.80 18.57
N THR K 310 1.63 -6.19 18.51
CA THR K 310 1.97 -5.23 17.46
C THR K 310 2.16 -5.93 16.11
N ASN K 311 2.72 -7.13 16.13
CA ASN K 311 2.97 -7.88 14.89
C ASN K 311 1.88 -8.90 14.56
N ARG K 312 0.68 -8.65 15.09
CA ARG K 312 -0.47 -9.53 14.86
C ARG K 312 -0.87 -9.57 13.38
N ALA K 313 -0.49 -8.52 12.65
CA ALA K 313 -0.75 -8.42 11.22
C ALA K 313 0.06 -9.43 10.41
N MET K 314 1.24 -9.79 10.94
CA MET K 314 2.13 -10.77 10.30
C MET K 314 1.47 -12.14 10.17
N LEU K 315 0.53 -12.40 11.07
CA LEU K 315 -0.19 -13.66 11.09
C LEU K 315 -1.34 -13.68 10.10
N LYS K 316 -1.83 -12.50 9.74
CA LYS K 316 -3.03 -12.37 8.91
C LYS K 316 -3.06 -13.32 7.70
N PRO K 317 -2.03 -13.30 6.83
CA PRO K 317 -2.02 -14.17 5.64
C PRO K 317 -2.16 -15.66 5.95
N TYR K 318 -1.85 -16.06 7.18
CA TYR K 318 -1.86 -17.46 7.58
C TYR K 318 -3.20 -17.87 8.19
N GLU K 319 -3.80 -17.01 8.99
CA GLU K 319 -5.13 -17.28 9.54
C GLU K 319 -6.20 -17.15 8.46
N GLU K 320 -5.86 -16.45 7.38
CA GLU K 320 -6.67 -16.44 6.15
C GLU K 320 -6.87 -17.86 5.65
N ARG K 321 -5.80 -18.66 5.68
CA ARG K 321 -5.83 -20.02 5.18
C ARG K 321 -6.17 -21.04 6.28
N GLY K 322 -6.36 -20.55 7.51
CA GLY K 322 -6.78 -21.40 8.63
C GLY K 322 -5.68 -21.98 9.50
N TYR K 323 -4.44 -21.60 9.24
CA TYR K 323 -3.28 -22.14 9.98
C TYR K 323 -3.15 -21.59 11.40
N ALA K 324 -3.69 -20.39 11.61
CA ALA K 324 -3.73 -19.78 12.94
C ALA K 324 -5.17 -19.59 13.37
N LYS K 325 -6.07 -19.49 12.39
CA LYS K 325 -7.54 -19.44 12.55
C LYS K 325 -8.05 -18.96 13.93
N GLY K 326 -7.43 -17.90 14.44
CA GLY K 326 -7.85 -17.28 15.69
C GLY K 326 -7.06 -17.72 16.91
N HIS K 327 -6.27 -16.78 17.44
CA HIS K 327 -5.68 -16.83 18.80
C HIS K 327 -4.92 -18.10 19.27
N VAL K 328 -4.91 -19.14 18.43
CA VAL K 328 -4.10 -20.35 18.67
C VAL K 328 -3.04 -20.43 17.57
N ILE K 329 -1.81 -20.06 17.93
CA ILE K 329 -0.74 -19.87 16.95
C ILE K 329 0.31 -20.99 17.01
N PRO K 330 0.68 -21.56 15.84
CA PRO K 330 1.79 -22.52 15.73
C PRO K 330 3.13 -21.90 16.16
N THR K 331 3.96 -22.70 16.83
CA THR K 331 5.20 -22.20 17.46
C THR K 331 6.12 -21.41 16.53
N CYS K 332 6.19 -21.82 15.26
CA CYS K 332 7.05 -21.13 14.30
C CYS K 332 6.55 -19.74 13.94
N LEU K 333 5.24 -19.62 13.73
CA LEU K 333 4.63 -18.32 13.43
C LEU K 333 4.73 -17.37 14.61
N ARG K 334 4.85 -17.94 15.81
CA ARG K 334 4.98 -17.18 17.04
C ARG K 334 6.32 -16.45 17.11
N ASN K 335 7.40 -17.15 16.78
CA ASN K 335 8.72 -16.52 16.75
C ASN K 335 9.07 -15.95 15.36
N HIS K 336 8.15 -16.13 14.42
CA HIS K 336 8.15 -15.39 13.16
C HIS K 336 7.90 -13.93 13.49
N MET K 337 7.03 -13.70 14.47
CA MET K 337 6.75 -12.35 14.97
C MET K 337 7.89 -11.81 15.81
N MET K 338 8.56 -12.70 16.54
CA MET K 338 9.71 -12.29 17.36
C MET K 338 10.90 -11.93 16.49
N LEU K 339 11.03 -12.59 15.35
CA LEU K 339 12.14 -12.35 14.44
C LEU K 339 12.15 -10.94 13.85
N ARG K 340 10.98 -10.47 13.39
CA ARG K 340 10.86 -9.10 12.89
C ARG K 340 11.45 -8.09 13.88
N GLU K 341 11.14 -8.30 15.16
CA GLU K 341 11.58 -7.43 16.24
C GLU K 341 13.10 -7.43 16.38
N MET K 342 13.71 -8.59 16.10
CA MET K 342 15.14 -8.79 16.27
C MET K 342 15.95 -8.20 15.14
N ARG K 343 15.59 -8.54 13.91
CA ARG K 343 16.31 -8.06 12.72
C ARG K 343 16.20 -6.54 12.56
N GLU K 344 15.18 -5.95 13.19
CA GLU K 344 14.97 -4.51 13.11
C GLU K 344 15.63 -3.74 14.26
N GLY K 345 16.40 -4.46 15.07
CA GLY K 345 17.19 -3.85 16.16
C GLY K 345 16.38 -3.29 17.33
N ARG K 346 15.17 -3.80 17.53
CA ARG K 346 14.33 -3.36 18.65
C ARG K 346 14.38 -4.34 19.82
N GLY K 347 15.43 -5.16 19.86
CA GLY K 347 15.69 -6.06 20.99
C GLY K 347 16.38 -5.34 22.14
N PRO K 348 16.72 -6.07 23.22
CA PRO K 348 16.53 -7.50 23.47
C PRO K 348 15.09 -7.92 23.74
N ILE K 349 14.74 -9.16 23.39
CA ILE K 349 13.48 -9.76 23.82
C ILE K 349 13.63 -10.11 25.29
N TYR K 350 12.87 -9.42 26.14
CA TYR K 350 13.14 -9.41 27.57
C TYR K 350 11.93 -9.75 28.43
N MET K 351 12.13 -10.60 29.44
CA MET K 351 11.10 -10.87 30.45
C MET K 351 11.41 -10.09 31.73
N ASP K 352 10.38 -9.42 32.26
CA ASP K 352 10.54 -8.47 33.35
C ASP K 352 10.75 -9.11 34.72
N THR K 353 10.24 -10.33 34.90
CA THR K 353 10.19 -11.03 36.21
C THR K 353 10.11 -10.12 37.45
N LYS K 354 11.21 -9.44 37.78
CA LYS K 354 11.28 -8.53 38.93
C LYS K 354 9.96 -7.81 39.25
N THR K 355 9.38 -7.15 38.25
CA THR K 355 8.15 -6.38 38.45
C THR K 355 6.91 -7.26 38.54
N ALA K 356 6.83 -8.26 37.67
CA ALA K 356 5.68 -9.18 37.63
C ALA K 356 5.69 -10.13 38.81
N LEU K 357 6.89 -10.47 39.28
CA LEU K 357 7.07 -11.39 40.39
C LEU K 357 6.76 -10.70 41.72
N GLN K 358 6.91 -9.38 41.77
CA GLN K 358 6.58 -8.63 42.99
C GLN K 358 5.07 -8.31 43.10
N THR K 359 4.39 -8.18 41.96
CA THR K 359 2.96 -7.89 41.93
C THR K 359 2.10 -9.10 42.35
N SER K 360 2.63 -10.30 42.16
CA SER K 360 1.96 -11.52 42.61
C SER K 360 2.36 -11.90 44.04
N PHE K 361 3.54 -11.44 44.45
CA PHE K 361 4.06 -11.68 45.79
C PHE K 361 3.34 -10.88 46.88
N ALA K 362 2.79 -9.72 46.50
CA ALA K 362 2.05 -8.85 47.42
C ALA K 362 0.73 -9.48 47.88
N THR K 363 0.14 -10.28 47.00
CA THR K 363 -1.12 -10.99 47.29
C THR K 363 -0.84 -12.38 47.87
N MET K 364 0.21 -12.48 48.69
CA MET K 364 0.74 -13.76 49.14
C MET K 364 1.52 -13.63 50.45
N SER K 365 1.41 -14.65 51.30
CA SER K 365 2.17 -14.72 52.54
C SER K 365 3.62 -15.13 52.23
N PRO K 366 4.58 -14.73 53.10
CA PRO K 366 5.99 -15.09 52.90
C PRO K 366 6.24 -16.59 52.80
N ALA K 367 5.45 -17.40 53.51
CA ALA K 367 5.58 -18.85 53.49
C ALA K 367 5.17 -19.46 52.14
N GLN K 368 4.03 -19.01 51.63
CA GLN K 368 3.50 -19.47 50.34
C GLN K 368 4.33 -18.90 49.19
N GLN K 369 4.89 -17.71 49.41
CA GLN K 369 5.76 -17.02 48.47
C GLN K 369 6.96 -17.87 48.12
N LYS K 370 7.54 -18.48 49.16
CA LYS K 370 8.75 -19.31 49.06
C LYS K 370 8.44 -20.65 48.38
N HIS K 371 7.19 -21.09 48.47
CA HIS K 371 6.71 -22.33 47.82
C HIS K 371 6.58 -22.18 46.29
N LEU K 372 6.16 -20.98 45.86
CA LEU K 372 6.03 -20.68 44.44
C LEU K 372 7.38 -20.49 43.78
N GLU K 373 8.29 -19.79 44.47
CA GLU K 373 9.66 -19.59 43.99
C GLU K 373 10.33 -20.93 43.72
N ALA K 374 10.18 -21.87 44.67
CA ALA K 374 10.77 -23.20 44.56
C ALA K 374 10.14 -24.02 43.44
N GLU K 375 8.84 -23.86 43.24
CA GLU K 375 8.11 -24.53 42.16
C GLU K 375 8.62 -24.09 40.79
N ALA K 376 8.83 -22.79 40.63
CA ALA K 376 9.35 -22.23 39.39
C ALA K 376 10.80 -22.60 39.16
N TRP K 377 11.58 -22.64 40.25
CA TRP K 377 13.01 -22.97 40.18
C TRP K 377 13.25 -24.44 39.83
N GLU K 378 12.28 -25.31 40.12
CA GLU K 378 12.38 -26.73 39.81
C GLU K 378 12.42 -26.99 38.30
N ASP K 379 11.69 -26.17 37.54
CA ASP K 379 11.66 -26.23 36.09
C ASP K 379 13.07 -26.26 35.49
N PHE K 380 14.02 -25.64 36.19
CA PHE K 380 15.43 -25.71 35.82
C PHE K 380 16.13 -26.91 36.45
N LEU K 381 16.07 -27.03 37.77
CA LEU K 381 16.78 -28.10 38.49
C LEU K 381 16.30 -29.52 38.16
N ASP K 382 15.22 -29.63 37.40
CA ASP K 382 14.69 -30.94 36.96
C ASP K 382 15.05 -31.28 35.51
N MET K 383 15.19 -30.28 34.65
CA MET K 383 15.47 -30.54 33.23
C MET K 383 16.44 -29.60 32.51
N CYS K 384 17.02 -28.64 33.24
CA CYS K 384 17.95 -27.66 32.65
C CYS K 384 18.81 -26.96 33.71
N VAL K 385 19.80 -27.67 34.25
CA VAL K 385 20.67 -27.15 35.32
C VAL K 385 21.56 -25.99 34.85
N GLY K 386 22.01 -26.05 33.60
CA GLY K 386 22.86 -25.01 33.01
C GLY K 386 22.27 -23.60 33.07
N GLN K 387 20.95 -23.50 33.00
CA GLN K 387 20.26 -22.22 33.12
C GLN K 387 20.34 -21.68 34.56
N ALA K 388 20.19 -22.56 35.53
CA ALA K 388 20.33 -22.19 36.94
C ALA K 388 21.74 -21.69 37.23
N ASN K 389 22.73 -22.37 36.63
CA ASN K 389 24.13 -21.95 36.69
C ASN K 389 24.37 -20.52 36.19
N LEU K 390 23.79 -20.21 35.02
CA LEU K 390 23.93 -18.90 34.39
C LEU K 390 23.29 -17.77 35.20
N TRP K 391 22.12 -18.04 35.77
CA TRP K 391 21.45 -17.06 36.61
C TRP K 391 22.26 -16.79 37.86
N ALA K 392 22.80 -17.87 38.44
CA ALA K 392 23.68 -17.79 39.60
C ALA K 392 24.96 -17.03 39.26
N ALA K 393 25.48 -17.26 38.05
CA ALA K 393 26.69 -16.62 37.58
C ALA K 393 26.49 -15.12 37.34
N THR K 394 25.29 -14.73 36.92
CA THR K 394 25.01 -13.35 36.50
C THR K 394 24.19 -12.56 37.52
N ASN K 395 23.99 -13.13 38.71
CA ASN K 395 23.14 -12.52 39.75
C ASN K 395 21.72 -12.18 39.28
N CYS K 396 21.17 -13.04 38.42
CA CYS K 396 19.84 -12.83 37.85
C CYS K 396 18.76 -13.66 38.54
N ALA K 397 18.70 -13.54 39.87
CA ALA K 397 17.55 -14.00 40.62
C ALA K 397 16.36 -13.18 40.15
N PRO K 398 15.28 -13.84 39.71
CA PRO K 398 14.14 -13.18 39.07
C PRO K 398 13.54 -12.02 39.86
N GLU K 399 13.63 -12.10 41.19
CA GLU K 399 13.14 -11.04 42.08
C GLU K 399 13.93 -9.74 41.87
N GLU K 400 15.17 -9.89 41.41
CA GLU K 400 16.10 -8.76 41.30
C GLU K 400 16.23 -8.20 39.88
N ARG K 401 16.35 -9.07 38.88
CA ARG K 401 16.34 -8.66 37.47
C ARG K 401 15.85 -9.78 36.55
N GLY K 402 15.31 -9.41 35.39
CA GLY K 402 14.79 -10.37 34.44
C GLY K 402 15.85 -11.03 33.57
N SER K 403 15.39 -11.75 32.55
CA SER K 403 16.30 -12.42 31.62
C SER K 403 15.90 -12.20 30.17
N GLU K 404 16.87 -12.32 29.27
CA GLU K 404 16.64 -12.18 27.84
C GLU K 404 16.19 -13.49 27.21
N ILE K 405 15.27 -13.40 26.25
CA ILE K 405 14.83 -14.55 25.46
C ILE K 405 15.43 -14.47 24.06
N MET K 406 15.71 -15.64 23.48
CA MET K 406 16.31 -15.74 22.16
C MET K 406 15.92 -17.06 21.51
N PRO K 407 15.59 -17.04 20.21
CA PRO K 407 15.39 -18.29 19.48
C PRO K 407 16.74 -18.96 19.17
N THR K 408 16.78 -20.28 19.31
CA THR K 408 18.03 -21.04 19.27
C THR K 408 18.44 -21.48 17.86
N GLU K 409 19.65 -22.01 17.72
CA GLU K 409 20.08 -22.63 16.47
C GLU K 409 19.21 -23.84 16.17
N PRO K 410 19.01 -24.16 14.87
CA PRO K 410 18.04 -25.18 14.47
C PRO K 410 18.38 -26.61 14.91
N TYR K 411 17.37 -27.34 15.38
CA TYR K 411 17.53 -28.75 15.71
C TYR K 411 16.69 -29.63 14.80
N LEU K 412 17.14 -30.86 14.61
CA LEU K 412 16.41 -31.84 13.81
C LEU K 412 15.95 -33.00 14.69
N LEU K 413 14.64 -33.11 14.87
CA LEU K 413 14.07 -34.11 15.76
C LEU K 413 12.65 -34.48 15.35
N GLY K 414 12.17 -35.59 15.89
CA GLY K 414 10.85 -36.10 15.54
C GLY K 414 9.91 -36.39 16.70
N SER K 415 10.37 -36.18 17.92
CA SER K 415 9.52 -36.40 19.10
C SER K 415 9.01 -35.09 19.73
N HIS K 416 9.79 -34.03 19.64
CA HIS K 416 9.37 -32.73 20.19
C HIS K 416 8.50 -31.96 19.19
N SER K 417 8.57 -30.63 19.20
CA SER K 417 7.76 -29.82 18.27
C SER K 417 8.35 -29.79 16.85
N GLY K 418 8.81 -30.96 16.40
CA GLY K 418 9.33 -31.15 15.05
C GLY K 418 8.89 -32.52 14.56
N CYS K 419 9.18 -32.85 13.31
CA CYS K 419 8.71 -34.11 12.75
C CYS K 419 9.55 -34.63 11.58
N CYS K 420 10.84 -34.32 11.57
CA CYS K 420 11.71 -34.91 10.56
C CYS K 420 12.11 -36.31 11.01
N GLY K 421 12.23 -37.22 10.05
CA GLY K 421 12.61 -38.60 10.35
C GLY K 421 12.40 -39.61 9.23
N ILE K 422 12.06 -40.84 9.65
CA ILE K 422 11.94 -41.98 8.75
C ILE K 422 10.48 -42.38 8.57
N TRP K 423 10.10 -42.64 7.33
CA TRP K 423 8.74 -43.07 6.98
C TRP K 423 8.45 -44.46 7.51
N ALA K 424 7.50 -44.56 8.42
CA ALA K 424 7.16 -45.83 9.08
C ALA K 424 5.67 -46.17 8.96
N SER K 425 5.38 -47.46 8.83
CA SER K 425 4.02 -47.97 8.57
C SER K 425 2.97 -47.62 9.64
N GLY K 426 1.71 -47.55 9.20
CA GLY K 426 0.56 -47.49 10.09
C GLY K 426 0.10 -48.90 10.44
N PRO K 427 -0.76 -49.03 11.46
CA PRO K 427 -1.16 -50.31 12.07
C PRO K 427 -1.96 -51.30 11.22
N ASP K 428 -2.47 -50.87 10.07
CA ASP K 428 -3.34 -51.71 9.22
C ASP K 428 -4.73 -51.88 9.83
N GLU K 429 -5.50 -50.82 9.75
CA GLU K 429 -6.90 -50.82 10.13
C GLU K 429 -7.63 -49.94 9.13
N ALA K 430 -8.97 -49.97 9.16
CA ALA K 430 -9.78 -49.29 8.16
C ALA K 430 -9.46 -47.81 8.02
N TRP K 431 -9.18 -47.16 9.14
CA TRP K 431 -8.94 -45.71 9.18
C TRP K 431 -7.59 -45.28 8.57
N VAL K 432 -6.61 -46.18 8.57
CA VAL K 432 -5.31 -45.92 7.96
C VAL K 432 -5.37 -46.22 6.46
N PRO K 433 -5.00 -45.22 5.63
CA PRO K 433 -4.90 -45.41 4.18
C PRO K 433 -3.82 -46.42 3.79
N GLU K 434 -3.99 -47.03 2.63
CA GLU K 434 -3.09 -48.09 2.14
C GLU K 434 -1.66 -47.59 1.89
N ASP K 435 -1.54 -46.34 1.46
CA ASP K 435 -0.24 -45.70 1.16
C ASP K 435 0.56 -45.37 2.42
N TYR K 436 -0.13 -45.26 3.55
CA TYR K 436 0.50 -45.02 4.85
C TYR K 436 0.96 -46.33 5.49
N LYS K 437 0.69 -47.45 4.81
CA LYS K 437 1.13 -48.76 5.25
C LYS K 437 2.32 -49.23 4.43
N VAL K 438 3.22 -49.99 5.06
CA VAL K 438 4.38 -50.51 4.34
C VAL K 438 4.02 -51.77 3.56
N ARG K 439 3.56 -52.81 4.26
CA ARG K 439 3.21 -54.10 3.63
C ARG K 439 4.46 -54.86 3.12
N ALA K 440 4.82 -55.91 3.86
CA ALA K 440 6.04 -56.67 3.61
C ALA K 440 5.94 -57.66 2.44
N ALA K 441 7.02 -58.43 2.25
CA ALA K 441 7.10 -59.45 1.19
C ALA K 441 6.07 -60.57 1.36
N ASN K 442 5.82 -60.96 2.61
CA ASN K 442 4.81 -61.98 2.92
C ASN K 442 3.37 -61.47 2.72
N GLY K 443 3.18 -60.17 2.80
CA GLY K 443 1.87 -59.56 2.53
C GLY K 443 1.29 -58.82 3.71
N LYS K 444 1.62 -59.27 4.92
CA LYS K 444 1.13 -58.61 6.12
C LYS K 444 1.90 -57.31 6.40
N VAL K 445 1.29 -56.40 7.17
CA VAL K 445 1.96 -55.16 7.55
C VAL K 445 2.43 -55.23 9.00
N TYR K 446 3.51 -54.52 9.30
CA TYR K 446 4.04 -54.45 10.65
C TYR K 446 4.11 -52.99 11.08
N ASN K 447 3.33 -52.64 12.10
CA ASN K 447 3.25 -51.27 12.58
C ASN K 447 4.62 -50.71 12.90
N ARG K 448 4.87 -49.48 12.43
CA ARG K 448 6.10 -48.72 12.72
C ARG K 448 7.37 -49.26 12.05
N MET K 449 7.22 -50.21 11.13
CA MET K 449 8.35 -50.72 10.35
C MET K 449 8.66 -49.77 9.21
N THR K 450 9.94 -49.55 8.96
CA THR K 450 10.40 -48.73 7.83
C THR K 450 10.21 -49.50 6.53
N THR K 451 10.52 -48.87 5.40
CA THR K 451 10.38 -49.53 4.10
C THR K 451 11.42 -50.62 3.87
N VAL K 452 12.45 -50.64 4.72
CA VAL K 452 13.43 -51.73 4.71
C VAL K 452 12.89 -52.90 5.52
N GLU K 453 12.87 -54.06 4.88
CA GLU K 453 12.38 -55.30 5.47
C GLU K 453 13.08 -55.61 6.80
N GLY K 454 12.31 -55.56 7.89
CA GLY K 454 12.81 -55.95 9.21
C GLY K 454 13.43 -54.84 10.03
N LEU K 455 13.53 -53.64 9.47
CA LEU K 455 14.08 -52.50 10.20
C LEU K 455 12.97 -51.62 10.75
N TRP K 456 13.03 -51.36 12.05
CA TRP K 456 12.11 -50.45 12.72
C TRP K 456 12.84 -49.24 13.24
N THR K 457 12.13 -48.12 13.31
CA THR K 457 12.53 -47.01 14.12
C THR K 457 11.33 -46.57 14.96
N CYS K 458 11.61 -45.93 16.09
CA CYS K 458 10.55 -45.44 16.95
C CYS K 458 10.99 -44.12 17.57
N ALA K 459 10.00 -43.34 18.01
CA ALA K 459 10.21 -42.24 18.96
C ALA K 459 11.35 -41.33 18.58
N ASP K 460 11.05 -40.22 17.92
CA ASP K 460 12.07 -39.25 17.51
C ASP K 460 12.74 -39.72 16.22
N GLY K 461 12.58 -41.01 15.92
CA GLY K 461 13.10 -41.60 14.70
C GLY K 461 12.10 -41.55 13.55
N VAL K 462 10.83 -41.77 13.86
CA VAL K 462 9.77 -41.76 12.83
C VAL K 462 9.30 -40.34 12.53
N GLY K 463 9.25 -40.02 11.24
CA GLY K 463 8.93 -38.66 10.80
C GLY K 463 7.45 -38.39 10.67
N ALA K 464 7.14 -37.11 10.38
CA ALA K 464 5.79 -36.63 10.10
C ALA K 464 4.80 -36.81 11.25
N SER K 465 5.30 -37.22 12.41
CA SER K 465 4.43 -37.48 13.56
C SER K 465 5.03 -37.00 14.87
N GLY K 466 5.30 -35.70 14.95
CA GLY K 466 5.91 -35.11 16.14
C GLY K 466 5.00 -35.04 17.35
N HIS K 467 5.44 -34.30 18.36
CA HIS K 467 4.69 -34.13 19.62
C HIS K 467 4.48 -35.44 20.39
N LYS K 468 5.41 -36.36 20.22
CA LYS K 468 5.41 -37.62 20.95
C LYS K 468 5.83 -37.35 22.39
N PHE K 469 6.96 -36.65 22.52
CA PHE K 469 7.58 -36.34 23.79
C PHE K 469 8.01 -37.63 24.53
N SER K 470 8.34 -37.53 25.83
CA SER K 470 8.92 -38.66 26.56
C SER K 470 7.99 -39.87 26.67
N SER K 471 6.76 -39.63 27.10
CA SER K 471 5.79 -40.69 27.29
C SER K 471 5.39 -41.32 25.97
N GLY K 472 5.18 -40.49 24.96
CA GLY K 472 4.86 -40.96 23.62
C GLY K 472 5.98 -41.80 23.03
N SER K 473 7.21 -41.35 23.26
CA SER K 473 8.38 -42.07 22.79
C SER K 473 8.45 -43.48 23.34
N HIS K 474 8.24 -43.62 24.65
CA HIS K 474 8.20 -44.93 25.30
C HIS K 474 7.12 -45.83 24.70
N ALA K 475 5.92 -45.28 24.54
CA ALA K 475 4.79 -46.00 23.95
C ALA K 475 5.05 -46.50 22.52
N GLU K 476 5.67 -45.66 21.69
CA GLU K 476 6.03 -46.07 20.33
C GLU K 476 7.02 -47.20 20.33
N GLY K 477 7.97 -47.15 21.26
CA GLY K 477 8.93 -48.24 21.45
C GLY K 477 8.23 -49.53 21.78
N ARG K 478 7.27 -49.46 22.71
CA ARG K 478 6.46 -50.60 23.08
C ARG K 478 5.75 -51.21 21.85
N ILE K 479 5.11 -50.35 21.06
CA ILE K 479 4.42 -50.80 19.84
C ILE K 479 5.37 -51.58 18.95
N VAL K 480 6.61 -51.09 18.84
CA VAL K 480 7.65 -51.75 18.06
C VAL K 480 8.05 -53.07 18.70
N GLY K 481 8.31 -53.05 20.01
CA GLY K 481 8.73 -54.23 20.77
C GLY K 481 7.92 -55.47 20.44
N LYS K 482 6.60 -55.37 20.57
CA LYS K 482 5.70 -56.46 20.20
C LYS K 482 5.95 -56.87 18.75
N GLN K 483 5.74 -55.92 17.83
CA GLN K 483 5.85 -56.16 16.38
C GLN K 483 7.15 -56.82 15.94
N MET K 484 8.18 -56.69 16.77
CA MET K 484 9.49 -57.28 16.49
C MET K 484 9.51 -58.78 16.76
N VAL K 485 8.92 -59.20 17.89
CA VAL K 485 8.75 -60.61 18.23
C VAL K 485 7.82 -61.27 17.20
N ARG K 486 6.76 -60.55 16.83
CA ARG K 486 5.85 -60.96 15.77
C ARG K 486 6.60 -61.20 14.46
N TRP K 487 7.48 -60.27 14.09
CA TRP K 487 8.29 -60.38 12.89
C TRP K 487 9.18 -61.62 12.92
N TYR K 488 9.84 -61.84 14.06
CA TYR K 488 10.76 -62.95 14.23
C TYR K 488 10.08 -64.30 13.96
N LEU K 489 8.85 -64.45 14.43
CA LEU K 489 8.13 -65.71 14.31
C LEU K 489 7.69 -66.00 12.87
N ASP K 490 7.40 -64.96 12.10
CA ASP K 490 7.04 -65.10 10.70
C ASP K 490 8.26 -65.29 9.79
N HIS K 491 9.46 -65.15 10.37
CA HIS K 491 10.72 -65.24 9.64
C HIS K 491 11.76 -66.07 10.40
N LYS K 492 11.34 -67.23 10.92
CA LYS K 492 12.18 -68.11 11.75
C LYS K 492 13.40 -68.67 11.01
N ASP K 493 13.22 -68.97 9.73
CA ASP K 493 14.30 -69.48 8.88
C ASP K 493 14.91 -68.33 8.08
N PHE K 494 15.71 -67.51 8.74
CA PHE K 494 16.33 -66.37 8.06
C PHE K 494 17.83 -66.53 7.81
N LYS K 495 18.63 -66.47 8.88
CA LYS K 495 20.11 -66.44 8.81
C LYS K 495 20.71 -65.50 7.73
N PRO K 496 21.14 -64.29 8.15
CA PRO K 496 21.63 -63.23 7.26
C PRO K 496 23.10 -63.35 6.84
N GLU K 497 23.41 -62.78 5.68
CA GLU K 497 24.78 -62.68 5.17
C GLU K 497 25.04 -61.27 4.68
N PHE K 498 26.23 -60.74 4.99
CA PHE K 498 26.66 -59.45 4.46
C PHE K 498 27.44 -59.68 3.17
N VAL K 499 27.62 -58.63 2.39
CA VAL K 499 28.43 -58.73 1.17
C VAL K 499 29.91 -58.54 1.51
N GLU K 500 30.18 -57.97 2.68
CA GLU K 500 31.56 -57.72 3.13
C GLU K 500 32.01 -58.76 4.14
N THR K 501 33.29 -59.11 4.09
CA THR K 501 33.90 -59.96 5.10
C THR K 501 34.02 -59.17 6.41
N ALA K 502 34.23 -59.87 7.52
CA ALA K 502 34.37 -59.21 8.82
C ALA K 502 35.57 -58.28 8.85
N GLU K 503 36.67 -58.69 8.21
CA GLU K 503 37.87 -57.88 8.12
C GLU K 503 37.62 -56.59 7.37
N GLU K 504 36.88 -56.70 6.27
CA GLU K 504 36.52 -55.57 5.42
C GLU K 504 35.82 -54.45 6.22
N LEU K 505 35.09 -54.84 7.26
CA LEU K 505 34.37 -53.89 8.12
C LEU K 505 35.28 -53.29 9.19
N LYS K 506 36.09 -54.13 9.82
CA LYS K 506 37.07 -53.66 10.81
C LYS K 506 37.95 -52.57 10.21
N THR K 507 38.41 -52.81 8.98
CA THR K 507 39.33 -51.92 8.28
C THR K 507 38.62 -50.63 7.80
N LEU K 508 37.28 -50.65 7.83
CA LEU K 508 36.46 -49.47 7.55
C LEU K 508 36.18 -48.62 8.80
N ILE K 509 35.76 -49.28 9.88
CA ILE K 509 35.49 -48.61 11.16
C ILE K 509 36.71 -47.86 11.69
N TYR K 510 37.88 -48.49 11.58
CA TYR K 510 39.13 -47.90 12.08
C TYR K 510 39.91 -47.11 11.03
N ARG K 511 39.25 -46.76 9.92
CA ARG K 511 39.85 -45.94 8.86
C ARG K 511 40.59 -44.71 9.41
N PRO K 512 39.89 -43.85 10.21
CA PRO K 512 40.56 -42.70 10.82
C PRO K 512 41.76 -43.03 11.71
N TYR K 513 41.82 -44.24 12.25
CA TYR K 513 43.00 -44.67 13.00
C TYR K 513 44.17 -44.90 12.06
N TYR K 514 43.91 -45.57 10.94
CA TYR K 514 44.94 -45.84 9.93
C TYR K 514 45.38 -44.57 9.22
N ASN K 515 44.42 -43.68 8.96
CA ASN K 515 44.67 -42.37 8.35
C ASN K 515 45.60 -41.54 9.19
N TYR K 516 45.41 -41.59 10.50
CA TYR K 516 46.25 -40.86 11.43
C TYR K 516 47.66 -41.45 11.42
N GLU K 517 47.74 -42.76 11.59
CA GLU K 517 49.01 -43.46 11.68
C GLU K 517 49.89 -43.22 10.44
N LYS K 518 49.28 -43.26 9.26
CA LYS K 518 49.98 -42.98 7.99
C LYS K 518 50.56 -41.57 7.95
N GLY K 519 49.74 -40.58 8.28
CA GLY K 519 50.11 -39.19 8.07
C GLY K 519 50.61 -38.40 9.27
N LYS K 520 50.69 -39.02 10.45
CA LYS K 520 51.09 -38.28 11.65
C LYS K 520 52.50 -37.71 11.58
N GLY K 521 53.37 -38.37 10.81
CA GLY K 521 54.77 -37.99 10.70
C GLY K 521 55.05 -36.70 9.95
N ALA K 522 54.07 -36.25 9.17
CA ALA K 522 54.23 -35.07 8.31
C ALA K 522 54.33 -33.75 9.09
N SER K 523 53.91 -33.79 10.36
CA SER K 523 53.85 -32.59 11.19
C SER K 523 54.23 -32.85 12.64
N THR K 524 54.77 -31.84 13.30
CA THR K 524 55.14 -31.90 14.72
C THR K 524 53.90 -31.67 15.59
N CYS K 525 52.82 -31.24 14.94
CA CYS K 525 51.56 -30.92 15.61
C CYS K 525 50.46 -31.84 15.10
N PRO K 526 49.81 -32.60 16.00
CA PRO K 526 48.82 -33.60 15.58
C PRO K 526 47.55 -33.00 15.01
N VAL K 527 47.35 -31.70 15.22
CA VAL K 527 46.15 -31.00 14.75
C VAL K 527 46.37 -30.37 13.37
N VAL K 528 47.44 -29.59 13.24
CA VAL K 528 47.78 -28.95 11.96
C VAL K 528 48.61 -29.90 11.11
N ASN K 529 47.92 -30.76 10.37
CA ASN K 529 48.55 -31.78 9.53
C ASN K 529 47.81 -31.90 8.19
N PRO K 530 48.55 -31.80 7.07
CA PRO K 530 47.93 -31.73 5.74
C PRO K 530 47.42 -33.06 5.19
N GLU K 531 47.73 -34.17 5.88
CA GLU K 531 47.38 -35.51 5.41
C GLU K 531 45.95 -35.88 5.81
N TYR K 532 45.43 -35.23 6.84
CA TYR K 532 44.10 -35.55 7.35
C TYR K 532 43.31 -34.33 7.86
N ILE K 533 42.26 -34.61 8.63
CA ILE K 533 41.47 -33.58 9.31
C ILE K 533 40.95 -34.13 10.64
N SER K 534 41.10 -33.35 11.71
CA SER K 534 40.59 -33.74 13.02
C SER K 534 39.08 -33.50 13.09
N PRO K 535 38.35 -34.33 13.87
CA PRO K 535 36.90 -34.23 13.99
C PRO K 535 36.41 -32.86 14.46
N LYS K 536 37.18 -32.18 15.32
CA LYS K 536 36.82 -30.85 15.81
C LYS K 536 36.79 -29.80 14.71
N ASN K 537 37.77 -29.86 13.81
CA ASN K 537 37.78 -29.00 12.64
C ASN K 537 36.69 -29.37 11.64
N PHE K 538 36.56 -30.66 11.35
CA PHE K 538 35.48 -31.19 10.53
C PHE K 538 34.12 -30.67 11.02
N MET K 539 33.86 -30.87 12.31
CA MET K 539 32.63 -30.41 12.95
C MET K 539 32.46 -28.91 12.78
N MET K 540 33.56 -28.17 13.00
CA MET K 540 33.58 -26.72 12.91
C MET K 540 33.36 -26.22 11.50
N ARG K 541 34.00 -26.87 10.53
CA ARG K 541 33.87 -26.53 9.12
C ARG K 541 32.44 -26.79 8.62
N LEU K 542 31.81 -27.84 9.15
CA LEU K 542 30.45 -28.22 8.76
C LEU K 542 29.41 -27.20 9.21
N ILE K 543 29.41 -26.90 10.51
CA ILE K 543 28.40 -26.02 11.11
C ILE K 543 28.59 -24.56 10.73
N LYS K 544 29.80 -24.23 10.27
CA LYS K 544 30.10 -22.90 9.74
C LYS K 544 29.44 -22.77 8.36
N CYS K 545 29.44 -23.87 7.63
CA CYS K 545 28.87 -23.96 6.29
C CYS K 545 27.33 -23.97 6.31
N THR K 546 26.76 -24.70 7.28
CA THR K 546 25.31 -24.82 7.41
C THR K 546 24.67 -23.54 7.96
N ASP K 547 25.41 -22.83 8.81
CA ASP K 547 24.94 -21.56 9.33
C ASP K 547 24.83 -20.54 8.22
N GLU K 548 25.83 -20.51 7.34
CA GLU K 548 25.90 -19.52 6.28
C GLU K 548 25.03 -19.80 5.06
N TYR K 549 24.68 -21.06 4.83
CA TYR K 549 23.96 -21.44 3.61
C TYR K 549 22.71 -22.31 3.85
N GLY K 550 22.60 -22.88 5.05
CA GLY K 550 21.47 -23.74 5.38
C GLY K 550 20.47 -23.10 6.32
N GLY K 551 20.48 -21.76 6.38
CA GLY K 551 19.53 -21.01 7.19
C GLY K 551 19.72 -21.12 8.69
N GLY K 552 20.96 -20.92 9.15
CA GLY K 552 21.28 -20.92 10.58
C GLY K 552 20.96 -19.60 11.26
N VAL K 553 21.52 -19.38 12.45
CA VAL K 553 21.28 -18.14 13.20
C VAL K 553 21.85 -16.90 12.50
N GLY K 554 23.11 -16.98 12.10
CA GLY K 554 23.83 -15.83 11.54
C GLY K 554 23.12 -15.15 10.38
N THR K 555 22.20 -15.87 9.76
CA THR K 555 21.50 -15.38 8.59
C THR K 555 20.00 -15.17 8.86
N TYR K 556 19.67 -15.06 10.16
CA TYR K 556 18.28 -14.97 10.66
C TYR K 556 17.34 -16.03 10.07
N TYR K 557 17.87 -17.25 9.95
CA TYR K 557 17.13 -18.43 9.49
C TYR K 557 16.63 -18.31 8.06
N ASN K 558 17.33 -17.52 7.25
CA ASN K 558 16.97 -17.27 5.87
C ASN K 558 17.86 -18.06 4.92
N THR K 559 17.26 -18.64 3.89
CA THR K 559 17.99 -19.38 2.85
C THR K 559 17.27 -19.31 1.50
N SER K 560 17.90 -19.83 0.45
CA SER K 560 17.31 -19.83 -0.90
C SER K 560 18.04 -20.86 -1.76
N LYS K 561 17.57 -21.07 -2.99
CA LYS K 561 18.23 -21.97 -3.94
C LYS K 561 19.70 -21.59 -4.11
N ALA K 562 19.96 -20.29 -4.24
CA ALA K 562 21.32 -19.79 -4.48
C ALA K 562 22.26 -20.02 -3.30
N LEU K 563 21.81 -19.70 -2.09
CA LEU K 563 22.60 -19.93 -0.88
C LEU K 563 22.87 -21.41 -0.71
N LEU K 564 21.83 -22.23 -0.87
CA LEU K 564 21.91 -23.68 -0.67
C LEU K 564 22.88 -24.38 -1.61
N ASP K 565 22.96 -23.90 -2.86
CA ASP K 565 23.85 -24.49 -3.87
C ASP K 565 25.32 -24.29 -3.52
N THR K 566 25.66 -23.09 -3.04
CA THR K 566 26.99 -22.80 -2.51
C THR K 566 27.29 -23.74 -1.35
N GLY K 567 26.26 -24.00 -0.54
CA GLY K 567 26.34 -24.96 0.56
C GLY K 567 26.60 -26.38 0.07
N PHE K 568 25.88 -26.79 -0.98
CA PHE K 568 26.04 -28.12 -1.57
C PHE K 568 27.42 -28.32 -2.18
N TRP K 569 27.92 -27.28 -2.86
CA TRP K 569 29.26 -27.28 -3.46
C TRP K 569 30.36 -27.50 -2.41
N LEU K 570 30.20 -26.84 -1.26
CA LEU K 570 31.12 -27.02 -0.13
C LEU K 570 30.98 -28.38 0.52
N MET K 571 29.74 -28.81 0.74
CA MET K 571 29.46 -30.01 1.52
C MET K 571 30.00 -31.31 0.94
N GLU K 572 29.99 -31.44 -0.39
CA GLU K 572 30.52 -32.64 -1.00
C GLU K 572 32.04 -32.59 -1.23
N MET K 573 32.61 -31.40 -1.18
CA MET K 573 34.05 -31.25 -1.02
C MET K 573 34.40 -31.71 0.39
N LEU K 574 33.54 -31.35 1.34
CA LEU K 574 33.66 -31.78 2.72
C LEU K 574 33.41 -33.27 2.84
N GLU K 575 32.54 -33.81 1.99
CA GLU K 575 32.22 -35.23 1.99
C GLU K 575 33.39 -36.04 1.46
N GLU K 576 34.08 -35.47 0.46
CA GLU K 576 35.32 -36.06 -0.06
C GLU K 576 36.40 -36.09 1.03
N ASP K 577 36.48 -35.02 1.81
CA ASP K 577 37.47 -34.89 2.87
C ASP K 577 37.13 -35.77 4.07
N SER K 578 35.87 -36.18 4.19
CA SER K 578 35.44 -37.05 5.29
C SER K 578 36.17 -38.39 5.26
N LEU K 579 36.60 -38.81 4.07
CA LEU K 579 37.42 -40.02 3.88
C LEU K 579 38.78 -39.89 4.55
N LYS K 580 39.17 -38.66 4.87
CA LYS K 580 40.48 -38.36 5.44
C LYS K 580 40.40 -37.85 6.88
N LEU K 581 39.36 -38.26 7.61
CA LEU K 581 39.28 -37.98 9.05
C LEU K 581 40.34 -38.77 9.81
N ALA K 582 40.72 -38.30 10.99
CA ALA K 582 41.74 -38.98 11.79
C ALA K 582 41.42 -39.03 13.28
N ALA K 583 41.74 -40.17 13.91
CA ALA K 583 41.50 -40.35 15.33
C ALA K 583 42.76 -40.82 16.06
N ARG K 584 43.06 -40.18 17.19
CA ARG K 584 44.28 -40.44 17.95
C ARG K 584 44.00 -41.27 19.20
N ASP K 585 42.72 -41.40 19.54
CA ASP K 585 42.26 -42.14 20.71
C ASP K 585 40.81 -42.52 20.48
N LEU K 586 40.30 -43.47 21.25
CA LEU K 586 38.95 -44.00 21.02
C LEU K 586 37.86 -42.92 21.02
N HIS K 587 38.01 -41.91 21.86
CA HIS K 587 37.07 -40.80 21.92
C HIS K 587 37.01 -40.02 20.60
N GLU K 588 38.19 -39.78 20.02
CA GLU K 588 38.29 -39.09 18.72
C GLU K 588 37.64 -39.88 17.59
N LEU K 589 37.61 -41.20 17.74
CA LEU K 589 36.97 -42.08 16.76
C LEU K 589 35.45 -41.97 16.87
N LEU K 590 34.96 -41.82 18.10
CA LEU K 590 33.54 -41.59 18.35
C LEU K 590 33.10 -40.31 17.65
N ARG K 591 33.90 -39.26 17.80
CA ARG K 591 33.62 -37.95 17.19
C ARG K 591 33.81 -37.94 15.66
N CYS K 592 34.72 -38.76 15.16
CA CYS K 592 34.91 -38.92 13.72
C CYS K 592 33.64 -39.42 13.04
N TRP K 593 33.06 -40.49 13.58
CA TRP K 593 31.85 -41.07 13.00
C TRP K 593 30.59 -40.28 13.31
N GLU K 594 30.47 -39.80 14.56
CA GLU K 594 29.34 -38.93 14.96
C GLU K 594 29.19 -37.76 14.00
N ASN K 595 30.31 -37.16 13.64
CA ASN K 595 30.35 -36.03 12.72
C ASN K 595 30.03 -36.41 11.28
N TYR K 596 30.39 -37.64 10.88
CA TYR K 596 30.01 -38.12 9.56
C TYR K 596 28.49 -38.34 9.46
N HIS K 597 27.88 -38.76 10.57
CA HIS K 597 26.43 -38.84 10.64
C HIS K 597 25.83 -37.43 10.51
N ARG K 598 26.38 -36.50 11.28
CA ARG K 598 25.94 -35.09 11.26
C ARG K 598 25.90 -34.49 9.85
N LEU K 599 26.94 -34.74 9.07
CA LEU K 599 27.01 -34.28 7.68
C LEU K 599 25.85 -34.85 6.87
N TRP K 600 25.74 -36.19 6.85
CA TRP K 600 24.74 -36.90 6.08
C TRP K 600 23.32 -36.42 6.39
N THR K 601 23.04 -36.15 7.66
CA THR K 601 21.71 -35.69 8.09
C THR K 601 21.43 -34.26 7.64
N VAL K 602 22.33 -33.34 7.99
CA VAL K 602 22.12 -31.90 7.74
C VAL K 602 22.07 -31.58 6.24
N ARG K 603 22.84 -32.29 5.43
CA ARG K 603 22.75 -32.18 3.98
C ARG K 603 21.39 -32.65 3.47
N LEU K 604 20.90 -33.76 4.01
CA LEU K 604 19.59 -34.27 3.66
C LEU K 604 18.52 -33.23 4.01
N HIS K 605 18.59 -32.70 5.24
CA HIS K 605 17.72 -31.63 5.69
C HIS K 605 17.75 -30.46 4.69
N MET K 606 18.93 -30.17 4.17
CA MET K 606 19.11 -29.09 3.21
C MET K 606 18.61 -29.45 1.81
N GLN K 607 18.79 -30.70 1.42
CA GLN K 607 18.33 -31.20 0.11
C GLN K 607 16.80 -31.17 0.02
N HIS K 608 16.15 -31.39 1.17
CA HIS K 608 14.70 -31.32 1.29
C HIS K 608 14.20 -29.89 1.24
N ILE K 609 14.91 -28.99 1.92
CA ILE K 609 14.60 -27.55 1.90
C ILE K 609 14.63 -27.05 0.45
N ALA K 610 15.68 -27.41 -0.27
CA ALA K 610 15.87 -27.05 -1.68
C ALA K 610 14.75 -27.57 -2.58
N PHE K 611 14.22 -28.74 -2.27
CA PHE K 611 13.14 -29.34 -3.05
C PHE K 611 11.79 -28.64 -2.82
N ARG K 612 11.47 -28.39 -1.56
CA ARG K 612 10.19 -27.78 -1.19
C ARG K 612 10.18 -26.29 -1.48
N GLU K 613 9.46 -25.90 -2.53
CA GLU K 613 9.45 -24.52 -2.99
C GLU K 613 8.33 -23.67 -2.37
N GLU K 614 8.32 -23.65 -1.04
CA GLU K 614 7.46 -22.80 -0.23
C GLU K 614 8.14 -22.64 1.12
N SER K 615 7.66 -21.71 1.93
CA SER K 615 8.13 -21.59 3.30
C SER K 615 7.05 -22.08 4.26
N ARG K 616 7.01 -23.40 4.44
CA ARG K 616 6.01 -24.08 5.26
C ARG K 616 6.14 -23.72 6.75
N TYR K 617 7.36 -23.43 7.19
CA TYR K 617 7.61 -23.09 8.59
C TYR K 617 8.29 -21.72 8.76
N PRO K 618 7.55 -20.62 8.51
CA PRO K 618 8.14 -19.29 8.65
C PRO K 618 8.41 -19.00 10.12
N GLY K 619 9.63 -18.53 10.41
CA GLY K 619 10.07 -18.36 11.80
C GLY K 619 11.05 -19.45 12.19
N PHE K 620 10.90 -20.62 11.59
CA PHE K 620 11.90 -21.69 11.72
C PHE K 620 12.95 -21.57 10.63
N TYR K 621 12.51 -21.39 9.39
CA TYR K 621 13.38 -21.01 8.28
C TYR K 621 12.58 -20.31 7.18
N TYR K 622 13.30 -19.64 6.28
CA TYR K 622 12.67 -18.93 5.18
C TYR K 622 13.35 -19.27 3.86
N ARG K 623 12.54 -19.59 2.84
CA ARG K 623 13.00 -19.62 1.47
C ARG K 623 12.81 -18.22 0.91
N ALA K 624 13.90 -17.48 0.79
CA ALA K 624 13.87 -16.11 0.26
C ALA K 624 13.26 -16.02 -1.15
N ASP K 625 13.48 -17.06 -1.95
CA ASP K 625 12.93 -17.14 -3.30
C ASP K 625 11.48 -17.66 -3.32
N PHE K 626 11.03 -18.24 -2.21
CA PHE K 626 9.65 -18.73 -2.07
C PHE K 626 9.18 -18.42 -0.65
N LEU K 627 8.90 -17.14 -0.41
CA LEU K 627 8.60 -16.63 0.93
C LEU K 627 7.24 -17.12 1.42
N GLY K 628 6.33 -17.33 0.49
CA GLY K 628 4.96 -17.72 0.80
C GLY K 628 4.70 -19.21 0.90
N LEU K 629 3.78 -19.56 1.78
CA LEU K 629 3.26 -20.90 1.91
C LEU K 629 2.41 -21.21 0.68
N ASP K 630 2.64 -22.37 0.06
CA ASP K 630 1.88 -22.78 -1.12
C ASP K 630 1.16 -24.10 -0.88
N ASP K 631 -0.16 -24.10 -1.02
CA ASP K 631 -0.98 -25.29 -0.75
C ASP K 631 -1.48 -25.98 -2.01
N SER K 632 -1.60 -25.23 -3.10
CA SER K 632 -2.06 -25.79 -4.36
C SER K 632 -1.06 -26.80 -4.90
N LYS K 633 0.20 -26.64 -4.50
CA LYS K 633 1.30 -27.45 -5.05
C LYS K 633 2.09 -28.21 -3.99
N TRP K 634 2.08 -27.72 -2.75
CA TRP K 634 2.93 -28.29 -1.70
C TRP K 634 2.20 -28.72 -0.42
N LYS K 635 0.93 -29.11 -0.57
CA LYS K 635 0.20 -29.74 0.52
C LYS K 635 0.44 -31.24 0.43
N CYS K 636 1.65 -31.65 0.79
CA CYS K 636 2.09 -33.02 0.73
C CYS K 636 3.40 -33.18 1.52
N PHE K 637 3.82 -34.42 1.73
CA PHE K 637 5.12 -34.68 2.33
C PHE K 637 6.20 -34.61 1.26
N VAL K 638 7.42 -34.27 1.68
CA VAL K 638 8.59 -34.40 0.83
C VAL K 638 9.34 -35.63 1.32
N ASN K 639 9.42 -36.65 0.46
CA ASN K 639 10.07 -37.90 0.84
C ASN K 639 11.38 -38.17 0.10
N SER K 640 12.32 -38.76 0.81
CA SER K 640 13.64 -39.09 0.28
C SER K 640 13.87 -40.59 0.26
N LYS K 641 14.54 -41.07 -0.78
CA LYS K 641 14.97 -42.47 -0.85
C LYS K 641 16.37 -42.57 -1.45
N TYR K 642 17.30 -43.07 -0.64
CA TYR K 642 18.69 -43.24 -1.05
C TYR K 642 18.94 -44.63 -1.62
N ASP K 643 19.56 -44.68 -2.80
CA ASP K 643 19.94 -45.94 -3.42
C ASP K 643 21.39 -46.26 -3.08
N PRO K 644 21.60 -47.31 -2.28
CA PRO K 644 22.94 -47.70 -1.79
C PRO K 644 23.95 -47.92 -2.92
N ALA K 645 23.51 -48.57 -4.01
CA ALA K 645 24.38 -48.92 -5.13
C ALA K 645 24.79 -47.71 -5.99
N LYS K 646 23.81 -46.90 -6.41
CA LYS K 646 24.09 -45.69 -7.18
C LYS K 646 24.70 -44.58 -6.32
N LYS K 647 24.58 -44.73 -5.00
CA LYS K 647 24.97 -43.69 -4.02
C LYS K 647 24.38 -42.32 -4.39
N GLU K 648 23.07 -42.31 -4.65
CA GLU K 648 22.36 -41.12 -5.08
C GLU K 648 20.97 -41.06 -4.43
N THR K 649 20.62 -39.90 -3.90
CA THR K 649 19.35 -39.70 -3.22
C THR K 649 18.26 -39.21 -4.19
N LYS K 650 17.07 -39.81 -4.11
CA LYS K 650 15.90 -39.32 -4.83
C LYS K 650 14.94 -38.58 -3.90
N ILE K 651 14.55 -37.37 -4.29
CA ILE K 651 13.59 -36.58 -3.52
C ILE K 651 12.29 -36.47 -4.31
N PHE K 652 11.17 -36.76 -3.65
CA PHE K 652 9.88 -36.80 -4.32
C PHE K 652 8.70 -36.42 -3.40
N LYS K 653 7.60 -36.00 -4.01
CA LYS K 653 6.37 -35.67 -3.28
C LYS K 653 5.65 -36.94 -2.82
N LYS K 654 5.11 -36.89 -1.60
CA LYS K 654 4.33 -38.01 -1.07
C LYS K 654 2.96 -37.51 -0.62
N PRO K 655 1.87 -38.10 -1.16
CA PRO K 655 0.53 -37.54 -0.97
C PRO K 655 0.08 -37.50 0.49
N TYR K 656 -0.66 -36.45 0.84
CA TYR K 656 -1.14 -36.30 2.21
C TYR K 656 -2.61 -36.67 2.31
N TYR K 657 -2.91 -37.56 3.26
CA TYR K 657 -4.28 -37.96 3.57
C TYR K 657 -4.72 -37.29 4.87
N GLN K 658 -5.92 -36.71 4.85
CA GLN K 658 -6.53 -36.17 6.05
C GLN K 658 -7.52 -37.19 6.62
N ILE K 659 -7.34 -37.50 7.90
CA ILE K 659 -8.19 -38.48 8.57
C ILE K 659 -9.12 -37.81 9.59
N ILE K 660 -8.58 -36.88 10.38
CA ILE K 660 -9.36 -36.15 11.39
C ILE K 660 -9.96 -34.88 10.77
N PRO K 661 -11.28 -34.69 10.92
CA PRO K 661 -12.03 -33.53 10.38
C PRO K 661 -11.59 -32.17 10.96
N ASP K 662 -12.29 -31.11 10.54
CA ASP K 662 -12.02 -29.73 10.97
C ASP K 662 -10.72 -29.19 10.37
N PRO L 1 31.01 -26.40 32.02
CA PRO L 1 31.53 -27.76 32.03
C PRO L 1 32.17 -28.15 33.37
N THR L 2 32.33 -29.45 33.59
CA THR L 2 32.74 -29.99 34.88
C THR L 2 34.25 -30.06 35.04
N TYR L 3 34.69 -30.00 36.30
CA TYR L 3 36.09 -30.22 36.67
C TYR L 3 36.16 -31.05 37.94
N VAL L 4 37.32 -31.61 38.24
CA VAL L 4 37.49 -32.50 39.37
C VAL L 4 38.40 -31.91 40.44
N ASP L 5 37.88 -31.79 41.66
CA ASP L 5 38.65 -31.37 42.83
C ASP L 5 39.67 -32.47 43.16
N PRO L 6 40.98 -32.16 43.02
CA PRO L 6 42.03 -33.17 43.21
C PRO L 6 42.07 -33.74 44.62
N SER L 7 41.82 -32.91 45.62
CA SER L 7 41.89 -33.34 47.02
C SER L 7 40.79 -34.34 47.40
N LYS L 8 39.68 -34.32 46.68
CA LYS L 8 38.53 -35.18 47.00
C LYS L 8 38.50 -36.48 46.18
N CYS L 9 39.06 -36.43 44.97
CA CYS L 9 39.02 -37.58 44.07
C CYS L 9 40.09 -38.63 44.38
N ASP L 10 39.66 -39.88 44.44
CA ASP L 10 40.59 -41.01 44.67
C ASP L 10 40.66 -41.98 43.49
N GLY L 11 39.95 -41.66 42.41
CA GLY L 11 39.95 -42.48 41.20
C GLY L 11 39.06 -43.70 41.29
N CYS L 12 38.23 -43.75 42.33
CA CYS L 12 37.32 -44.87 42.60
C CYS L 12 38.03 -46.23 42.65
N LYS L 13 39.04 -46.34 43.51
CA LYS L 13 39.77 -47.61 43.65
C LYS L 13 38.97 -48.67 44.42
N GLY L 14 37.94 -48.23 45.14
CA GLY L 14 37.02 -49.12 45.85
C GLY L 14 36.15 -49.94 44.92
N GLY L 15 35.15 -49.30 44.31
CA GLY L 15 34.23 -49.96 43.38
C GLY L 15 34.88 -50.47 42.10
N GLU L 16 34.17 -51.32 41.38
CA GLU L 16 34.72 -51.94 40.16
C GLU L 16 34.83 -50.95 38.98
N LYS L 17 33.93 -49.98 38.93
CA LYS L 17 33.94 -48.98 37.85
C LYS L 17 34.28 -47.58 38.35
N THR L 18 34.82 -46.77 37.44
CA THR L 18 35.03 -45.34 37.67
C THR L 18 33.69 -44.66 37.46
N ALA L 19 33.09 -44.19 38.56
CA ALA L 19 31.71 -43.70 38.54
C ALA L 19 31.44 -42.67 37.44
N CYS L 20 32.29 -41.65 37.36
CA CYS L 20 32.12 -40.56 36.39
C CYS L 20 32.30 -41.03 34.94
N MET L 21 33.38 -41.77 34.69
CA MET L 21 33.67 -42.32 33.37
C MET L 21 32.55 -43.23 32.88
N TYR L 22 31.88 -43.90 33.82
CA TYR L 22 30.79 -44.80 33.49
C TYR L 22 29.53 -44.06 33.02
N ILE L 23 29.12 -43.05 33.78
CA ILE L 23 27.80 -42.43 33.62
C ILE L 23 27.68 -41.37 32.51
N CYS L 24 28.80 -40.73 32.15
CA CYS L 24 28.77 -39.60 31.22
C CYS L 24 28.18 -39.95 29.87
N PRO L 25 27.02 -39.33 29.54
CA PRO L 25 26.30 -39.63 28.30
C PRO L 25 27.06 -39.20 27.04
N ASN L 26 28.13 -38.44 27.21
CA ASN L 26 28.94 -37.99 26.09
C ASN L 26 30.40 -38.46 26.13
N ASP L 27 30.67 -39.44 26.99
CA ASP L 27 32.00 -40.09 27.10
C ASP L 27 33.11 -39.08 27.37
N LEU L 28 32.84 -38.12 28.25
CA LEU L 28 33.78 -37.03 28.50
C LEU L 28 34.66 -37.28 29.70
N MET L 29 34.10 -37.92 30.72
CA MET L 29 34.83 -38.23 31.93
C MET L 29 35.77 -39.42 31.72
N ILE L 30 37.02 -39.25 32.16
CA ILE L 30 38.05 -40.26 31.96
C ILE L 30 39.08 -40.21 33.09
N LEU L 31 39.51 -41.39 33.53
CA LEU L 31 40.44 -41.52 34.64
C LEU L 31 41.89 -41.60 34.15
N ASP L 32 42.79 -40.94 34.88
CA ASP L 32 44.22 -41.13 34.73
C ASP L 32 44.67 -42.20 35.72
N PRO L 33 45.06 -43.39 35.23
CA PRO L 33 45.39 -44.54 36.07
C PRO L 33 46.55 -44.31 37.04
N GLU L 34 47.68 -43.82 36.54
CA GLU L 34 48.90 -43.68 37.36
C GLU L 34 48.86 -42.52 38.37
N GLU L 35 47.94 -41.58 38.17
CA GLU L 35 47.72 -40.51 39.14
C GLU L 35 46.52 -40.78 40.04
N MET L 36 45.61 -41.62 39.55
CA MET L 36 44.33 -41.95 40.21
C MET L 36 43.42 -40.73 40.41
N LYS L 37 43.41 -39.85 39.41
CA LYS L 37 42.53 -38.67 39.40
C LYS L 37 41.86 -38.57 38.03
N ALA L 38 40.60 -38.14 38.03
CA ALA L 38 39.82 -38.01 36.80
C ALA L 38 39.77 -36.57 36.30
N PHE L 39 39.41 -36.40 35.03
CA PHE L 39 39.27 -35.09 34.40
C PHE L 39 38.28 -35.13 33.23
N ASN L 40 37.73 -33.95 32.89
CA ASN L 40 36.89 -33.80 31.71
C ASN L 40 37.76 -33.59 30.47
N GLN L 41 37.59 -34.45 29.47
CA GLN L 41 38.49 -34.44 28.31
C GLN L 41 38.07 -33.53 27.15
N GLU L 42 36.80 -33.15 27.12
CA GLU L 42 36.28 -32.25 26.09
C GLU L 42 35.16 -31.39 26.68
N PRO L 43 35.52 -30.31 27.39
CA PRO L 43 34.56 -29.45 28.09
C PRO L 43 33.53 -28.78 27.17
N GLU L 44 33.90 -28.52 25.92
CA GLU L 44 32.99 -27.91 24.94
C GLU L 44 31.98 -28.91 24.39
N ALA L 45 31.86 -30.05 25.07
CA ALA L 45 30.88 -31.07 24.72
C ALA L 45 30.04 -31.41 25.94
N CYS L 46 30.44 -30.87 27.09
CA CYS L 46 29.71 -31.05 28.35
C CYS L 46 28.38 -30.32 28.28
N TRP L 47 27.30 -31.10 28.31
CA TRP L 47 25.95 -30.57 28.25
C TRP L 47 25.48 -30.10 29.63
N GLU L 48 26.40 -30.14 30.59
CA GLU L 48 26.14 -29.71 31.97
C GLU L 48 24.85 -30.36 32.48
N CYS L 49 24.83 -31.69 32.39
CA CYS L 49 23.65 -32.49 32.71
C CYS L 49 23.71 -33.04 34.13
N TYR L 50 24.84 -32.79 34.80
CA TYR L 50 25.04 -33.12 36.21
C TYR L 50 24.98 -34.62 36.55
N SER L 51 25.08 -35.47 35.53
CA SER L 51 25.06 -36.90 35.74
C SER L 51 26.31 -37.39 36.47
N CYS L 52 27.45 -36.81 36.13
CA CYS L 52 28.72 -37.20 36.77
C CYS L 52 28.84 -36.59 38.17
N ILE L 53 28.32 -35.38 38.33
CA ILE L 53 28.35 -34.65 39.59
C ILE L 53 27.58 -35.41 40.68
N LYS L 54 26.39 -35.89 40.34
CA LYS L 54 25.52 -36.62 41.26
C LYS L 54 26.12 -37.96 41.69
N ILE L 55 26.53 -38.77 40.72
CA ILE L 55 26.98 -40.14 40.94
C ILE L 55 28.26 -40.28 41.78
N CYS L 56 29.18 -39.31 41.63
CA CYS L 56 30.49 -39.37 42.27
C CYS L 56 30.40 -39.65 43.78
N PRO L 57 31.04 -40.75 44.22
CA PRO L 57 30.98 -41.19 45.63
C PRO L 57 31.62 -40.19 46.59
N GLN L 58 32.52 -39.36 46.06
CA GLN L 58 33.27 -38.41 46.87
C GLN L 58 32.66 -37.00 46.86
N GLY L 59 31.98 -36.66 45.77
CA GLY L 59 31.51 -35.29 45.56
C GLY L 59 32.65 -34.39 45.13
N ALA L 60 33.54 -34.93 44.31
CA ALA L 60 34.72 -34.22 43.84
C ALA L 60 34.44 -33.42 42.56
N ILE L 61 33.30 -33.69 41.93
CA ILE L 61 32.97 -33.05 40.66
C ILE L 61 32.04 -31.86 40.87
N THR L 62 32.51 -30.70 40.42
CA THR L 62 31.72 -29.48 40.40
C THR L 62 31.71 -28.96 38.97
N ALA L 63 30.72 -28.13 38.65
CA ALA L 63 30.63 -27.47 37.36
C ALA L 63 31.11 -26.03 37.46
N ARG L 64 31.90 -25.60 36.49
CA ARG L 64 32.18 -24.18 36.28
C ARG L 64 31.42 -23.72 35.04
N PRO L 65 30.38 -22.88 35.22
CA PRO L 65 29.49 -22.47 34.13
C PRO L 65 30.27 -21.90 32.94
N TYR L 66 29.90 -22.36 31.74
CA TYR L 66 30.58 -22.02 30.47
C TYR L 66 31.25 -20.64 30.46
N ALA L 67 32.58 -20.65 30.45
CA ALA L 67 33.38 -19.45 30.65
C ALA L 67 33.21 -18.38 29.58
N ASP L 68 32.85 -18.80 28.37
CA ASP L 68 32.73 -17.87 27.24
C ASP L 68 31.43 -17.04 27.25
N PHE L 69 30.55 -17.29 28.23
CA PHE L 69 29.41 -16.40 28.45
C PHE L 69 29.01 -16.20 29.91
N ALA L 70 29.34 -17.16 30.76
CA ALA L 70 29.00 -17.06 32.18
C ALA L 70 30.15 -16.53 33.04
N PRO L 71 29.95 -15.37 33.69
CA PRO L 71 30.92 -14.77 34.60
C PRO L 71 31.19 -15.65 35.83
N MET L 72 32.33 -15.42 36.47
CA MET L 72 32.80 -16.24 37.60
C MET L 72 31.94 -16.07 38.86
N GLY L 73 32.09 -17.00 39.80
CA GLY L 73 31.46 -16.88 41.11
C GLY L 73 30.25 -17.76 41.35
N GLY L 74 29.42 -17.92 40.32
CA GLY L 74 28.17 -18.67 40.43
C GLY L 74 28.37 -20.18 40.33
N THR L 75 27.67 -20.92 41.20
CA THR L 75 27.78 -22.38 41.23
C THR L 75 26.49 -23.05 41.71
N CYS L 76 26.21 -24.24 41.16
CA CYS L 76 24.97 -24.97 41.43
C CYS L 76 25.29 -26.37 41.97
N ILE L 77 24.92 -26.64 43.22
CA ILE L 77 25.36 -27.86 43.92
C ILE L 77 24.20 -28.77 44.34
N PRO L 78 24.18 -30.02 43.82
CA PRO L 78 23.17 -31.02 44.22
C PRO L 78 23.63 -32.00 45.30
N LEU L 79 22.70 -32.41 46.14
CA LEU L 79 22.87 -33.56 47.02
C LEU L 79 21.70 -34.53 46.82
N ARG L 80 21.99 -35.65 46.16
CA ARG L 80 20.96 -36.57 45.71
C ARG L 80 20.87 -37.82 46.59
N GLY L 81 19.77 -37.93 47.34
CA GLY L 81 19.48 -39.13 48.13
C GLY L 81 18.81 -40.20 47.28
N SER L 82 18.23 -41.19 47.95
CA SER L 82 17.54 -42.28 47.25
C SER L 82 16.15 -41.86 46.79
N GLU L 83 15.48 -41.02 47.59
CA GLU L 83 14.12 -40.60 47.30
C GLU L 83 13.91 -39.08 47.24
N ASP L 84 14.99 -38.33 47.48
CA ASP L 84 14.95 -36.87 47.49
C ASP L 84 16.22 -36.23 46.92
N ILE L 85 16.13 -34.96 46.56
CA ILE L 85 17.29 -34.18 46.10
C ILE L 85 17.32 -32.80 46.74
N MET L 86 18.52 -32.31 47.04
CA MET L 86 18.70 -30.98 47.59
C MET L 86 19.57 -30.15 46.66
N TRP L 87 19.05 -28.99 46.25
CA TRP L 87 19.80 -28.08 45.41
C TRP L 87 20.13 -26.80 46.16
N THR L 88 21.42 -26.48 46.21
CA THR L 88 21.89 -25.23 46.79
C THR L 88 22.59 -24.37 45.73
N ILE L 89 22.05 -23.19 45.50
CA ILE L 89 22.53 -22.27 44.47
C ILE L 89 23.31 -21.14 45.12
N LYS L 90 24.61 -21.05 44.83
CA LYS L 90 25.42 -19.94 45.31
C LYS L 90 25.55 -18.90 44.20
N PHE L 91 25.04 -17.70 44.45
CA PHE L 91 25.11 -16.62 43.48
C PHE L 91 26.48 -15.94 43.49
N ARG L 92 26.80 -15.26 42.40
CA ARG L 92 28.05 -14.52 42.26
C ARG L 92 28.29 -13.58 43.44
N ASN L 93 27.25 -12.81 43.79
CA ASN L 93 27.34 -11.86 44.91
C ASN L 93 27.50 -12.49 46.29
N GLY L 94 27.19 -13.78 46.40
CA GLY L 94 27.32 -14.51 47.66
C GLY L 94 26.01 -15.02 48.22
N SER L 95 24.89 -14.59 47.63
CA SER L 95 23.55 -15.01 48.04
C SER L 95 23.40 -16.52 47.89
N VAL L 96 22.46 -17.11 48.62
CA VAL L 96 22.16 -18.54 48.47
C VAL L 96 20.65 -18.82 48.46
N LYS L 97 20.21 -19.56 47.45
CA LYS L 97 18.91 -20.20 47.44
C LYS L 97 19.07 -21.71 47.67
N ARG L 98 18.16 -22.32 48.42
CA ARG L 98 18.17 -23.78 48.59
C ARG L 98 16.79 -24.40 48.36
N PHE L 99 16.78 -25.61 47.80
CA PHE L 99 15.53 -26.28 47.43
C PHE L 99 15.58 -27.77 47.73
N LYS L 100 14.40 -28.37 47.89
CA LYS L 100 14.26 -29.81 48.14
C LYS L 100 13.14 -30.41 47.30
N PHE L 101 13.49 -31.35 46.43
CA PHE L 101 12.50 -32.00 45.57
C PHE L 101 12.52 -33.52 45.78
N PRO L 102 11.33 -34.15 45.71
CA PRO L 102 11.26 -35.61 45.65
C PRO L 102 11.72 -36.14 44.30
N ILE L 103 12.45 -37.26 44.29
CA ILE L 103 12.95 -37.81 43.04
C ILE L 103 12.40 -39.21 42.73
N ARG L 104 12.01 -39.94 43.77
CA ARG L 104 11.49 -41.30 43.62
C ARG L 104 10.61 -41.73 44.81
N THR L 105 9.59 -42.54 44.54
CA THR L 105 8.72 -43.05 45.60
C THR L 105 9.05 -44.51 45.98
N THR L 106 9.45 -45.31 45.01
CA THR L 106 9.82 -46.72 45.26
C THR L 106 11.33 -46.87 45.52
N PRO L 107 11.72 -47.91 46.28
CA PRO L 107 13.15 -48.19 46.53
C PRO L 107 13.96 -48.50 45.26
N GLU L 108 15.25 -48.21 45.31
CA GLU L 108 16.15 -48.41 44.17
C GLU L 108 16.31 -49.89 43.82
N GLY L 109 16.02 -50.22 42.57
CA GLY L 109 16.17 -51.58 42.04
C GLY L 109 14.90 -52.39 42.14
N SER L 110 13.89 -51.85 42.81
CA SER L 110 12.71 -52.63 43.19
C SER L 110 11.64 -52.83 42.11
N ILE L 111 11.91 -52.38 40.89
CA ILE L 111 10.92 -52.49 39.81
C ILE L 111 10.79 -53.93 39.30
N LYS L 112 9.56 -54.42 39.30
CA LYS L 112 9.25 -55.72 38.71
C LYS L 112 8.41 -55.51 37.45
N PRO L 113 9.06 -55.50 36.27
CA PRO L 113 8.41 -55.16 35.00
C PRO L 113 7.11 -55.90 34.73
N PHE L 114 7.12 -57.22 34.91
CA PHE L 114 6.00 -58.06 34.49
C PHE L 114 5.27 -58.75 35.63
N GLU L 115 6.00 -59.05 36.71
CA GLU L 115 5.45 -59.74 37.86
C GLU L 115 4.28 -58.93 38.46
N GLY L 116 3.06 -59.43 38.25
CA GLY L 116 1.83 -58.76 38.67
C GLY L 116 0.89 -58.43 37.52
N LYS L 117 1.46 -58.23 36.33
CA LYS L 117 0.70 -57.82 35.14
C LYS L 117 0.12 -59.04 34.41
N PRO L 118 -0.86 -58.83 33.51
CA PRO L 118 -1.36 -59.93 32.69
C PRO L 118 -0.35 -60.35 31.62
N GLU L 119 -0.41 -61.61 31.20
CA GLU L 119 0.55 -62.13 30.22
C GLU L 119 0.18 -61.76 28.78
N ALA L 120 1.08 -62.08 27.85
CA ALA L 120 0.97 -61.65 26.46
C ALA L 120 -0.29 -62.18 25.75
N GLY L 121 -1.04 -61.27 25.14
CA GLY L 121 -2.25 -61.62 24.40
C GLY L 121 -1.95 -62.17 23.02
N ASP L 122 -2.67 -61.69 22.02
CA ASP L 122 -2.53 -62.19 20.65
C ASP L 122 -1.52 -61.38 19.83
N LEU L 123 -0.83 -62.07 18.92
CA LEU L 123 0.22 -61.44 18.13
C LEU L 123 -0.29 -60.70 16.89
N GLU L 124 -1.56 -60.89 16.55
CA GLU L 124 -2.12 -60.30 15.33
C GLU L 124 -2.95 -59.02 15.53
N ASN L 125 -3.34 -58.75 16.78
CA ASN L 125 -4.03 -57.50 17.09
C ASN L 125 -3.04 -56.45 17.59
N GLU L 126 -3.50 -55.21 17.69
CA GLU L 126 -2.63 -54.09 18.06
C GLU L 126 -2.59 -53.82 19.57
N LEU L 127 -3.06 -54.78 20.37
CA LEU L 127 -3.09 -54.65 21.82
C LEU L 127 -1.75 -54.96 22.48
N LEU L 128 -1.31 -54.06 23.35
CA LEU L 128 -0.15 -54.30 24.19
C LEU L 128 -0.53 -55.29 25.29
N PHE L 129 0.46 -55.87 25.97
CA PHE L 129 0.19 -56.92 26.96
C PHE L 129 -0.48 -56.43 28.25
N THR L 130 -0.67 -55.12 28.37
CA THR L 130 -1.33 -54.55 29.54
C THR L 130 -2.69 -53.92 29.20
N GLU L 131 -2.96 -53.81 27.90
CA GLU L 131 -4.21 -53.24 27.39
C GLU L 131 -5.24 -54.33 27.07
N THR L 132 -6.52 -53.94 27.06
CA THR L 132 -7.61 -54.84 26.70
C THR L 132 -8.48 -54.27 25.59
N ALA L 133 -8.54 -52.94 25.52
CA ALA L 133 -9.34 -52.24 24.52
C ALA L 133 -8.60 -51.07 23.89
N LEU L 134 -8.90 -50.79 22.62
CA LEU L 134 -8.34 -49.63 21.90
C LEU L 134 -9.39 -48.77 21.23
N THR L 135 -9.16 -47.45 21.28
CA THR L 135 -10.05 -46.48 20.67
C THR L 135 -9.79 -46.28 19.18
N VAL L 136 -10.86 -46.06 18.43
CA VAL L 136 -10.82 -45.88 16.99
C VAL L 136 -11.33 -44.46 16.66
N PRO L 137 -10.74 -43.79 15.65
CA PRO L 137 -11.13 -42.39 15.37
C PRO L 137 -12.63 -42.17 15.27
N GLN L 138 -13.08 -41.07 15.86
CA GLN L 138 -14.50 -40.69 15.93
C GLN L 138 -15.12 -40.66 14.54
N VAL L 139 -14.56 -39.83 13.67
CA VAL L 139 -14.86 -39.85 12.24
C VAL L 139 -13.54 -40.14 11.53
N ALA L 140 -13.57 -41.03 10.54
CA ALA L 140 -12.36 -41.42 9.84
C ALA L 140 -12.43 -41.11 8.35
N LEU L 141 -11.93 -39.93 7.97
CA LEU L 141 -11.85 -39.53 6.58
C LEU L 141 -10.67 -40.21 5.89
N GLY L 142 -10.74 -40.28 4.55
CA GLY L 142 -9.65 -40.84 3.77
C GLY L 142 -9.50 -40.04 2.49
N GLN L 143 -9.30 -38.74 2.65
CA GLN L 143 -9.22 -37.82 1.51
C GLN L 143 -7.78 -37.51 1.13
N LYS L 144 -7.39 -37.94 -0.07
CA LYS L 144 -6.11 -37.63 -0.66
C LYS L 144 -6.09 -36.16 -1.10
N ALA L 145 -5.04 -35.45 -0.71
CA ALA L 145 -4.93 -34.00 -0.95
C ALA L 145 -5.03 -33.58 -2.41
N GLN L 146 -4.35 -34.32 -3.30
CA GLN L 146 -4.21 -33.99 -4.73
C GLN L 146 -3.24 -32.83 -4.93
N ILE L 147 -2.19 -33.07 -5.68
CA ILE L 147 -1.10 -32.11 -5.83
C ILE L 147 -0.80 -31.75 -7.28
N ALA L 148 -0.80 -30.45 -7.56
CA ALA L 148 -0.44 -29.93 -8.87
C ALA L 148 1.06 -30.09 -9.12
N ASP L 149 1.42 -30.31 -10.39
CA ASP L 149 2.81 -30.49 -10.79
C ASP L 149 3.63 -29.20 -10.67
N ALA L 150 4.92 -29.29 -10.99
CA ALA L 150 5.88 -28.18 -10.83
C ALA L 150 5.53 -26.93 -11.64
N GLU L 151 4.96 -27.13 -12.83
CA GLU L 151 4.69 -26.03 -13.77
C GLU L 151 3.38 -26.20 -14.54
N THR L 152 2.67 -27.30 -14.27
CA THR L 152 1.42 -27.64 -14.99
C THR L 152 0.24 -26.75 -14.54
N SER L 153 0.52 -25.46 -14.37
CA SER L 153 -0.50 -24.46 -14.09
C SER L 153 -1.18 -24.02 -15.39
N GLN L 154 -0.43 -24.12 -16.48
CA GLN L 154 -0.93 -23.77 -17.81
C GLN L 154 -1.77 -24.87 -18.41
N CYS L 155 -2.70 -24.47 -19.28
CA CYS L 155 -3.56 -25.40 -20.01
C CYS L 155 -3.89 -24.79 -21.36
N TRP L 156 -3.67 -25.55 -22.41
CA TRP L 156 -3.86 -25.07 -23.78
C TRP L 156 -4.82 -25.95 -24.57
N PHE L 157 -5.99 -26.22 -24.00
CA PHE L 157 -6.92 -27.18 -24.61
C PHE L 157 -8.37 -26.76 -24.71
N ASP L 158 -8.77 -25.72 -23.97
CA ASP L 158 -10.18 -25.32 -23.83
C ASP L 158 -10.94 -26.22 -22.86
N LEU L 159 -10.48 -27.46 -22.74
CA LEU L 159 -11.08 -28.42 -21.81
C LEU L 159 -10.13 -28.68 -20.62
N PRO L 160 -10.65 -28.54 -19.39
CA PRO L 160 -9.99 -28.46 -18.09
C PRO L 160 -8.52 -28.88 -17.96
N CYS L 161 -8.09 -29.89 -18.71
CA CYS L 161 -6.74 -30.48 -18.60
C CYS L 161 -6.66 -31.56 -17.51
N GLU L 162 -7.82 -31.98 -17.01
CA GLU L 162 -7.90 -33.09 -16.05
C GLU L 162 -7.52 -34.42 -16.67
N GLY L 163 -6.98 -35.30 -15.84
CA GLY L 163 -6.49 -36.62 -16.23
C GLY L 163 -7.02 -37.19 -17.54
N GLY L 164 -6.15 -37.24 -18.54
CA GLY L 164 -6.42 -37.97 -19.77
C GLY L 164 -5.64 -39.26 -19.72
N ASN L 165 -5.28 -39.80 -20.88
CA ASN L 165 -4.43 -40.98 -20.96
C ASN L 165 -3.46 -40.93 -22.14
N ARG L 166 -3.38 -39.76 -22.76
CA ARG L 166 -2.48 -39.53 -23.89
C ARG L 166 -1.10 -39.12 -23.38
PA FAD M . 6.79 18.94 -48.22
O1A FAD M . 5.85 20.11 -48.21
O2A FAD M . 6.47 17.95 -47.12
O5B FAD M . 6.73 18.23 -49.66
C5B FAD M . 7.60 17.18 -50.01
C4B FAD M . 7.88 17.24 -51.51
O4B FAD M . 8.75 16.19 -51.90
C3B FAD M . 6.61 17.09 -52.34
O3B FAD M . 6.60 18.13 -53.29
C2B FAD M . 6.73 15.74 -53.02
O2B FAD M . 6.20 15.78 -54.32
C1B FAD M . 8.24 15.52 -53.03
N9A FAD M . 8.65 14.11 -53.00
C8A FAD M . 8.34 13.17 -52.05
N7A FAD M . 8.94 12.00 -52.41
C5A FAD M . 9.62 12.19 -53.57
C6A FAD M . 10.39 11.35 -54.35
N6A FAD M . 11.00 10.32 -53.75
N1A FAD M . 10.97 11.85 -55.51
C2A FAD M . 10.78 13.17 -55.88
N3A FAD M . 10.01 14.00 -55.09
C4A FAD M . 9.43 13.51 -53.95
N1 FAD M . 3.08 24.35 -40.77
C2 FAD M . 2.85 25.60 -40.23
O2 FAD M . 3.73 26.46 -40.25
N3 FAD M . 1.62 25.88 -39.66
C4 FAD M . 0.63 24.93 -39.63
O4 FAD M . -0.46 25.19 -39.12
C4X FAD M . 0.86 23.67 -40.18
N5 FAD M . -0.14 22.72 -40.15
C5X FAD M . 0.07 21.47 -40.68
C6 FAD M . -0.95 20.54 -40.65
C7 FAD M . -0.78 19.27 -41.18
C7M FAD M . -2.01 18.44 -41.44
C8 FAD M . 0.45 18.93 -41.78
C8M FAD M . 0.37 18.07 -43.02
C9 FAD M . 1.47 19.88 -41.80
C9A FAD M . 1.30 21.16 -41.27
N10 FAD M . 2.33 22.11 -41.30
C10 FAD M . 2.10 23.37 -40.75
C1' FAD M . 3.76 21.63 -41.39
C2' FAD M . 4.36 21.96 -42.75
O2' FAD M . 3.42 21.69 -43.77
C3' FAD M . 5.66 21.20 -43.00
O3' FAD M . 6.59 21.51 -41.97
C4' FAD M . 6.31 21.54 -44.35
O4' FAD M . 5.36 21.43 -45.39
C5' FAD M . 7.50 20.62 -44.65
O5' FAD M . 7.96 20.84 -45.96
P FAD M . 8.98 19.82 -46.68
O1P FAD M . 10.30 20.50 -46.95
O2P FAD M . 9.19 18.55 -45.88
O3P FAD M . 8.30 19.49 -48.10
FE1 SF4 N . -7.38 12.55 -53.37
FE2 SF4 N . -8.10 14.24 -55.38
FE3 SF4 N . -6.36 15.09 -53.50
FE4 SF4 N . -5.59 13.22 -55.28
S1 SF4 N . -6.16 15.39 -55.77
S2 SF4 N . -5.19 13.15 -53.02
S3 SF4 N . -7.52 12.03 -55.61
S4 SF4 N . -8.56 14.52 -53.15
FE1 SF4 O . -12.72 17.00 -64.51
FE2 SF4 O . -11.33 16.83 -66.80
FE3 SF4 O . -10.69 15.19 -64.74
FE4 SF4 O . -13.00 14.81 -66.14
S1 SF4 O . -10.87 14.58 -66.95
S2 SF4 O . -12.77 14.79 -63.86
S3 SF4 O . -13.62 16.97 -66.63
S4 SF4 O . -10.49 17.48 -64.75
PA FAD P . -12.56 45.97 21.28
O1A FAD P . -11.42 46.56 22.08
O2A FAD P . -13.09 44.72 21.94
O5B FAD P . -13.71 47.08 21.11
C5B FAD P . -15.04 46.77 20.77
C4B FAD P . -15.93 47.89 21.28
O4B FAD P . -17.04 48.09 20.43
C3B FAD P . -16.49 47.58 22.67
O3B FAD P . -16.12 48.65 23.50
C2B FAD P . -18.00 47.50 22.49
O2B FAD P . -18.70 48.15 23.52
C1B FAD P . -18.24 48.22 21.17
N9A FAD P . -19.38 47.66 20.40
C8A FAD P . -19.57 46.36 20.02
N7A FAD P . -20.72 46.29 19.32
C5A FAD P . -21.27 47.52 19.23
C6A FAD P . -22.43 47.99 18.64
N6A FAD P . -22.98 47.25 17.67
N1A FAD P . -22.74 49.34 18.72
C2A FAD P . -21.90 50.20 19.39
N3A FAD P . -20.74 49.72 19.98
C4A FAD P . -20.43 48.40 19.91
N1 FAD P . -3.77 41.79 22.94
C2 FAD P . -2.43 41.92 23.22
O2 FAD P . -1.79 42.86 22.76
N3 FAD P . -1.80 40.99 24.03
C4 FAD P . -2.51 39.93 24.56
O4 FAD P . -1.95 39.10 25.28
C4X FAD P . -3.87 39.80 24.28
N5 FAD P . -4.58 38.74 24.80
C5X FAD P . -5.92 38.61 24.53
C6 FAD P . -6.62 37.54 25.08
C7 FAD P . -7.98 37.38 24.83
C7M FAD P . -8.76 36.63 25.88
C8 FAD P . -8.65 38.30 24.02
C8M FAD P . -10.08 38.63 24.37
C9 FAD P . -7.93 39.37 23.46
C9A FAD P . -6.57 39.54 23.72
N10 FAD P . -5.86 40.61 23.17
C10 FAD P . -4.51 40.74 23.47
C1' FAD P . -6.30 41.13 21.83
C2' FAD P . -6.84 42.55 21.95
O2' FAD P . -7.58 42.67 23.16
C3' FAD P . -7.70 42.93 20.75
O3' FAD P . -6.93 42.74 19.59
C4' FAD P . -8.20 44.37 20.78
O4' FAD P . -8.90 44.64 21.97
C5' FAD P . -9.13 44.69 19.62
O5' FAD P . -9.58 46.02 19.77
P FAD P . -10.93 46.54 19.07
O1P FAD P . -11.14 48.01 19.33
O2P FAD P . -10.91 46.26 17.59
O3P FAD P . -12.10 45.67 19.78
FE1 SF4 Q . -20.14 38.73 34.12
FE2 SF4 Q . -19.89 40.82 35.85
FE3 SF4 Q . -18.41 40.78 33.60
FE4 SF4 Q . -21.05 41.23 33.45
S1 SF4 Q . -19.52 42.61 34.46
S2 SF4 Q . -19.85 39.80 32.11
S3 SF4 Q . -21.84 39.87 35.13
S4 SF4 Q . -18.28 39.27 35.33
FE1 SF4 R . -22.97 46.17 44.49
FE2 SF4 R . -24.47 48.35 43.98
FE3 SF4 R . -24.69 46.15 42.42
FE4 SF4 R . -25.69 46.10 44.91
S1 SF4 R . -26.43 47.45 43.21
S2 SF4 R . -24.42 44.45 43.94
S3 SF4 R . -24.15 47.38 46.04
S4 SF4 R . -22.82 47.50 42.63
PA FAD S . 51.81 -1.08 12.66
O1A FAD S . 52.44 -1.33 11.32
O2A FAD S . 50.35 -1.47 12.67
O5B FAD S . 52.60 -1.86 13.82
C5B FAD S . 52.44 -1.54 15.19
C4B FAD S . 53.74 -1.88 15.90
O4B FAD S . 53.56 -1.80 17.30
C3B FAD S . 54.20 -3.31 15.61
O3B FAD S . 55.59 -3.31 15.37
C2B FAD S . 53.88 -4.07 16.87
O2B FAD S . 54.79 -5.13 17.07
C1B FAD S . 53.98 -3.00 17.93
N9A FAD S . 53.15 -3.24 19.11
C8A FAD S . 51.80 -3.47 19.16
N7A FAD S . 51.43 -3.62 20.45
C5A FAD S . 52.53 -3.48 21.23
C6A FAD S . 52.70 -3.52 22.61
N6A FAD S . 51.67 -3.13 23.35
N1A FAD S . 53.96 -3.34 23.14
C2A FAD S . 55.03 -3.10 22.30
N3A FAD S . 54.85 -3.04 20.92
C4A FAD S . 53.62 -3.22 20.40
N1 FAD S . 48.82 0.92 3.29
C2 FAD S . 48.97 1.49 2.04
O2 FAD S . 49.57 2.56 1.91
N3 FAD S . 48.46 0.86 0.92
C4 FAD S . 47.79 -0.34 1.03
O4 FAD S . 47.34 -0.89 0.04
C4X FAD S . 47.63 -0.92 2.30
N5 FAD S . 46.95 -2.11 2.41
C5X FAD S . 46.79 -2.70 3.64
C6 FAD S . 46.12 -3.91 3.73
C7 FAD S . 45.94 -4.53 4.97
C7M FAD S . 45.55 -5.97 4.96
C8 FAD S . 46.45 -3.93 6.12
C8M FAD S . 47.03 -4.84 7.17
C9 FAD S . 47.11 -2.71 6.01
C9A FAD S . 47.30 -2.08 4.78
N10 FAD S . 47.97 -0.86 4.69
C10 FAD S . 48.14 -0.29 3.43
C1' FAD S . 47.82 0.10 5.84
C2' FAD S . 49.13 0.24 6.63
O2' FAD S . 49.73 -1.03 6.76
C3' FAD S . 48.88 0.86 8.00
O3' FAD S . 48.16 2.06 7.85
C4' FAD S . 50.19 1.14 8.75
O4' FAD S . 50.91 -0.06 8.94
C5' FAD S . 49.94 1.80 10.10
O5' FAD S . 50.51 1.00 11.12
P FAD S . 51.22 1.66 12.40
O1P FAD S . 52.21 2.69 11.94
O2P FAD S . 50.21 2.23 13.37
O3P FAD S . 52.03 0.46 13.08
FE1 SF4 T . 51.76 -17.55 11.76
FE2 SF4 T . 54.29 -17.67 10.93
FE3 SF4 T . 52.76 -15.50 10.29
FE4 SF4 T . 53.61 -15.90 12.87
S1 SF4 T . 54.94 -15.46 11.04
S2 SF4 T . 51.49 -15.30 12.19
S3 SF4 T . 53.57 -18.17 13.04
S4 SF4 T . 52.43 -17.64 9.56
FE1 SF4 U . 62.87 -23.78 10.35
FE2 SF4 U . 64.58 -23.32 12.40
FE3 SF4 U . 61.96 -23.07 12.83
FE4 SF4 U . 63.02 -25.52 12.49
S1 SF4 U . 63.46 -24.10 14.25
S2 SF4 U . 61.11 -24.74 11.49
S3 SF4 U . 64.66 -25.09 10.94
S4 SF4 U . 63.20 -21.77 11.40
PA FAD V . -22.02 -25.48 -38.71
O1A FAD V . -21.19 -26.73 -38.76
O2A FAD V . -21.26 -24.33 -38.10
O5B FAD V . -22.52 -25.09 -40.19
C5B FAD V . -23.49 -24.09 -40.39
C4B FAD V . -24.23 -24.42 -41.68
O4B FAD V . -25.26 -23.47 -41.90
C3B FAD V . -23.30 -24.38 -42.89
O3B FAD V . -23.47 -25.58 -43.60
C2B FAD V . -23.77 -23.19 -43.70
O2B FAD V . -23.74 -23.46 -45.08
C1B FAD V . -25.20 -23.02 -43.24
N9A FAD V . -25.64 -21.63 -43.32
C8A FAD V . -25.13 -20.55 -42.66
N7A FAD V . -25.83 -19.45 -43.05
C5A FAD V . -26.79 -19.84 -43.93
C6A FAD V . -27.78 -19.12 -44.60
N6A FAD V . -28.23 -17.99 -44.06
N1A FAD V . -28.62 -19.81 -45.46
C2A FAD V . -28.49 -21.17 -45.64
N3A FAD V . -27.51 -21.87 -44.95
C4A FAD V . -26.68 -21.20 -44.11
N1 FAD V . -15.61 -29.65 -32.04
C2 FAD V . -15.13 -30.74 -31.33
O2 FAD V . -15.92 -31.55 -30.84
N3 FAD V . -13.78 -30.94 -31.19
C4 FAD V . -12.88 -30.05 -31.73
O4 FAD V . -11.67 -30.24 -31.57
C4X FAD V . -13.35 -28.95 -32.43
N5 FAD V . -12.45 -28.05 -32.98
C5X FAD V . -12.90 -26.97 -33.68
C6 FAD V . -11.97 -26.08 -34.22
C7 FAD V . -12.38 -24.96 -34.95
C7M FAD V . -11.36 -24.37 -35.89
C8 FAD V . -13.75 -24.73 -35.13
C8M FAD V . -14.17 -24.13 -36.44
C9 FAD V . -14.68 -25.62 -34.57
C9A FAD V . -14.27 -26.74 -33.85
N10 FAD V . -15.20 -27.63 -33.29
C10 FAD V . -14.73 -28.74 -32.59
C1' FAD V . -16.58 -27.10 -32.94
C2' FAD V . -17.66 -27.69 -33.84
O2' FAD V . -17.21 -27.69 -35.17
C3' FAD V . -18.97 -26.92 -33.74
O3' FAD V . -19.45 -27.02 -32.42
C4' FAD V . -20.06 -27.43 -34.69
O4' FAD V . -19.55 -27.52 -36.00
C5' FAD V . -21.29 -26.54 -34.70
O5' FAD V . -21.84 -26.56 -36.01
P FAD V . -23.35 -26.07 -36.34
O1P FAD V . -24.28 -27.21 -36.07
O2P FAD V . -23.74 -24.84 -35.56
O3P FAD V . -23.38 -25.77 -37.91
FE1 SF4 W . -10.69 -20.83 -49.65
FE2 SF4 W . -10.87 -22.84 -51.43
FE3 SF4 W . -11.64 -23.28 -48.86
FE4 SF4 W . -13.11 -21.70 -50.51
S1 SF4 W . -12.75 -23.96 -50.76
S2 SF4 W . -12.53 -21.23 -48.33
S3 SF4 W . -11.51 -20.66 -51.79
S4 SF4 W . -9.50 -22.80 -49.56
FE1 SF4 X . -9.60 -27.47 -60.86
FE2 SF4 X . -11.84 -27.68 -62.39
FE3 SF4 X . -11.60 -25.64 -60.66
FE4 SF4 X . -10.10 -25.67 -62.92
S1 SF4 X . -12.39 -25.49 -62.83
S2 SF4 X . -9.34 -25.18 -60.79
S3 SF4 X . -9.67 -27.91 -63.12
S4 SF4 X . -11.71 -27.87 -60.09
PA FAD Y . -41.61 1.38 29.38
O1A FAD Y . -42.84 1.33 28.49
O2A FAD Y . -40.37 1.75 28.61
O5B FAD Y . -41.85 2.43 30.59
C5B FAD Y . -41.37 2.18 31.89
C4B FAD Y . -42.41 2.63 32.91
O4B FAD Y . -41.82 2.82 34.18
C3B FAD Y . -43.04 3.97 32.51
O3B FAD Y . -44.43 3.80 32.43
C2B FAD Y . -42.67 4.94 33.61
O2B FAD Y . -43.78 5.71 33.98
C1B FAD Y . -42.26 4.04 34.75
N9A FAD Y . -41.20 4.64 35.58
C8A FAD Y . -39.97 5.09 35.18
N7A FAD Y . -39.31 5.56 36.25
C5A FAD Y . -40.09 5.42 37.34
C6A FAD Y . -39.89 5.74 38.69
N6A FAD Y . -38.65 5.72 39.16
N1A FAD Y . -40.92 5.48 39.59
C2A FAD Y . -42.11 4.90 39.17
N3A FAD Y . -42.27 4.59 37.84
C4A FAD Y . -41.28 4.84 36.94
N1 FAD Y . -41.27 -1.99 20.16
C2 FAD Y . -41.75 -2.87 19.21
O2 FAD Y . -42.08 -4.01 19.54
N3 FAD Y . -41.86 -2.47 17.89
C4 FAD Y . -41.49 -1.20 17.53
O4 FAD Y . -41.59 -0.84 16.35
C4X FAD Y . -41.00 -0.31 18.48
N5 FAD Y . -40.63 0.97 18.11
C5X FAD Y . -40.14 1.85 19.05
C6 FAD Y . -39.77 3.12 18.66
C7 FAD Y . -39.29 4.05 19.58
C7M FAD Y . -39.46 5.50 19.21
C8 FAD Y . -39.18 3.67 20.93
C8M FAD Y . -39.28 4.71 22.00
C9 FAD Y . -39.54 2.38 21.31
C9A FAD Y . -40.03 1.46 20.38
N10 FAD Y . -40.39 0.17 20.76
C10 FAD Y . -40.89 -0.71 19.81
C1' FAD Y . -39.68 -0.43 21.95
C2' FAD Y . -40.68 -0.71 23.07
O2' FAD Y . -41.51 0.43 23.25
C3' FAD Y . -39.97 -1.05 24.37
O3' FAD Y . -39.15 -2.18 24.13
C4' FAD Y . -40.91 -1.36 25.53
O4' FAD Y . -41.87 -0.33 25.66
C5' FAD Y . -40.15 -1.46 26.84
O5' FAD Y . -41.02 -1.09 27.89
P FAD Y . -40.64 -1.25 29.45
O1P FAD Y . -41.25 -2.51 30.00
O2P FAD Y . -39.15 -1.21 29.72
O3P FAD Y . -41.43 -0.02 30.13
FE1 SF4 Z . -44.80 17.00 25.77
FE2 SF4 Z . -47.52 17.09 26.14
FE3 SF4 Z . -46.33 14.76 25.49
FE4 SF4 Z . -45.95 15.89 27.98
S1 SF4 Z . -47.92 15.06 27.12
S2 SF4 Z . -44.32 14.95 26.64
S3 SF4 Z . -45.92 18.11 27.45
S4 SF4 Z . -46.42 16.62 24.17
FE1 SF4 AA . -56.80 21.79 27.69
FE2 SF4 AA . -57.69 21.64 30.25
FE3 SF4 AA . -55.07 21.73 29.78
FE4 SF4 AA . -56.56 23.95 29.39
S1 SF4 AA . -56.18 22.92 31.41
S2 SF4 AA . -54.96 23.14 27.96
S3 SF4 AA . -58.52 23.02 28.60
S4 SF4 AA . -56.47 20.03 29.14
PA FAD BA . 16.71 -40.63 23.48
O1A FAD BA . 16.33 -40.33 24.91
O2A FAD BA . 16.91 -39.36 22.70
O5B FAD BA . 18.07 -41.48 23.47
C5B FAD BA . 18.65 -42.02 22.31
C4B FAD BA . 19.63 -43.12 22.71
O4B FAD BA . 20.41 -43.54 21.61
C3B FAD BA . 20.59 -42.67 23.79
O3B FAD BA . 20.53 -43.57 24.87
C2B FAD BA . 21.98 -42.67 23.15
O2B FAD BA . 22.94 -43.15 24.04
C1B FAD BA . 21.79 -43.61 21.98
N9A FAD BA . 22.62 -43.34 20.79
C8A FAD BA . 22.79 -42.16 20.13
N7A FAD BA . 23.63 -42.37 19.08
C5A FAD BA . 23.99 -43.68 19.06
C6A FAD BA . 24.81 -44.43 18.22
N6A FAD BA . 24.92 -44.06 16.95
N1A FAD BA . 24.97 -45.78 18.48
C2A FAD BA . 24.34 -46.37 19.55
N3A FAD BA . 23.52 -45.62 20.37
C4A FAD BA . 23.35 -44.29 20.14
N1 FAD BA . 9.40 -34.92 26.92
C2 FAD BA . 8.21 -34.82 27.62
O2 FAD BA . 7.36 -35.70 27.55
N3 FAD BA . 7.95 -33.71 28.40
C4 FAD BA . 8.89 -32.71 28.49
O4 FAD BA . 8.64 -31.73 29.20
C4X FAD BA . 10.09 -32.80 27.80
N5 FAD BA . 11.04 -31.79 27.90
C5X FAD BA . 12.22 -31.88 27.22
C6 FAD BA . 13.16 -30.85 27.35
C7 FAD BA . 14.38 -30.91 26.68
C7M FAD BA . 15.47 -29.99 27.15
C8 FAD BA . 14.67 -32.02 25.88
C8M FAD BA . 16.10 -32.48 25.83
C9 FAD BA . 13.73 -33.05 25.76
C9A FAD BA . 12.50 -33.00 26.43
N10 FAD BA . 11.56 -34.03 26.31
C10 FAD BA . 10.36 -33.92 27.00
C1' FAD BA . 11.57 -34.84 25.04
C2' FAD BA . 12.04 -36.28 25.25
O2' FAD BA . 13.21 -36.28 26.06
C3' FAD BA . 12.33 -36.97 23.91
O3' FAD BA . 11.20 -36.81 23.08
C4' FAD BA . 12.64 -38.45 24.06
O4' FAD BA . 13.82 -38.61 24.78
C5' FAD BA . 12.73 -39.18 22.71
O5' FAD BA . 14.04 -39.63 22.45
P FAD BA . 14.39 -41.12 21.91
O1P FAD BA . 13.21 -42.05 22.10
O2P FAD BA . 14.82 -41.09 20.46
O3P FAD BA . 15.61 -41.63 22.84
FE1 SF4 CA . 28.93 -33.11 31.21
FE2 SF4 CA . 29.33 -34.51 33.47
FE3 SF4 CA . 27.03 -34.83 32.14
FE4 SF4 CA . 29.29 -35.83 31.11
S1 SF4 CA . 28.29 -36.51 33.06
S2 SF4 CA . 27.72 -34.62 29.96
S3 SF4 CA . 30.85 -34.27 31.75
S4 SF4 CA . 27.75 -32.88 33.17
FE1 SF4 DA . 34.62 -38.79 41.57
FE2 SF4 DA . 35.47 -41.33 41.15
FE3 SF4 DA . 35.35 -39.63 39.08
FE4 SF4 DA . 37.25 -39.28 41.00
S1 SF4 DA . 37.09 -41.05 39.53
S2 SF4 DA . 35.95 -37.64 40.07
S3 SF4 DA . 36.11 -39.95 42.88
S4 SF4 DA . 33.55 -40.37 40.32
#